data_6IRR
#
_entry.id   6IRR
#
_entity_poly.entity_id   1
_entity_poly.type   'polypeptide(L)'
_entity_poly.pdbx_seq_one_letter_code
;GPWKEDSHIVSAEVGEKCEAIGVKLLHLEDQLLGAMYSHDEALFQSLQGELQTVKETLQAMILQLQPTKEAGEASASYPT
AGAQETEALVPRGSGFGKNEALKEKADSLAKEIQYLKDLIEEVRKARGKKRVP
;
_entity_poly.pdbx_strand_id   A
#
# COMPACT_ATOMS: atom_id res chain seq x y z
N GLY A 1 14.48 35.06 -0.04
CA GLY A 1 15.14 34.37 1.11
C GLY A 1 14.82 32.88 1.17
N PRO A 2 13.53 32.47 1.37
CA PRO A 2 13.14 31.05 1.43
C PRO A 2 13.12 30.38 0.07
N TRP A 3 13.63 29.15 0.01
CA TRP A 3 13.67 28.37 -1.24
C TRP A 3 12.52 27.36 -1.30
N LYS A 4 12.20 26.77 -0.15
CA LYS A 4 11.13 25.77 -0.06
C LYS A 4 9.81 26.43 0.38
N GLU A 5 8.70 25.81 -0.02
CA GLU A 5 7.35 26.32 0.31
C GLU A 5 6.82 25.68 1.60
N ASP A 6 7.13 24.40 1.81
CA ASP A 6 6.67 23.67 2.99
C ASP A 6 7.74 23.70 4.09
N SER A 7 7.41 24.36 5.21
CA SER A 7 8.32 24.48 6.35
C SER A 7 7.57 24.31 7.67
N HIS A 8 6.39 24.95 7.77
CA HIS A 8 5.56 24.88 8.98
C HIS A 8 4.30 24.05 8.74
N ILE A 9 3.78 24.09 7.50
CA ILE A 9 2.57 23.35 7.13
C ILE A 9 2.92 21.94 6.62
N VAL A 10 3.10 21.02 7.57
CA VAL A 10 3.43 19.62 7.27
C VAL A 10 2.78 18.65 8.28
N SER A 11 2.70 19.11 9.53
CA SER A 11 2.10 18.32 10.62
C SER A 11 0.58 18.44 10.64
N ALA A 12 0.06 19.54 10.08
CA ALA A 12 -1.38 19.80 10.01
C ALA A 12 -1.98 19.34 8.69
N GLU A 13 -1.11 19.08 7.70
CA GLU A 13 -1.53 18.63 6.36
C GLU A 13 -1.59 17.10 6.27
N VAL A 14 -0.85 16.42 7.16
CA VAL A 14 -0.79 14.94 7.20
C VAL A 14 -2.09 14.32 7.72
N GLY A 15 -2.71 14.98 8.72
CA GLY A 15 -3.97 14.49 9.30
C GLY A 15 -5.11 14.38 8.30
N GLU A 16 -5.23 15.40 7.43
CA GLU A 16 -6.28 15.44 6.40
C GLU A 16 -5.98 14.43 5.28
N LYS A 17 -4.68 14.27 4.98
CA LYS A 17 -4.21 13.33 3.94
C LYS A 17 -4.40 11.88 4.40
N CYS A 18 -4.19 11.64 5.70
CA CYS A 18 -4.34 10.30 6.30
C CYS A 18 -5.83 9.91 6.34
N GLU A 19 -6.69 10.90 6.60
CA GLU A 19 -8.14 10.70 6.65
C GLU A 19 -8.69 10.41 5.25
N ALA A 20 -8.05 11.01 4.23
CA ALA A 20 -8.44 10.82 2.83
C ALA A 20 -8.07 9.42 2.33
N ILE A 21 -6.90 8.92 2.79
CA ILE A 21 -6.42 7.58 2.43
C ILE A 21 -7.23 6.51 3.18
N GLY A 22 -7.77 6.89 4.35
CA GLY A 22 -8.59 5.99 5.16
C GLY A 22 -9.97 5.76 4.54
N VAL A 23 -10.58 6.85 4.03
CA VAL A 23 -11.90 6.78 3.38
C VAL A 23 -11.80 6.07 2.02
N LYS A 24 -10.66 6.29 1.33
CA LYS A 24 -10.38 5.68 0.03
C LYS A 24 -10.07 4.19 0.18
N LEU A 25 -9.44 3.83 1.31
CA LEU A 25 -9.08 2.44 1.63
C LEU A 25 -10.33 1.61 1.94
N LEU A 26 -11.30 2.22 2.65
CA LEU A 26 -12.56 1.56 3.01
C LEU A 26 -13.44 1.36 1.77
N HIS A 27 -13.48 2.37 0.89
CA HIS A 27 -14.25 2.32 -0.36
C HIS A 27 -13.61 1.34 -1.36
N LEU A 28 -12.28 1.23 -1.30
CA LEU A 28 -11.51 0.32 -2.16
C LEU A 28 -11.69 -1.14 -1.72
N GLU A 29 -11.88 -1.34 -0.40
CA GLU A 29 -12.09 -2.69 0.17
C GLU A 29 -13.48 -3.22 -0.18
N ASP A 30 -14.48 -2.32 -0.13
CA ASP A 30 -15.87 -2.67 -0.46
C ASP A 30 -16.01 -2.94 -1.97
N GLN A 31 -15.29 -2.15 -2.77
CA GLN A 31 -15.28 -2.29 -4.24
C GLN A 31 -14.48 -3.51 -4.67
N LEU A 32 -13.51 -3.91 -3.83
CA LEU A 32 -12.65 -5.08 -4.09
C LEU A 32 -13.44 -6.38 -3.89
N LEU A 33 -14.27 -6.40 -2.83
CA LEU A 33 -15.11 -7.57 -2.51
C LEU A 33 -16.23 -7.72 -3.54
N GLY A 34 -16.80 -6.57 -3.95
CA GLY A 34 -17.88 -6.55 -4.94
C GLY A 34 -17.40 -6.88 -6.35
N ALA A 35 -16.13 -6.55 -6.64
CA ALA A 35 -15.53 -6.81 -7.96
C ALA A 35 -15.05 -8.25 -8.10
N MET A 36 -14.62 -8.86 -6.97
CA MET A 36 -14.13 -10.24 -6.95
C MET A 36 -15.28 -11.26 -6.93
N TYR A 37 -16.38 -10.91 -6.25
CA TYR A 37 -17.55 -11.80 -6.15
C TYR A 37 -18.43 -11.73 -7.40
N SER A 38 -18.60 -10.51 -7.94
CA SER A 38 -19.41 -10.28 -9.14
C SER A 38 -18.60 -10.48 -10.43
N HIS A 39 -17.26 -10.35 -10.33
CA HIS A 39 -16.33 -10.51 -11.47
C HIS A 39 -16.59 -9.48 -12.57
N ASP A 40 -15.65 -8.53 -12.71
CA ASP A 40 -15.75 -7.45 -13.70
C ASP A 40 -14.38 -7.15 -14.32
N GLU A 41 -14.38 -6.46 -15.46
CA GLU A 41 -13.14 -6.09 -16.16
C GLU A 41 -12.79 -4.62 -15.95
N ALA A 42 -13.81 -3.74 -16.02
CA ALA A 42 -13.64 -2.30 -15.84
C ALA A 42 -13.23 -1.91 -14.41
N LEU A 43 -13.80 -2.63 -13.43
CA LEU A 43 -13.52 -2.38 -12.00
C LEU A 43 -12.11 -2.82 -11.59
N PHE A 44 -11.57 -3.83 -12.30
CA PHE A 44 -10.21 -4.33 -12.02
C PHE A 44 -9.14 -3.39 -12.56
N GLN A 45 -9.44 -2.75 -13.70
CA GLN A 45 -8.52 -1.79 -14.33
C GLN A 45 -8.45 -0.49 -13.53
N SER A 46 -9.63 -0.03 -13.07
CA SER A 46 -9.74 1.18 -12.25
C SER A 46 -9.13 0.97 -10.86
N LEU A 47 -9.27 -0.27 -10.34
CA LEU A 47 -8.73 -0.66 -9.03
C LEU A 47 -7.20 -0.74 -9.05
N GLN A 48 -6.65 -1.17 -10.19
CA GLN A 48 -5.18 -1.29 -10.37
C GLN A 48 -4.53 0.08 -10.51
N GLY A 49 -5.19 0.99 -11.24
CA GLY A 49 -4.67 2.35 -11.45
C GLY A 49 -4.76 3.20 -10.19
N GLU A 50 -5.87 3.03 -9.44
CA GLU A 50 -6.09 3.76 -8.19
C GLU A 50 -5.16 3.27 -7.08
N LEU A 51 -4.89 1.96 -7.07
CA LEU A 51 -4.00 1.34 -6.08
C LEU A 51 -2.54 1.73 -6.33
N GLN A 52 -2.19 1.87 -7.62
CA GLN A 52 -0.83 2.26 -8.02
C GLN A 52 -0.57 3.76 -7.74
N THR A 53 -1.63 4.57 -7.84
CA THR A 53 -1.54 6.01 -7.58
C THR A 53 -1.46 6.32 -6.08
N VAL A 54 -2.14 5.50 -5.26
CA VAL A 54 -2.12 5.65 -3.80
C VAL A 54 -0.79 5.14 -3.23
N LYS A 55 -0.24 4.09 -3.87
CA LYS A 55 1.03 3.49 -3.45
C LYS A 55 2.22 4.40 -3.80
N GLU A 56 2.11 5.08 -4.96
CA GLU A 56 3.15 6.01 -5.42
C GLU A 56 3.14 7.30 -4.60
N THR A 57 1.93 7.75 -4.24
CA THR A 57 1.74 8.97 -3.43
C THR A 57 2.16 8.74 -1.97
N LEU A 58 1.98 7.49 -1.50
CA LEU A 58 2.34 7.10 -0.12
C LEU A 58 3.87 6.97 0.01
N GLN A 59 4.51 6.46 -1.05
CA GLN A 59 5.98 6.31 -1.08
C GLN A 59 6.66 7.67 -1.16
N ALA A 60 6.05 8.60 -1.91
CA ALA A 60 6.57 9.96 -2.06
C ALA A 60 6.41 10.74 -0.76
N MET A 61 5.31 10.45 -0.03
CA MET A 61 5.01 11.09 1.25
C MET A 61 6.05 10.71 2.32
N ILE A 62 6.39 9.41 2.37
CA ILE A 62 7.38 8.90 3.34
C ILE A 62 8.81 9.27 2.92
N LEU A 63 9.01 9.53 1.62
CA LEU A 63 10.31 9.92 1.08
C LEU A 63 10.52 11.44 1.23
N GLN A 64 9.41 12.18 1.40
CA GLN A 64 9.46 13.64 1.55
C GLN A 64 9.65 14.06 3.02
N LEU A 65 9.00 13.34 3.94
CA LEU A 65 9.10 13.66 5.38
C LEU A 65 10.29 12.95 6.05
N GLN A 66 10.53 11.70 5.64
CA GLN A 66 11.63 10.91 6.18
C GLN A 66 12.84 10.92 5.22
N PRO A 67 14.02 11.50 5.63
CA PRO A 67 15.23 11.55 4.78
C PRO A 67 15.78 10.17 4.43
N THR A 68 16.52 10.09 3.33
CA THR A 68 17.12 8.84 2.86
C THR A 68 18.63 8.97 2.71
N LYS A 69 19.34 7.92 3.14
CA LYS A 69 20.81 7.90 3.07
C LYS A 69 21.28 7.08 1.87
N GLU A 70 22.46 7.45 1.34
CA GLU A 70 23.05 6.75 0.19
C GLU A 70 24.05 5.69 0.62
N ALA A 71 24.87 6.02 1.63
CA ALA A 71 25.88 5.10 2.16
C ALA A 71 25.40 4.43 3.43
N GLY A 72 25.52 3.10 3.47
CA GLY A 72 25.09 2.33 4.63
C GLY A 72 24.14 1.20 4.27
N GLU A 73 22.93 1.25 4.84
CA GLU A 73 21.86 0.24 4.61
C GLU A 73 22.27 -1.16 5.10
N ALA A 74 21.40 -1.77 5.91
CA ALA A 74 21.65 -3.10 6.45
C ALA A 74 20.92 -4.17 5.65
N SER A 75 21.60 -5.30 5.41
CA SER A 75 21.04 -6.41 4.66
C SER A 75 20.61 -7.54 5.59
N ALA A 76 19.56 -8.26 5.18
CA ALA A 76 19.03 -9.38 5.96
C ALA A 76 19.54 -10.72 5.43
N SER A 77 19.65 -11.70 6.34
CA SER A 77 20.13 -13.04 5.99
C SER A 77 19.12 -14.12 6.38
N TYR A 78 18.52 -13.96 7.59
CA TYR A 78 17.52 -14.90 8.14
C TYR A 78 18.10 -16.34 8.28
N PRO A 79 18.43 -16.80 9.54
CA PRO A 79 18.98 -18.15 9.78
C PRO A 79 17.97 -19.26 9.46
N THR A 80 18.48 -20.37 8.92
CA THR A 80 17.64 -21.52 8.56
C THR A 80 18.33 -22.83 8.95
N ALA A 81 17.51 -23.83 9.29
CA ALA A 81 18.00 -25.15 9.68
C ALA A 81 17.43 -26.26 8.81
N GLY A 82 16.10 -26.18 8.55
CA GLY A 82 15.43 -27.18 7.73
C GLY A 82 14.72 -28.22 8.56
N ALA A 83 13.52 -27.88 9.04
CA ALA A 83 12.71 -28.78 9.85
C ALA A 83 11.31 -28.95 9.25
N GLN A 84 10.86 -30.22 9.14
CA GLN A 84 9.54 -30.59 8.59
C GLN A 84 9.38 -30.17 7.12
N GLU A 85 9.02 -31.14 6.27
CA GLU A 85 8.83 -30.90 4.84
C GLU A 85 7.36 -31.00 4.47
N THR A 86 6.93 -30.13 3.56
CA THR A 86 5.54 -30.11 3.09
C THR A 86 5.40 -30.76 1.72
N GLU A 87 4.41 -31.65 1.60
CA GLU A 87 4.16 -32.37 0.34
C GLU A 87 2.70 -32.27 -0.04
N ALA A 88 2.44 -32.11 -1.35
CA ALA A 88 1.08 -32.00 -1.88
C ALA A 88 0.62 -33.33 -2.48
N LEU A 89 -0.56 -33.78 -2.04
CA LEU A 89 -1.15 -35.04 -2.51
C LEU A 89 -2.61 -34.85 -2.94
N VAL A 90 -3.37 -34.09 -2.12
CA VAL A 90 -4.78 -33.82 -2.39
C VAL A 90 -5.07 -32.31 -2.45
N PRO A 91 -5.28 -31.70 -3.66
CA PRO A 91 -5.58 -30.26 -3.81
C PRO A 91 -6.90 -29.84 -3.15
N ARG A 92 -7.91 -30.74 -3.22
CA ARG A 92 -9.26 -30.50 -2.65
C ARG A 92 -9.98 -29.33 -3.32
N GLY A 93 -11.20 -29.60 -3.81
CA GLY A 93 -11.99 -28.57 -4.47
C GLY A 93 -13.42 -28.99 -4.69
N SER A 94 -14.26 -28.74 -3.69
CA SER A 94 -15.68 -29.09 -3.75
C SER A 94 -16.54 -27.86 -4.06
N GLY A 95 -17.56 -28.06 -4.90
CA GLY A 95 -18.45 -26.98 -5.27
C GLY A 95 -18.72 -26.94 -6.77
N PHE A 96 -17.91 -26.16 -7.50
CA PHE A 96 -18.03 -26.02 -8.95
C PHE A 96 -16.71 -26.29 -9.65
N GLY A 97 -15.61 -25.75 -9.08
CA GLY A 97 -14.30 -25.92 -9.66
C GLY A 97 -13.19 -25.79 -8.62
N LYS A 98 -12.02 -25.33 -9.07
CA LYS A 98 -10.86 -25.16 -8.20
C LYS A 98 -10.37 -23.72 -8.23
N ASN A 99 -9.84 -23.25 -7.09
CA ASN A 99 -9.33 -21.89 -6.98
C ASN A 99 -7.80 -21.89 -6.81
N GLU A 100 -7.10 -21.34 -7.83
CA GLU A 100 -5.65 -21.27 -7.83
C GLU A 100 -5.17 -19.91 -8.34
N ALA A 101 -5.88 -19.39 -9.35
CA ALA A 101 -5.55 -18.09 -9.96
C ALA A 101 -6.02 -16.93 -9.08
N LEU A 102 -7.10 -17.16 -8.32
CA LEU A 102 -7.67 -16.16 -7.41
C LEU A 102 -6.95 -16.14 -6.06
N LYS A 103 -6.36 -17.28 -5.68
CA LYS A 103 -5.64 -17.42 -4.40
C LYS A 103 -4.33 -16.60 -4.39
N GLU A 104 -3.60 -16.65 -5.52
CA GLU A 104 -2.33 -15.92 -5.68
C GLU A 104 -2.53 -14.40 -5.63
N LYS A 105 -3.62 -13.94 -6.26
CA LYS A 105 -3.96 -12.50 -6.30
C LYS A 105 -4.51 -12.02 -4.96
N ALA A 106 -5.19 -12.93 -4.24
CA ALA A 106 -5.76 -12.62 -2.92
C ALA A 106 -4.68 -12.46 -1.84
N ASP A 107 -3.63 -13.30 -1.95
CA ASP A 107 -2.50 -13.27 -1.01
C ASP A 107 -1.56 -12.10 -1.30
N SER A 108 -1.41 -11.75 -2.59
CA SER A 108 -0.56 -10.64 -3.01
C SER A 108 -1.17 -9.28 -2.62
N LEU A 109 -2.50 -9.17 -2.78
CA LEU A 109 -3.23 -7.95 -2.44
C LEU A 109 -3.36 -7.79 -0.92
N ALA A 110 -3.52 -8.93 -0.22
CA ALA A 110 -3.63 -8.93 1.25
C ALA A 110 -2.31 -8.54 1.91
N LYS A 111 -1.19 -8.95 1.29
CA LYS A 111 0.15 -8.64 1.77
C LYS A 111 0.50 -7.16 1.50
N GLU A 112 -0.01 -6.64 0.37
CA GLU A 112 0.21 -5.23 -0.01
C GLU A 112 -0.58 -4.28 0.89
N ILE A 113 -1.74 -4.73 1.38
CA ILE A 113 -2.59 -3.93 2.28
C ILE A 113 -2.02 -3.99 3.71
N GLN A 114 -1.40 -5.13 4.06
CA GLN A 114 -0.77 -5.32 5.39
C GLN A 114 0.44 -4.40 5.53
N TYR A 115 1.22 -4.27 4.44
CA TYR A 115 2.40 -3.41 4.41
C TYR A 115 1.97 -1.93 4.34
N LEU A 116 0.87 -1.69 3.61
CA LEU A 116 0.29 -0.34 3.46
C LEU A 116 -0.29 0.17 4.78
N LYS A 117 -0.88 -0.77 5.55
CA LYS A 117 -1.48 -0.45 6.86
C LYS A 117 -0.39 -0.18 7.90
N ASP A 118 0.70 -0.96 7.83
CA ASP A 118 1.83 -0.79 8.75
C ASP A 118 2.59 0.51 8.48
N LEU A 119 2.61 0.93 7.20
CA LEU A 119 3.28 2.17 6.79
C LEU A 119 2.52 3.41 7.26
N ILE A 120 1.19 3.37 7.13
CA ILE A 120 0.34 4.49 7.57
C ILE A 120 0.29 4.60 9.10
N GLU A 121 0.37 3.42 9.78
CA GLU A 121 0.37 3.36 11.25
C GLU A 121 1.70 3.84 11.83
N GLU A 122 2.80 3.63 11.08
CA GLU A 122 4.14 4.04 11.51
C GLU A 122 4.33 5.55 11.39
N VAL A 123 3.76 6.15 10.32
CA VAL A 123 3.84 7.60 10.10
C VAL A 123 2.92 8.36 11.08
N ARG A 124 1.77 7.74 11.40
CA ARG A 124 0.79 8.31 12.33
C ARG A 124 1.32 8.28 13.77
N LYS A 125 2.01 7.19 14.13
CA LYS A 125 2.58 7.00 15.48
C LYS A 125 3.82 7.88 15.70
N ALA A 126 4.61 8.06 14.62
CA ALA A 126 5.85 8.86 14.68
C ALA A 126 5.54 10.37 14.71
N ARG A 127 4.56 10.81 13.92
CA ARG A 127 4.17 12.22 13.87
C ARG A 127 2.72 12.40 14.31
N GLY A 128 2.51 13.34 15.23
CA GLY A 128 1.18 13.61 15.74
C GLY A 128 1.08 13.40 17.25
N LYS A 129 1.20 12.14 17.67
CA LYS A 129 1.13 11.77 19.08
C LYS A 129 2.30 10.88 19.47
N LYS A 130 2.97 11.25 20.57
CA LYS A 130 4.12 10.48 21.07
C LYS A 130 3.73 9.63 22.27
N ARG A 131 4.32 8.44 22.35
CA ARG A 131 4.05 7.50 23.44
C ARG A 131 5.17 7.55 24.49
N VAL A 132 4.77 7.34 25.76
CA VAL A 132 5.68 7.34 26.96
C VAL A 132 6.61 8.58 27.05
N PRO A 133 7.14 8.94 28.27
CA PRO A 133 8.04 10.10 28.44
C PRO A 133 9.44 9.84 27.91
N GLY A 1 10.32 29.03 -10.73
CA GLY A 1 9.50 29.45 -9.55
C GLY A 1 10.18 29.16 -8.23
N PRO A 2 9.43 29.09 -7.09
CA PRO A 2 10.00 28.81 -5.76
C PRO A 2 10.38 27.34 -5.56
N TRP A 3 11.36 27.11 -4.69
CA TRP A 3 11.84 25.75 -4.40
C TRP A 3 11.24 25.22 -3.10
N LYS A 4 11.14 26.09 -2.10
CA LYS A 4 10.58 25.72 -0.79
C LYS A 4 9.13 26.19 -0.68
N GLU A 5 8.26 25.28 -0.22
CA GLU A 5 6.83 25.58 -0.06
C GLU A 5 6.33 25.20 1.33
N ASP A 6 6.88 24.10 1.88
CA ASP A 6 6.49 23.62 3.21
C ASP A 6 7.43 24.16 4.29
N SER A 7 6.86 24.90 5.25
CA SER A 7 7.61 25.48 6.36
C SER A 7 6.87 25.29 7.68
N HIS A 8 5.55 25.51 7.66
CA HIS A 8 4.71 25.37 8.84
C HIS A 8 3.58 24.37 8.60
N ILE A 9 3.21 24.19 7.33
CA ILE A 9 2.14 23.26 6.94
C ILE A 9 2.70 21.85 6.67
N VAL A 10 2.95 21.12 7.77
CA VAL A 10 3.49 19.77 7.71
C VAL A 10 2.81 18.86 8.76
N SER A 11 2.46 19.44 9.91
CA SER A 11 1.80 18.72 11.00
C SER A 11 0.27 18.72 10.84
N ALA A 12 -0.26 19.76 10.16
CA ALA A 12 -1.70 19.88 9.92
C ALA A 12 -2.12 19.27 8.58
N GLU A 13 -1.13 19.02 7.70
CA GLU A 13 -1.38 18.44 6.38
C GLU A 13 -1.33 16.91 6.41
N VAL A 14 -0.65 16.35 7.42
CA VAL A 14 -0.51 14.90 7.58
C VAL A 14 -1.80 14.23 8.07
N GLY A 15 -2.49 14.90 9.00
CA GLY A 15 -3.75 14.39 9.57
C GLY A 15 -4.89 14.32 8.55
N GLU A 16 -4.95 15.32 7.65
CA GLU A 16 -5.99 15.38 6.61
C GLU A 16 -5.70 14.40 5.46
N LYS A 17 -4.41 14.16 5.20
CA LYS A 17 -3.97 13.24 4.15
C LYS A 17 -4.12 11.79 4.60
N CYS A 18 -3.92 11.54 5.91
CA CYS A 18 -4.06 10.22 6.49
C CYS A 18 -5.55 9.82 6.60
N GLU A 19 -6.39 10.80 6.96
CA GLU A 19 -7.84 10.59 7.08
C GLU A 19 -8.50 10.39 5.72
N ALA A 20 -7.99 11.12 4.71
CA ALA A 20 -8.50 11.04 3.33
C ALA A 20 -8.10 9.73 2.66
N ILE A 21 -6.88 9.28 2.94
CA ILE A 21 -6.35 8.03 2.39
C ILE A 21 -7.02 6.81 3.08
N GLY A 22 -7.45 7.01 4.34
CA GLY A 22 -8.11 5.97 5.10
C GLY A 22 -9.54 5.72 4.62
N VAL A 23 -10.28 6.81 4.34
CA VAL A 23 -11.66 6.71 3.84
C VAL A 23 -11.69 6.19 2.40
N LYS A 24 -10.70 6.62 1.59
CA LYS A 24 -10.56 6.20 0.20
C LYS A 24 -10.19 4.71 0.11
N LEU A 25 -9.35 4.27 1.06
CA LEU A 25 -8.90 2.87 1.15
C LEU A 25 -10.05 1.94 1.55
N LEU A 26 -10.93 2.46 2.43
CA LEU A 26 -12.11 1.70 2.91
C LEU A 26 -13.13 1.50 1.77
N HIS A 27 -13.33 2.55 0.97
CA HIS A 27 -14.25 2.51 -0.18
C HIS A 27 -13.71 1.61 -1.29
N LEU A 28 -12.37 1.57 -1.43
CA LEU A 28 -11.71 0.73 -2.43
C LEU A 28 -11.73 -0.75 -2.02
N GLU A 29 -11.73 -1.00 -0.70
CA GLU A 29 -11.76 -2.36 -0.16
C GLU A 29 -13.14 -2.99 -0.35
N ASP A 30 -14.19 -2.18 -0.12
CA ASP A 30 -15.59 -2.63 -0.29
C ASP A 30 -15.91 -2.85 -1.78
N GLN A 31 -15.35 -1.96 -2.63
CA GLN A 31 -15.55 -2.05 -4.08
C GLN A 31 -14.71 -3.19 -4.68
N LEU A 32 -13.63 -3.56 -3.98
CA LEU A 32 -12.74 -4.65 -4.41
C LEU A 32 -13.38 -6.01 -4.16
N LEU A 33 -14.07 -6.14 -3.01
CA LEU A 33 -14.76 -7.37 -2.62
C LEU A 33 -16.02 -7.57 -3.49
N GLY A 34 -16.70 -6.46 -3.80
CA GLY A 34 -17.90 -6.49 -4.63
C GLY A 34 -17.57 -6.78 -6.10
N ALA A 35 -16.39 -6.30 -6.54
CA ALA A 35 -15.92 -6.51 -7.91
C ALA A 35 -15.28 -7.90 -8.08
N MET A 36 -14.79 -8.46 -6.96
CA MET A 36 -14.16 -9.79 -6.95
C MET A 36 -15.21 -10.91 -6.92
N TYR A 37 -16.35 -10.64 -6.27
CA TYR A 37 -17.45 -11.61 -6.18
C TYR A 37 -18.27 -11.67 -7.47
N SER A 38 -18.43 -10.51 -8.13
CA SER A 38 -19.17 -10.40 -9.38
C SER A 38 -18.29 -10.69 -10.60
N HIS A 39 -16.97 -10.43 -10.46
CA HIS A 39 -15.97 -10.65 -11.53
C HIS A 39 -16.24 -9.77 -12.76
N ASP A 40 -15.39 -8.75 -12.94
CA ASP A 40 -15.49 -7.81 -14.07
C ASP A 40 -14.10 -7.43 -14.58
N GLU A 41 -14.05 -6.81 -15.76
CA GLU A 41 -12.78 -6.37 -16.37
C GLU A 41 -12.51 -4.89 -16.11
N ALA A 42 -13.58 -4.07 -16.20
CA ALA A 42 -13.50 -2.61 -15.99
C ALA A 42 -13.15 -2.24 -14.54
N LEU A 43 -13.74 -2.97 -13.58
CA LEU A 43 -13.52 -2.73 -12.15
C LEU A 43 -12.11 -3.12 -11.69
N PHE A 44 -11.57 -4.20 -12.28
CA PHE A 44 -10.22 -4.67 -11.95
C PHE A 44 -9.14 -3.70 -12.44
N GLN A 45 -9.41 -3.05 -13.58
CA GLN A 45 -8.48 -2.08 -14.17
C GLN A 45 -8.49 -0.78 -13.36
N SER A 46 -9.69 -0.37 -12.91
CA SER A 46 -9.87 0.84 -12.10
C SER A 46 -9.27 0.66 -10.70
N LEU A 47 -9.42 -0.56 -10.14
CA LEU A 47 -8.90 -0.90 -8.82
C LEU A 47 -7.37 -1.00 -8.81
N GLN A 48 -6.79 -1.46 -9.94
CA GLN A 48 -5.34 -1.60 -10.09
C GLN A 48 -4.66 -0.24 -10.24
N GLY A 49 -5.31 0.67 -10.99
CA GLY A 49 -4.78 2.02 -11.19
C GLY A 49 -4.87 2.89 -9.95
N GLU A 50 -5.96 2.71 -9.19
CA GLU A 50 -6.20 3.46 -7.94
C GLU A 50 -5.28 2.97 -6.82
N LEU A 51 -5.01 1.65 -6.82
CA LEU A 51 -4.12 1.03 -5.83
C LEU A 51 -2.65 1.41 -6.08
N GLN A 52 -2.30 1.55 -7.36
CA GLN A 52 -0.94 1.94 -7.77
C GLN A 52 -0.70 3.43 -7.51
N THR A 53 -1.76 4.23 -7.62
CA THR A 53 -1.68 5.68 -7.39
C THR A 53 -1.56 6.01 -5.90
N VAL A 54 -2.25 5.22 -5.06
CA VAL A 54 -2.22 5.41 -3.60
C VAL A 54 -0.88 4.90 -3.01
N LYS A 55 -0.33 3.83 -3.63
CA LYS A 55 0.94 3.25 -3.22
C LYS A 55 2.11 4.19 -3.59
N GLU A 56 1.99 4.84 -4.76
CA GLU A 56 3.00 5.78 -5.25
C GLU A 56 2.97 7.10 -4.45
N THR A 57 1.76 7.49 -4.01
CA THR A 57 1.56 8.70 -3.21
C THR A 57 2.06 8.51 -1.78
N LEU A 58 1.93 7.27 -1.27
CA LEU A 58 2.39 6.92 0.08
C LEU A 58 3.92 6.86 0.15
N GLN A 59 4.53 6.33 -0.93
CA GLN A 59 6.00 6.24 -1.02
C GLN A 59 6.62 7.63 -1.20
N ALA A 60 5.92 8.49 -1.94
CA ALA A 60 6.35 9.88 -2.19
C ALA A 60 6.24 10.71 -0.91
N MET A 61 5.23 10.37 -0.07
CA MET A 61 5.01 11.07 1.20
C MET A 61 6.10 10.74 2.23
N ILE A 62 6.49 9.46 2.31
CA ILE A 62 7.53 9.01 3.23
C ILE A 62 8.95 9.39 2.73
N LEU A 63 9.07 9.59 1.41
CA LEU A 63 10.34 9.96 0.78
C LEU A 63 10.53 11.49 0.82
N GLN A 64 9.42 12.24 0.89
CA GLN A 64 9.46 13.70 0.95
C GLN A 64 9.56 14.22 2.39
N LEU A 65 8.96 13.47 3.33
CA LEU A 65 8.97 13.84 4.75
C LEU A 65 10.18 13.24 5.46
N GLN A 66 10.50 11.98 5.14
CA GLN A 66 11.63 11.27 5.74
C GLN A 66 12.76 11.08 4.70
N PRO A 67 13.86 11.90 4.78
CA PRO A 67 14.99 11.79 3.83
C PRO A 67 15.76 10.46 3.95
N THR A 68 15.79 9.71 2.85
CA THR A 68 16.48 8.41 2.79
C THR A 68 17.02 8.15 1.37
N LYS A 69 18.35 8.24 1.25
CA LYS A 69 19.03 8.01 -0.04
C LYS A 69 20.26 7.14 0.13
N GLU A 70 20.46 6.21 -0.81
CA GLU A 70 21.62 5.31 -0.79
C GLU A 70 22.32 5.30 -2.14
N ALA A 71 23.63 5.57 -2.11
CA ALA A 71 24.45 5.59 -3.32
C ALA A 71 25.69 4.72 -3.17
N GLY A 72 25.93 3.87 -4.17
CA GLY A 72 27.09 2.99 -4.15
C GLY A 72 26.73 1.58 -3.72
N GLU A 73 27.10 1.23 -2.49
CA GLU A 73 26.82 -0.10 -1.93
C GLU A 73 25.90 0.00 -0.72
N ALA A 74 25.04 -1.01 -0.56
CA ALA A 74 24.09 -1.06 0.56
C ALA A 74 24.59 -1.99 1.66
N SER A 75 24.30 -1.61 2.91
CA SER A 75 24.72 -2.39 4.07
C SER A 75 23.50 -2.93 4.83
N ALA A 76 23.60 -4.19 5.26
CA ALA A 76 22.51 -4.84 6.00
C ALA A 76 22.81 -4.86 7.49
N SER A 77 21.75 -4.72 8.30
CA SER A 77 21.87 -4.72 9.76
C SER A 77 21.31 -6.02 10.37
N TYR A 78 20.16 -6.46 9.85
CA TYR A 78 19.52 -7.69 10.32
C TYR A 78 19.18 -8.63 9.15
N PRO A 79 19.82 -9.85 9.07
CA PRO A 79 19.54 -10.81 7.97
C PRO A 79 18.10 -11.35 7.99
N THR A 80 17.55 -11.54 9.21
CA THR A 80 16.17 -12.05 9.44
C THR A 80 15.90 -13.36 8.69
N ALA A 81 15.83 -14.45 9.46
CA ALA A 81 15.57 -15.79 8.91
C ALA A 81 14.17 -16.26 9.27
N GLY A 82 13.54 -16.99 8.33
CA GLY A 82 12.19 -17.51 8.54
C GLY A 82 11.79 -18.51 7.48
N ALA A 83 10.48 -18.60 7.22
CA ALA A 83 9.94 -19.52 6.23
C ALA A 83 9.63 -18.80 4.92
N GLN A 84 9.83 -19.51 3.81
CA GLN A 84 9.57 -18.96 2.47
C GLN A 84 8.23 -19.46 1.93
N GLU A 85 7.97 -20.77 2.06
CA GLU A 85 6.73 -21.38 1.58
C GLU A 85 6.11 -22.27 2.65
N THR A 86 4.83 -22.03 2.95
CA THR A 86 4.10 -22.80 3.95
C THR A 86 2.65 -23.04 3.52
N GLU A 87 2.27 -24.33 3.46
CA GLU A 87 0.92 -24.72 3.05
C GLU A 87 0.16 -25.33 4.22
N ALA A 88 -0.99 -24.73 4.55
CA ALA A 88 -1.84 -25.20 5.65
C ALA A 88 -3.30 -25.28 5.22
N LEU A 89 -3.99 -26.32 5.68
CA LEU A 89 -5.41 -26.53 5.35
C LEU A 89 -6.23 -26.78 6.61
N VAL A 90 -7.20 -25.90 6.86
CA VAL A 90 -8.07 -25.99 8.04
C VAL A 90 -9.52 -25.51 7.76
N PRO A 91 -9.77 -24.48 6.87
CA PRO A 91 -11.14 -24.00 6.60
C PRO A 91 -11.93 -24.94 5.68
N ARG A 92 -13.26 -24.83 5.74
CA ARG A 92 -14.15 -25.66 4.93
C ARG A 92 -15.06 -24.79 4.06
N GLY A 93 -15.13 -25.12 2.76
CA GLY A 93 -15.96 -24.37 1.83
C GLY A 93 -16.34 -25.19 0.62
N SER A 94 -16.62 -24.50 -0.49
CA SER A 94 -17.01 -25.14 -1.74
C SER A 94 -16.15 -24.64 -2.90
N GLY A 95 -15.88 -25.53 -3.86
CA GLY A 95 -15.07 -25.18 -5.03
C GLY A 95 -15.71 -25.64 -6.33
N PHE A 96 -15.99 -24.68 -7.21
CA PHE A 96 -16.60 -24.96 -8.51
C PHE A 96 -15.58 -24.79 -9.65
N GLY A 97 -14.79 -23.71 -9.58
CA GLY A 97 -13.80 -23.43 -10.59
C GLY A 97 -12.38 -23.55 -10.06
N LYS A 98 -11.71 -22.41 -9.88
CA LYS A 98 -10.34 -22.36 -9.39
C LYS A 98 -10.31 -22.03 -7.89
N ASN A 99 -9.31 -22.58 -7.19
CA ASN A 99 -9.16 -22.35 -5.75
C ASN A 99 -7.76 -21.87 -5.39
N GLU A 100 -6.77 -22.25 -6.23
CA GLU A 100 -5.36 -21.87 -6.00
C GLU A 100 -5.04 -20.51 -6.64
N ALA A 101 -5.78 -20.15 -7.70
CA ALA A 101 -5.58 -18.88 -8.41
C ALA A 101 -6.16 -17.69 -7.64
N LEU A 102 -7.22 -17.94 -6.86
CA LEU A 102 -7.88 -16.89 -6.07
C LEU A 102 -7.19 -16.67 -4.72
N LYS A 103 -6.53 -17.73 -4.20
CA LYS A 103 -5.82 -17.67 -2.91
C LYS A 103 -4.52 -16.89 -3.00
N GLU A 104 -3.83 -17.02 -4.14
CA GLU A 104 -2.55 -16.33 -4.39
C GLU A 104 -2.73 -14.81 -4.44
N LYS A 105 -3.81 -14.36 -5.08
CA LYS A 105 -4.13 -12.93 -5.20
C LYS A 105 -4.75 -12.38 -3.91
N ALA A 106 -5.52 -13.23 -3.22
CA ALA A 106 -6.17 -12.85 -1.96
C ALA A 106 -5.16 -12.72 -0.82
N ASP A 107 -4.16 -13.63 -0.81
CA ASP A 107 -3.10 -13.63 0.20
C ASP A 107 -2.08 -12.52 -0.04
N SER A 108 -1.75 -12.27 -1.33
CA SER A 108 -0.78 -11.23 -1.70
C SER A 108 -1.37 -9.84 -1.46
N LEU A 109 -2.67 -9.69 -1.74
CA LEU A 109 -3.38 -8.42 -1.55
C LEU A 109 -3.60 -8.13 -0.05
N ALA A 110 -3.88 -9.20 0.72
CA ALA A 110 -4.11 -9.09 2.16
C ALA A 110 -2.81 -8.71 2.90
N LYS A 111 -1.68 -9.22 2.38
CA LYS A 111 -0.36 -8.93 2.95
C LYS A 111 0.09 -7.51 2.61
N GLU A 112 -0.31 -7.03 1.41
CA GLU A 112 0.02 -5.68 0.95
C GLU A 112 -0.80 -4.61 1.68
N ILE A 113 -2.03 -4.98 2.09
CA ILE A 113 -2.91 -4.05 2.84
C ILE A 113 -2.50 -4.02 4.32
N GLN A 114 -2.01 -5.16 4.83
CA GLN A 114 -1.54 -5.26 6.22
C GLN A 114 -0.25 -4.44 6.41
N TYR A 115 0.61 -4.49 5.38
CA TYR A 115 1.87 -3.74 5.38
C TYR A 115 1.60 -2.24 5.16
N LEU A 116 0.58 -1.96 4.32
CA LEU A 116 0.15 -0.59 4.01
C LEU A 116 -0.48 0.08 5.23
N LYS A 117 -1.24 -0.72 6.02
CA LYS A 117 -1.90 -0.23 7.24
C LYS A 117 -0.87 0.04 8.34
N ASP A 118 0.15 -0.83 8.43
CA ASP A 118 1.23 -0.67 9.42
C ASP A 118 2.11 0.55 9.09
N LEU A 119 2.24 0.86 7.79
CA LEU A 119 3.04 2.01 7.33
C LEU A 119 2.35 3.34 7.66
N ILE A 120 1.01 3.39 7.46
CA ILE A 120 0.22 4.59 7.76
C ILE A 120 0.14 4.82 9.28
N GLU A 121 0.08 3.72 10.04
CA GLU A 121 0.02 3.78 11.51
C GLU A 121 1.37 4.19 12.12
N GLU A 122 2.46 3.82 11.43
CA GLU A 122 3.83 4.16 11.89
C GLU A 122 4.16 5.63 11.64
N VAL A 123 3.67 6.17 10.52
CA VAL A 123 3.89 7.58 10.16
C VAL A 123 3.01 8.51 11.01
N ARG A 124 1.80 8.02 11.33
CA ARG A 124 0.83 8.76 12.15
C ARG A 124 1.30 8.83 13.63
N LYS A 125 1.85 7.71 14.12
CA LYS A 125 2.36 7.61 15.50
C LYS A 125 3.68 8.37 15.67
N ALA A 126 4.52 8.36 14.63
CA ALA A 126 5.83 9.04 14.65
C ALA A 126 5.69 10.55 14.50
N ARG A 127 4.82 10.99 13.60
CA ARG A 127 4.58 12.41 13.36
C ARG A 127 3.09 12.73 13.42
N GLY A 128 2.75 13.76 14.21
CA GLY A 128 1.37 14.17 14.36
C GLY A 128 1.11 14.85 15.70
N LYS A 129 0.17 15.81 15.70
CA LYS A 129 -0.18 16.55 16.91
C LYS A 129 -1.46 16.01 17.54
N LYS A 130 -2.45 15.66 16.69
CA LYS A 130 -3.72 15.13 17.15
C LYS A 130 -3.75 13.60 17.04
N ARG A 131 -4.34 12.96 18.04
CA ARG A 131 -4.44 11.50 18.08
C ARG A 131 -5.88 11.05 18.32
N VAL A 132 -6.36 10.14 17.47
CA VAL A 132 -7.73 9.61 17.57
C VAL A 132 -7.83 8.32 18.42
N PRO A 133 -6.78 7.42 18.47
CA PRO A 133 -6.86 6.17 19.27
C PRO A 133 -6.65 6.41 20.77
N GLY A 1 17.08 29.95 4.55
CA GLY A 1 17.25 31.03 5.58
C GLY A 1 17.04 30.52 7.00
N PRO A 2 16.75 31.41 7.99
CA PRO A 2 16.55 31.02 9.41
C PRO A 2 15.17 30.37 9.64
N TRP A 3 14.15 30.85 8.93
CA TRP A 3 12.79 30.32 9.06
C TRP A 3 12.40 29.53 7.80
N LYS A 4 11.61 28.47 8.00
CA LYS A 4 11.15 27.62 6.90
C LYS A 4 9.62 27.58 6.85
N GLU A 5 9.09 27.42 5.63
CA GLU A 5 7.63 27.36 5.41
C GLU A 5 7.14 25.91 5.31
N ASP A 6 8.00 25.03 4.79
CA ASP A 6 7.68 23.61 4.61
C ASP A 6 8.01 22.78 5.86
N SER A 7 8.59 23.44 6.87
CA SER A 7 8.96 22.79 8.13
C SER A 7 7.85 22.86 9.17
N HIS A 8 6.92 23.82 8.98
CA HIS A 8 5.80 24.02 9.90
C HIS A 8 4.56 23.23 9.45
N ILE A 9 4.36 23.16 8.13
CA ILE A 9 3.21 22.43 7.55
C ILE A 9 3.58 20.97 7.24
N VAL A 10 3.46 20.13 8.27
CA VAL A 10 3.76 18.69 8.15
C VAL A 10 2.84 17.86 9.07
N SER A 11 2.52 18.42 10.24
CA SER A 11 1.66 17.76 11.23
C SER A 11 0.16 17.96 10.92
N ALA A 12 -0.13 18.97 10.09
CA ALA A 12 -1.52 19.30 9.72
C ALA A 12 -1.90 18.65 8.39
N GLU A 13 -0.90 18.27 7.58
CA GLU A 13 -1.12 17.64 6.28
C GLU A 13 -1.23 16.11 6.40
N VAL A 14 -0.66 15.56 7.48
CA VAL A 14 -0.67 14.11 7.74
C VAL A 14 -2.05 13.58 8.11
N GLY A 15 -2.79 14.36 8.91
CA GLY A 15 -4.13 13.98 9.36
C GLY A 15 -5.17 13.94 8.23
N GLU A 16 -5.09 14.93 7.33
CA GLU A 16 -6.01 15.03 6.18
C GLU A 16 -5.70 13.96 5.12
N LYS A 17 -4.40 13.72 4.91
CA LYS A 17 -3.94 12.72 3.94
C LYS A 17 -4.22 11.30 4.43
N CYS A 18 -4.13 11.10 5.76
CA CYS A 18 -4.40 9.80 6.38
C CYS A 18 -5.90 9.49 6.34
N GLU A 19 -6.73 10.54 6.52
CA GLU A 19 -8.18 10.42 6.49
C GLU A 19 -8.68 10.13 5.06
N ALA A 20 -7.93 10.65 4.06
CA ALA A 20 -8.25 10.45 2.64
C ALA A 20 -7.95 9.02 2.20
N ILE A 21 -6.82 8.48 2.69
CA ILE A 21 -6.40 7.10 2.38
C ILE A 21 -7.31 6.09 3.13
N GLY A 22 -7.87 6.54 4.27
CA GLY A 22 -8.77 5.71 5.07
C GLY A 22 -10.13 5.53 4.41
N VAL A 23 -10.68 6.64 3.89
CA VAL A 23 -11.99 6.61 3.20
C VAL A 23 -11.90 5.90 1.84
N LYS A 24 -10.75 6.07 1.18
CA LYS A 24 -10.49 5.44 -0.13
C LYS A 24 -10.27 3.93 0.03
N LEU A 25 -9.67 3.54 1.18
CA LEU A 25 -9.39 2.13 1.49
C LEU A 25 -10.69 1.37 1.79
N LEU A 26 -11.61 2.03 2.53
CA LEU A 26 -12.91 1.43 2.89
C LEU A 26 -13.80 1.24 1.65
N HIS A 27 -13.80 2.28 0.78
CA HIS A 27 -14.57 2.25 -0.48
C HIS A 27 -13.98 1.24 -1.47
N LEU A 28 -12.65 1.07 -1.41
CA LEU A 28 -11.93 0.12 -2.27
C LEU A 28 -12.16 -1.33 -1.83
N GLU A 29 -12.40 -1.52 -0.52
CA GLU A 29 -12.67 -2.85 0.06
C GLU A 29 -14.07 -3.32 -0.31
N ASP A 30 -15.05 -2.40 -0.25
CA ASP A 30 -16.44 -2.69 -0.60
C ASP A 30 -16.60 -2.94 -2.11
N GLN A 31 -15.83 -2.17 -2.90
CA GLN A 31 -15.83 -2.28 -4.36
C GLN A 31 -15.09 -3.56 -4.82
N LEU A 32 -14.11 -3.98 -4.00
CA LEU A 32 -13.31 -5.19 -4.28
C LEU A 32 -14.15 -6.45 -4.05
N LEU A 33 -14.97 -6.43 -2.99
CA LEU A 33 -15.85 -7.57 -2.66
C LEU A 33 -16.99 -7.69 -3.67
N GLY A 34 -17.53 -6.54 -4.09
CA GLY A 34 -18.60 -6.50 -5.09
C GLY A 34 -18.11 -6.84 -6.49
N ALA A 35 -16.83 -6.57 -6.74
CA ALA A 35 -16.19 -6.86 -8.05
C ALA A 35 -15.78 -8.33 -8.16
N MET A 36 -15.45 -8.95 -7.02
CA MET A 36 -15.02 -10.35 -6.96
C MET A 36 -16.21 -11.32 -7.04
N TYR A 37 -17.34 -10.93 -6.41
CA TYR A 37 -18.55 -11.74 -6.40
C TYR A 37 -19.37 -11.59 -7.69
N SER A 38 -19.45 -10.35 -8.19
CA SER A 38 -20.20 -10.04 -9.42
C SER A 38 -19.33 -10.24 -10.67
N HIS A 39 -17.99 -10.21 -10.50
CA HIS A 39 -17.01 -10.37 -11.59
C HIS A 39 -17.11 -9.26 -12.63
N ASP A 40 -16.07 -8.43 -12.71
CA ASP A 40 -16.01 -7.30 -13.65
C ASP A 40 -14.59 -7.15 -14.23
N GLU A 41 -14.48 -6.35 -15.30
CA GLU A 41 -13.19 -6.11 -15.95
C GLU A 41 -12.70 -4.68 -15.73
N ALA A 42 -13.63 -3.73 -15.77
CA ALA A 42 -13.34 -2.30 -15.58
C ALA A 42 -12.88 -1.97 -14.15
N LEU A 43 -13.38 -2.75 -13.18
CA LEU A 43 -13.04 -2.55 -11.75
C LEU A 43 -11.58 -2.96 -11.43
N PHE A 44 -11.05 -3.92 -12.20
CA PHE A 44 -9.67 -4.38 -12.02
C PHE A 44 -8.65 -3.36 -12.53
N GLN A 45 -9.01 -2.66 -13.63
CA GLN A 45 -8.17 -1.63 -14.24
C GLN A 45 -8.13 -0.38 -13.36
N SER A 46 -9.31 -0.01 -12.83
CA SER A 46 -9.45 1.15 -11.94
C SER A 46 -8.77 0.88 -10.59
N LEU A 47 -8.79 -0.39 -10.16
CA LEU A 47 -8.16 -0.83 -8.90
C LEU A 47 -6.64 -0.78 -8.99
N GLN A 48 -6.10 -1.13 -10.18
CA GLN A 48 -4.64 -1.12 -10.43
C GLN A 48 -4.09 0.32 -10.50
N GLY A 49 -4.86 1.20 -11.15
CA GLY A 49 -4.46 2.60 -11.30
C GLY A 49 -4.54 3.39 -9.99
N GLU A 50 -5.60 3.11 -9.21
CA GLU A 50 -5.83 3.77 -7.91
C GLU A 50 -4.82 3.29 -6.86
N LEU A 51 -4.47 1.99 -6.93
CA LEU A 51 -3.51 1.38 -6.00
C LEU A 51 -2.08 1.86 -6.28
N GLN A 52 -1.77 2.06 -7.57
CA GLN A 52 -0.46 2.54 -8.00
C GLN A 52 -0.27 4.02 -7.71
N THR A 53 -1.39 4.77 -7.74
CA THR A 53 -1.38 6.21 -7.46
C THR A 53 -1.23 6.49 -5.96
N VAL A 54 -1.86 5.65 -5.14
CA VAL A 54 -1.78 5.79 -3.66
C VAL A 54 -0.41 5.34 -3.14
N LYS A 55 0.15 4.31 -3.82
CA LYS A 55 1.47 3.77 -3.45
C LYS A 55 2.60 4.76 -3.84
N GLU A 56 2.42 5.44 -4.98
CA GLU A 56 3.38 6.43 -5.46
C GLU A 56 3.32 7.72 -4.63
N THR A 57 2.10 8.05 -4.16
CA THR A 57 1.87 9.24 -3.32
C THR A 57 2.36 9.01 -1.89
N LEU A 58 2.30 7.74 -1.45
CA LEU A 58 2.76 7.34 -0.11
C LEU A 58 4.29 7.37 -0.03
N GLN A 59 4.94 6.89 -1.11
CA GLN A 59 6.41 6.86 -1.20
C GLN A 59 6.97 8.28 -1.34
N ALA A 60 6.27 9.12 -2.12
CA ALA A 60 6.66 10.52 -2.33
C ALA A 60 6.46 11.34 -1.05
N MET A 61 5.46 10.95 -0.24
CA MET A 61 5.14 11.62 1.02
C MET A 61 6.21 11.34 2.09
N ILE A 62 6.66 10.08 2.16
CA ILE A 62 7.70 9.67 3.13
C ILE A 62 9.09 10.14 2.69
N LEU A 63 9.26 10.35 1.38
CA LEU A 63 10.53 10.81 0.80
C LEU A 63 10.63 12.34 0.85
N GLN A 64 9.47 13.02 0.91
CA GLN A 64 9.42 14.49 0.96
C GLN A 64 9.44 14.99 2.41
N LEU A 65 8.95 14.17 3.35
CA LEU A 65 8.91 14.53 4.78
C LEU A 65 10.30 14.43 5.44
N GLN A 66 11.27 13.84 4.74
CA GLN A 66 12.63 13.69 5.24
C GLN A 66 13.53 14.85 4.79
N PRO A 67 14.65 15.17 5.51
CA PRO A 67 15.56 16.27 5.13
C PRO A 67 16.48 15.92 3.95
N THR A 68 16.90 14.65 3.88
CA THR A 68 17.78 14.17 2.81
C THR A 68 16.99 13.48 1.71
N LYS A 69 17.42 13.69 0.46
CA LYS A 69 16.77 13.10 -0.71
C LYS A 69 17.77 12.37 -1.59
N GLU A 70 17.39 11.17 -2.06
CA GLU A 70 18.25 10.35 -2.90
C GLU A 70 17.84 10.48 -4.37
N ALA A 71 18.84 10.66 -5.24
CA ALA A 71 18.60 10.80 -6.68
C ALA A 71 18.88 9.50 -7.41
N GLY A 72 18.09 9.24 -8.46
CA GLY A 72 18.25 8.03 -9.25
C GLY A 72 17.19 6.98 -8.94
N GLU A 73 16.08 7.06 -9.66
CA GLU A 73 14.96 6.13 -9.47
C GLU A 73 14.98 5.05 -10.56
N ALA A 74 14.63 3.82 -10.17
CA ALA A 74 14.60 2.69 -11.09
C ALA A 74 13.24 1.99 -11.06
N SER A 75 12.69 1.73 -12.25
CA SER A 75 11.39 1.06 -12.39
C SER A 75 11.57 -0.41 -12.72
N ALA A 76 10.80 -1.27 -12.04
CA ALA A 76 10.86 -2.71 -12.25
C ALA A 76 9.65 -3.19 -13.04
N SER A 77 9.88 -4.22 -13.86
CA SER A 77 8.81 -4.80 -14.69
C SER A 77 8.67 -6.30 -14.43
N TYR A 78 7.42 -6.74 -14.23
CA TYR A 78 7.11 -8.14 -13.95
C TYR A 78 5.99 -8.65 -14.88
N PRO A 79 5.86 -10.01 -15.09
CA PRO A 79 4.80 -10.57 -15.96
C PRO A 79 3.42 -10.53 -15.30
N THR A 80 2.37 -10.57 -16.13
CA THR A 80 0.99 -10.55 -15.66
C THR A 80 0.19 -11.73 -16.20
N ALA A 81 0.33 -12.00 -17.50
CA ALA A 81 -0.36 -13.10 -18.15
C ALA A 81 0.61 -14.01 -18.90
N GLY A 82 0.29 -15.31 -18.93
CA GLY A 82 1.13 -16.28 -19.62
C GLY A 82 0.34 -17.24 -20.47
N ALA A 83 -0.29 -16.71 -21.53
CA ALA A 83 -1.09 -17.51 -22.45
C ALA A 83 -0.30 -17.87 -23.71
N GLN A 84 -0.64 -19.02 -24.29
CA GLN A 84 0.02 -19.51 -25.51
C GLN A 84 -0.77 -19.14 -26.76
N GLU A 85 -2.11 -19.23 -26.67
CA GLU A 85 -2.99 -18.90 -27.80
C GLU A 85 -3.50 -17.47 -27.68
N THR A 86 -3.62 -16.80 -28.84
CA THR A 86 -4.10 -15.42 -28.90
C THR A 86 -5.59 -15.35 -29.27
N GLU A 87 -5.98 -16.15 -30.26
CA GLU A 87 -7.36 -16.20 -30.73
C GLU A 87 -8.12 -17.35 -30.10
N ALA A 88 -9.39 -17.11 -29.78
CA ALA A 88 -10.25 -18.12 -29.16
C ALA A 88 -11.39 -18.51 -30.09
N LEU A 89 -11.89 -19.75 -29.92
CA LEU A 89 -12.98 -20.28 -30.74
C LEU A 89 -14.33 -20.08 -30.04
N VAL A 90 -14.37 -20.37 -28.73
CA VAL A 90 -15.59 -20.22 -27.94
C VAL A 90 -15.37 -19.22 -26.77
N PRO A 91 -16.22 -18.15 -26.63
CA PRO A 91 -16.08 -17.16 -25.55
C PRO A 91 -16.54 -17.69 -24.18
N ARG A 92 -17.60 -18.51 -24.19
CA ARG A 92 -18.14 -19.09 -22.97
C ARG A 92 -17.68 -20.53 -22.78
N GLY A 93 -17.55 -20.94 -21.52
CA GLY A 93 -17.11 -22.29 -21.20
C GLY A 93 -17.60 -22.76 -19.84
N SER A 94 -18.38 -23.83 -19.84
CA SER A 94 -18.94 -24.40 -18.60
C SER A 94 -18.12 -25.60 -18.14
N GLY A 95 -18.04 -25.77 -16.82
CA GLY A 95 -17.29 -26.88 -16.24
C GLY A 95 -16.88 -26.62 -14.81
N PHE A 96 -15.63 -26.96 -14.49
CA PHE A 96 -15.09 -26.77 -13.14
C PHE A 96 -14.22 -25.51 -13.06
N GLY A 97 -14.18 -24.89 -11.88
CA GLY A 97 -13.40 -23.68 -11.68
C GLY A 97 -12.05 -23.96 -11.03
N LYS A 98 -11.48 -22.93 -10.39
CA LYS A 98 -10.19 -23.06 -9.72
C LYS A 98 -10.26 -22.49 -8.30
N ASN A 99 -9.48 -23.10 -7.40
CA ASN A 99 -9.44 -22.68 -6.00
C ASN A 99 -8.10 -22.05 -5.64
N GLU A 100 -7.09 -22.23 -6.51
CA GLU A 100 -5.75 -21.69 -6.30
C GLU A 100 -5.60 -20.29 -6.92
N ALA A 101 -6.49 -19.96 -7.86
CA ALA A 101 -6.47 -18.65 -8.54
C ALA A 101 -7.04 -17.53 -7.67
N LEU A 102 -8.00 -17.88 -6.80
CA LEU A 102 -8.64 -16.92 -5.90
C LEU A 102 -7.85 -16.76 -4.59
N LYS A 103 -7.13 -17.82 -4.20
CA LYS A 103 -6.33 -17.82 -2.97
C LYS A 103 -5.05 -16.99 -3.12
N GLU A 104 -4.43 -17.09 -4.31
CA GLU A 104 -3.20 -16.35 -4.62
C GLU A 104 -3.42 -14.82 -4.63
N LYS A 105 -4.58 -14.41 -5.17
CA LYS A 105 -4.95 -12.99 -5.25
C LYS A 105 -5.46 -12.46 -3.91
N ALA A 106 -6.13 -13.34 -3.14
CA ALA A 106 -6.67 -13.00 -1.81
C ALA A 106 -5.54 -12.83 -0.78
N ASP A 107 -4.54 -13.73 -0.86
CA ASP A 107 -3.39 -13.70 0.05
C ASP A 107 -2.40 -12.59 -0.32
N SER A 108 -2.26 -12.32 -1.63
CA SER A 108 -1.36 -11.26 -2.13
C SER A 108 -1.91 -9.87 -1.82
N LEU A 109 -3.25 -9.74 -1.91
CA LEU A 109 -3.95 -8.48 -1.65
C LEU A 109 -3.98 -8.19 -0.14
N ALA A 110 -4.16 -9.25 0.66
CA ALA A 110 -4.19 -9.15 2.12
C ALA A 110 -2.80 -8.80 2.67
N LYS A 111 -1.76 -9.32 1.99
CA LYS A 111 -0.37 -9.06 2.36
C LYS A 111 0.03 -7.62 1.99
N GLU A 112 -0.55 -7.11 0.89
CA GLU A 112 -0.30 -5.74 0.42
C GLU A 112 -0.90 -4.72 1.40
N ILE A 113 -2.06 -5.06 1.97
CA ILE A 113 -2.74 -4.19 2.95
C ILE A 113 -1.99 -4.25 4.29
N GLN A 114 -1.42 -5.42 4.60
CA GLN A 114 -0.64 -5.62 5.84
C GLN A 114 0.62 -4.74 5.83
N TYR A 115 1.23 -4.61 4.64
CA TYR A 115 2.43 -3.78 4.44
C TYR A 115 2.05 -2.30 4.47
N LEU A 116 0.86 -2.00 3.92
CA LEU A 116 0.32 -0.62 3.89
C LEU A 116 -0.03 -0.14 5.30
N LYS A 117 -0.61 -1.04 6.11
CA LYS A 117 -1.00 -0.74 7.50
C LYS A 117 0.24 -0.57 8.37
N ASP A 118 1.27 -1.39 8.09
CA ASP A 118 2.55 -1.33 8.82
C ASP A 118 3.31 -0.04 8.52
N LEU A 119 3.17 0.46 7.27
CA LEU A 119 3.81 1.70 6.84
C LEU A 119 3.17 2.93 7.48
N ILE A 120 1.83 2.89 7.63
CA ILE A 120 1.09 4.00 8.27
C ILE A 120 1.39 4.04 9.78
N GLU A 121 1.57 2.86 10.38
CA GLU A 121 1.89 2.73 11.80
C GLU A 121 3.34 3.14 12.10
N GLU A 122 4.22 2.95 11.10
CA GLU A 122 5.65 3.32 11.22
C GLU A 122 5.85 4.83 11.12
N VAL A 123 5.07 5.48 10.25
CA VAL A 123 5.15 6.94 10.07
C VAL A 123 4.49 7.68 11.25
N ARG A 124 3.42 7.06 11.79
CA ARG A 124 2.69 7.62 12.94
C ARG A 124 3.52 7.51 14.23
N LYS A 125 4.22 6.37 14.38
CA LYS A 125 5.07 6.11 15.56
C LYS A 125 6.38 6.92 15.52
N ALA A 126 6.91 7.12 14.31
CA ALA A 126 8.16 7.86 14.10
C ALA A 126 7.96 9.38 14.27
N ARG A 127 6.86 9.90 13.72
CA ARG A 127 6.54 11.32 13.81
C ARG A 127 5.23 11.55 14.56
N GLY A 128 5.29 12.43 15.57
CA GLY A 128 4.12 12.74 16.39
C GLY A 128 4.47 12.96 17.84
N LYS A 129 4.22 11.94 18.67
CA LYS A 129 4.51 12.02 20.10
C LYS A 129 5.30 10.80 20.56
N LYS A 130 6.22 11.03 21.52
CA LYS A 130 7.06 9.96 22.06
C LYS A 130 6.99 9.94 23.58
N ARG A 131 7.02 8.72 24.16
CA ARG A 131 6.97 8.50 25.63
C ARG A 131 5.65 9.01 26.24
N VAL A 132 4.97 8.11 26.97
CA VAL A 132 3.69 8.44 27.62
C VAL A 132 3.71 8.06 29.11
N PRO A 133 3.96 9.03 30.05
CA PRO A 133 3.97 8.76 31.50
C PRO A 133 2.58 8.44 32.06
N GLY A 1 22.63 28.00 -2.05
CA GLY A 1 21.81 28.42 -0.88
C GLY A 1 20.35 27.97 -0.99
N PRO A 2 20.04 26.67 -0.68
CA PRO A 2 18.66 26.14 -0.76
C PRO A 2 17.78 26.61 0.40
N TRP A 3 16.54 26.99 0.07
CA TRP A 3 15.58 27.46 1.07
C TRP A 3 14.42 26.48 1.23
N LYS A 4 14.01 26.26 2.48
CA LYS A 4 12.90 25.34 2.79
C LYS A 4 11.59 26.09 2.95
N GLU A 5 10.48 25.40 2.63
CA GLU A 5 9.14 25.98 2.73
C GLU A 5 8.42 25.49 3.98
N ASP A 6 8.60 24.20 4.30
CA ASP A 6 7.95 23.59 5.47
C ASP A 6 8.92 23.53 6.67
N SER A 7 8.49 24.15 7.77
CA SER A 7 9.29 24.18 9.00
C SER A 7 8.45 23.80 10.22
N HIS A 8 7.21 24.32 10.27
CA HIS A 8 6.28 24.04 11.36
C HIS A 8 5.01 23.37 10.85
N ILE A 9 4.75 23.48 9.55
CA ILE A 9 3.57 22.88 8.92
C ILE A 9 3.85 21.46 8.41
N VAL A 10 3.67 20.49 9.30
CA VAL A 10 3.90 19.07 8.99
C VAL A 10 2.92 18.16 9.75
N SER A 11 2.58 18.56 10.99
CA SER A 11 1.65 17.81 11.84
C SER A 11 0.19 18.15 11.52
N ALA A 12 -0.03 19.27 10.82
CA ALA A 12 -1.38 19.71 10.45
C ALA A 12 -1.76 19.27 9.03
N GLU A 13 -0.75 19.01 8.19
CA GLU A 13 -0.97 18.58 6.81
C GLU A 13 -1.12 17.05 6.69
N VAL A 14 -0.61 16.34 7.71
CA VAL A 14 -0.68 14.86 7.75
C VAL A 14 -2.08 14.34 8.10
N GLY A 15 -2.76 15.06 9.00
CA GLY A 15 -4.12 14.69 9.44
C GLY A 15 -5.14 14.63 8.31
N GLU A 16 -5.05 15.59 7.38
CA GLU A 16 -5.96 15.67 6.23
C GLU A 16 -5.62 14.62 5.17
N LYS A 17 -4.32 14.37 4.99
CA LYS A 17 -3.83 13.38 4.02
C LYS A 17 -4.08 11.94 4.51
N CYS A 18 -4.01 11.76 5.84
CA CYS A 18 -4.24 10.46 6.47
C CYS A 18 -5.75 10.13 6.48
N GLU A 19 -6.57 11.16 6.67
CA GLU A 19 -8.03 11.01 6.68
C GLU A 19 -8.56 10.71 5.28
N ALA A 20 -7.90 11.30 4.26
CA ALA A 20 -8.27 11.10 2.85
C ALA A 20 -7.87 9.70 2.37
N ILE A 21 -6.70 9.23 2.83
CA ILE A 21 -6.20 7.89 2.48
C ILE A 21 -7.02 6.79 3.19
N GLY A 22 -7.58 7.15 4.36
CA GLY A 22 -8.41 6.23 5.15
C GLY A 22 -9.77 6.01 4.52
N VAL A 23 -10.40 7.11 4.05
CA VAL A 23 -11.73 7.03 3.39
C VAL A 23 -11.62 6.35 2.01
N LYS A 24 -10.49 6.59 1.34
CA LYS A 24 -10.21 5.99 0.03
C LYS A 24 -9.93 4.49 0.16
N LEU A 25 -9.32 4.11 1.29
CA LEU A 25 -8.99 2.70 1.60
C LEU A 25 -10.27 1.89 1.89
N LEU A 26 -11.22 2.52 2.63
CA LEU A 26 -12.49 1.86 2.97
C LEU A 26 -13.38 1.67 1.74
N HIS A 27 -13.44 2.68 0.88
CA HIS A 27 -14.22 2.63 -0.36
C HIS A 27 -13.61 1.66 -1.37
N LEU A 28 -12.27 1.55 -1.33
CA LEU A 28 -11.52 0.64 -2.21
C LEU A 28 -11.68 -0.82 -1.77
N GLU A 29 -11.87 -1.02 -0.44
CA GLU A 29 -12.06 -2.36 0.14
C GLU A 29 -13.44 -2.92 -0.21
N ASP A 30 -14.46 -2.04 -0.14
CA ASP A 30 -15.85 -2.42 -0.46
C ASP A 30 -16.00 -2.67 -1.96
N GLN A 31 -15.32 -1.86 -2.78
CA GLN A 31 -15.33 -1.99 -4.25
C GLN A 31 -14.52 -3.21 -4.71
N LEU A 32 -13.51 -3.58 -3.92
CA LEU A 32 -12.63 -4.73 -4.22
C LEU A 32 -13.37 -6.06 -3.99
N LEU A 33 -14.11 -6.12 -2.88
CA LEU A 33 -14.89 -7.32 -2.52
C LEU A 33 -16.10 -7.47 -3.44
N GLY A 34 -16.69 -6.32 -3.81
CA GLY A 34 -17.84 -6.31 -4.72
C GLY A 34 -17.47 -6.65 -6.16
N ALA A 35 -16.24 -6.28 -6.55
CA ALA A 35 -15.74 -6.56 -7.91
C ALA A 35 -15.23 -7.99 -8.05
N MET A 36 -14.72 -8.56 -6.95
CA MET A 36 -14.20 -9.94 -6.93
C MET A 36 -15.32 -10.97 -6.78
N TYR A 37 -16.41 -10.59 -6.09
CA TYR A 37 -17.56 -11.46 -5.87
C TYR A 37 -18.49 -11.50 -7.10
N SER A 38 -18.66 -10.32 -7.73
CA SER A 38 -19.52 -10.18 -8.92
C SER A 38 -18.75 -10.49 -10.21
N HIS A 39 -17.41 -10.40 -10.15
CA HIS A 39 -16.50 -10.65 -11.31
C HIS A 39 -16.76 -9.67 -12.46
N ASP A 40 -15.80 -8.77 -12.68
CA ASP A 40 -15.89 -7.76 -13.74
C ASP A 40 -14.52 -7.53 -14.40
N GLU A 41 -14.54 -6.99 -15.62
CA GLU A 41 -13.31 -6.72 -16.38
C GLU A 41 -12.88 -5.26 -16.24
N ALA A 42 -13.86 -4.34 -16.28
CA ALA A 42 -13.60 -2.89 -16.17
C ALA A 42 -13.08 -2.49 -14.78
N LEU A 43 -13.59 -3.16 -13.74
CA LEU A 43 -13.19 -2.89 -12.35
C LEU A 43 -11.74 -3.33 -12.06
N PHE A 44 -11.26 -4.34 -12.81
CA PHE A 44 -9.88 -4.84 -12.66
C PHE A 44 -8.85 -3.80 -13.11
N GLN A 45 -9.17 -3.12 -14.23
CA GLN A 45 -8.29 -2.06 -14.77
C GLN A 45 -8.33 -0.81 -13.89
N SER A 46 -9.54 -0.50 -13.38
CA SER A 46 -9.76 0.64 -12.49
C SER A 46 -9.09 0.40 -11.12
N LEU A 47 -9.10 -0.87 -10.69
CA LEU A 47 -8.49 -1.30 -9.42
C LEU A 47 -6.96 -1.22 -9.47
N GLN A 48 -6.40 -1.55 -10.65
CA GLN A 48 -4.94 -1.51 -10.87
C GLN A 48 -4.41 -0.08 -10.92
N GLY A 49 -5.17 0.81 -11.58
CA GLY A 49 -4.80 2.22 -11.69
C GLY A 49 -4.92 2.96 -10.36
N GLU A 50 -5.99 2.65 -9.61
CA GLU A 50 -6.25 3.26 -8.31
C GLU A 50 -5.25 2.78 -7.25
N LEU A 51 -4.85 1.51 -7.37
CA LEU A 51 -3.88 0.90 -6.45
C LEU A 51 -2.47 1.47 -6.69
N GLN A 52 -2.17 1.77 -7.97
CA GLN A 52 -0.87 2.34 -8.36
C GLN A 52 -0.77 3.81 -7.93
N THR A 53 -1.90 4.51 -7.93
CA THR A 53 -1.95 5.93 -7.52
C THR A 53 -1.84 6.08 -6.00
N VAL A 54 -2.41 5.11 -5.26
CA VAL A 54 -2.36 5.10 -3.78
C VAL A 54 -0.96 4.71 -3.30
N LYS A 55 -0.29 3.83 -4.05
CA LYS A 55 1.08 3.37 -3.73
C LYS A 55 2.11 4.47 -4.03
N GLU A 56 1.85 5.24 -5.10
CA GLU A 56 2.73 6.34 -5.52
C GLU A 56 2.60 7.53 -4.57
N THR A 57 1.38 7.75 -4.05
CA THR A 57 1.10 8.84 -3.10
C THR A 57 1.69 8.54 -1.73
N LEU A 58 1.64 7.26 -1.33
CA LEU A 58 2.18 6.79 -0.05
C LEU A 58 3.71 6.85 -0.05
N GLN A 59 4.31 6.50 -1.20
CA GLN A 59 5.77 6.52 -1.37
C GLN A 59 6.30 7.95 -1.39
N ALA A 60 5.51 8.86 -2.00
CA ALA A 60 5.85 10.28 -2.09
C ALA A 60 5.75 10.96 -0.73
N MET A 61 4.81 10.46 0.10
CA MET A 61 4.60 10.98 1.46
C MET A 61 5.75 10.60 2.39
N ILE A 62 6.19 9.34 2.32
CA ILE A 62 7.31 8.84 3.15
C ILE A 62 8.67 9.34 2.65
N LEU A 63 8.73 9.71 1.36
CA LEU A 63 9.96 10.22 0.74
C LEU A 63 10.10 11.74 0.95
N GLN A 64 8.96 12.42 1.12
CA GLN A 64 8.93 13.87 1.33
C GLN A 64 9.06 14.23 2.82
N LEU A 65 8.58 13.34 3.70
CA LEU A 65 8.63 13.55 5.15
C LEU A 65 9.97 13.08 5.74
N GLN A 66 10.57 12.07 5.13
CA GLN A 66 11.85 11.51 5.59
C GLN A 66 13.03 12.17 4.85
N PRO A 67 13.97 12.88 5.56
CA PRO A 67 15.14 13.54 4.94
C PRO A 67 16.09 12.55 4.22
N THR A 68 16.04 11.27 4.64
CA THR A 68 16.89 10.24 4.05
C THR A 68 16.17 9.51 2.92
N LYS A 69 16.89 9.28 1.81
CA LYS A 69 16.34 8.60 0.64
C LYS A 69 16.82 7.14 0.60
N GLU A 70 15.96 6.26 0.07
CA GLU A 70 16.27 4.84 -0.04
C GLU A 70 16.03 4.34 -1.46
N ALA A 71 17.02 3.61 -2.00
CA ALA A 71 16.94 3.06 -3.35
C ALA A 71 16.77 1.55 -3.31
N GLY A 72 16.07 1.02 -4.32
CA GLY A 72 15.83 -0.42 -4.41
C GLY A 72 16.34 -1.02 -5.70
N GLU A 73 15.42 -1.52 -6.53
CA GLU A 73 15.77 -2.13 -7.81
C GLU A 73 15.51 -1.15 -8.96
N ALA A 74 16.24 -1.34 -10.06
CA ALA A 74 16.12 -0.48 -11.24
C ALA A 74 15.13 -1.07 -12.26
N SER A 75 15.17 -2.40 -12.42
CA SER A 75 14.28 -3.10 -13.36
C SER A 75 13.06 -3.65 -12.65
N ALA A 76 11.93 -3.68 -13.36
CA ALA A 76 10.67 -4.19 -12.80
C ALA A 76 10.27 -5.51 -13.46
N SER A 77 10.03 -6.52 -12.61
CA SER A 77 9.63 -7.85 -13.07
C SER A 77 8.42 -8.36 -12.28
N TYR A 78 7.52 -9.05 -12.98
CA TYR A 78 6.31 -9.59 -12.37
C TYR A 78 6.48 -11.09 -12.04
N PRO A 79 5.71 -11.65 -11.06
CA PRO A 79 5.80 -13.08 -10.69
C PRO A 79 5.10 -14.00 -11.69
N THR A 80 5.50 -15.27 -11.68
CA THR A 80 4.93 -16.28 -12.59
C THR A 80 4.67 -17.60 -11.85
N ALA A 81 3.42 -18.05 -11.87
CA ALA A 81 3.02 -19.30 -11.22
C ALA A 81 2.91 -20.44 -12.22
N GLY A 82 3.24 -21.65 -11.76
CA GLY A 82 3.18 -22.83 -12.61
C GLY A 82 4.26 -23.85 -12.28
N ALA A 83 3.97 -25.12 -12.56
CA ALA A 83 4.91 -26.21 -12.30
C ALA A 83 5.31 -26.92 -13.59
N GLN A 84 4.33 -27.16 -14.46
CA GLN A 84 4.56 -27.85 -15.74
C GLN A 84 4.17 -26.95 -16.92
N GLU A 85 3.01 -26.26 -16.78
CA GLU A 85 2.45 -25.34 -17.81
C GLU A 85 1.91 -26.09 -19.04
N THR A 86 2.72 -26.99 -19.59
CA THR A 86 2.34 -27.77 -20.77
C THR A 86 2.00 -29.22 -20.37
N GLU A 87 0.80 -29.67 -20.75
CA GLU A 87 0.34 -31.03 -20.45
C GLU A 87 -0.20 -31.71 -21.70
N ALA A 88 0.14 -32.99 -21.85
CA ALA A 88 -0.30 -33.79 -23.01
C ALA A 88 -1.26 -34.91 -22.59
N LEU A 89 -0.93 -35.58 -21.49
CA LEU A 89 -1.75 -36.67 -20.97
C LEU A 89 -2.46 -36.26 -19.68
N VAL A 90 -3.77 -36.54 -19.63
CA VAL A 90 -4.60 -36.20 -18.47
C VAL A 90 -5.56 -37.36 -18.12
N PRO A 91 -6.05 -37.46 -16.83
CA PRO A 91 -6.98 -38.53 -16.42
C PRO A 91 -8.41 -38.30 -16.92
N ARG A 92 -8.88 -37.05 -16.87
CA ARG A 92 -10.22 -36.68 -17.31
C ARG A 92 -10.19 -35.43 -18.18
N GLY A 93 -11.16 -35.33 -19.09
CA GLY A 93 -11.24 -34.17 -19.99
C GLY A 93 -12.67 -33.83 -20.36
N SER A 94 -13.42 -33.28 -19.39
CA SER A 94 -14.81 -32.90 -19.60
C SER A 94 -14.93 -31.40 -19.86
N GLY A 95 -14.20 -30.59 -19.07
CA GLY A 95 -14.24 -29.15 -19.21
C GLY A 95 -13.04 -28.47 -18.58
N PHE A 96 -13.24 -27.21 -18.17
CA PHE A 96 -12.17 -26.43 -17.53
C PHE A 96 -12.66 -25.79 -16.23
N GLY A 97 -11.75 -25.69 -15.25
CA GLY A 97 -12.09 -25.11 -13.96
C GLY A 97 -10.89 -24.52 -13.27
N LYS A 98 -11.12 -23.45 -12.50
CA LYS A 98 -10.06 -22.76 -11.76
C LYS A 98 -10.44 -22.58 -10.29
N ASN A 99 -9.47 -22.87 -9.40
CA ASN A 99 -9.68 -22.75 -7.95
C ASN A 99 -8.51 -22.00 -7.29
N GLU A 100 -7.31 -22.18 -7.84
CA GLU A 100 -6.10 -21.54 -7.30
C GLU A 100 -5.79 -20.21 -8.00
N ALA A 101 -6.37 -20.02 -9.20
CA ALA A 101 -6.17 -18.79 -10.00
C ALA A 101 -6.73 -17.53 -9.32
N LEU A 102 -7.87 -17.69 -8.64
CA LEU A 102 -8.53 -16.57 -7.94
C LEU A 102 -7.96 -16.38 -6.52
N LYS A 103 -7.45 -17.47 -5.92
CA LYS A 103 -6.88 -17.44 -4.57
C LYS A 103 -5.52 -16.71 -4.53
N GLU A 104 -4.76 -16.83 -5.63
CA GLU A 104 -3.44 -16.18 -5.76
C GLU A 104 -3.55 -14.64 -5.73
N LYS A 105 -4.57 -14.12 -6.44
CA LYS A 105 -4.81 -12.67 -6.52
C LYS A 105 -5.50 -12.15 -5.27
N ALA A 106 -6.36 -12.99 -4.67
CA ALA A 106 -7.10 -12.62 -3.44
C ALA A 106 -6.16 -12.59 -2.23
N ASP A 107 -5.22 -13.55 -2.18
CA ASP A 107 -4.23 -13.65 -1.09
C ASP A 107 -3.13 -12.59 -1.23
N SER A 108 -2.73 -12.31 -2.49
CA SER A 108 -1.69 -11.30 -2.77
C SER A 108 -2.21 -9.89 -2.51
N LEU A 109 -3.48 -9.66 -2.86
CA LEU A 109 -4.13 -8.35 -2.66
C LEU A 109 -4.43 -8.11 -1.18
N ALA A 110 -4.80 -9.19 -0.46
CA ALA A 110 -5.10 -9.11 0.97
C ALA A 110 -3.83 -8.85 1.79
N LYS A 111 -2.70 -9.40 1.33
CA LYS A 111 -1.41 -9.22 1.98
C LYS A 111 -0.84 -7.82 1.69
N GLU A 112 -1.18 -7.27 0.51
CA GLU A 112 -0.75 -5.93 0.10
C GLU A 112 -1.51 -4.84 0.86
N ILE A 113 -2.77 -5.11 1.19
CA ILE A 113 -3.62 -4.17 1.95
C ILE A 113 -3.26 -4.22 3.45
N GLN A 114 -2.88 -5.43 3.92
CA GLN A 114 -2.48 -5.63 5.32
C GLN A 114 -1.14 -4.93 5.60
N TYR A 115 -0.25 -4.97 4.59
CA TYR A 115 1.07 -4.32 4.67
C TYR A 115 0.91 -2.79 4.53
N LEU A 116 -0.05 -2.40 3.68
CA LEU A 116 -0.38 -0.99 3.43
C LEU A 116 -1.01 -0.34 4.68
N LYS A 117 -1.79 -1.15 5.42
CA LYS A 117 -2.45 -0.70 6.65
C LYS A 117 -1.44 -0.54 7.78
N ASP A 118 -0.47 -1.48 7.86
CA ASP A 118 0.60 -1.44 8.86
C ASP A 118 1.57 -0.29 8.60
N LEU A 119 1.71 0.09 7.31
CA LEU A 119 2.58 1.19 6.90
C LEU A 119 2.00 2.55 7.29
N ILE A 120 0.68 2.72 7.08
CA ILE A 120 -0.02 3.97 7.43
C ILE A 120 -0.12 4.13 8.96
N GLU A 121 -0.30 2.99 9.66
CA GLU A 121 -0.39 2.97 11.13
C GLU A 121 0.98 3.20 11.78
N GLU A 122 2.06 2.79 11.06
CA GLU A 122 3.44 2.96 11.54
C GLU A 122 3.91 4.41 11.41
N VAL A 123 3.50 5.08 10.32
CA VAL A 123 3.86 6.48 10.09
C VAL A 123 3.05 7.41 11.01
N ARG A 124 1.80 7.01 11.30
CA ARG A 124 0.91 7.76 12.19
C ARG A 124 1.39 7.68 13.65
N LYS A 125 1.84 6.49 14.06
CA LYS A 125 2.34 6.24 15.42
C LYS A 125 3.73 6.85 15.64
N ALA A 126 4.55 6.86 14.58
CA ALA A 126 5.91 7.40 14.62
C ALA A 126 5.93 8.94 14.63
N ARG A 127 5.09 9.55 13.78
CA ARG A 127 5.01 11.01 13.70
C ARG A 127 3.62 11.50 14.08
N GLY A 128 3.58 12.50 14.96
CA GLY A 128 2.32 13.06 15.43
C GLY A 128 2.39 13.58 16.85
N LYS A 129 1.85 14.78 17.06
CA LYS A 129 1.85 15.41 18.38
C LYS A 129 0.51 15.19 19.10
N LYS A 130 -0.58 15.30 18.35
CA LYS A 130 -1.94 15.12 18.90
C LYS A 130 -2.46 13.71 18.60
N ARG A 131 -2.97 13.05 19.63
CA ARG A 131 -3.52 11.70 19.49
C ARG A 131 -5.05 11.73 19.38
N VAL A 132 -5.69 12.57 20.20
CA VAL A 132 -7.15 12.70 20.20
C VAL A 132 -7.60 13.92 19.37
N PRO A 133 -8.88 13.97 18.88
CA PRO A 133 -9.39 15.10 18.07
C PRO A 133 -9.67 16.34 18.90
N GLY A 1 6.66 34.08 -10.83
CA GLY A 1 6.63 32.62 -10.47
C GLY A 1 7.18 32.36 -9.08
N PRO A 2 6.41 32.69 -7.99
CA PRO A 2 6.85 32.47 -6.59
C PRO A 2 6.75 31.00 -6.17
N TRP A 3 7.74 30.55 -5.39
CA TRP A 3 7.78 29.16 -4.91
C TRP A 3 7.55 29.12 -3.40
N LYS A 4 6.91 28.04 -2.95
CA LYS A 4 6.61 27.84 -1.53
C LYS A 4 7.44 26.69 -0.95
N GLU A 5 7.96 26.90 0.26
CA GLU A 5 8.78 25.91 0.95
C GLU A 5 8.06 25.36 2.18
N ASP A 6 8.34 24.09 2.52
CA ASP A 6 7.73 23.44 3.67
C ASP A 6 8.66 23.47 4.88
N SER A 7 8.25 24.22 5.92
CA SER A 7 9.04 24.34 7.15
C SER A 7 8.14 24.27 8.39
N HIS A 8 6.98 24.94 8.32
CA HIS A 8 6.03 24.96 9.43
C HIS A 8 4.79 24.13 9.12
N ILE A 9 4.37 24.12 7.85
CA ILE A 9 3.19 23.35 7.42
C ILE A 9 3.57 21.94 6.96
N VAL A 10 3.56 21.01 7.92
CA VAL A 10 3.89 19.59 7.65
C VAL A 10 3.13 18.66 8.61
N SER A 11 2.92 19.12 9.85
CA SER A 11 2.20 18.35 10.88
C SER A 11 0.68 18.57 10.80
N ALA A 12 0.28 19.59 10.03
CA ALA A 12 -1.14 19.91 9.86
C ALA A 12 -1.71 19.31 8.58
N GLU A 13 -0.81 18.93 7.65
CA GLU A 13 -1.20 18.33 6.36
C GLU A 13 -1.28 16.81 6.44
N VAL A 14 -0.57 16.22 7.44
CA VAL A 14 -0.55 14.76 7.64
C VAL A 14 -1.91 14.19 8.07
N GLY A 15 -2.62 14.94 8.93
CA GLY A 15 -3.92 14.52 9.44
C GLY A 15 -5.00 14.44 8.35
N GLU A 16 -5.01 15.43 7.45
CA GLU A 16 -5.98 15.49 6.34
C GLU A 16 -5.64 14.47 5.25
N LYS A 17 -4.34 14.26 5.03
CA LYS A 17 -3.85 13.30 4.03
C LYS A 17 -4.04 11.85 4.51
N CYS A 18 -3.92 11.65 5.84
CA CYS A 18 -4.10 10.34 6.47
C CYS A 18 -5.58 9.93 6.48
N GLU A 19 -6.46 10.92 6.73
CA GLU A 19 -7.91 10.71 6.75
C GLU A 19 -8.47 10.43 5.34
N ALA A 20 -7.90 11.13 4.34
CA ALA A 20 -8.31 10.97 2.94
C ALA A 20 -7.85 9.63 2.37
N ILE A 21 -6.63 9.22 2.74
CA ILE A 21 -6.06 7.93 2.29
C ILE A 21 -6.78 6.75 2.98
N GLY A 22 -7.28 7.00 4.21
CA GLY A 22 -8.00 5.98 4.97
C GLY A 22 -9.38 5.71 4.37
N VAL A 23 -10.08 6.79 3.96
CA VAL A 23 -11.42 6.66 3.35
C VAL A 23 -11.32 6.05 1.94
N LYS A 24 -10.20 6.34 1.25
CA LYS A 24 -9.93 5.81 -0.10
C LYS A 24 -9.64 4.30 -0.06
N LEU A 25 -8.91 3.87 0.99
CA LEU A 25 -8.55 2.46 1.19
C LEU A 25 -9.79 1.62 1.54
N LEU A 26 -10.68 2.19 2.37
CA LEU A 26 -11.91 1.51 2.80
C LEU A 26 -12.89 1.36 1.62
N HIS A 27 -12.94 2.39 0.76
CA HIS A 27 -13.81 2.39 -0.42
C HIS A 27 -13.30 1.39 -1.46
N LEU A 28 -11.97 1.25 -1.55
CA LEU A 28 -11.32 0.31 -2.49
C LEU A 28 -11.46 -1.14 -2.00
N GLU A 29 -11.55 -1.31 -0.67
CA GLU A 29 -11.71 -2.65 -0.07
C GLU A 29 -13.11 -3.19 -0.33
N ASP A 30 -14.13 -2.30 -0.22
CA ASP A 30 -15.52 -2.66 -0.47
C ASP A 30 -15.75 -2.94 -1.97
N GLN A 31 -15.08 -2.13 -2.81
CA GLN A 31 -15.17 -2.28 -4.28
C GLN A 31 -14.39 -3.51 -4.76
N LEU A 32 -13.39 -3.93 -3.96
CA LEU A 32 -12.56 -5.09 -4.27
C LEU A 32 -13.32 -6.39 -3.99
N LEU A 33 -14.07 -6.40 -2.88
CA LEU A 33 -14.88 -7.57 -2.48
C LEU A 33 -16.07 -7.74 -3.43
N GLY A 34 -16.67 -6.61 -3.83
CA GLY A 34 -17.81 -6.62 -4.75
C GLY A 34 -17.41 -6.98 -6.18
N ALA A 35 -16.21 -6.57 -6.58
CA ALA A 35 -15.68 -6.84 -7.93
C ALA A 35 -15.09 -8.25 -8.05
N MET A 36 -14.68 -8.82 -6.90
CA MET A 36 -14.08 -10.16 -6.85
C MET A 36 -15.15 -11.26 -6.82
N TYR A 37 -16.24 -11.01 -6.09
CA TYR A 37 -17.36 -11.97 -5.97
C TYR A 37 -18.30 -11.92 -7.17
N SER A 38 -18.52 -10.71 -7.71
CA SER A 38 -19.40 -10.52 -8.88
C SER A 38 -18.65 -10.72 -10.20
N HIS A 39 -17.31 -10.63 -10.16
CA HIS A 39 -16.44 -10.79 -11.36
C HIS A 39 -16.72 -9.73 -12.43
N ASP A 40 -15.75 -8.84 -12.63
CA ASP A 40 -15.86 -7.76 -13.62
C ASP A 40 -14.52 -7.55 -14.35
N GLU A 41 -14.51 -6.65 -15.34
CA GLU A 41 -13.30 -6.34 -16.11
C GLU A 41 -12.91 -4.87 -15.98
N ALA A 42 -13.91 -3.99 -16.07
CA ALA A 42 -13.70 -2.53 -15.97
C ALA A 42 -13.25 -2.08 -14.57
N LEU A 43 -13.78 -2.75 -13.53
CA LEU A 43 -13.45 -2.43 -12.13
C LEU A 43 -12.00 -2.81 -11.77
N PHE A 44 -11.49 -3.88 -12.40
CA PHE A 44 -10.11 -4.35 -12.15
C PHE A 44 -9.08 -3.36 -12.70
N GLN A 45 -9.43 -2.68 -13.81
CA GLN A 45 -8.56 -1.69 -14.43
C GLN A 45 -8.57 -0.39 -13.63
N SER A 46 -9.78 0.00 -13.16
CA SER A 46 -9.98 1.19 -12.33
C SER A 46 -9.33 1.01 -10.95
N LEU A 47 -9.44 -0.20 -10.41
CA LEU A 47 -8.88 -0.55 -9.09
C LEU A 47 -7.34 -0.60 -9.14
N GLN A 48 -6.81 -1.10 -10.27
CA GLN A 48 -5.35 -1.21 -10.47
C GLN A 48 -4.69 0.17 -10.57
N GLY A 49 -5.37 1.08 -11.29
CA GLY A 49 -4.87 2.45 -11.46
C GLY A 49 -4.96 3.26 -10.19
N GLU A 50 -6.05 3.04 -9.41
CA GLU A 50 -6.28 3.74 -8.14
C GLU A 50 -5.31 3.25 -7.06
N LEU A 51 -5.01 1.94 -7.07
CA LEU A 51 -4.09 1.33 -6.10
C LEU A 51 -2.65 1.77 -6.38
N GLN A 52 -2.31 1.94 -7.67
CA GLN A 52 -0.97 2.37 -8.10
C GLN A 52 -0.74 3.85 -7.75
N THR A 53 -1.81 4.67 -7.85
CA THR A 53 -1.74 6.10 -7.54
C THR A 53 -1.62 6.35 -6.02
N VAL A 54 -2.29 5.49 -5.23
CA VAL A 54 -2.24 5.58 -3.76
C VAL A 54 -0.88 5.09 -3.23
N LYS A 55 -0.31 4.09 -3.91
CA LYS A 55 1.00 3.52 -3.54
C LYS A 55 2.14 4.49 -3.86
N GLU A 56 2.00 5.23 -4.98
CA GLU A 56 2.99 6.23 -5.40
C GLU A 56 2.95 7.47 -4.51
N THR A 57 1.73 7.87 -4.11
CA THR A 57 1.53 9.03 -3.23
C THR A 57 1.96 8.70 -1.79
N LEU A 58 1.81 7.42 -1.41
CA LEU A 58 2.19 6.93 -0.08
C LEU A 58 3.71 6.88 0.06
N GLN A 59 4.39 6.47 -1.03
CA GLN A 59 5.85 6.39 -1.06
C GLN A 59 6.48 7.79 -1.02
N ALA A 60 5.84 8.74 -1.73
CA ALA A 60 6.29 10.13 -1.78
C ALA A 60 6.07 10.83 -0.42
N MET A 61 5.02 10.41 0.29
CA MET A 61 4.68 10.96 1.62
C MET A 61 5.69 10.52 2.68
N ILE A 62 6.08 9.24 2.64
CA ILE A 62 7.04 8.68 3.60
C ILE A 62 8.49 9.12 3.28
N LEU A 63 8.75 9.44 2.01
CA LEU A 63 10.07 9.89 1.56
C LEU A 63 10.25 11.40 1.80
N GLN A 64 9.13 12.14 1.81
CA GLN A 64 9.15 13.59 2.04
C GLN A 64 9.10 13.94 3.52
N LEU A 65 8.45 13.08 4.32
CA LEU A 65 8.32 13.29 5.76
C LEU A 65 9.45 12.59 6.54
N GLN A 66 9.83 11.40 6.07
CA GLN A 66 10.89 10.60 6.71
C GLN A 66 12.06 10.37 5.73
N PRO A 67 13.31 10.80 6.08
CA PRO A 67 14.49 10.60 5.20
C PRO A 67 14.84 9.12 4.97
N THR A 68 14.64 8.29 6.03
CA THR A 68 14.90 6.84 6.00
C THR A 68 16.31 6.49 5.51
N LYS A 69 17.16 6.04 6.44
CA LYS A 69 18.54 5.67 6.14
C LYS A 69 18.69 4.14 6.08
N GLU A 70 19.46 3.67 5.09
CA GLU A 70 19.70 2.23 4.92
C GLU A 70 21.19 1.94 4.82
N ALA A 71 21.58 0.76 5.30
CA ALA A 71 22.98 0.33 5.28
C ALA A 71 23.15 -1.01 4.55
N GLY A 72 22.23 -1.94 4.83
CA GLY A 72 22.28 -3.26 4.20
C GLY A 72 21.80 -4.37 5.12
N GLU A 73 20.58 -4.20 5.65
CA GLU A 73 19.98 -5.19 6.55
C GLU A 73 18.58 -5.57 6.10
N ALA A 74 18.21 -6.84 6.33
CA ALA A 74 16.90 -7.34 5.94
C ALA A 74 16.09 -7.77 7.17
N SER A 75 16.75 -8.47 8.10
CA SER A 75 16.11 -8.95 9.33
C SER A 75 16.90 -8.51 10.56
N ALA A 76 16.18 -7.96 11.54
CA ALA A 76 16.78 -7.49 12.79
C ALA A 76 16.10 -8.10 14.02
N SER A 77 14.77 -8.18 13.97
CA SER A 77 13.98 -8.74 15.08
C SER A 77 13.62 -10.20 14.81
N TYR A 78 13.23 -10.51 13.57
CA TYR A 78 12.85 -11.87 13.18
C TYR A 78 13.67 -12.33 11.96
N PRO A 79 14.58 -13.35 12.12
CA PRO A 79 15.40 -13.88 11.00
C PRO A 79 14.56 -14.58 9.93
N THR A 80 15.03 -14.47 8.68
CA THR A 80 14.33 -15.09 7.54
C THR A 80 15.33 -15.74 6.58
N ALA A 81 15.06 -17.01 6.24
CA ALA A 81 15.92 -17.77 5.34
C ALA A 81 15.12 -18.34 4.17
N GLY A 82 13.93 -18.88 4.47
CA GLY A 82 13.07 -19.46 3.44
C GLY A 82 12.75 -20.91 3.70
N ALA A 83 11.80 -21.16 4.61
CA ALA A 83 11.39 -22.51 4.97
C ALA A 83 9.88 -22.67 4.81
N GLN A 84 9.48 -23.84 4.30
CA GLN A 84 8.06 -24.15 4.09
C GLN A 84 7.53 -25.06 5.19
N GLU A 85 6.37 -24.70 5.73
CA GLU A 85 5.73 -25.47 6.81
C GLU A 85 4.27 -25.78 6.46
N THR A 86 3.81 -26.95 6.90
CA THR A 86 2.44 -27.39 6.65
C THR A 86 1.73 -27.76 7.95
N GLU A 87 0.46 -27.41 8.05
CA GLU A 87 -0.35 -27.70 9.23
C GLU A 87 -1.50 -28.65 8.89
N ALA A 88 -1.64 -29.72 9.71
CA ALA A 88 -2.69 -30.75 9.54
C ALA A 88 -2.56 -31.51 8.22
N LEU A 89 -2.48 -32.84 8.31
CA LEU A 89 -2.35 -33.70 7.13
C LEU A 89 -3.55 -34.62 7.00
N VAL A 90 -4.15 -34.63 5.80
CA VAL A 90 -5.33 -35.46 5.52
C VAL A 90 -5.25 -36.07 4.09
N PRO A 91 -5.98 -37.19 3.81
CA PRO A 91 -5.96 -37.84 2.48
C PRO A 91 -6.78 -37.06 1.44
N ARG A 92 -6.44 -37.25 0.16
CA ARG A 92 -7.13 -36.59 -0.95
C ARG A 92 -7.53 -37.60 -2.02
N GLY A 93 -8.81 -37.51 -2.43
CA GLY A 93 -9.32 -38.42 -3.45
C GLY A 93 -9.76 -37.70 -4.71
N SER A 94 -10.75 -36.79 -4.55
CA SER A 94 -11.26 -36.01 -5.67
C SER A 94 -10.96 -34.53 -5.50
N GLY A 95 -10.57 -33.88 -6.60
CA GLY A 95 -10.24 -32.47 -6.58
C GLY A 95 -9.24 -32.08 -7.64
N PHE A 96 -9.55 -31.02 -8.39
CA PHE A 96 -8.68 -30.53 -9.46
C PHE A 96 -8.41 -29.03 -9.32
N GLY A 97 -9.46 -28.26 -9.02
CA GLY A 97 -9.34 -26.82 -8.85
C GLY A 97 -10.24 -26.28 -7.77
N LYS A 98 -10.65 -25.00 -7.92
CA LYS A 98 -11.54 -24.30 -6.96
C LYS A 98 -10.89 -24.13 -5.57
N ASN A 99 -11.15 -22.97 -4.94
CA ASN A 99 -10.61 -22.62 -3.60
C ASN A 99 -9.07 -22.51 -3.58
N GLU A 100 -8.47 -22.41 -4.78
CA GLU A 100 -7.02 -22.30 -4.91
C GLU A 100 -6.63 -21.03 -5.68
N ALA A 101 -7.47 -20.65 -6.66
CA ALA A 101 -7.24 -19.46 -7.49
C ALA A 101 -7.61 -18.18 -6.73
N LEU A 102 -8.58 -18.29 -5.81
CA LEU A 102 -9.04 -17.16 -4.99
C LEU A 102 -8.14 -16.91 -3.78
N LYS A 103 -7.46 -17.98 -3.30
CA LYS A 103 -6.56 -17.91 -2.15
C LYS A 103 -5.26 -17.17 -2.47
N GLU A 104 -4.76 -17.35 -3.71
CA GLU A 104 -3.53 -16.70 -4.18
C GLU A 104 -3.66 -15.18 -4.23
N LYS A 105 -4.80 -14.70 -4.76
CA LYS A 105 -5.08 -13.26 -4.88
C LYS A 105 -5.47 -12.65 -3.52
N ALA A 106 -6.17 -13.46 -2.70
CA ALA A 106 -6.60 -13.03 -1.36
C ALA A 106 -5.42 -12.93 -0.40
N ASP A 107 -4.44 -13.84 -0.57
CA ASP A 107 -3.23 -13.87 0.27
C ASP A 107 -2.25 -12.75 -0.11
N SER A 108 -2.14 -12.47 -1.43
CA SER A 108 -1.25 -11.41 -1.93
C SER A 108 -1.75 -10.03 -1.54
N LEU A 109 -3.07 -9.84 -1.62
CA LEU A 109 -3.73 -8.56 -1.27
C LEU A 109 -3.73 -8.34 0.24
N ALA A 110 -3.91 -9.45 1.00
CA ALA A 110 -3.93 -9.40 2.47
C ALA A 110 -2.56 -9.05 3.03
N LYS A 111 -1.51 -9.55 2.35
CA LYS A 111 -0.11 -9.31 2.75
C LYS A 111 0.30 -7.87 2.42
N GLU A 112 -0.22 -7.34 1.29
CA GLU A 112 0.05 -5.97 0.87
C GLU A 112 -0.63 -4.95 1.78
N ILE A 113 -1.80 -5.33 2.34
CA ILE A 113 -2.56 -4.47 3.26
C ILE A 113 -1.90 -4.51 4.66
N GLN A 114 -1.33 -5.66 5.02
CA GLN A 114 -0.64 -5.83 6.31
C GLN A 114 0.63 -4.98 6.37
N TYR A 115 1.35 -4.92 5.24
CA TYR A 115 2.57 -4.10 5.13
C TYR A 115 2.21 -2.62 5.01
N LEU A 116 1.09 -2.35 4.34
CA LEU A 116 0.57 -1.00 4.15
C LEU A 116 0.06 -0.42 5.48
N LYS A 117 -0.59 -1.27 6.28
CA LYS A 117 -1.11 -0.90 7.60
C LYS A 117 0.02 -0.70 8.60
N ASP A 118 1.09 -1.49 8.44
CA ASP A 118 2.29 -1.40 9.28
C ASP A 118 3.04 -0.09 9.03
N LEU A 119 3.02 0.36 7.75
CA LEU A 119 3.67 1.61 7.34
C LEU A 119 2.91 2.84 7.85
N ILE A 120 1.56 2.74 7.88
CA ILE A 120 0.70 3.82 8.38
C ILE A 120 0.86 3.95 9.91
N GLU A 121 1.04 2.81 10.58
CA GLU A 121 1.23 2.76 12.04
C GLU A 121 2.60 3.28 12.44
N GLU A 122 3.60 3.06 11.58
CA GLU A 122 4.98 3.51 11.81
C GLU A 122 5.13 5.02 11.59
N VAL A 123 4.35 5.56 10.63
CA VAL A 123 4.38 6.99 10.34
C VAL A 123 3.60 7.79 11.41
N ARG A 124 2.53 7.17 11.93
CA ARG A 124 1.69 7.77 12.99
C ARG A 124 2.44 7.80 14.32
N LYS A 125 3.20 6.72 14.59
CA LYS A 125 3.98 6.59 15.83
C LYS A 125 5.22 7.50 15.82
N ALA A 126 5.86 7.62 14.65
CA ALA A 126 7.06 8.44 14.47
C ALA A 126 6.73 9.94 14.43
N ARG A 127 5.65 10.29 13.72
CA ARG A 127 5.21 11.69 13.61
C ARG A 127 3.77 11.84 14.08
N GLY A 128 3.51 12.93 14.81
CA GLY A 128 2.18 13.21 15.32
C GLY A 128 2.05 12.85 16.79
N LYS A 129 1.24 13.65 17.51
CA LYS A 129 1.01 13.44 18.95
C LYS A 129 -0.32 12.71 19.17
N LYS A 130 -0.25 11.63 19.97
CA LYS A 130 -1.44 10.83 20.29
C LYS A 130 -1.97 11.17 21.69
N ARG A 131 -3.29 11.43 21.78
CA ARG A 131 -3.97 11.77 23.05
C ARG A 131 -3.46 13.09 23.64
N VAL A 132 -4.39 14.01 23.89
CA VAL A 132 -4.05 15.32 24.46
C VAL A 132 -4.79 15.55 25.81
N PRO A 133 -4.29 16.48 26.70
CA PRO A 133 -4.93 16.76 27.99
C PRO A 133 -6.22 17.58 27.86
N GLY A 1 8.82 18.45 -14.20
CA GLY A 1 9.03 17.88 -12.85
C GLY A 1 9.15 18.96 -11.77
N PRO A 2 8.02 19.57 -11.32
CA PRO A 2 8.04 20.63 -10.27
C PRO A 2 8.25 20.06 -8.87
N TRP A 3 9.13 20.72 -8.10
CA TRP A 3 9.43 20.31 -6.73
C TRP A 3 8.69 21.19 -5.72
N LYS A 4 8.20 20.55 -4.66
CA LYS A 4 7.47 21.26 -3.60
C LYS A 4 8.37 21.47 -2.38
N GLU A 5 8.28 22.67 -1.79
CA GLU A 5 9.08 23.03 -0.62
C GLU A 5 8.24 22.92 0.65
N ASP A 6 8.77 22.23 1.66
CA ASP A 6 8.09 22.03 2.94
C ASP A 6 8.84 22.75 4.05
N SER A 7 8.11 23.64 4.77
CA SER A 7 8.69 24.41 5.86
C SER A 7 7.76 24.42 7.08
N HIS A 8 6.45 24.58 6.83
CA HIS A 8 5.44 24.63 7.90
C HIS A 8 4.32 23.62 7.66
N ILE A 9 4.02 23.35 6.39
CA ILE A 9 2.96 22.40 6.02
C ILE A 9 3.48 20.96 5.93
N VAL A 10 3.41 20.26 7.07
CA VAL A 10 3.86 18.86 7.18
C VAL A 10 3.05 18.10 8.23
N SER A 11 2.72 18.78 9.34
CA SER A 11 1.95 18.19 10.43
C SER A 11 0.44 18.37 10.22
N ALA A 12 0.06 19.26 9.31
CA ALA A 12 -1.34 19.54 9.00
C ALA A 12 -1.82 18.74 7.78
N GLU A 13 -0.87 18.19 7.02
CA GLU A 13 -1.17 17.41 5.81
C GLU A 13 -1.28 15.91 6.12
N VAL A 14 -0.65 15.48 7.22
CA VAL A 14 -0.65 14.06 7.65
C VAL A 14 -2.05 13.56 8.05
N GLY A 15 -2.80 14.42 8.75
CA GLY A 15 -4.16 14.07 9.19
C GLY A 15 -5.17 13.98 8.05
N GLU A 16 -5.07 14.92 7.10
CA GLU A 16 -5.97 14.98 5.94
C GLU A 16 -5.65 13.87 4.93
N LYS A 17 -4.35 13.55 4.79
CA LYS A 17 -3.88 12.50 3.87
C LYS A 17 -4.25 11.11 4.39
N CYS A 18 -4.19 10.94 5.72
CA CYS A 18 -4.52 9.67 6.37
C CYS A 18 -6.04 9.41 6.33
N GLU A 19 -6.81 10.50 6.49
CA GLU A 19 -8.28 10.43 6.46
C GLU A 19 -8.79 10.13 5.04
N ALA A 20 -8.09 10.65 4.03
CA ALA A 20 -8.45 10.45 2.62
C ALA A 20 -8.15 9.02 2.16
N ILE A 21 -6.99 8.49 2.58
CA ILE A 21 -6.59 7.12 2.24
C ILE A 21 -7.45 6.11 3.03
N GLY A 22 -7.93 6.54 4.21
CA GLY A 22 -8.79 5.70 5.04
C GLY A 22 -10.17 5.49 4.42
N VAL A 23 -10.77 6.59 3.93
CA VAL A 23 -12.10 6.52 3.29
C VAL A 23 -12.03 5.82 1.92
N LYS A 24 -10.89 6.00 1.24
CA LYS A 24 -10.65 5.38 -0.07
C LYS A 24 -10.37 3.88 0.07
N LEU A 25 -9.72 3.51 1.19
CA LEU A 25 -9.40 2.11 1.50
C LEU A 25 -10.68 1.31 1.83
N LEU A 26 -11.59 1.94 2.59
CA LEU A 26 -12.87 1.32 2.96
C LEU A 26 -13.78 1.15 1.75
N HIS A 27 -13.80 2.18 0.88
CA HIS A 27 -14.60 2.17 -0.35
C HIS A 27 -14.03 1.17 -1.37
N LEU A 28 -12.69 1.00 -1.33
CA LEU A 28 -11.98 0.07 -2.20
C LEU A 28 -12.20 -1.39 -1.76
N GLU A 29 -12.41 -1.57 -0.44
CA GLU A 29 -12.65 -2.91 0.14
C GLU A 29 -14.06 -3.41 -0.22
N ASP A 30 -15.04 -2.48 -0.17
CA ASP A 30 -16.43 -2.79 -0.52
C ASP A 30 -16.57 -3.05 -2.02
N GLN A 31 -15.81 -2.28 -2.82
CA GLN A 31 -15.79 -2.42 -4.28
C GLN A 31 -15.02 -3.67 -4.70
N LEU A 32 -14.07 -4.10 -3.85
CA LEU A 32 -13.25 -5.30 -4.09
C LEU A 32 -14.08 -6.57 -3.91
N LEU A 33 -14.93 -6.57 -2.87
CA LEU A 33 -15.82 -7.70 -2.57
C LEU A 33 -16.93 -7.81 -3.62
N GLY A 34 -17.46 -6.63 -4.04
CA GLY A 34 -18.50 -6.58 -5.06
C GLY A 34 -17.99 -6.91 -6.46
N ALA A 35 -16.70 -6.66 -6.69
CA ALA A 35 -16.06 -6.92 -7.99
C ALA A 35 -15.67 -8.40 -8.14
N MET A 36 -15.29 -9.04 -7.01
CA MET A 36 -14.89 -10.45 -7.00
C MET A 36 -16.09 -11.40 -7.02
N TYR A 37 -17.19 -10.99 -6.38
CA TYR A 37 -18.43 -11.80 -6.32
C TYR A 37 -19.26 -11.66 -7.59
N SER A 38 -19.37 -10.42 -8.11
CA SER A 38 -20.13 -10.13 -9.32
C SER A 38 -19.28 -10.32 -10.59
N HIS A 39 -17.95 -10.33 -10.42
CA HIS A 39 -16.97 -10.50 -11.54
C HIS A 39 -17.06 -9.35 -12.55
N ASP A 40 -15.98 -8.55 -12.61
CA ASP A 40 -15.90 -7.41 -13.54
C ASP A 40 -14.50 -7.28 -14.13
N GLU A 41 -14.37 -6.44 -15.17
CA GLU A 41 -13.08 -6.22 -15.84
C GLU A 41 -12.59 -4.78 -15.65
N ALA A 42 -13.53 -3.82 -15.76
CA ALA A 42 -13.22 -2.39 -15.60
C ALA A 42 -12.79 -2.02 -14.17
N LEU A 43 -13.33 -2.75 -13.18
CA LEU A 43 -13.02 -2.52 -11.76
C LEU A 43 -11.58 -2.90 -11.40
N PHE A 44 -11.01 -3.88 -12.13
CA PHE A 44 -9.64 -4.33 -11.89
C PHE A 44 -8.61 -3.32 -12.40
N GLN A 45 -8.94 -2.66 -13.53
CA GLN A 45 -8.08 -1.64 -14.14
C GLN A 45 -8.07 -0.36 -13.31
N SER A 46 -9.27 0.01 -12.81
CA SER A 46 -9.45 1.20 -11.97
C SER A 46 -8.80 1.00 -10.59
N LEU A 47 -8.85 -0.26 -10.11
CA LEU A 47 -8.27 -0.64 -8.82
C LEU A 47 -6.73 -0.62 -8.86
N GLN A 48 -6.18 -1.01 -10.01
CA GLN A 48 -4.72 -1.04 -10.22
C GLN A 48 -4.15 0.38 -10.34
N GLY A 49 -4.89 1.27 -11.02
CA GLY A 49 -4.48 2.65 -11.19
C GLY A 49 -4.57 3.46 -9.90
N GLU A 50 -5.60 3.17 -9.10
CA GLU A 50 -5.83 3.84 -7.80
C GLU A 50 -4.79 3.38 -6.77
N LEU A 51 -4.41 2.10 -6.83
CA LEU A 51 -3.42 1.52 -5.92
C LEU A 51 -2.02 2.05 -6.23
N GLN A 52 -1.75 2.27 -7.54
CA GLN A 52 -0.46 2.80 -8.00
C GLN A 52 -0.31 4.29 -7.66
N THR A 53 -1.44 5.01 -7.68
CA THR A 53 -1.46 6.45 -7.36
C THR A 53 -1.30 6.70 -5.85
N VAL A 54 -1.87 5.78 -5.04
CA VAL A 54 -1.77 5.86 -3.57
C VAL A 54 -0.36 5.47 -3.10
N LYS A 55 0.26 4.51 -3.81
CA LYS A 55 1.61 4.04 -3.51
C LYS A 55 2.67 5.09 -3.88
N GLU A 56 2.43 5.79 -5.00
CA GLU A 56 3.33 6.85 -5.48
C GLU A 56 3.24 8.10 -4.61
N THR A 57 2.02 8.40 -4.13
CA THR A 57 1.76 9.56 -3.26
C THR A 57 2.29 9.31 -1.85
N LEU A 58 2.23 8.04 -1.41
CA LEU A 58 2.72 7.63 -0.09
C LEU A 58 4.25 7.67 -0.04
N GLN A 59 4.89 7.24 -1.15
CA GLN A 59 6.35 7.23 -1.26
C GLN A 59 6.91 8.65 -1.36
N ALA A 60 6.16 9.52 -2.07
CA ALA A 60 6.53 10.93 -2.25
C ALA A 60 6.37 11.71 -0.93
N MET A 61 5.40 11.27 -0.10
CA MET A 61 5.13 11.90 1.20
C MET A 61 6.24 11.57 2.21
N ILE A 62 6.66 10.29 2.23
CA ILE A 62 7.74 9.83 3.13
C ILE A 62 9.12 10.28 2.65
N LEU A 63 9.22 10.57 1.35
CA LEU A 63 10.48 11.04 0.74
C LEU A 63 10.67 12.54 0.98
N GLN A 64 9.54 13.27 1.04
CA GLN A 64 9.54 14.72 1.29
C GLN A 64 9.48 15.01 2.80
N LEU A 65 9.08 14.00 3.59
CA LEU A 65 8.98 14.12 5.05
C LEU A 65 10.36 14.05 5.72
N GLN A 66 11.25 13.22 5.16
CA GLN A 66 12.60 13.05 5.68
C GLN A 66 13.60 13.94 4.92
N PRO A 67 14.80 14.28 5.51
CA PRO A 67 15.80 15.12 4.84
C PRO A 67 16.54 14.38 3.72
N THR A 68 16.70 15.07 2.58
CA THR A 68 17.39 14.51 1.41
C THR A 68 18.30 15.55 0.75
N LYS A 69 19.39 15.08 0.15
CA LYS A 69 20.36 15.94 -0.53
C LYS A 69 20.56 15.51 -1.97
N GLU A 70 20.56 16.50 -2.88
CA GLU A 70 20.75 16.24 -4.31
C GLU A 70 21.86 17.12 -4.88
N ALA A 71 22.59 16.58 -5.85
CA ALA A 71 23.69 17.31 -6.50
C ALA A 71 23.25 17.90 -7.83
N GLY A 72 23.58 19.18 -8.03
CA GLY A 72 23.22 19.88 -9.25
C GLY A 72 22.08 20.86 -9.06
N GLU A 73 22.36 22.15 -9.29
CA GLU A 73 21.36 23.20 -9.14
C GLU A 73 21.16 23.94 -10.46
N ALA A 74 19.90 24.11 -10.84
CA ALA A 74 19.54 24.80 -12.08
C ALA A 74 18.86 26.14 -11.79
N SER A 75 19.24 27.16 -12.57
CA SER A 75 18.68 28.51 -12.41
C SER A 75 17.58 28.77 -13.44
N ALA A 76 17.82 28.35 -14.69
CA ALA A 76 16.87 28.53 -15.78
C ALA A 76 16.44 27.20 -16.36
N SER A 77 15.14 27.08 -16.66
CA SER A 77 14.57 25.85 -17.22
C SER A 77 14.02 26.10 -18.63
N TYR A 78 14.41 25.24 -19.57
CA TYR A 78 13.97 25.34 -20.95
C TYR A 78 13.44 23.99 -21.46
N PRO A 79 12.57 23.96 -22.53
CA PRO A 79 12.02 22.70 -23.07
C PRO A 79 13.05 21.91 -23.90
N THR A 80 13.23 20.64 -23.52
CA THR A 80 14.17 19.75 -24.21
C THR A 80 13.61 18.34 -24.34
N ALA A 81 13.10 17.80 -23.22
CA ALA A 81 12.52 16.45 -23.18
C ALA A 81 11.13 16.46 -22.56
N GLY A 82 10.28 15.54 -23.02
CA GLY A 82 8.92 15.44 -22.51
C GLY A 82 8.71 14.20 -21.67
N ALA A 83 8.86 13.02 -22.29
CA ALA A 83 8.69 11.75 -21.60
C ALA A 83 9.91 10.86 -21.77
N GLN A 84 10.18 10.03 -20.76
CA GLN A 84 11.33 9.12 -20.78
C GLN A 84 10.90 7.71 -21.20
N GLU A 85 11.74 7.06 -22.00
CA GLU A 85 11.47 5.71 -22.48
C GLU A 85 12.28 4.67 -21.70
N THR A 86 11.70 3.49 -21.53
CA THR A 86 12.35 2.39 -20.80
C THR A 86 12.16 1.06 -21.54
N GLU A 87 13.13 0.14 -21.33
CA GLU A 87 13.10 -1.18 -21.97
C GLU A 87 12.58 -2.24 -20.99
N ALA A 88 11.73 -3.14 -21.52
CA ALA A 88 11.11 -4.24 -20.73
C ALA A 88 10.24 -3.73 -19.59
N LEU A 89 8.95 -4.09 -19.63
CA LEU A 89 7.99 -3.68 -18.61
C LEU A 89 7.16 -4.88 -18.13
N VAL A 90 6.85 -4.88 -16.83
CA VAL A 90 6.07 -5.96 -16.21
C VAL A 90 4.83 -5.41 -15.46
N PRO A 91 3.64 -5.34 -16.12
CA PRO A 91 2.40 -4.83 -15.50
C PRO A 91 1.82 -5.80 -14.45
N ARG A 92 1.91 -7.11 -14.74
CA ARG A 92 1.41 -8.19 -13.86
C ARG A 92 -0.11 -8.13 -13.68
N GLY A 93 -0.78 -9.26 -13.95
CA GLY A 93 -2.23 -9.32 -13.82
C GLY A 93 -2.82 -10.48 -14.61
N SER A 94 -2.41 -11.70 -14.25
CA SER A 94 -2.90 -12.91 -14.93
C SER A 94 -3.87 -13.68 -14.03
N GLY A 95 -4.88 -14.29 -14.65
CA GLY A 95 -5.87 -15.06 -13.91
C GLY A 95 -6.58 -16.08 -14.78
N PHE A 96 -5.87 -17.17 -15.08
CA PHE A 96 -6.43 -18.25 -15.91
C PHE A 96 -6.78 -19.47 -15.07
N GLY A 97 -7.97 -20.01 -15.28
CA GLY A 97 -8.43 -21.18 -14.54
C GLY A 97 -9.37 -20.82 -13.41
N LYS A 98 -9.42 -21.69 -12.39
CA LYS A 98 -10.28 -21.48 -11.22
C LYS A 98 -9.45 -21.52 -9.92
N ASN A 99 -8.51 -22.47 -9.84
CA ASN A 99 -7.65 -22.62 -8.67
C ASN A 99 -6.30 -21.96 -8.89
N GLU A 100 -5.63 -21.57 -7.77
CA GLU A 100 -4.31 -20.90 -7.77
C GLU A 100 -4.36 -19.45 -8.29
N ALA A 101 -5.34 -19.16 -9.16
CA ALA A 101 -5.51 -17.81 -9.73
C ALA A 101 -6.17 -16.85 -8.74
N LEU A 102 -7.02 -17.39 -7.86
CA LEU A 102 -7.72 -16.59 -6.84
C LEU A 102 -6.88 -16.41 -5.58
N LYS A 103 -6.03 -17.41 -5.28
CA LYS A 103 -5.15 -17.39 -4.10
C LYS A 103 -3.98 -16.41 -4.28
N GLU A 104 -3.42 -16.38 -5.49
CA GLU A 104 -2.29 -15.49 -5.82
C GLU A 104 -2.70 -14.01 -5.74
N LYS A 105 -3.93 -13.71 -6.21
CA LYS A 105 -4.46 -12.34 -6.21
C LYS A 105 -4.90 -11.92 -4.80
N ALA A 106 -5.44 -12.87 -4.04
CA ALA A 106 -5.91 -12.62 -2.66
C ALA A 106 -4.73 -12.40 -1.70
N ASP A 107 -3.65 -13.18 -1.91
CA ASP A 107 -2.44 -13.09 -1.09
C ASP A 107 -1.61 -11.85 -1.45
N SER A 108 -1.62 -11.47 -2.74
CA SER A 108 -0.88 -10.30 -3.22
C SER A 108 -1.53 -9.00 -2.74
N LEU A 109 -2.87 -8.97 -2.73
CA LEU A 109 -3.64 -7.80 -2.28
C LEU A 109 -3.57 -7.65 -0.76
N ALA A 110 -3.61 -8.79 -0.05
CA ALA A 110 -3.52 -8.81 1.42
C ALA A 110 -2.14 -8.38 1.92
N LYS A 111 -1.11 -8.75 1.15
CA LYS A 111 0.28 -8.41 1.48
C LYS A 111 0.57 -6.94 1.17
N GLU A 112 -0.11 -6.40 0.14
CA GLU A 112 0.04 -5.00 -0.27
C GLU A 112 -0.65 -4.06 0.73
N ILE A 113 -1.76 -4.53 1.32
CA ILE A 113 -2.51 -3.74 2.32
C ILE A 113 -1.81 -3.81 3.69
N GLN A 114 -1.16 -4.96 3.97
CA GLN A 114 -0.41 -5.15 5.22
C GLN A 114 0.86 -4.28 5.24
N TYR A 115 1.49 -4.14 4.06
CA TYR A 115 2.69 -3.31 3.91
C TYR A 115 2.31 -1.82 3.89
N LEU A 116 1.13 -1.53 3.29
CA LEU A 116 0.60 -0.17 3.20
C LEU A 116 0.13 0.33 4.58
N LYS A 117 -0.49 -0.58 5.35
CA LYS A 117 -0.98 -0.26 6.70
C LYS A 117 0.19 -0.12 7.68
N ASP A 118 1.23 -0.94 7.48
CA ASP A 118 2.44 -0.91 8.32
C ASP A 118 3.24 0.37 8.07
N LEU A 119 3.21 0.87 6.82
CA LEU A 119 3.93 2.08 6.43
C LEU A 119 3.27 3.33 7.04
N ILE A 120 1.93 3.39 6.97
CA ILE A 120 1.18 4.52 7.53
C ILE A 120 1.21 4.52 9.07
N GLU A 121 1.30 3.31 9.66
CA GLU A 121 1.38 3.13 11.12
C GLU A 121 2.75 3.55 11.65
N GLU A 122 3.81 3.33 10.85
CA GLU A 122 5.19 3.67 11.22
C GLU A 122 5.41 5.19 11.16
N VAL A 123 4.83 5.84 10.14
CA VAL A 123 4.95 7.30 9.97
C VAL A 123 4.08 8.02 11.02
N ARG A 124 2.92 7.41 11.35
CA ARG A 124 1.98 7.96 12.34
C ARG A 124 2.56 7.84 13.76
N LYS A 125 3.21 6.70 14.04
CA LYS A 125 3.82 6.43 15.36
C LYS A 125 5.10 7.24 15.56
N ALA A 126 5.81 7.51 14.45
CA ALA A 126 7.07 8.27 14.48
C ALA A 126 6.83 9.78 14.71
N ARG A 127 5.81 10.32 14.05
CA ARG A 127 5.47 11.73 14.16
C ARG A 127 4.04 11.90 14.71
N GLY A 128 3.92 12.71 15.76
CA GLY A 128 2.62 12.97 16.37
C GLY A 128 2.75 13.66 17.72
N LYS A 129 1.79 14.54 18.01
CA LYS A 129 1.78 15.30 19.26
C LYS A 129 0.74 14.72 20.23
N LYS A 130 1.08 14.77 21.52
CA LYS A 130 0.19 14.26 22.58
C LYS A 130 0.01 15.31 23.67
N ARG A 131 -1.25 15.54 24.05
CA ARG A 131 -1.59 16.51 25.09
C ARG A 131 -2.03 15.81 26.37
N VAL A 132 -1.42 16.18 27.49
CA VAL A 132 -1.74 15.60 28.81
C VAL A 132 -2.34 16.63 29.81
N PRO A 133 -1.97 17.96 29.77
CA PRO A 133 -2.53 18.94 30.71
C PRO A 133 -3.96 19.38 30.35
N GLY A 1 22.96 30.26 12.10
CA GLY A 1 21.53 30.09 11.73
C GLY A 1 20.59 30.72 12.75
N PRO A 2 20.36 32.07 12.72
CA PRO A 2 19.47 32.76 13.67
C PRO A 2 17.98 32.53 13.37
N TRP A 3 17.64 32.46 12.08
CA TRP A 3 16.26 32.25 11.65
C TRP A 3 16.12 30.91 10.93
N LYS A 4 15.10 30.15 11.32
CA LYS A 4 14.84 28.83 10.72
C LYS A 4 13.51 28.84 9.95
N GLU A 5 13.53 28.27 8.76
CA GLU A 5 12.33 28.21 7.90
C GLU A 5 11.85 26.77 7.74
N ASP A 6 10.55 26.55 8.09
CA ASP A 6 9.90 25.22 8.01
C ASP A 6 10.64 24.15 8.82
N SER A 7 10.07 23.81 9.99
CA SER A 7 10.65 22.81 10.88
C SER A 7 9.56 21.87 11.41
N HIS A 8 8.42 22.45 11.83
CA HIS A 8 7.29 21.69 12.34
C HIS A 8 6.02 22.05 11.59
N ILE A 9 5.69 21.23 10.59
CA ILE A 9 4.48 21.44 9.76
C ILE A 9 3.81 20.11 9.38
N VAL A 10 4.38 19.00 9.89
CA VAL A 10 3.85 17.65 9.61
C VAL A 10 2.79 17.24 10.65
N SER A 11 1.82 18.13 10.88
CA SER A 11 0.75 17.89 11.84
C SER A 11 -0.63 18.10 11.21
N ALA A 12 -0.73 19.14 10.37
CA ALA A 12 -2.00 19.48 9.69
C ALA A 12 -2.10 18.82 8.32
N GLU A 13 -0.95 18.46 7.74
CA GLU A 13 -0.90 17.81 6.42
C GLU A 13 -0.94 16.29 6.52
N VAL A 14 -0.56 15.75 7.69
CA VAL A 14 -0.54 14.31 7.94
C VAL A 14 -1.94 13.74 8.22
N GLY A 15 -2.73 14.50 8.99
CA GLY A 15 -4.09 14.08 9.35
C GLY A 15 -5.06 14.08 8.18
N GLU A 16 -4.92 15.07 7.27
CA GLU A 16 -5.79 15.20 6.09
C GLU A 16 -5.44 14.16 5.02
N LYS A 17 -4.14 13.92 4.84
CA LYS A 17 -3.65 12.95 3.85
C LYS A 17 -3.94 11.51 4.30
N CYS A 18 -3.82 11.26 5.61
CA CYS A 18 -4.10 9.93 6.19
C CYS A 18 -5.60 9.66 6.20
N GLU A 19 -6.39 10.73 6.39
CA GLU A 19 -7.85 10.63 6.40
C GLU A 19 -8.39 10.33 4.99
N ALA A 20 -7.69 10.86 3.97
CA ALA A 20 -8.06 10.65 2.56
C ALA A 20 -7.74 9.22 2.12
N ILE A 21 -6.60 8.69 2.57
CA ILE A 21 -6.17 7.32 2.26
C ILE A 21 -7.04 6.31 3.02
N GLY A 22 -7.57 6.74 4.18
CA GLY A 22 -8.43 5.89 5.00
C GLY A 22 -9.82 5.70 4.39
N VAL A 23 -10.41 6.81 3.88
CA VAL A 23 -11.74 6.76 3.24
C VAL A 23 -11.68 6.06 1.88
N LYS A 24 -10.54 6.23 1.19
CA LYS A 24 -10.31 5.61 -0.13
C LYS A 24 -10.06 4.11 0.01
N LEU A 25 -9.42 3.72 1.13
CA LEU A 25 -9.10 2.32 1.44
C LEU A 25 -10.38 1.54 1.77
N LEU A 26 -11.30 2.19 2.53
CA LEU A 26 -12.57 1.57 2.94
C LEU A 26 -13.51 1.40 1.73
N HIS A 27 -13.54 2.43 0.86
CA HIS A 27 -14.36 2.40 -0.36
C HIS A 27 -13.81 1.42 -1.39
N LEU A 28 -12.47 1.25 -1.39
CA LEU A 28 -11.80 0.34 -2.31
C LEU A 28 -11.99 -1.13 -1.87
N GLU A 29 -12.11 -1.33 -0.55
CA GLU A 29 -12.32 -2.68 0.02
C GLU A 29 -13.75 -3.17 -0.25
N ASP A 30 -14.72 -2.25 -0.12
CA ASP A 30 -16.13 -2.56 -0.38
C ASP A 30 -16.36 -2.79 -1.88
N GLN A 31 -15.67 -2.00 -2.71
CA GLN A 31 -15.75 -2.11 -4.17
C GLN A 31 -14.99 -3.34 -4.69
N LEU A 32 -14.01 -3.80 -3.89
CA LEU A 32 -13.20 -4.98 -4.23
C LEU A 32 -14.00 -6.27 -3.99
N LEU A 33 -14.77 -6.29 -2.89
CA LEU A 33 -15.61 -7.44 -2.54
C LEU A 33 -16.79 -7.56 -3.51
N GLY A 34 -17.37 -6.40 -3.86
CA GLY A 34 -18.49 -6.35 -4.81
C GLY A 34 -18.08 -6.69 -6.23
N ALA A 35 -16.84 -6.31 -6.60
CA ALA A 35 -16.29 -6.58 -7.94
C ALA A 35 -15.74 -8.00 -8.05
N MET A 36 -15.40 -8.60 -6.90
CA MET A 36 -14.86 -9.96 -6.84
C MET A 36 -15.97 -11.02 -6.93
N TYR A 37 -17.13 -10.70 -6.35
CA TYR A 37 -18.29 -11.61 -6.35
C TYR A 37 -19.05 -11.55 -7.68
N SER A 38 -19.15 -10.35 -8.27
CA SER A 38 -19.84 -10.15 -9.55
C SER A 38 -18.92 -10.42 -10.76
N HIS A 39 -17.59 -10.23 -10.55
CA HIS A 39 -16.55 -10.43 -11.60
C HIS A 39 -16.72 -9.43 -12.75
N ASP A 40 -15.76 -8.51 -12.86
CA ASP A 40 -15.77 -7.48 -13.91
C ASP A 40 -14.34 -7.25 -14.45
N GLU A 41 -14.26 -6.57 -15.61
CA GLU A 41 -12.97 -6.28 -16.24
C GLU A 41 -12.55 -4.82 -16.01
N ALA A 42 -13.52 -3.90 -16.10
CA ALA A 42 -13.28 -2.45 -15.91
C ALA A 42 -12.88 -2.10 -14.48
N LEU A 43 -13.46 -2.83 -13.51
CA LEU A 43 -13.18 -2.61 -12.08
C LEU A 43 -11.76 -3.03 -11.68
N PHE A 44 -11.20 -4.02 -12.40
CA PHE A 44 -9.84 -4.51 -12.14
C PHE A 44 -8.78 -3.51 -12.63
N GLN A 45 -9.08 -2.82 -13.74
CA GLN A 45 -8.18 -1.81 -14.32
C GLN A 45 -8.17 -0.55 -13.45
N SER A 46 -9.35 -0.15 -12.97
CA SER A 46 -9.51 1.02 -12.10
C SER A 46 -8.90 0.76 -10.72
N LEU A 47 -8.97 -0.52 -10.28
CA LEU A 47 -8.42 -0.96 -9.00
C LEU A 47 -6.88 -0.95 -9.02
N GLN A 48 -6.31 -1.32 -10.18
CA GLN A 48 -4.85 -1.35 -10.37
C GLN A 48 -4.26 0.07 -10.44
N GLY A 49 -5.01 0.99 -11.08
CA GLY A 49 -4.58 2.38 -11.19
C GLY A 49 -4.68 3.14 -9.88
N GLU A 50 -5.72 2.81 -9.08
CA GLU A 50 -5.94 3.43 -7.77
C GLU A 50 -4.91 2.94 -6.74
N LEU A 51 -4.54 1.66 -6.85
CA LEU A 51 -3.55 1.03 -5.96
C LEU A 51 -2.14 1.59 -6.24
N GLN A 52 -1.87 1.83 -7.53
CA GLN A 52 -0.58 2.38 -7.97
C GLN A 52 -0.45 3.87 -7.61
N THR A 53 -1.60 4.57 -7.59
CA THR A 53 -1.63 5.99 -7.23
C THR A 53 -1.47 6.21 -5.72
N VAL A 54 -2.00 5.26 -4.92
CA VAL A 54 -1.88 5.31 -3.45
C VAL A 54 -0.46 4.96 -3.00
N LYS A 55 0.18 4.03 -3.73
CA LYS A 55 1.56 3.61 -3.43
C LYS A 55 2.57 4.69 -3.83
N GLU A 56 2.29 5.37 -4.94
CA GLU A 56 3.16 6.47 -5.44
C GLU A 56 3.02 7.72 -4.57
N THR A 57 1.81 7.94 -4.03
CA THR A 57 1.54 9.10 -3.15
C THR A 57 2.14 8.88 -1.76
N LEU A 58 2.16 7.61 -1.31
CA LEU A 58 2.72 7.23 -0.01
C LEU A 58 4.24 7.37 -0.04
N GLN A 59 4.86 6.97 -1.17
CA GLN A 59 6.31 7.06 -1.35
C GLN A 59 6.75 8.53 -1.46
N ALA A 60 5.93 9.33 -2.15
CA ALA A 60 6.18 10.76 -2.34
C ALA A 60 6.03 11.53 -1.02
N MET A 61 5.16 11.00 -0.13
CA MET A 61 4.91 11.60 1.18
C MET A 61 6.09 11.37 2.13
N ILE A 62 6.63 10.15 2.12
CA ILE A 62 7.78 9.78 2.98
C ILE A 62 9.10 10.39 2.47
N LEU A 63 9.17 10.65 1.15
CA LEU A 63 10.36 11.25 0.54
C LEU A 63 10.34 12.78 0.66
N GLN A 64 9.12 13.36 0.70
CA GLN A 64 8.94 14.81 0.82
C GLN A 64 8.82 15.24 2.29
N LEU A 65 8.58 14.26 3.18
CA LEU A 65 8.43 14.53 4.63
C LEU A 65 9.75 15.02 5.25
N GLN A 66 10.87 14.43 4.81
CA GLN A 66 12.19 14.80 5.31
C GLN A 66 12.97 15.60 4.23
N PRO A 67 13.10 16.96 4.38
CA PRO A 67 13.82 17.79 3.40
C PRO A 67 15.34 17.52 3.36
N THR A 68 15.94 17.30 4.54
CA THR A 68 17.37 17.03 4.64
C THR A 68 17.66 15.96 5.69
N LYS A 69 18.76 15.23 5.48
CA LYS A 69 19.18 14.17 6.40
C LYS A 69 20.66 14.31 6.75
N GLU A 70 20.96 14.27 8.06
CA GLU A 70 22.34 14.40 8.55
C GLU A 70 22.89 13.06 8.99
N ALA A 71 24.09 12.72 8.50
CA ALA A 71 24.81 11.45 8.80
C ALA A 71 24.13 10.22 8.19
N GLY A 72 22.83 10.04 8.48
CA GLY A 72 22.09 8.91 7.96
C GLY A 72 21.96 7.78 8.96
N GLU A 73 20.84 7.06 8.90
CA GLU A 73 20.57 5.94 9.81
C GLU A 73 20.56 4.62 9.06
N ALA A 74 21.19 3.61 9.65
CA ALA A 74 21.26 2.27 9.05
C ALA A 74 20.77 1.21 10.03
N SER A 75 20.14 0.15 9.47
CA SER A 75 19.61 -0.95 10.28
C SER A 75 20.56 -2.14 10.25
N ALA A 76 20.86 -2.66 11.44
CA ALA A 76 21.75 -3.81 11.59
C ALA A 76 21.09 -4.91 12.42
N SER A 77 21.40 -6.17 12.07
CA SER A 77 20.85 -7.34 12.76
C SER A 77 21.96 -8.28 13.20
N TYR A 78 21.82 -8.82 14.42
CA TYR A 78 22.79 -9.75 14.99
C TYR A 78 22.34 -11.22 14.86
N PRO A 79 21.05 -11.58 15.15
CA PRO A 79 20.57 -12.98 15.04
C PRO A 79 20.31 -13.41 13.59
N THR A 80 20.44 -14.71 13.34
CA THR A 80 20.23 -15.27 12.00
C THR A 80 19.45 -16.58 12.08
N ALA A 81 18.33 -16.63 11.35
CA ALA A 81 17.47 -17.81 11.31
C ALA A 81 17.22 -18.27 9.88
N GLY A 82 17.20 -19.60 9.69
CA GLY A 82 16.97 -20.17 8.37
C GLY A 82 15.91 -21.25 8.37
N ALA A 83 14.72 -20.89 8.88
CA ALA A 83 13.60 -21.81 8.95
C ALA A 83 12.34 -21.20 8.31
N GLN A 84 11.62 -22.03 7.55
CA GLN A 84 10.39 -21.58 6.88
C GLN A 84 9.24 -22.54 7.18
N GLU A 85 8.11 -21.98 7.61
CA GLU A 85 6.92 -22.76 7.94
C GLU A 85 5.68 -22.17 7.27
N THR A 86 4.80 -23.06 6.78
CA THR A 86 3.56 -22.65 6.11
C THR A 86 2.38 -23.50 6.57
N GLU A 87 1.24 -22.84 6.80
CA GLU A 87 0.02 -23.53 7.25
C GLU A 87 -1.04 -23.48 6.16
N ALA A 88 -1.72 -24.64 5.95
CA ALA A 88 -2.80 -24.80 4.95
C ALA A 88 -2.30 -24.55 3.52
N LEU A 89 -2.39 -25.59 2.68
CA LEU A 89 -1.97 -25.51 1.28
C LEU A 89 -3.03 -26.09 0.34
N VAL A 90 -3.60 -27.23 0.73
CA VAL A 90 -4.63 -27.89 -0.07
C VAL A 90 -5.76 -28.46 0.83
N PRO A 91 -6.98 -27.81 0.86
CA PRO A 91 -8.11 -28.29 1.69
C PRO A 91 -8.63 -29.66 1.26
N ARG A 92 -8.91 -30.52 2.25
CA ARG A 92 -9.41 -31.86 1.99
C ARG A 92 -10.82 -32.04 2.55
N GLY A 93 -11.63 -32.86 1.88
CA GLY A 93 -12.99 -33.11 2.30
C GLY A 93 -13.89 -33.51 1.15
N SER A 94 -15.20 -33.23 1.31
CA SER A 94 -16.19 -33.56 0.28
C SER A 94 -16.64 -32.30 -0.45
N GLY A 95 -16.63 -32.38 -1.79
CA GLY A 95 -17.03 -31.25 -2.62
C GLY A 95 -16.24 -31.16 -3.91
N PHE A 96 -16.93 -30.88 -5.02
CA PHE A 96 -16.30 -30.76 -6.33
C PHE A 96 -16.08 -29.30 -6.69
N GLY A 97 -14.86 -28.99 -7.13
CA GLY A 97 -14.50 -27.63 -7.52
C GLY A 97 -13.32 -27.09 -6.73
N LYS A 98 -12.13 -27.17 -7.34
CA LYS A 98 -10.90 -26.69 -6.70
C LYS A 98 -10.50 -25.32 -7.26
N ASN A 99 -9.93 -24.48 -6.38
CA ASN A 99 -9.49 -23.14 -6.77
C ASN A 99 -7.98 -23.02 -6.70
N GLU A 100 -7.37 -22.62 -7.83
CA GLU A 100 -5.92 -22.45 -7.92
C GLU A 100 -5.57 -21.14 -8.62
N ALA A 101 -6.35 -20.79 -9.65
CA ALA A 101 -6.15 -19.56 -10.42
C ALA A 101 -6.65 -18.33 -9.67
N LEU A 102 -7.68 -18.55 -8.83
CA LEU A 102 -8.30 -17.48 -8.03
C LEU A 102 -7.54 -17.25 -6.72
N LYS A 103 -6.84 -18.29 -6.23
CA LYS A 103 -6.06 -18.21 -4.98
C LYS A 103 -4.81 -17.34 -5.13
N GLU A 104 -4.18 -17.39 -6.32
CA GLU A 104 -2.98 -16.61 -6.62
C GLU A 104 -3.26 -15.09 -6.60
N LYS A 105 -4.39 -14.70 -7.20
CA LYS A 105 -4.81 -13.29 -7.27
C LYS A 105 -5.37 -12.80 -5.93
N ALA A 106 -6.03 -13.70 -5.21
CA ALA A 106 -6.62 -13.40 -3.89
C ALA A 106 -5.53 -13.23 -2.82
N ASP A 107 -4.49 -14.06 -2.91
CA ASP A 107 -3.36 -14.02 -1.96
C ASP A 107 -2.42 -12.84 -2.25
N SER A 108 -2.27 -12.49 -3.55
CA SER A 108 -1.41 -11.37 -3.95
C SER A 108 -2.04 -10.02 -3.57
N LEU A 109 -3.37 -9.92 -3.74
CA LEU A 109 -4.12 -8.70 -3.41
C LEU A 109 -4.26 -8.54 -1.89
N ALA A 110 -4.42 -9.67 -1.19
CA ALA A 110 -4.56 -9.67 0.28
C ALA A 110 -3.24 -9.31 0.97
N LYS A 111 -2.12 -9.73 0.34
CA LYS A 111 -0.77 -9.45 0.87
C LYS A 111 -0.38 -8.00 0.59
N GLU A 112 -0.86 -7.46 -0.54
CA GLU A 112 -0.59 -6.06 -0.94
C GLU A 112 -1.39 -5.07 -0.09
N ILE A 113 -2.60 -5.47 0.33
CA ILE A 113 -3.47 -4.62 1.16
C ILE A 113 -3.01 -4.69 2.63
N GLN A 114 -2.50 -5.86 3.05
CA GLN A 114 -2.00 -6.05 4.42
C GLN A 114 -0.68 -5.28 4.61
N TYR A 115 0.12 -5.25 3.53
CA TYR A 115 1.40 -4.52 3.52
C TYR A 115 1.14 -3.01 3.42
N LEU A 116 0.08 -2.65 2.68
CA LEU A 116 -0.36 -1.26 2.50
C LEU A 116 -0.89 -0.68 3.82
N LYS A 117 -1.57 -1.53 4.61
CA LYS A 117 -2.12 -1.14 5.91
C LYS A 117 -1.02 -0.96 6.95
N ASP A 118 -0.02 -1.84 6.90
CA ASP A 118 1.14 -1.78 7.81
C ASP A 118 2.03 -0.56 7.49
N LEU A 119 2.04 -0.16 6.20
CA LEU A 119 2.83 1.00 5.75
C LEU A 119 2.21 2.31 6.22
N ILE A 120 0.88 2.42 6.10
CA ILE A 120 0.15 3.63 6.53
C ILE A 120 0.14 3.77 8.07
N GLU A 121 0.05 2.61 8.75
CA GLU A 121 0.04 2.56 10.21
C GLU A 121 1.44 2.84 10.79
N GLU A 122 2.48 2.48 10.01
CA GLU A 122 3.88 2.68 10.42
C GLU A 122 4.30 4.15 10.29
N VAL A 123 3.80 4.82 9.23
CA VAL A 123 4.10 6.23 8.99
C VAL A 123 3.30 7.14 9.95
N ARG A 124 2.08 6.69 10.30
CA ARG A 124 1.21 7.41 11.23
C ARG A 124 1.74 7.33 12.67
N LYS A 125 2.26 6.15 13.04
CA LYS A 125 2.83 5.91 14.38
C LYS A 125 4.19 6.57 14.54
N ALA A 126 5.00 6.52 13.48
CA ALA A 126 6.35 7.10 13.47
C ALA A 126 6.32 8.63 13.35
N ARG A 127 5.41 9.14 12.50
CA ARG A 127 5.23 10.60 12.23
C ARG A 127 6.38 11.21 11.43
N GLY A 128 7.62 10.92 11.86
CA GLY A 128 8.79 11.44 11.17
C GLY A 128 10.06 10.68 11.49
N LYS A 129 9.95 9.35 11.54
CA LYS A 129 11.10 8.47 11.85
C LYS A 129 11.13 7.27 10.92
N LYS A 130 12.29 7.03 10.30
CA LYS A 130 12.47 5.92 9.37
C LYS A 130 13.25 4.78 10.03
N ARG A 131 12.94 3.55 9.63
CA ARG A 131 13.60 2.35 10.16
C ARG A 131 14.17 1.48 9.04
N VAL A 132 13.35 1.25 7.99
CA VAL A 132 13.77 0.43 6.85
C VAL A 132 13.91 1.24 5.53
N PRO A 133 13.11 2.34 5.28
CA PRO A 133 13.22 3.12 4.03
C PRO A 133 14.43 4.06 4.03
N GLY A 1 10.56 42.91 8.08
CA GLY A 1 9.22 42.27 8.15
C GLY A 1 8.90 41.42 6.92
N PRO A 2 9.44 40.17 6.82
CA PRO A 2 9.20 39.28 5.67
C PRO A 2 7.80 38.64 5.70
N TRP A 3 7.29 38.31 4.51
CA TRP A 3 5.97 37.69 4.39
C TRP A 3 6.09 36.18 4.18
N LYS A 4 5.08 35.44 4.66
CA LYS A 4 5.01 33.95 4.56
C LYS A 4 6.17 33.28 5.28
N GLU A 5 5.84 32.48 6.30
CA GLU A 5 6.83 31.76 7.10
C GLU A 5 6.40 30.30 7.31
N ASP A 6 7.33 29.38 7.05
CA ASP A 6 7.08 27.95 7.20
C ASP A 6 7.80 27.39 8.43
N SER A 7 7.02 27.01 9.44
CA SER A 7 7.56 26.46 10.69
C SER A 7 6.76 25.22 11.12
N HIS A 8 5.42 25.34 11.05
CA HIS A 8 4.53 24.24 11.43
C HIS A 8 3.54 23.97 10.28
N ILE A 9 3.89 23.00 9.44
CA ILE A 9 3.06 22.62 8.29
C ILE A 9 3.11 21.10 8.03
N VAL A 10 3.90 20.38 8.84
CA VAL A 10 4.05 18.92 8.71
C VAL A 10 3.01 18.16 9.55
N SER A 11 2.29 18.89 10.41
CA SER A 11 1.26 18.31 11.27
C SER A 11 -0.15 18.55 10.72
N ALA A 12 -0.31 19.63 9.93
CA ALA A 12 -1.60 19.99 9.34
C ALA A 12 -1.79 19.38 7.95
N GLU A 13 -0.67 19.05 7.29
CA GLU A 13 -0.70 18.46 5.94
C GLU A 13 -0.85 16.93 5.99
N VAL A 14 -0.47 16.34 7.12
CA VAL A 14 -0.54 14.88 7.33
C VAL A 14 -1.98 14.40 7.63
N GLY A 15 -2.71 15.20 8.41
CA GLY A 15 -4.10 14.87 8.76
C GLY A 15 -5.03 14.69 7.57
N GLU A 16 -4.80 15.50 6.52
CA GLU A 16 -5.61 15.45 5.30
C GLU A 16 -5.22 14.24 4.43
N LYS A 17 -3.94 13.86 4.48
CA LYS A 17 -3.41 12.72 3.72
C LYS A 17 -3.82 11.39 4.38
N CYS A 18 -3.90 11.40 5.72
CA CYS A 18 -4.31 10.22 6.49
C CYS A 18 -5.81 9.98 6.37
N GLU A 19 -6.58 11.08 6.37
CA GLU A 19 -8.05 11.03 6.22
C GLU A 19 -8.45 10.60 4.81
N ALA A 20 -7.67 11.06 3.81
CA ALA A 20 -7.92 10.72 2.40
C ALA A 20 -7.54 9.28 2.08
N ILE A 21 -6.46 8.80 2.73
CA ILE A 21 -5.99 7.42 2.56
C ILE A 21 -6.93 6.42 3.27
N GLY A 22 -7.59 6.91 4.34
CA GLY A 22 -8.53 6.10 5.10
C GLY A 22 -9.85 5.88 4.36
N VAL A 23 -10.39 6.97 3.77
CA VAL A 23 -11.65 6.90 3.01
C VAL A 23 -11.44 6.15 1.68
N LYS A 24 -10.24 6.30 1.09
CA LYS A 24 -9.88 5.62 -0.15
C LYS A 24 -9.67 4.13 0.07
N LEU A 25 -9.13 3.78 1.24
CA LEU A 25 -8.87 2.38 1.63
C LEU A 25 -10.18 1.62 1.88
N LEU A 26 -11.15 2.29 2.52
CA LEU A 26 -12.46 1.70 2.83
C LEU A 26 -13.30 1.50 1.56
N HIS A 27 -13.26 2.51 0.66
CA HIS A 27 -13.99 2.46 -0.61
C HIS A 27 -13.37 1.45 -1.58
N LEU A 28 -12.03 1.27 -1.48
CA LEU A 28 -11.29 0.32 -2.32
C LEU A 28 -11.52 -1.12 -1.86
N GLU A 29 -11.74 -1.30 -0.54
CA GLU A 29 -12.00 -2.62 0.05
C GLU A 29 -13.41 -3.11 -0.31
N ASP A 30 -14.37 -2.17 -0.28
CA ASP A 30 -15.77 -2.48 -0.62
C ASP A 30 -15.91 -2.77 -2.13
N GLN A 31 -15.16 -2.01 -2.95
CA GLN A 31 -15.16 -2.18 -4.41
C GLN A 31 -14.39 -3.44 -4.82
N LEU A 32 -13.44 -3.86 -3.96
CA LEU A 32 -12.62 -5.06 -4.20
C LEU A 32 -13.45 -6.33 -3.95
N LEU A 33 -14.29 -6.29 -2.90
CA LEU A 33 -15.14 -7.42 -2.53
C LEU A 33 -16.28 -7.58 -3.56
N GLY A 34 -16.82 -6.44 -4.02
CA GLY A 34 -17.90 -6.42 -5.01
C GLY A 34 -17.42 -6.81 -6.40
N ALA A 35 -16.16 -6.47 -6.71
CA ALA A 35 -15.56 -6.78 -8.02
C ALA A 35 -15.06 -8.22 -8.12
N MET A 36 -14.66 -8.80 -6.97
CA MET A 36 -14.15 -10.18 -6.91
C MET A 36 -15.28 -11.21 -6.86
N TYR A 37 -16.38 -10.86 -6.17
CA TYR A 37 -17.54 -11.75 -6.04
C TYR A 37 -18.44 -11.72 -7.27
N SER A 38 -18.64 -10.51 -7.82
CA SER A 38 -19.49 -10.31 -9.01
C SER A 38 -18.68 -10.50 -10.30
N HIS A 39 -17.35 -10.28 -10.22
CA HIS A 39 -16.42 -10.40 -11.38
C HIS A 39 -16.76 -9.40 -12.49
N ASP A 40 -15.87 -8.41 -12.68
CA ASP A 40 -16.05 -7.37 -13.70
C ASP A 40 -14.71 -6.99 -14.32
N GLU A 41 -14.76 -6.38 -15.51
CA GLU A 41 -13.56 -5.96 -16.24
C GLU A 41 -13.23 -4.50 -15.98
N ALA A 42 -14.27 -3.65 -15.90
CA ALA A 42 -14.12 -2.21 -15.66
C ALA A 42 -13.57 -1.90 -14.25
N LEU A 43 -14.02 -2.69 -13.26
CA LEU A 43 -13.60 -2.53 -11.86
C LEU A 43 -12.14 -2.97 -11.65
N PHE A 44 -11.68 -3.92 -12.47
CA PHE A 44 -10.30 -4.43 -12.39
C PHE A 44 -9.29 -3.37 -12.85
N GLN A 45 -9.65 -2.65 -13.92
CA GLN A 45 -8.81 -1.57 -14.48
C GLN A 45 -8.79 -0.37 -13.54
N SER A 46 -9.97 -0.05 -12.97
CA SER A 46 -10.12 1.05 -12.01
C SER A 46 -9.39 0.75 -10.69
N LEU A 47 -9.39 -0.54 -10.32
CA LEU A 47 -8.73 -1.01 -9.09
C LEU A 47 -7.20 -0.94 -9.22
N GLN A 48 -6.69 -1.23 -10.42
CA GLN A 48 -5.25 -1.19 -10.71
C GLN A 48 -4.72 0.25 -10.71
N GLY A 49 -5.50 1.17 -11.31
CA GLY A 49 -5.13 2.58 -11.37
C GLY A 49 -5.23 3.27 -10.02
N GLU A 50 -6.26 2.90 -9.24
CA GLU A 50 -6.48 3.46 -7.90
C GLU A 50 -5.44 2.94 -6.90
N LEU A 51 -5.04 1.67 -7.08
CA LEU A 51 -4.03 1.03 -6.22
C LEU A 51 -2.64 1.63 -6.47
N GLN A 52 -2.38 1.97 -7.75
CA GLN A 52 -1.11 2.56 -8.16
C GLN A 52 -1.00 4.02 -7.68
N THR A 53 -2.15 4.72 -7.64
CA THR A 53 -2.20 6.12 -7.17
C THR A 53 -2.05 6.21 -5.66
N VAL A 54 -2.57 5.21 -4.94
CA VAL A 54 -2.48 5.15 -3.46
C VAL A 54 -1.06 4.78 -3.03
N LYS A 55 -0.39 3.93 -3.82
CA LYS A 55 0.99 3.50 -3.55
C LYS A 55 1.99 4.63 -3.85
N GLU A 56 1.68 5.42 -4.90
CA GLU A 56 2.53 6.55 -5.31
C GLU A 56 2.41 7.72 -4.32
N THR A 57 1.20 7.89 -3.76
CA THR A 57 0.93 8.95 -2.77
C THR A 57 1.56 8.63 -1.42
N LEU A 58 1.54 7.34 -1.05
CA LEU A 58 2.13 6.86 0.21
C LEU A 58 3.65 6.93 0.16
N GLN A 59 4.22 6.61 -1.02
CA GLN A 59 5.68 6.66 -1.25
C GLN A 59 6.18 8.10 -1.25
N ALA A 60 5.37 9.01 -1.81
CA ALA A 60 5.69 10.45 -1.86
C ALA A 60 5.62 11.08 -0.46
N MET A 61 4.72 10.54 0.38
CA MET A 61 4.55 11.01 1.77
C MET A 61 5.75 10.63 2.64
N ILE A 62 6.21 9.38 2.49
CA ILE A 62 7.37 8.87 3.27
C ILE A 62 8.70 9.41 2.71
N LEU A 63 8.69 9.83 1.44
CA LEU A 63 9.88 10.38 0.78
C LEU A 63 10.00 11.89 1.03
N GLN A 64 8.85 12.54 1.30
CA GLN A 64 8.80 13.98 1.58
C GLN A 64 9.05 14.27 3.07
N LEU A 65 8.63 13.34 3.94
CA LEU A 65 8.81 13.49 5.39
C LEU A 65 10.18 13.01 5.85
N GLN A 66 10.67 11.94 5.22
CA GLN A 66 11.98 11.37 5.55
C GLN A 66 13.06 11.88 4.57
N PRO A 67 14.01 12.76 5.02
CA PRO A 67 15.08 13.30 4.15
C PRO A 67 16.07 12.23 3.67
N THR A 68 16.42 11.29 4.57
CA THR A 68 17.36 10.22 4.24
C THR A 68 16.92 8.89 4.88
N LYS A 69 17.00 7.81 4.08
CA LYS A 69 16.63 6.43 4.52
C LYS A 69 15.15 6.33 4.89
N GLU A 70 14.45 5.40 4.23
CA GLU A 70 13.02 5.17 4.48
C GLU A 70 12.78 3.77 5.04
N ALA A 71 13.44 2.77 4.43
CA ALA A 71 13.31 1.37 4.86
C ALA A 71 14.68 0.73 5.06
N GLY A 72 14.76 -0.18 6.03
CA GLY A 72 16.01 -0.88 6.31
C GLY A 72 15.87 -1.90 7.42
N GLU A 73 15.97 -1.42 8.68
CA GLU A 73 15.85 -2.27 9.89
C GLU A 73 16.97 -3.31 9.98
N ALA A 74 17.70 -3.29 11.10
CA ALA A 74 18.81 -4.22 11.32
C ALA A 74 18.41 -5.33 12.30
N SER A 75 19.02 -6.51 12.12
CA SER A 75 18.75 -7.67 12.97
C SER A 75 19.82 -7.82 14.04
N ALA A 76 19.40 -8.28 15.22
CA ALA A 76 20.31 -8.48 16.35
C ALA A 76 20.21 -9.90 16.91
N SER A 77 18.98 -10.42 17.00
CA SER A 77 18.73 -11.76 17.52
C SER A 77 18.54 -12.76 16.37
N TYR A 78 18.94 -14.02 16.62
CA TYR A 78 18.85 -15.14 15.64
C TYR A 78 19.23 -14.74 14.19
N PRO A 79 20.51 -14.98 13.76
CA PRO A 79 20.98 -14.64 12.40
C PRO A 79 20.34 -15.51 11.32
N THR A 80 20.16 -14.93 10.13
CA THR A 80 19.56 -15.65 8.99
C THR A 80 20.63 -16.18 8.04
N ALA A 81 20.63 -17.49 7.83
CA ALA A 81 21.59 -18.16 6.94
C ALA A 81 20.88 -19.05 5.93
N GLY A 82 19.87 -19.81 6.39
CA GLY A 82 19.13 -20.71 5.53
C GLY A 82 17.94 -21.33 6.23
N ALA A 83 16.74 -21.04 5.73
CA ALA A 83 15.50 -21.57 6.30
C ALA A 83 14.72 -22.39 5.28
N GLN A 84 14.65 -21.89 4.03
CA GLN A 84 13.93 -22.57 2.96
C GLN A 84 14.89 -23.34 2.06
N GLU A 85 14.56 -24.61 1.79
CA GLU A 85 15.38 -25.47 0.95
C GLU A 85 14.54 -26.11 -0.15
N THR A 86 15.09 -26.15 -1.37
CA THR A 86 14.40 -26.74 -2.53
C THR A 86 15.37 -27.59 -3.36
N GLU A 87 15.05 -28.87 -3.50
CA GLU A 87 15.87 -29.82 -4.26
C GLU A 87 15.01 -30.64 -5.23
N ALA A 88 13.86 -31.10 -4.74
CA ALA A 88 12.94 -31.91 -5.54
C ALA A 88 11.71 -31.10 -5.95
N LEU A 89 11.23 -31.34 -7.19
CA LEU A 89 10.05 -30.64 -7.77
C LEU A 89 10.29 -29.13 -7.90
N VAL A 90 10.08 -28.62 -9.13
CA VAL A 90 10.27 -27.20 -9.43
C VAL A 90 8.99 -26.60 -10.06
N PRO A 91 8.79 -25.24 -10.00
CA PRO A 91 7.60 -24.58 -10.58
C PRO A 91 7.64 -24.53 -12.11
N ARG A 92 6.53 -24.92 -12.73
CA ARG A 92 6.42 -24.92 -14.20
C ARG A 92 5.12 -24.25 -14.66
N GLY A 93 4.02 -24.56 -13.96
CA GLY A 93 2.73 -23.99 -14.29
C GLY A 93 1.81 -24.98 -14.99
N SER A 94 1.25 -25.90 -14.20
CA SER A 94 0.35 -26.93 -14.73
C SER A 94 -0.96 -26.94 -13.95
N GLY A 95 -2.08 -26.93 -14.68
CA GLY A 95 -3.40 -26.94 -14.07
C GLY A 95 -4.43 -26.18 -14.89
N PHE A 96 -5.44 -25.63 -14.21
CA PHE A 96 -6.50 -24.87 -14.86
C PHE A 96 -6.70 -23.51 -14.19
N GLY A 97 -6.68 -23.51 -12.85
CA GLY A 97 -6.86 -22.27 -12.09
C GLY A 97 -8.27 -22.12 -11.55
N LYS A 98 -8.54 -22.79 -10.42
CA LYS A 98 -9.86 -22.74 -9.79
C LYS A 98 -9.74 -22.42 -8.30
N ASN A 99 -8.75 -23.02 -7.63
CA ASN A 99 -8.52 -22.80 -6.20
C ASN A 99 -7.14 -22.18 -5.94
N GLU A 100 -6.20 -22.45 -6.85
CA GLU A 100 -4.82 -21.94 -6.73
C GLU A 100 -4.66 -20.56 -7.37
N ALA A 101 -5.54 -20.26 -8.36
CA ALA A 101 -5.50 -18.97 -9.07
C ALA A 101 -6.11 -17.83 -8.25
N LEU A 102 -7.09 -18.16 -7.40
CA LEU A 102 -7.77 -17.17 -6.55
C LEU A 102 -7.02 -16.94 -5.23
N LYS A 103 -6.30 -17.97 -4.76
CA LYS A 103 -5.53 -17.89 -3.50
C LYS A 103 -4.25 -17.08 -3.67
N GLU A 104 -3.59 -17.24 -4.83
CA GLU A 104 -2.34 -16.52 -5.15
C GLU A 104 -2.56 -15.01 -5.24
N LYS A 105 -3.69 -14.62 -5.88
CA LYS A 105 -4.05 -13.20 -6.06
C LYS A 105 -4.58 -12.60 -4.75
N ALA A 106 -5.32 -13.41 -3.98
CA ALA A 106 -5.88 -12.97 -2.70
C ALA A 106 -4.80 -12.82 -1.64
N ASP A 107 -3.80 -13.70 -1.68
CA ASP A 107 -2.67 -13.69 -0.74
C ASP A 107 -1.68 -12.57 -1.07
N SER A 108 -1.51 -12.28 -2.37
CA SER A 108 -0.60 -11.22 -2.83
C SER A 108 -1.13 -9.82 -2.46
N LEU A 109 -2.44 -9.61 -2.67
CA LEU A 109 -3.09 -8.34 -2.36
C LEU A 109 -3.26 -8.16 -0.85
N ALA A 110 -3.47 -9.29 -0.12
CA ALA A 110 -3.62 -9.27 1.34
C ALA A 110 -2.32 -8.88 2.02
N LYS A 111 -1.20 -9.34 1.43
CA LYS A 111 0.14 -9.04 1.95
C LYS A 111 0.52 -7.58 1.64
N GLU A 112 0.05 -7.08 0.48
CA GLU A 112 0.30 -5.69 0.06
C GLU A 112 -0.45 -4.70 0.96
N ILE A 113 -1.64 -5.11 1.43
CA ILE A 113 -2.45 -4.28 2.34
C ILE A 113 -1.87 -4.32 3.76
N GLN A 114 -1.29 -5.49 4.12
CA GLN A 114 -0.65 -5.66 5.44
C GLN A 114 0.57 -4.74 5.57
N TYR A 115 1.30 -4.58 4.46
CA TYR A 115 2.48 -3.70 4.38
C TYR A 115 2.03 -2.24 4.35
N LEU A 116 0.90 -1.99 3.66
CA LEU A 116 0.31 -0.66 3.54
C LEU A 116 -0.20 -0.15 4.90
N LYS A 117 -0.76 -1.08 5.69
CA LYS A 117 -1.28 -0.76 7.03
C LYS A 117 -0.13 -0.54 8.01
N ASP A 118 0.93 -1.34 7.86
CA ASP A 118 2.13 -1.23 8.70
C ASP A 118 2.90 0.07 8.40
N LEU A 119 2.84 0.52 7.14
CA LEU A 119 3.52 1.76 6.71
C LEU A 119 2.82 3.00 7.27
N ILE A 120 1.47 3.00 7.22
CA ILE A 120 0.68 4.13 7.75
C ILE A 120 0.75 4.19 9.28
N GLU A 121 0.85 3.00 9.91
CA GLU A 121 0.95 2.90 11.38
C GLU A 121 2.32 3.33 11.88
N GLU A 122 3.36 3.11 11.05
CA GLU A 122 4.74 3.48 11.39
C GLU A 122 4.96 5.00 11.31
N VAL A 123 4.33 5.63 10.30
CA VAL A 123 4.42 7.09 10.11
C VAL A 123 3.58 7.83 11.16
N ARG A 124 2.44 7.22 11.54
CA ARG A 124 1.54 7.80 12.55
C ARG A 124 2.17 7.74 13.95
N LYS A 125 2.91 6.64 14.21
CA LYS A 125 3.59 6.44 15.50
C LYS A 125 4.82 7.35 15.63
N ALA A 126 5.52 7.53 14.49
CA ALA A 126 6.73 8.38 14.44
C ALA A 126 6.38 9.88 14.46
N ARG A 127 5.17 10.22 14.00
CA ARG A 127 4.69 11.60 13.97
C ARG A 127 4.21 12.06 15.35
N GLY A 128 4.67 13.25 15.76
CA GLY A 128 4.30 13.81 17.05
C GLY A 128 5.32 14.80 17.57
N LYS A 129 5.79 14.57 18.81
CA LYS A 129 6.79 15.44 19.44
C LYS A 129 7.96 14.63 19.98
N LYS A 130 9.17 15.14 19.75
CA LYS A 130 10.39 14.47 20.21
C LYS A 130 11.24 15.42 21.07
N ARG A 131 11.92 14.85 22.06
CA ARG A 131 12.77 15.62 22.97
C ARG A 131 14.24 15.51 22.56
N VAL A 132 14.68 14.30 22.20
CA VAL A 132 16.06 14.04 21.80
C VAL A 132 16.11 13.24 20.47
N PRO A 133 17.26 13.27 19.71
CA PRO A 133 17.39 12.53 18.45
C PRO A 133 17.57 11.03 18.65
N GLY A 1 15.20 35.89 5.21
CA GLY A 1 15.99 35.99 6.46
C GLY A 1 15.13 36.36 7.67
N PRO A 2 14.50 37.58 7.70
CA PRO A 2 13.64 38.02 8.82
C PRO A 2 12.27 37.33 8.84
N TRP A 3 11.72 37.08 7.65
CA TRP A 3 10.42 36.43 7.50
C TRP A 3 10.57 34.97 7.12
N LYS A 4 9.67 34.13 7.64
CA LYS A 4 9.69 32.69 7.38
C LYS A 4 8.35 32.20 6.83
N GLU A 5 7.25 32.71 7.45
CA GLU A 5 5.85 32.38 7.07
C GLU A 5 5.46 30.94 7.47
N ASP A 6 6.32 29.98 7.12
CA ASP A 6 6.08 28.57 7.43
C ASP A 6 6.93 28.12 8.61
N SER A 7 6.26 27.68 9.69
CA SER A 7 6.93 27.21 10.89
C SER A 7 6.36 25.86 11.35
N HIS A 8 5.02 25.78 11.37
CA HIS A 8 4.33 24.55 11.76
C HIS A 8 3.25 24.21 10.73
N ILE A 9 3.62 23.35 9.77
CA ILE A 9 2.71 22.92 8.70
C ILE A 9 2.94 21.45 8.31
N VAL A 10 3.87 20.79 9.01
CA VAL A 10 4.19 19.38 8.74
C VAL A 10 3.29 18.42 9.54
N SER A 11 2.82 18.88 10.71
CA SER A 11 1.95 18.09 11.59
C SER A 11 0.46 18.36 11.32
N ALA A 12 0.18 19.46 10.60
CA ALA A 12 -1.20 19.84 10.27
C ALA A 12 -1.64 19.32 8.90
N GLU A 13 -0.66 19.02 8.04
CA GLU A 13 -0.94 18.52 6.68
C GLU A 13 -1.08 16.99 6.66
N VAL A 14 -0.51 16.33 7.68
CA VAL A 14 -0.56 14.85 7.79
C VAL A 14 -1.95 14.33 8.15
N GLY A 15 -2.65 15.06 9.04
CA GLY A 15 -4.00 14.69 9.47
C GLY A 15 -5.03 14.62 8.34
N GLU A 16 -4.94 15.58 7.41
CA GLU A 16 -5.85 15.64 6.25
C GLU A 16 -5.50 14.58 5.20
N LYS A 17 -4.20 14.32 5.05
CA LYS A 17 -3.69 13.32 4.10
C LYS A 17 -3.97 11.90 4.60
N CYS A 18 -3.91 11.72 5.93
CA CYS A 18 -4.17 10.43 6.57
C CYS A 18 -5.66 10.09 6.53
N GLU A 19 -6.51 11.12 6.71
CA GLU A 19 -7.97 10.97 6.68
C GLU A 19 -8.47 10.67 5.27
N ALA A 20 -7.83 11.30 4.27
CA ALA A 20 -8.19 11.11 2.86
C ALA A 20 -7.76 9.73 2.35
N ILE A 21 -6.58 9.27 2.81
CA ILE A 21 -6.05 7.96 2.43
C ILE A 21 -6.83 6.83 3.13
N GLY A 22 -7.40 7.16 4.31
CA GLY A 22 -8.19 6.21 5.08
C GLY A 22 -9.55 5.96 4.46
N VAL A 23 -10.21 7.04 3.98
CA VAL A 23 -11.53 6.94 3.34
C VAL A 23 -11.41 6.29 1.95
N LYS A 24 -10.29 6.57 1.27
CA LYS A 24 -10.02 6.00 -0.06
C LYS A 24 -9.70 4.50 0.03
N LEU A 25 -9.02 4.12 1.13
CA LEU A 25 -8.65 2.72 1.39
C LEU A 25 -9.89 1.88 1.72
N LEU A 26 -10.83 2.46 2.49
CA LEU A 26 -12.07 1.78 2.88
C LEU A 26 -13.00 1.58 1.67
N HIS A 27 -13.06 2.60 0.80
CA HIS A 27 -13.89 2.55 -0.42
C HIS A 27 -13.30 1.58 -1.45
N LEU A 28 -11.96 1.46 -1.45
CA LEU A 28 -11.25 0.56 -2.35
C LEU A 28 -11.39 -0.90 -1.90
N GLU A 29 -11.53 -1.10 -0.58
CA GLU A 29 -11.69 -2.44 0.02
C GLU A 29 -13.10 -2.99 -0.27
N ASP A 30 -14.10 -2.11 -0.16
CA ASP A 30 -15.50 -2.46 -0.43
C ASP A 30 -15.73 -2.72 -1.92
N GLN A 31 -15.06 -1.93 -2.77
CA GLN A 31 -15.16 -2.06 -4.23
C GLN A 31 -14.39 -3.29 -4.73
N LEU A 32 -13.33 -3.67 -3.99
CA LEU A 32 -12.50 -4.83 -4.32
C LEU A 32 -13.25 -6.13 -4.03
N LEU A 33 -13.97 -6.15 -2.90
CA LEU A 33 -14.76 -7.33 -2.50
C LEU A 33 -15.99 -7.49 -3.40
N GLY A 34 -16.61 -6.36 -3.77
CA GLY A 34 -17.76 -6.36 -4.65
C GLY A 34 -17.41 -6.70 -6.10
N ALA A 35 -16.17 -6.38 -6.50
CA ALA A 35 -15.67 -6.65 -7.85
C ALA A 35 -15.22 -8.11 -8.00
N MET A 36 -14.72 -8.70 -6.89
CA MET A 36 -14.25 -10.09 -6.88
C MET A 36 -15.41 -11.09 -6.81
N TYR A 37 -16.47 -10.72 -6.08
CA TYR A 37 -17.65 -11.59 -5.93
C TYR A 37 -18.59 -11.50 -7.14
N SER A 38 -18.69 -10.29 -7.73
CA SER A 38 -19.55 -10.05 -8.89
C SER A 38 -18.82 -10.37 -10.21
N HIS A 39 -17.47 -10.24 -10.19
CA HIS A 39 -16.61 -10.50 -11.37
C HIS A 39 -16.91 -9.55 -12.52
N ASP A 40 -15.95 -8.65 -12.79
CA ASP A 40 -16.07 -7.66 -13.88
C ASP A 40 -14.72 -7.44 -14.56
N GLU A 41 -14.75 -6.86 -15.77
CA GLU A 41 -13.54 -6.58 -16.54
C GLU A 41 -13.02 -5.15 -16.33
N ALA A 42 -13.96 -4.20 -16.30
CA ALA A 42 -13.64 -2.77 -16.11
C ALA A 42 -13.07 -2.47 -14.71
N LEU A 43 -13.48 -3.27 -13.72
CA LEU A 43 -13.04 -3.10 -12.33
C LEU A 43 -11.55 -3.40 -12.14
N PHE A 44 -11.00 -4.29 -12.99
CA PHE A 44 -9.58 -4.66 -12.92
C PHE A 44 -8.67 -3.49 -13.35
N GLN A 45 -9.13 -2.73 -14.35
CA GLN A 45 -8.40 -1.56 -14.85
C GLN A 45 -8.48 -0.41 -13.85
N SER A 46 -9.67 -0.24 -13.26
CA SER A 46 -9.92 0.79 -12.24
C SER A 46 -9.17 0.50 -10.94
N LEU A 47 -9.13 -0.79 -10.56
CA LEU A 47 -8.45 -1.25 -9.34
C LEU A 47 -6.92 -1.16 -9.46
N GLN A 48 -6.40 -1.39 -10.68
CA GLN A 48 -4.95 -1.33 -10.94
C GLN A 48 -4.44 0.12 -10.95
N GLY A 49 -5.23 1.03 -11.54
CA GLY A 49 -4.87 2.44 -11.60
C GLY A 49 -4.96 3.15 -10.25
N GLU A 50 -5.99 2.78 -9.47
CA GLU A 50 -6.22 3.34 -8.14
C GLU A 50 -5.21 2.82 -7.12
N LEU A 51 -4.82 1.55 -7.27
CA LEU A 51 -3.85 0.90 -6.39
C LEU A 51 -2.43 1.41 -6.63
N GLN A 52 -2.12 1.69 -7.91
CA GLN A 52 -0.80 2.20 -8.31
C GLN A 52 -0.65 3.67 -7.92
N THR A 53 -1.75 4.42 -7.98
CA THR A 53 -1.77 5.84 -7.62
C THR A 53 -1.69 6.04 -6.10
N VAL A 54 -2.31 5.11 -5.35
CA VAL A 54 -2.32 5.16 -3.89
C VAL A 54 -0.95 4.73 -3.32
N LYS A 55 -0.29 3.78 -4.02
CA LYS A 55 1.04 3.28 -3.62
C LYS A 55 2.12 4.32 -3.93
N GLU A 56 1.96 5.04 -5.04
CA GLU A 56 2.90 6.09 -5.46
C GLU A 56 2.76 7.34 -4.58
N THR A 57 1.52 7.61 -4.13
CA THR A 57 1.23 8.76 -3.25
C THR A 57 1.73 8.51 -1.82
N LEU A 58 1.64 7.23 -1.38
CA LEU A 58 2.09 6.84 -0.04
C LEU A 58 3.62 6.84 0.04
N GLN A 59 4.27 6.39 -1.05
CA GLN A 59 5.74 6.37 -1.13
C GLN A 59 6.30 7.78 -1.22
N ALA A 60 5.59 8.66 -1.95
CA ALA A 60 5.97 10.06 -2.10
C ALA A 60 5.84 10.82 -0.78
N MET A 61 4.84 10.42 0.03
CA MET A 61 4.58 11.02 1.34
C MET A 61 5.70 10.70 2.33
N ILE A 62 6.10 9.42 2.37
CA ILE A 62 7.17 8.94 3.27
C ILE A 62 8.56 9.37 2.73
N LEU A 63 8.61 9.73 1.43
CA LEU A 63 9.86 10.16 0.80
C LEU A 63 10.15 11.65 1.07
N GLN A 64 9.08 12.45 1.16
CA GLN A 64 9.21 13.90 1.41
C GLN A 64 9.26 14.22 2.92
N LEU A 65 8.60 13.38 3.74
CA LEU A 65 8.56 13.57 5.20
C LEU A 65 9.83 13.04 5.88
N GLN A 66 10.44 12.00 5.30
CA GLN A 66 11.65 11.39 5.85
C GLN A 66 12.90 11.99 5.20
N PRO A 67 14.11 11.91 5.85
CA PRO A 67 15.37 12.47 5.28
C PRO A 67 15.90 11.64 4.11
N THR A 68 16.57 12.31 3.19
CA THR A 68 17.16 11.67 2.00
C THR A 68 18.66 11.41 2.19
N LYS A 69 19.19 10.47 1.41
CA LYS A 69 20.61 10.10 1.48
C LYS A 69 21.41 10.82 0.38
N GLU A 70 22.70 11.04 0.65
CA GLU A 70 23.60 11.73 -0.28
C GLU A 70 24.34 10.73 -1.18
N ALA A 71 24.74 9.59 -0.59
CA ALA A 71 25.47 8.55 -1.31
C ALA A 71 24.51 7.46 -1.81
N GLY A 72 24.63 7.14 -3.10
CA GLY A 72 23.78 6.12 -3.71
C GLY A 72 22.93 6.68 -4.83
N GLU A 73 23.32 6.36 -6.07
CA GLU A 73 22.60 6.82 -7.26
C GLU A 73 21.70 5.72 -7.81
N ALA A 74 20.53 6.11 -8.33
CA ALA A 74 19.57 5.17 -8.89
C ALA A 74 19.44 5.35 -10.41
N SER A 75 19.25 4.23 -11.11
CA SER A 75 19.10 4.24 -12.56
C SER A 75 17.84 3.50 -13.00
N ALA A 76 17.27 3.93 -14.12
CA ALA A 76 16.06 3.32 -14.66
C ALA A 76 16.38 2.32 -15.78
N SER A 77 17.31 2.69 -16.66
CA SER A 77 17.73 1.84 -17.77
C SER A 77 19.16 1.37 -17.58
N TYR A 78 19.37 0.05 -17.74
CA TYR A 78 20.70 -0.55 -17.59
C TYR A 78 21.31 -0.88 -18.96
N PRO A 79 22.67 -1.01 -19.08
CA PRO A 79 23.34 -1.32 -20.36
C PRO A 79 23.18 -2.80 -20.77
N THR A 80 23.20 -3.70 -19.78
CA THR A 80 23.07 -5.13 -20.02
C THR A 80 21.67 -5.62 -19.67
N ALA A 81 21.21 -6.65 -20.38
CA ALA A 81 19.88 -7.23 -20.17
C ALA A 81 19.99 -8.70 -19.78
N GLY A 82 19.07 -9.14 -18.92
CA GLY A 82 19.06 -10.53 -18.47
C GLY A 82 17.70 -11.19 -18.66
N ALA A 83 17.71 -12.37 -19.27
CA ALA A 83 16.49 -13.14 -19.53
C ALA A 83 16.38 -14.33 -18.60
N GLN A 84 15.14 -14.67 -18.23
CA GLN A 84 14.87 -15.80 -17.34
C GLN A 84 13.88 -16.78 -17.97
N GLU A 85 14.19 -18.08 -17.85
CA GLU A 85 13.34 -19.13 -18.41
C GLU A 85 12.48 -19.77 -17.33
N THR A 86 11.27 -20.19 -17.71
CA THR A 86 10.32 -20.82 -16.78
C THR A 86 9.67 -22.05 -17.41
N GLU A 87 9.48 -23.09 -16.60
CA GLU A 87 8.87 -24.34 -17.06
C GLU A 87 7.41 -24.41 -16.64
N ALA A 88 6.58 -25.01 -17.49
CA ALA A 88 5.15 -25.17 -17.23
C ALA A 88 4.73 -26.63 -17.34
N LEU A 89 3.72 -27.00 -16.54
CA LEU A 89 3.20 -28.38 -16.54
C LEU A 89 1.69 -28.38 -16.74
N VAL A 90 1.21 -29.42 -17.44
CA VAL A 90 -0.22 -29.57 -17.71
C VAL A 90 -0.68 -31.04 -17.53
N PRO A 91 -1.47 -31.36 -16.46
CA PRO A 91 -1.96 -32.73 -16.20
C PRO A 91 -2.93 -33.26 -17.28
N ARG A 92 -3.74 -32.35 -17.82
CA ARG A 92 -4.72 -32.71 -18.85
C ARG A 92 -4.32 -32.17 -20.23
N GLY A 93 -3.90 -30.90 -20.27
CA GLY A 93 -3.50 -30.28 -21.52
C GLY A 93 -4.34 -29.07 -21.88
N SER A 94 -5.49 -29.34 -22.50
CA SER A 94 -6.42 -28.27 -22.90
C SER A 94 -7.60 -28.17 -21.94
N GLY A 95 -8.10 -26.95 -21.74
CA GLY A 95 -9.21 -26.73 -20.84
C GLY A 95 -9.26 -25.31 -20.31
N PHE A 96 -10.48 -24.78 -20.12
CA PHE A 96 -10.67 -23.43 -19.61
C PHE A 96 -11.01 -23.44 -18.13
N GLY A 97 -10.40 -22.52 -17.38
CA GLY A 97 -10.63 -22.43 -15.94
C GLY A 97 -9.51 -23.05 -15.13
N LYS A 98 -8.65 -22.19 -14.57
CA LYS A 98 -7.52 -22.64 -13.76
C LYS A 98 -7.79 -22.43 -12.27
N ASN A 99 -7.25 -23.34 -11.45
CA ASN A 99 -7.42 -23.27 -9.99
C ASN A 99 -6.19 -22.63 -9.32
N GLU A 100 -5.05 -22.65 -10.03
CA GLU A 100 -3.79 -22.09 -9.52
C GLU A 100 -3.64 -20.61 -9.91
N ALA A 101 -4.38 -20.18 -10.94
CA ALA A 101 -4.33 -18.80 -11.44
C ALA A 101 -5.11 -17.83 -10.53
N LEU A 102 -6.15 -18.34 -9.86
CA LEU A 102 -6.98 -17.54 -8.96
C LEU A 102 -6.39 -17.49 -7.54
N LYS A 103 -5.68 -18.56 -7.15
CA LYS A 103 -5.05 -18.66 -5.83
C LYS A 103 -3.80 -17.78 -5.73
N GLU A 104 -3.00 -17.77 -6.80
CA GLU A 104 -1.76 -16.97 -6.87
C GLU A 104 -2.05 -15.46 -6.82
N LYS A 105 -3.15 -15.06 -7.49
CA LYS A 105 -3.57 -13.66 -7.54
C LYS A 105 -4.25 -13.22 -6.24
N ALA A 106 -5.00 -14.15 -5.62
CA ALA A 106 -5.71 -13.89 -4.37
C ALA A 106 -4.74 -13.75 -3.19
N ASP A 107 -3.67 -14.57 -3.22
CA ASP A 107 -2.64 -14.55 -2.17
C ASP A 107 -1.71 -13.34 -2.33
N SER A 108 -1.39 -12.99 -3.59
CA SER A 108 -0.53 -11.84 -3.88
C SER A 108 -1.21 -10.52 -3.54
N LEU A 109 -2.52 -10.45 -3.84
CA LEU A 109 -3.34 -9.25 -3.57
C LEU A 109 -3.56 -9.08 -2.07
N ALA A 110 -3.77 -10.21 -1.36
CA ALA A 110 -4.00 -10.21 0.09
C ALA A 110 -2.73 -9.88 0.87
N LYS A 111 -1.57 -10.24 0.30
CA LYS A 111 -0.27 -9.97 0.92
C LYS A 111 0.12 -8.49 0.81
N GLU A 112 -0.19 -7.88 -0.35
CA GLU A 112 0.10 -6.45 -0.58
C GLU A 112 -0.86 -5.54 0.21
N ILE A 113 -2.11 -6.01 0.42
CA ILE A 113 -3.12 -5.25 1.18
C ILE A 113 -2.83 -5.35 2.69
N GLN A 114 -2.30 -6.51 3.13
CA GLN A 114 -1.95 -6.73 4.55
C GLN A 114 -0.73 -5.89 4.94
N TYR A 115 0.25 -5.83 4.01
CA TYR A 115 1.48 -5.05 4.20
C TYR A 115 1.16 -3.56 4.16
N LEU A 116 0.20 -3.20 3.28
CA LEU A 116 -0.25 -1.81 3.11
C LEU A 116 -0.94 -1.31 4.39
N LYS A 117 -1.74 -2.20 5.03
CA LYS A 117 -2.45 -1.89 6.27
C LYS A 117 -1.47 -1.68 7.43
N ASP A 118 -0.41 -2.50 7.44
CA ASP A 118 0.65 -2.41 8.47
C ASP A 118 1.46 -1.13 8.31
N LEU A 119 1.60 -0.65 7.07
CA LEU A 119 2.33 0.59 6.75
C LEU A 119 1.54 1.83 7.17
N ILE A 120 0.20 1.76 7.07
CA ILE A 120 -0.68 2.87 7.46
C ILE A 120 -0.74 2.99 9.00
N GLU A 121 -0.72 1.83 9.68
CA GLU A 121 -0.75 1.79 11.15
C GLU A 121 0.59 2.21 11.75
N GLU A 122 1.69 1.91 11.03
CA GLU A 122 3.04 2.28 11.47
C GLU A 122 3.33 3.78 11.26
N VAL A 123 2.74 4.34 10.18
CA VAL A 123 2.91 5.76 9.87
C VAL A 123 2.06 6.63 10.83
N ARG A 124 0.87 6.11 11.20
CA ARG A 124 -0.04 6.79 12.13
C ARG A 124 0.52 6.79 13.56
N LYS A 125 1.12 5.65 13.94
CA LYS A 125 1.72 5.47 15.28
C LYS A 125 3.05 6.24 15.41
N ALA A 126 3.77 6.39 14.28
CA ALA A 126 5.06 7.08 14.25
C ALA A 126 4.89 8.60 14.33
N ARG A 127 3.91 9.14 13.59
CA ARG A 127 3.63 10.59 13.58
C ARG A 127 2.14 10.85 13.69
N GLY A 128 1.79 11.94 14.38
CA GLY A 128 0.40 12.33 14.57
C GLY A 128 0.20 13.28 15.73
N LYS A 129 -0.95 13.95 15.74
CA LYS A 129 -1.29 14.91 16.80
C LYS A 129 -2.18 14.27 17.87
N LYS A 130 -1.93 14.62 19.13
CA LYS A 130 -2.70 14.09 20.26
C LYS A 130 -3.15 15.21 21.17
N ARG A 131 -4.46 15.27 21.47
CA ARG A 131 -5.09 16.29 22.34
C ARG A 131 -4.94 17.70 21.76
N VAL A 132 -6.08 18.39 21.62
CA VAL A 132 -6.09 19.77 21.09
C VAL A 132 -7.00 20.69 21.94
N PRO A 133 -6.82 22.05 21.87
CA PRO A 133 -7.65 23.00 22.65
C PRO A 133 -9.06 23.15 22.09
N GLY A 1 4.76 31.33 -11.55
CA GLY A 1 3.60 31.54 -10.64
C GLY A 1 3.97 31.38 -9.16
N PRO A 2 2.98 31.13 -8.26
CA PRO A 2 3.24 30.95 -6.81
C PRO A 2 3.83 29.58 -6.48
N TRP A 3 4.76 29.57 -5.51
CA TRP A 3 5.42 28.34 -5.08
C TRP A 3 5.28 28.14 -3.58
N LYS A 4 5.09 26.88 -3.17
CA LYS A 4 4.93 26.53 -1.76
C LYS A 4 6.21 25.92 -1.21
N GLU A 5 6.49 26.22 0.07
CA GLU A 5 7.69 25.71 0.75
C GLU A 5 7.30 24.99 2.03
N ASP A 6 8.05 23.92 2.35
CA ASP A 6 7.81 23.13 3.57
C ASP A 6 8.77 23.51 4.68
N SER A 7 8.22 24.07 5.76
CA SER A 7 9.01 24.50 6.92
C SER A 7 8.30 24.14 8.23
N HIS A 8 6.98 24.39 8.27
CA HIS A 8 6.16 24.10 9.45
C HIS A 8 4.89 23.35 9.08
N ILE A 9 4.60 23.27 7.76
CA ILE A 9 3.41 22.57 7.26
C ILE A 9 3.71 21.09 6.97
N VAL A 10 3.61 20.28 8.02
CA VAL A 10 3.86 18.83 7.92
C VAL A 10 2.98 18.05 8.91
N SER A 11 2.77 18.65 10.09
CA SER A 11 1.95 18.05 11.15
C SER A 11 0.46 18.37 10.97
N ALA A 12 0.16 19.36 10.11
CA ALA A 12 -1.22 19.77 9.83
C ALA A 12 -1.75 19.13 8.54
N GLU A 13 -0.83 18.68 7.67
CA GLU A 13 -1.19 18.05 6.40
C GLU A 13 -1.36 16.54 6.54
N VAL A 14 -0.74 15.97 7.59
CA VAL A 14 -0.80 14.51 7.87
C VAL A 14 -2.22 14.02 8.20
N GLY A 15 -2.95 14.84 8.98
CA GLY A 15 -4.32 14.50 9.37
C GLY A 15 -5.28 14.37 8.20
N GLU A 16 -5.14 15.27 7.21
CA GLU A 16 -5.98 15.28 6.01
C GLU A 16 -5.56 14.18 5.03
N LYS A 17 -4.25 13.86 5.02
CA LYS A 17 -3.70 12.81 4.15
C LYS A 17 -4.04 11.41 4.69
N CYS A 18 -4.08 11.29 6.03
CA CYS A 18 -4.42 10.03 6.69
C CYS A 18 -5.92 9.73 6.58
N GLU A 19 -6.73 10.80 6.69
CA GLU A 19 -8.20 10.70 6.59
C GLU A 19 -8.63 10.39 5.15
N ALA A 20 -7.90 10.96 4.18
CA ALA A 20 -8.17 10.76 2.75
C ALA A 20 -7.80 9.34 2.30
N ILE A 21 -6.64 8.86 2.81
CA ILE A 21 -6.16 7.50 2.50
C ILE A 21 -7.04 6.44 3.19
N GLY A 22 -7.64 6.83 4.33
CA GLY A 22 -8.52 5.94 5.08
C GLY A 22 -9.85 5.71 4.37
N VAL A 23 -10.44 6.82 3.84
CA VAL A 23 -11.72 6.74 3.11
C VAL A 23 -11.54 6.06 1.74
N LYS A 24 -10.34 6.21 1.16
CA LYS A 24 -9.99 5.61 -0.14
C LYS A 24 -9.79 4.10 0.02
N LEU A 25 -9.20 3.69 1.16
CA LEU A 25 -8.95 2.29 1.48
C LEU A 25 -10.26 1.53 1.75
N LEU A 26 -11.19 2.19 2.45
CA LEU A 26 -12.50 1.59 2.78
C LEU A 26 -13.39 1.47 1.54
N HIS A 27 -13.31 2.48 0.66
CA HIS A 27 -14.09 2.49 -0.59
C HIS A 27 -13.52 1.49 -1.60
N LEU A 28 -12.19 1.29 -1.52
CA LEU A 28 -11.48 0.35 -2.41
C LEU A 28 -11.75 -1.11 -1.97
N GLU A 29 -11.93 -1.30 -0.65
CA GLU A 29 -12.22 -2.62 -0.08
C GLU A 29 -13.66 -3.05 -0.40
N ASP A 30 -14.58 -2.07 -0.38
CA ASP A 30 -16.00 -2.31 -0.69
C ASP A 30 -16.18 -2.64 -2.18
N GLN A 31 -15.43 -1.92 -3.03
CA GLN A 31 -15.46 -2.13 -4.49
C GLN A 31 -14.73 -3.43 -4.88
N LEU A 32 -13.75 -3.82 -4.05
CA LEU A 32 -12.96 -5.05 -4.26
C LEU A 32 -13.81 -6.30 -3.98
N LEU A 33 -14.64 -6.21 -2.92
CA LEU A 33 -15.53 -7.31 -2.54
C LEU A 33 -16.69 -7.45 -3.54
N GLY A 34 -17.21 -6.30 -4.00
CA GLY A 34 -18.28 -6.27 -4.99
C GLY A 34 -17.82 -6.68 -6.38
N ALA A 35 -16.52 -6.48 -6.66
CA ALA A 35 -15.92 -6.84 -7.95
C ALA A 35 -15.57 -8.33 -8.03
N MET A 36 -15.19 -8.91 -6.88
CA MET A 36 -14.82 -10.33 -6.79
C MET A 36 -16.04 -11.25 -6.75
N TYR A 37 -17.13 -10.78 -6.11
CA TYR A 37 -18.38 -11.55 -6.00
C TYR A 37 -19.22 -11.46 -7.27
N SER A 38 -19.27 -10.25 -7.87
CA SER A 38 -20.04 -10.02 -9.10
C SER A 38 -19.23 -10.35 -10.36
N HIS A 39 -17.88 -10.36 -10.22
CA HIS A 39 -16.94 -10.65 -11.33
C HIS A 39 -17.05 -9.63 -12.47
N ASP A 40 -16.00 -8.83 -12.63
CA ASP A 40 -15.94 -7.78 -13.66
C ASP A 40 -14.53 -7.67 -14.25
N GLU A 41 -14.41 -7.00 -15.41
CA GLU A 41 -13.12 -6.82 -16.08
C GLU A 41 -12.64 -5.38 -15.95
N ALA A 42 -13.57 -4.41 -16.07
CA ALA A 42 -13.27 -2.98 -15.98
C ALA A 42 -12.82 -2.55 -14.58
N LEU A 43 -13.35 -3.24 -13.55
CA LEU A 43 -13.01 -2.94 -12.14
C LEU A 43 -11.55 -3.26 -11.81
N PHE A 44 -10.96 -4.24 -12.52
CA PHE A 44 -9.56 -4.63 -12.31
C PHE A 44 -8.60 -3.54 -12.78
N GLN A 45 -8.97 -2.88 -13.88
CA GLN A 45 -8.16 -1.77 -14.46
C GLN A 45 -8.28 -0.53 -13.58
N SER A 46 -9.49 -0.29 -13.04
CA SER A 46 -9.76 0.85 -12.15
C SER A 46 -9.05 0.67 -10.81
N LEU A 47 -9.00 -0.59 -10.33
CA LEU A 47 -8.33 -0.94 -9.07
C LEU A 47 -6.81 -0.83 -9.19
N GLN A 48 -6.28 -1.14 -10.38
CA GLN A 48 -4.83 -1.07 -10.67
C GLN A 48 -4.35 0.38 -10.71
N GLY A 49 -5.16 1.26 -11.32
CA GLY A 49 -4.83 2.68 -11.42
C GLY A 49 -4.92 3.40 -10.08
N GLU A 50 -5.95 3.04 -9.30
CA GLU A 50 -6.17 3.61 -7.96
C GLU A 50 -5.10 3.14 -6.98
N LEU A 51 -4.67 1.88 -7.14
CA LEU A 51 -3.63 1.28 -6.30
C LEU A 51 -2.26 1.91 -6.59
N GLN A 52 -2.03 2.27 -7.86
CA GLN A 52 -0.78 2.91 -8.29
C GLN A 52 -0.69 4.36 -7.81
N THR A 53 -1.85 5.03 -7.72
CA THR A 53 -1.93 6.42 -7.24
C THR A 53 -1.73 6.50 -5.73
N VAL A 54 -2.25 5.50 -5.00
CA VAL A 54 -2.12 5.43 -3.52
C VAL A 54 -0.68 5.05 -3.14
N LYS A 55 -0.04 4.21 -3.97
CA LYS A 55 1.35 3.78 -3.75
C LYS A 55 2.32 4.91 -4.04
N GLU A 56 1.98 5.74 -5.05
CA GLU A 56 2.80 6.89 -5.45
C GLU A 56 2.71 8.02 -4.41
N THR A 57 1.52 8.15 -3.79
CA THR A 57 1.27 9.17 -2.75
C THR A 57 1.99 8.81 -1.45
N LEU A 58 2.01 7.51 -1.13
CA LEU A 58 2.68 7.01 0.08
C LEU A 58 4.20 7.11 -0.04
N GLN A 59 4.71 6.85 -1.26
CA GLN A 59 6.16 6.94 -1.55
C GLN A 59 6.62 8.40 -1.53
N ALA A 60 5.75 9.30 -2.01
CA ALA A 60 6.03 10.74 -2.04
C ALA A 60 6.01 11.33 -0.62
N MET A 61 5.17 10.76 0.25
CA MET A 61 5.04 11.19 1.64
C MET A 61 6.29 10.81 2.46
N ILE A 62 6.81 9.59 2.22
CA ILE A 62 8.01 9.10 2.92
C ILE A 62 9.29 9.77 2.37
N LEU A 63 9.24 10.18 1.09
CA LEU A 63 10.37 10.84 0.43
C LEU A 63 10.41 12.35 0.75
N GLN A 64 9.24 12.91 1.09
CA GLN A 64 9.12 14.33 1.43
C GLN A 64 9.35 14.58 2.93
N LEU A 65 9.02 13.59 3.76
CA LEU A 65 9.18 13.70 5.22
C LEU A 65 10.58 13.26 5.66
N GLN A 66 11.10 12.21 5.02
CA GLN A 66 12.43 11.69 5.32
C GLN A 66 13.36 11.82 4.11
N PRO A 67 14.34 12.78 4.14
CA PRO A 67 15.30 12.99 3.01
C PRO A 67 16.25 11.80 2.80
N THR A 68 16.64 11.15 3.90
CA THR A 68 17.55 10.00 3.84
C THR A 68 16.97 8.80 4.61
N LYS A 69 17.11 7.62 4.01
CA LYS A 69 16.61 6.38 4.62
C LYS A 69 17.78 5.53 5.14
N GLU A 70 17.65 5.08 6.39
CA GLU A 70 18.69 4.26 7.02
C GLU A 70 18.29 2.79 7.01
N ALA A 71 19.22 1.93 6.57
CA ALA A 71 18.99 0.48 6.49
C ALA A 71 20.06 -0.28 7.24
N GLY A 72 19.66 -1.39 7.87
CA GLY A 72 20.59 -2.21 8.63
C GLY A 72 20.50 -1.98 10.12
N GLU A 73 19.29 -2.09 10.67
CA GLU A 73 19.04 -1.88 12.10
C GLU A 73 18.25 -3.05 12.69
N ALA A 74 18.63 -3.46 13.90
CA ALA A 74 17.97 -4.56 14.59
C ALA A 74 17.34 -4.09 15.89
N SER A 75 16.06 -4.43 16.09
CA SER A 75 15.33 -4.05 17.29
C SER A 75 14.64 -5.27 17.92
N ALA A 76 14.58 -5.27 19.25
CA ALA A 76 13.97 -6.37 20.00
C ALA A 76 12.89 -5.85 20.95
N SER A 77 11.76 -6.56 21.01
CA SER A 77 10.65 -6.19 21.88
C SER A 77 10.21 -7.36 22.76
N TYR A 78 10.16 -8.56 22.17
CA TYR A 78 9.76 -9.76 22.89
C TYR A 78 10.86 -10.84 22.83
N PRO A 79 10.89 -11.83 23.78
CA PRO A 79 11.92 -12.89 23.79
C PRO A 79 11.69 -13.95 22.71
N THR A 80 12.80 -14.54 22.23
CA THR A 80 12.80 -15.59 21.19
C THR A 80 12.00 -15.19 19.93
N ALA A 81 12.73 -14.90 18.85
CA ALA A 81 12.13 -14.50 17.58
C ALA A 81 12.17 -15.64 16.55
N GLY A 82 13.31 -16.34 16.50
CA GLY A 82 13.47 -17.44 15.55
C GLY A 82 14.92 -17.80 15.32
N ALA A 83 15.57 -18.32 16.37
CA ALA A 83 16.98 -18.71 16.28
C ALA A 83 17.14 -20.22 16.07
N GLN A 84 16.32 -21.00 16.79
CA GLN A 84 16.35 -22.46 16.69
C GLN A 84 15.24 -22.99 15.78
N GLU A 85 14.03 -22.43 15.93
CA GLU A 85 12.88 -22.81 15.13
C GLU A 85 12.58 -21.75 14.07
N THR A 86 12.14 -22.21 12.89
CA THR A 86 11.80 -21.32 11.78
C THR A 86 10.29 -21.08 11.69
N GLU A 87 9.51 -22.16 11.80
CA GLU A 87 8.05 -22.09 11.73
C GLU A 87 7.44 -22.41 13.09
N ALA A 88 6.54 -21.53 13.56
CA ALA A 88 5.87 -21.71 14.84
C ALA A 88 4.40 -22.10 14.66
N LEU A 89 3.73 -21.44 13.69
CA LEU A 89 2.32 -21.70 13.41
C LEU A 89 2.18 -22.62 12.19
N VAL A 90 1.14 -23.46 12.21
CA VAL A 90 0.88 -24.40 11.12
C VAL A 90 -0.62 -24.40 10.72
N PRO A 91 -0.98 -23.80 9.53
CA PRO A 91 -2.39 -23.75 9.07
C PRO A 91 -2.98 -25.13 8.80
N ARG A 92 -4.23 -25.32 9.23
CA ARG A 92 -4.94 -26.59 9.03
C ARG A 92 -5.90 -26.50 7.86
N GLY A 93 -6.02 -27.60 7.12
CA GLY A 93 -6.91 -27.65 5.96
C GLY A 93 -6.41 -28.59 4.89
N SER A 94 -7.15 -29.68 4.65
CA SER A 94 -6.78 -30.67 3.64
C SER A 94 -7.96 -30.95 2.71
N GLY A 95 -7.69 -30.89 1.39
CA GLY A 95 -8.72 -31.12 0.40
C GLY A 95 -8.15 -31.47 -0.96
N PHE A 96 -8.72 -30.87 -2.00
CA PHE A 96 -8.26 -31.09 -3.38
C PHE A 96 -7.99 -29.76 -4.08
N GLY A 97 -7.07 -29.80 -5.06
CA GLY A 97 -6.71 -28.60 -5.81
C GLY A 97 -7.44 -28.50 -7.14
N LYS A 98 -8.23 -27.43 -7.30
CA LYS A 98 -8.99 -27.20 -8.53
C LYS A 98 -8.77 -25.78 -9.07
N ASN A 99 -8.71 -24.81 -8.15
CA ASN A 99 -8.50 -23.41 -8.51
C ASN A 99 -7.02 -23.02 -8.37
N GLU A 100 -6.47 -22.46 -9.45
CA GLU A 100 -5.06 -22.03 -9.48
C GLU A 100 -4.92 -20.60 -10.01
N ALA A 101 -5.81 -20.23 -10.94
CA ALA A 101 -5.81 -18.89 -11.55
C ALA A 101 -6.42 -17.84 -10.61
N LEU A 102 -7.35 -18.28 -9.75
CA LEU A 102 -8.03 -17.40 -8.79
C LEU A 102 -7.20 -17.24 -7.50
N LYS A 103 -6.37 -18.25 -7.18
CA LYS A 103 -5.53 -18.23 -5.98
C LYS A 103 -4.37 -17.24 -6.11
N GLU A 104 -3.80 -17.16 -7.33
CA GLU A 104 -2.67 -16.25 -7.62
C GLU A 104 -3.08 -14.77 -7.48
N LYS A 105 -4.30 -14.45 -7.94
CA LYS A 105 -4.84 -13.09 -7.87
C LYS A 105 -5.35 -12.76 -6.47
N ALA A 106 -5.84 -13.78 -5.75
CA ALA A 106 -6.35 -13.61 -4.38
C ALA A 106 -5.22 -13.36 -3.40
N ASP A 107 -4.11 -14.10 -3.58
CA ASP A 107 -2.92 -13.98 -2.71
C ASP A 107 -2.11 -12.71 -3.03
N SER A 108 -2.06 -12.35 -4.33
CA SER A 108 -1.33 -11.15 -4.77
C SER A 108 -2.05 -9.87 -4.33
N LEU A 109 -3.38 -9.87 -4.46
CA LEU A 109 -4.22 -8.73 -4.06
C LEU A 109 -4.29 -8.59 -2.54
N ALA A 110 -4.26 -9.74 -1.84
CA ALA A 110 -4.30 -9.76 -0.36
C ALA A 110 -2.98 -9.25 0.22
N LYS A 111 -1.87 -9.54 -0.50
CA LYS A 111 -0.54 -9.10 -0.09
C LYS A 111 -0.35 -7.61 -0.37
N GLU A 112 -1.04 -7.11 -1.42
CA GLU A 112 -0.99 -5.69 -1.81
C GLU A 112 -1.74 -4.80 -0.79
N ILE A 113 -2.90 -5.31 -0.30
CA ILE A 113 -3.71 -4.59 0.69
C ILE A 113 -3.02 -4.61 2.07
N GLN A 114 -2.38 -5.75 2.38
CA GLN A 114 -1.65 -5.93 3.65
C GLN A 114 -0.37 -5.09 3.65
N TYR A 115 0.22 -4.92 2.47
CA TYR A 115 1.45 -4.13 2.30
C TYR A 115 1.15 -2.63 2.44
N LEU A 116 -0.02 -2.21 1.94
CA LEU A 116 -0.46 -0.81 2.03
C LEU A 116 -0.79 -0.43 3.47
N LYS A 117 -1.39 -1.38 4.21
CA LYS A 117 -1.74 -1.17 5.62
C LYS A 117 -0.49 -1.06 6.49
N ASP A 118 0.52 -1.90 6.17
CA ASP A 118 1.80 -1.92 6.90
C ASP A 118 2.60 -0.63 6.61
N LEU A 119 2.43 -0.09 5.40
CA LEU A 119 3.12 1.14 4.98
C LEU A 119 2.56 2.37 5.71
N ILE A 120 1.23 2.40 5.90
CA ILE A 120 0.55 3.51 6.60
C ILE A 120 0.89 3.46 8.11
N GLU A 121 1.00 2.23 8.64
CA GLU A 121 1.33 2.02 10.06
C GLU A 121 2.81 2.32 10.33
N GLU A 122 3.66 2.15 9.30
CA GLU A 122 5.10 2.42 9.42
C GLU A 122 5.39 3.92 9.40
N VAL A 123 4.66 4.66 8.56
CA VAL A 123 4.83 6.12 8.46
C VAL A 123 4.26 6.83 9.71
N ARG A 124 3.15 6.28 10.24
CA ARG A 124 2.51 6.82 11.44
C ARG A 124 3.37 6.56 12.68
N LYS A 125 3.98 5.36 12.72
CA LYS A 125 4.87 4.95 13.81
C LYS A 125 6.23 5.66 13.73
N ALA A 126 6.61 6.06 12.51
CA ALA A 126 7.89 6.75 12.26
C ALA A 126 7.86 8.20 12.72
N ARG A 127 6.75 8.91 12.44
CA ARG A 127 6.59 10.31 12.84
C ARG A 127 5.96 10.43 14.23
N GLY A 128 6.68 11.09 15.14
CA GLY A 128 6.20 11.27 16.51
C GLY A 128 5.81 12.71 16.79
N LYS A 129 5.93 13.11 18.06
CA LYS A 129 5.59 14.46 18.50
C LYS A 129 6.70 15.08 19.35
N LYS A 130 7.35 14.24 20.17
CA LYS A 130 8.43 14.69 21.05
C LYS A 130 9.80 14.58 20.36
N ARG A 131 10.00 13.49 19.61
CA ARG A 131 11.26 13.25 18.89
C ARG A 131 11.15 13.70 17.44
N VAL A 132 12.15 14.47 17.00
CA VAL A 132 12.20 14.98 15.62
C VAL A 132 13.60 14.81 15.00
N PRO A 133 13.84 13.71 14.21
CA PRO A 133 15.15 13.46 13.57
C PRO A 133 15.44 14.44 12.42
N GLY A 1 17.49 36.23 6.18
CA GLY A 1 18.02 35.09 6.98
C GLY A 1 17.36 33.77 6.62
N PRO A 2 17.42 32.73 7.51
CA PRO A 2 16.81 31.41 7.26
C PRO A 2 15.28 31.43 7.40
N TRP A 3 14.61 30.71 6.49
CA TRP A 3 13.14 30.62 6.48
C TRP A 3 12.70 29.17 6.41
N LYS A 4 11.62 28.85 7.14
CA LYS A 4 11.07 27.49 7.16
C LYS A 4 9.84 27.38 6.28
N GLU A 5 9.82 26.34 5.45
CA GLU A 5 8.70 26.09 4.52
C GLU A 5 8.23 24.65 4.58
N ASP A 6 9.18 23.72 4.76
CA ASP A 6 8.88 22.28 4.83
C ASP A 6 8.72 21.80 6.28
N SER A 7 9.51 22.39 7.18
CA SER A 7 9.47 22.03 8.61
C SER A 7 8.51 22.93 9.38
N HIS A 8 8.01 22.40 10.52
CA HIS A 8 7.05 23.11 11.41
C HIS A 8 5.69 23.41 10.74
N ILE A 9 5.44 22.75 9.60
CA ILE A 9 4.18 22.93 8.86
C ILE A 9 3.39 21.61 8.73
N VAL A 10 4.07 20.48 9.02
CA VAL A 10 3.44 19.15 8.93
C VAL A 10 2.73 18.77 10.24
N SER A 11 1.54 19.34 10.44
CA SER A 11 0.72 19.07 11.63
C SER A 11 -0.77 19.02 11.28
N ALA A 12 -1.21 19.97 10.44
CA ALA A 12 -2.61 20.05 10.01
C ALA A 12 -2.81 19.41 8.63
N GLU A 13 -1.70 19.11 7.94
CA GLU A 13 -1.74 18.50 6.61
C GLU A 13 -1.77 16.97 6.68
N VAL A 14 -1.30 16.42 7.82
CA VAL A 14 -1.27 14.97 8.05
C VAL A 14 -2.66 14.42 8.42
N GLY A 15 -3.55 15.31 8.93
CA GLY A 15 -4.90 14.92 9.32
C GLY A 15 -5.82 14.67 8.13
N GLU A 16 -5.76 15.56 7.13
CA GLU A 16 -6.58 15.45 5.91
C GLU A 16 -6.06 14.35 4.99
N LYS A 17 -4.73 14.15 4.99
CA LYS A 17 -4.08 13.13 4.16
C LYS A 17 -4.37 11.72 4.70
N CYS A 18 -4.35 11.58 6.04
CA CYS A 18 -4.63 10.30 6.70
C CYS A 18 -6.12 9.93 6.58
N GLU A 19 -6.98 10.95 6.66
CA GLU A 19 -8.43 10.77 6.55
C GLU A 19 -8.84 10.41 5.11
N ALA A 20 -8.07 10.92 4.14
CA ALA A 20 -8.31 10.65 2.71
C ALA A 20 -7.91 9.22 2.34
N ILE A 21 -6.77 8.76 2.87
CA ILE A 21 -6.27 7.40 2.62
C ILE A 21 -7.15 6.38 3.38
N GLY A 22 -7.76 6.83 4.48
CA GLY A 22 -8.65 5.98 5.28
C GLY A 22 -9.96 5.69 4.57
N VAL A 23 -10.57 6.75 4.00
CA VAL A 23 -11.85 6.61 3.25
C VAL A 23 -11.65 5.89 1.91
N LYS A 24 -10.46 6.07 1.32
CA LYS A 24 -10.09 5.42 0.05
C LYS A 24 -9.80 3.93 0.25
N LEU A 25 -9.23 3.60 1.43
CA LEU A 25 -8.91 2.20 1.78
C LEU A 25 -10.18 1.39 2.05
N LEU A 26 -11.14 2.02 2.76
CA LEU A 26 -12.43 1.38 3.09
C LEU A 26 -13.29 1.22 1.83
N HIS A 27 -13.25 2.24 0.95
CA HIS A 27 -14.00 2.23 -0.31
C HIS A 27 -13.39 1.22 -1.30
N LEU A 28 -12.07 1.04 -1.20
CA LEU A 28 -11.32 0.10 -2.05
C LEU A 28 -11.58 -1.35 -1.61
N GLU A 29 -11.81 -1.54 -0.30
CA GLU A 29 -12.10 -2.87 0.27
C GLU A 29 -13.51 -3.34 -0.11
N ASP A 30 -14.47 -2.40 -0.08
CA ASP A 30 -15.87 -2.69 -0.44
C ASP A 30 -16.01 -2.94 -1.95
N GLN A 31 -15.24 -2.17 -2.75
CA GLN A 31 -15.24 -2.30 -4.21
C GLN A 31 -14.50 -3.57 -4.67
N LEU A 32 -13.49 -3.99 -3.87
CA LEU A 32 -12.69 -5.18 -4.17
C LEU A 32 -13.50 -6.47 -3.91
N LEU A 33 -14.27 -6.46 -2.82
CA LEU A 33 -15.12 -7.60 -2.44
C LEU A 33 -16.31 -7.72 -3.40
N GLY A 34 -16.87 -6.57 -3.79
CA GLY A 34 -18.00 -6.53 -4.72
C GLY A 34 -17.59 -6.87 -6.16
N ALA A 35 -16.32 -6.59 -6.50
CA ALA A 35 -15.77 -6.87 -7.83
C ALA A 35 -15.36 -8.34 -7.97
N MET A 36 -14.92 -8.95 -6.85
CA MET A 36 -14.50 -10.35 -6.84
C MET A 36 -15.69 -11.31 -6.77
N TYR A 37 -16.76 -10.87 -6.10
CA TYR A 37 -17.99 -11.67 -5.95
C TYR A 37 -18.88 -11.58 -7.20
N SER A 38 -19.00 -10.36 -7.75
CA SER A 38 -19.80 -10.10 -8.95
C SER A 38 -19.01 -10.34 -10.25
N HIS A 39 -17.67 -10.23 -10.16
CA HIS A 39 -16.75 -10.42 -11.31
C HIS A 39 -16.98 -9.38 -12.41
N ASP A 40 -16.01 -8.48 -12.56
CA ASP A 40 -16.07 -7.41 -13.56
C ASP A 40 -14.68 -7.18 -14.19
N GLU A 41 -14.66 -6.49 -15.33
CA GLU A 41 -13.40 -6.20 -16.05
C GLU A 41 -12.92 -4.77 -15.77
N ALA A 42 -13.87 -3.83 -15.73
CA ALA A 42 -13.58 -2.40 -15.48
C ALA A 42 -13.06 -2.14 -14.06
N LEU A 43 -13.49 -2.98 -13.10
CA LEU A 43 -13.09 -2.85 -11.70
C LEU A 43 -11.60 -3.13 -11.47
N PHE A 44 -11.01 -3.98 -12.33
CA PHE A 44 -9.59 -4.34 -12.25
C PHE A 44 -8.69 -3.19 -12.73
N GLN A 45 -9.17 -2.46 -13.75
CA GLN A 45 -8.43 -1.31 -14.32
C GLN A 45 -8.44 -0.12 -13.35
N SER A 46 -9.61 0.13 -12.74
CA SER A 46 -9.79 1.21 -11.76
C SER A 46 -9.04 0.92 -10.46
N LEU A 47 -8.99 -0.38 -10.10
CA LEU A 47 -8.30 -0.84 -8.88
C LEU A 47 -6.77 -0.74 -9.02
N GLN A 48 -6.28 -1.01 -10.24
CA GLN A 48 -4.83 -0.95 -10.53
C GLN A 48 -4.32 0.48 -10.59
N GLY A 49 -5.14 1.39 -11.16
CA GLY A 49 -4.77 2.80 -11.27
C GLY A 49 -4.82 3.52 -9.93
N GLU A 50 -5.83 3.20 -9.12
CA GLU A 50 -6.00 3.80 -7.78
C GLU A 50 -4.96 3.30 -6.79
N LEU A 51 -4.59 2.01 -6.93
CA LEU A 51 -3.59 1.37 -6.06
C LEU A 51 -2.18 1.88 -6.38
N GLN A 52 -1.92 2.14 -7.68
CA GLN A 52 -0.61 2.64 -8.13
C GLN A 52 -0.44 4.12 -7.78
N THR A 53 -1.56 4.86 -7.75
CA THR A 53 -1.55 6.29 -7.42
C THR A 53 -1.36 6.51 -5.91
N VAL A 54 -1.95 5.62 -5.09
CA VAL A 54 -1.82 5.70 -3.63
C VAL A 54 -0.42 5.25 -3.17
N LYS A 55 0.14 4.27 -3.90
CA LYS A 55 1.48 3.74 -3.61
C LYS A 55 2.57 4.76 -3.99
N GLU A 56 2.34 5.47 -5.10
CA GLU A 56 3.27 6.51 -5.57
C GLU A 56 3.21 7.75 -4.68
N THR A 57 2.02 8.04 -4.14
CA THR A 57 1.80 9.19 -3.25
C THR A 57 2.41 8.94 -1.86
N LEU A 58 2.34 7.68 -1.41
CA LEU A 58 2.90 7.27 -0.11
C LEU A 58 4.42 7.24 -0.15
N GLN A 59 4.97 6.82 -1.31
CA GLN A 59 6.43 6.74 -1.52
C GLN A 59 7.01 8.16 -1.60
N ALA A 60 6.28 9.07 -2.25
CA ALA A 60 6.70 10.47 -2.39
C ALA A 60 6.65 11.19 -1.05
N MET A 61 5.66 10.82 -0.22
CA MET A 61 5.49 11.40 1.12
C MET A 61 6.64 11.02 2.05
N ILE A 62 7.05 9.75 2.00
CA ILE A 62 8.15 9.25 2.84
C ILE A 62 9.52 9.73 2.34
N LEU A 63 9.60 10.02 1.02
CA LEU A 63 10.82 10.52 0.40
C LEU A 63 10.97 12.03 0.59
N GLN A 64 9.84 12.71 0.87
CA GLN A 64 9.82 14.16 1.08
C GLN A 64 10.11 14.53 2.54
N LEU A 65 9.58 13.75 3.49
CA LEU A 65 9.79 14.03 4.92
C LEU A 65 10.97 13.23 5.49
N GLN A 66 11.08 11.96 5.10
CA GLN A 66 12.15 11.09 5.57
C GLN A 66 13.25 10.92 4.51
N PRO A 67 14.53 10.63 4.91
CA PRO A 67 15.64 10.46 3.96
C PRO A 67 15.66 9.08 3.30
N THR A 68 16.23 9.01 2.10
CA THR A 68 16.32 7.75 1.35
C THR A 68 17.66 7.64 0.61
N LYS A 69 18.17 6.42 0.51
CA LYS A 69 19.44 6.16 -0.16
C LYS A 69 19.22 5.68 -1.60
N GLU A 70 20.10 6.10 -2.50
CA GLU A 70 20.03 5.74 -3.91
C GLU A 70 21.02 4.62 -4.24
N ALA A 71 20.67 3.82 -5.25
CA ALA A 71 21.53 2.70 -5.68
C ALA A 71 22.38 3.09 -6.88
N GLY A 72 23.56 2.47 -6.98
CA GLY A 72 24.48 2.74 -8.08
C GLY A 72 24.39 1.71 -9.18
N GLU A 73 25.54 1.41 -9.81
CA GLU A 73 25.60 0.43 -10.89
C GLU A 73 26.53 -0.74 -10.54
N ALA A 74 27.66 -0.41 -9.90
CA ALA A 74 28.63 -1.43 -9.49
C ALA A 74 28.46 -1.81 -8.02
N SER A 75 28.81 -3.08 -7.70
CA SER A 75 28.71 -3.63 -6.32
C SER A 75 27.26 -3.66 -5.82
N ALA A 76 26.81 -4.86 -5.41
CA ALA A 76 25.45 -5.05 -4.90
C ALA A 76 25.47 -5.71 -3.53
N SER A 77 24.53 -5.30 -2.67
CA SER A 77 24.42 -5.86 -1.32
C SER A 77 23.21 -6.78 -1.21
N TYR A 78 23.43 -7.94 -0.56
CA TYR A 78 22.38 -8.94 -0.38
C TYR A 78 21.75 -8.82 1.02
N PRO A 79 20.44 -8.43 1.14
CA PRO A 79 19.75 -8.31 2.46
C PRO A 79 19.62 -9.65 3.19
N THR A 80 19.59 -9.58 4.54
CA THR A 80 19.47 -10.75 5.44
C THR A 80 20.51 -11.84 5.14
N ALA A 81 21.48 -11.96 6.05
CA ALA A 81 22.56 -12.94 5.91
C ALA A 81 22.34 -14.12 6.85
N GLY A 82 22.46 -15.34 6.30
CA GLY A 82 22.28 -16.55 7.08
C GLY A 82 21.38 -17.55 6.39
N ALA A 83 20.07 -17.27 6.39
CA ALA A 83 19.09 -18.16 5.76
C ALA A 83 18.68 -17.62 4.39
N GLN A 84 18.39 -18.56 3.47
CA GLN A 84 17.98 -18.21 2.11
C GLN A 84 16.47 -18.31 1.95
N GLU A 85 15.89 -17.36 1.21
CA GLU A 85 14.45 -17.32 0.97
C GLU A 85 14.15 -17.33 -0.53
N THR A 86 13.12 -18.09 -0.92
CA THR A 86 12.71 -18.20 -2.32
C THR A 86 11.19 -18.20 -2.45
N GLU A 87 10.69 -17.59 -3.52
CA GLU A 87 9.25 -17.50 -3.78
C GLU A 87 8.93 -17.98 -5.19
N ALA A 88 7.77 -18.62 -5.34
CA ALA A 88 7.32 -19.14 -6.64
C ALA A 88 6.30 -18.21 -7.28
N LEU A 89 6.45 -17.99 -8.59
CA LEU A 89 5.55 -17.12 -9.34
C LEU A 89 4.63 -17.93 -10.25
N VAL A 90 5.19 -18.94 -10.94
CA VAL A 90 4.43 -19.79 -11.84
C VAL A 90 4.68 -21.29 -11.55
N PRO A 91 3.75 -22.21 -11.96
CA PRO A 91 3.92 -23.67 -11.71
C PRO A 91 4.94 -24.31 -12.65
N ARG A 92 5.50 -25.45 -12.22
CA ARG A 92 6.50 -26.19 -13.01
C ARG A 92 6.08 -27.64 -13.17
N GLY A 93 6.14 -28.13 -14.41
CA GLY A 93 5.78 -29.51 -14.70
C GLY A 93 4.49 -29.62 -15.49
N SER A 94 3.38 -29.76 -14.77
CA SER A 94 2.06 -29.88 -15.39
C SER A 94 1.31 -28.56 -15.34
N GLY A 95 0.53 -28.28 -16.40
CA GLY A 95 -0.23 -27.04 -16.48
C GLY A 95 -1.72 -27.28 -16.29
N PHE A 96 -2.09 -27.84 -15.14
CA PHE A 96 -3.49 -28.12 -14.82
C PHE A 96 -3.85 -27.52 -13.45
N GLY A 97 -4.99 -26.82 -13.41
CA GLY A 97 -5.45 -26.20 -12.18
C GLY A 97 -6.58 -25.22 -12.40
N LYS A 98 -7.50 -25.16 -11.44
CA LYS A 98 -8.65 -24.25 -11.51
C LYS A 98 -8.79 -23.42 -10.24
N ASN A 99 -8.52 -24.04 -9.09
CA ASN A 99 -8.61 -23.37 -7.78
C ASN A 99 -7.25 -22.79 -7.36
N GLU A 100 -6.19 -23.13 -8.10
CA GLU A 100 -4.83 -22.64 -7.81
C GLU A 100 -4.54 -21.30 -8.49
N ALA A 101 -5.31 -20.98 -9.54
CA ALA A 101 -5.16 -19.73 -10.29
C ALA A 101 -5.77 -18.53 -9.54
N LEU A 102 -6.81 -18.80 -8.75
CA LEU A 102 -7.50 -17.75 -7.97
C LEU A 102 -6.82 -17.51 -6.62
N LYS A 103 -6.14 -18.54 -6.09
CA LYS A 103 -5.44 -18.45 -4.80
C LYS A 103 -4.24 -17.50 -4.85
N GLU A 104 -3.53 -17.50 -5.99
CA GLU A 104 -2.35 -16.64 -6.20
C GLU A 104 -2.74 -15.15 -6.21
N LYS A 105 -3.90 -14.85 -6.81
CA LYS A 105 -4.42 -13.48 -6.89
C LYS A 105 -4.98 -13.02 -5.55
N ALA A 106 -5.57 -13.96 -4.80
CA ALA A 106 -6.14 -13.68 -3.47
C ALA A 106 -5.05 -13.41 -2.43
N ASP A 107 -3.93 -14.14 -2.55
CA ASP A 107 -2.78 -13.99 -1.64
C ASP A 107 -1.99 -12.72 -1.94
N SER A 108 -1.90 -12.36 -3.24
CA SER A 108 -1.18 -11.16 -3.69
C SER A 108 -1.94 -9.89 -3.28
N LEU A 109 -3.29 -9.93 -3.44
CA LEU A 109 -4.15 -8.81 -3.09
C LEU A 109 -4.24 -8.63 -1.58
N ALA A 110 -4.22 -9.75 -0.84
CA ALA A 110 -4.28 -9.74 0.62
C ALA A 110 -2.98 -9.19 1.22
N LYS A 111 -1.85 -9.48 0.55
CA LYS A 111 -0.53 -9.02 0.97
C LYS A 111 -0.36 -7.53 0.67
N GLU A 112 -1.04 -7.06 -0.39
CA GLU A 112 -0.99 -5.64 -0.80
C GLU A 112 -1.81 -4.75 0.16
N ILE A 113 -2.96 -5.28 0.62
CA ILE A 113 -3.83 -4.56 1.56
C ILE A 113 -3.21 -4.55 2.97
N GLN A 114 -2.51 -5.65 3.32
CA GLN A 114 -1.84 -5.78 4.62
C GLN A 114 -0.59 -4.90 4.68
N TYR A 115 0.08 -4.75 3.53
CA TYR A 115 1.29 -3.92 3.43
C TYR A 115 0.93 -2.42 3.50
N LEU A 116 -0.21 -2.06 2.88
CA LEU A 116 -0.71 -0.68 2.88
C LEU A 116 -1.17 -0.27 4.28
N LYS A 117 -1.80 -1.22 5.01
CA LYS A 117 -2.27 -0.99 6.37
C LYS A 117 -1.12 -0.80 7.35
N ASP A 118 -0.05 -1.59 7.14
CA ASP A 118 1.17 -1.52 7.98
C ASP A 118 1.92 -0.20 7.77
N LEU A 119 1.87 0.31 6.53
CA LEU A 119 2.54 1.57 6.17
C LEU A 119 1.82 2.78 6.77
N ILE A 120 0.48 2.74 6.78
CA ILE A 120 -0.34 3.83 7.34
C ILE A 120 -0.25 3.83 8.88
N GLU A 121 -0.12 2.63 9.47
CA GLU A 121 0.00 2.47 10.93
C GLU A 121 1.37 2.93 11.43
N GLU A 122 2.41 2.71 10.60
CA GLU A 122 3.78 3.11 10.94
C GLU A 122 3.98 4.61 10.81
N VAL A 123 3.30 5.23 9.84
CA VAL A 123 3.38 6.69 9.63
C VAL A 123 2.57 7.44 10.70
N ARG A 124 1.45 6.83 11.13
CA ARG A 124 0.58 7.40 12.17
C ARG A 124 1.25 7.33 13.55
N LYS A 125 1.98 6.23 13.81
CA LYS A 125 2.69 6.03 15.08
C LYS A 125 3.95 6.90 15.18
N ALA A 126 4.63 7.08 14.04
CA ALA A 126 5.85 7.89 13.97
C ALA A 126 5.55 9.40 14.02
N ARG A 127 4.48 9.81 13.31
CA ARG A 127 4.07 11.22 13.28
C ARG A 127 2.67 11.38 13.84
N GLY A 128 2.51 12.34 14.76
CA GLY A 128 1.22 12.61 15.37
C GLY A 128 1.35 13.20 16.77
N LYS A 129 1.95 12.43 17.68
CA LYS A 129 2.15 12.86 19.07
C LYS A 129 3.61 12.68 19.50
N LYS A 130 4.21 11.55 19.12
CA LYS A 130 5.60 11.25 19.45
C LYS A 130 6.52 11.53 18.27
N ARG A 131 7.66 12.17 18.56
CA ARG A 131 8.64 12.50 17.53
C ARG A 131 9.94 11.72 17.71
N VAL A 132 10.39 11.61 18.98
CA VAL A 132 11.62 10.88 19.31
C VAL A 132 11.31 9.50 19.95
N PRO A 133 12.25 8.52 19.92
CA PRO A 133 12.04 7.18 20.51
C PRO A 133 12.08 7.19 22.04
N GLY A 1 4.84 34.12 3.01
CA GLY A 1 4.90 32.87 3.82
C GLY A 1 6.15 32.04 3.54
N PRO A 2 7.33 32.40 4.12
CA PRO A 2 8.59 31.66 3.90
C PRO A 2 8.64 30.34 4.68
N TRP A 3 9.23 29.32 4.05
CA TRP A 3 9.36 27.99 4.66
C TRP A 3 10.77 27.76 5.19
N LYS A 4 10.86 27.29 6.44
CA LYS A 4 12.15 27.03 7.09
C LYS A 4 12.20 25.62 7.68
N GLU A 5 11.07 25.20 8.27
CA GLU A 5 10.97 23.87 8.88
C GLU A 5 10.24 22.91 7.95
N ASP A 6 10.60 21.62 8.04
CA ASP A 6 10.00 20.58 7.21
C ASP A 6 9.53 19.38 8.04
N SER A 7 10.30 19.06 9.10
CA SER A 7 9.98 17.93 9.99
C SER A 7 9.05 18.35 11.14
N HIS A 8 9.02 19.65 11.45
CA HIS A 8 8.17 20.18 12.52
C HIS A 8 6.84 20.70 12.01
N ILE A 9 6.73 20.90 10.69
CA ILE A 9 5.50 21.40 10.05
C ILE A 9 4.58 20.26 9.59
N VAL A 10 5.06 19.01 9.71
CA VAL A 10 4.29 17.83 9.31
C VAL A 10 3.43 17.30 10.46
N SER A 11 2.41 18.09 10.82
CA SER A 11 1.48 17.74 11.89
C SER A 11 0.03 18.07 11.51
N ALA A 12 -0.15 19.22 10.84
CA ALA A 12 -1.47 19.68 10.40
C ALA A 12 -1.76 19.28 8.95
N GLU A 13 -0.70 19.11 8.15
CA GLU A 13 -0.82 18.73 6.74
C GLU A 13 -0.95 17.21 6.57
N VAL A 14 -0.48 16.46 7.57
CA VAL A 14 -0.53 14.98 7.57
C VAL A 14 -1.92 14.44 7.91
N GLY A 15 -2.62 15.14 8.82
CA GLY A 15 -3.97 14.74 9.25
C GLY A 15 -4.98 14.64 8.11
N GLU A 16 -4.88 15.57 7.14
CA GLU A 16 -5.79 15.59 5.98
C GLU A 16 -5.42 14.51 4.97
N LYS A 17 -4.10 14.20 4.88
CA LYS A 17 -3.58 13.17 3.98
C LYS A 17 -3.88 11.77 4.52
N CYS A 18 -3.85 11.64 5.86
CA CYS A 18 -4.13 10.38 6.54
C CYS A 18 -5.64 10.04 6.47
N GLU A 19 -6.48 11.09 6.61
CA GLU A 19 -7.93 10.94 6.55
C GLU A 19 -8.40 10.61 5.13
N ALA A 20 -7.74 11.22 4.13
CA ALA A 20 -8.05 11.01 2.72
C ALA A 20 -7.62 9.63 2.24
N ILE A 21 -6.45 9.18 2.74
CA ILE A 21 -5.90 7.87 2.40
C ILE A 21 -6.71 6.74 3.08
N GLY A 22 -7.31 7.08 4.24
CA GLY A 22 -8.13 6.14 5.00
C GLY A 22 -9.47 5.88 4.33
N VAL A 23 -10.11 6.96 3.84
CA VAL A 23 -11.41 6.86 3.16
C VAL A 23 -11.27 6.20 1.77
N LYS A 24 -10.11 6.46 1.12
CA LYS A 24 -9.80 5.89 -0.20
C LYS A 24 -9.51 4.39 -0.09
N LEU A 25 -8.84 3.99 1.00
CA LEU A 25 -8.50 2.58 1.26
C LEU A 25 -9.75 1.75 1.59
N LEU A 26 -10.68 2.35 2.35
CA LEU A 26 -11.93 1.68 2.75
C LEU A 26 -12.88 1.49 1.55
N HIS A 27 -12.97 2.52 0.70
CA HIS A 27 -13.82 2.48 -0.49
C HIS A 27 -13.25 1.54 -1.56
N LEU A 28 -11.91 1.44 -1.60
CA LEU A 28 -11.21 0.57 -2.55
C LEU A 28 -11.32 -0.90 -2.13
N GLU A 29 -11.39 -1.14 -0.81
CA GLU A 29 -11.51 -2.51 -0.26
C GLU A 29 -12.92 -3.06 -0.49
N ASP A 30 -13.93 -2.20 -0.32
CA ASP A 30 -15.34 -2.58 -0.52
C ASP A 30 -15.64 -2.79 -2.01
N GLN A 31 -15.02 -1.96 -2.87
CA GLN A 31 -15.19 -2.05 -4.33
C GLN A 31 -14.43 -3.24 -4.91
N LEU A 32 -13.32 -3.62 -4.24
CA LEU A 32 -12.49 -4.75 -4.66
C LEU A 32 -13.17 -6.08 -4.37
N LEU A 33 -13.81 -6.18 -3.20
CA LEU A 33 -14.55 -7.39 -2.79
C LEU A 33 -15.83 -7.54 -3.60
N GLY A 34 -16.48 -6.40 -3.89
CA GLY A 34 -17.71 -6.39 -4.68
C GLY A 34 -17.46 -6.69 -6.15
N ALA A 35 -16.25 -6.32 -6.63
CA ALA A 35 -15.85 -6.56 -8.02
C ALA A 35 -15.36 -8.00 -8.22
N MET A 36 -14.81 -8.59 -7.15
CA MET A 36 -14.30 -9.98 -7.20
C MET A 36 -15.43 -11.01 -7.12
N TYR A 37 -16.48 -10.69 -6.35
CA TYR A 37 -17.63 -11.59 -6.18
C TYR A 37 -18.57 -11.56 -7.41
N SER A 38 -18.67 -10.39 -8.05
CA SER A 38 -19.51 -10.21 -9.24
C SER A 38 -18.77 -10.60 -10.53
N HIS A 39 -17.41 -10.56 -10.48
CA HIS A 39 -16.54 -10.89 -11.63
C HIS A 39 -16.73 -9.93 -12.80
N ASP A 40 -15.77 -9.01 -12.96
CA ASP A 40 -15.80 -8.00 -14.03
C ASP A 40 -14.39 -7.74 -14.56
N GLU A 41 -14.31 -7.14 -15.76
CA GLU A 41 -13.03 -6.82 -16.39
C GLU A 41 -12.67 -5.34 -16.24
N ALA A 42 -13.68 -4.46 -16.38
CA ALA A 42 -13.50 -3.01 -16.27
C ALA A 42 -13.13 -2.57 -14.84
N LEU A 43 -13.75 -3.23 -13.85
CA LEU A 43 -13.51 -2.91 -12.43
C LEU A 43 -12.11 -3.32 -11.96
N PHE A 44 -11.55 -4.37 -12.60
CA PHE A 44 -10.19 -4.86 -12.27
C PHE A 44 -9.12 -3.87 -12.73
N GLN A 45 -9.36 -3.25 -13.90
CA GLN A 45 -8.44 -2.24 -14.46
C GLN A 45 -8.50 -0.94 -13.66
N SER A 46 -9.72 -0.59 -13.23
CA SER A 46 -9.96 0.62 -12.42
C SER A 46 -9.35 0.47 -11.02
N LEU A 47 -9.44 -0.75 -10.47
CA LEU A 47 -8.89 -1.07 -9.13
C LEU A 47 -7.36 -1.09 -9.14
N GLN A 48 -6.78 -1.53 -10.27
CA GLN A 48 -5.31 -1.60 -10.43
C GLN A 48 -4.70 -0.20 -10.56
N GLY A 49 -5.37 0.68 -11.32
CA GLY A 49 -4.92 2.05 -11.52
C GLY A 49 -5.08 2.90 -10.26
N GLU A 50 -6.19 2.68 -9.54
CA GLU A 50 -6.49 3.41 -8.30
C GLU A 50 -5.56 2.97 -7.17
N LEU A 51 -5.20 1.67 -7.16
CA LEU A 51 -4.30 1.10 -6.15
C LEU A 51 -2.86 1.58 -6.37
N GLN A 52 -2.49 1.76 -7.66
CA GLN A 52 -1.15 2.24 -8.03
C GLN A 52 -0.99 3.73 -7.73
N THR A 53 -2.10 4.49 -7.84
CA THR A 53 -2.10 5.93 -7.56
C THR A 53 -2.05 6.21 -6.06
N VAL A 54 -2.72 5.35 -5.26
CA VAL A 54 -2.74 5.48 -3.80
C VAL A 54 -1.39 5.04 -3.20
N LYS A 55 -0.76 4.05 -3.83
CA LYS A 55 0.55 3.54 -3.39
C LYS A 55 1.67 4.53 -3.75
N GLU A 56 1.52 5.20 -4.90
CA GLU A 56 2.48 6.19 -5.38
C GLU A 56 2.41 7.48 -4.55
N THR A 57 1.19 7.82 -4.11
CA THR A 57 0.95 9.02 -3.27
C THR A 57 1.46 8.80 -1.85
N LEU A 58 1.31 7.57 -1.35
CA LEU A 58 1.75 7.19 -0.01
C LEU A 58 3.28 7.15 0.06
N GLN A 59 3.92 6.67 -1.02
CA GLN A 59 5.38 6.59 -1.12
C GLN A 59 6.01 7.99 -1.23
N ALA A 60 5.33 8.87 -1.99
CA ALA A 60 5.78 10.25 -2.18
C ALA A 60 5.62 11.07 -0.90
N MET A 61 4.62 10.69 -0.08
CA MET A 61 4.34 11.38 1.19
C MET A 61 5.40 11.03 2.25
N ILE A 62 5.77 9.73 2.31
CA ILE A 62 6.78 9.25 3.27
C ILE A 62 8.21 9.64 2.84
N LEU A 63 8.39 9.86 1.52
CA LEU A 63 9.67 10.25 0.95
C LEU A 63 9.88 11.77 1.09
N GLN A 64 8.77 12.52 1.06
CA GLN A 64 8.80 13.99 1.20
C GLN A 64 8.67 14.41 2.67
N LEU A 65 8.24 13.47 3.53
CA LEU A 65 8.07 13.72 4.97
C LEU A 65 9.44 13.80 5.68
N GLN A 66 10.40 13.00 5.21
CA GLN A 66 11.74 12.97 5.78
C GLN A 66 12.69 13.91 4.99
N PRO A 67 13.14 15.07 5.60
CA PRO A 67 14.05 16.03 4.93
C PRO A 67 15.43 15.43 4.62
N THR A 68 15.92 14.56 5.50
CA THR A 68 17.23 13.92 5.33
C THR A 68 17.08 12.40 5.14
N LYS A 69 17.96 11.84 4.29
CA LYS A 69 17.95 10.41 4.00
C LYS A 69 19.22 9.75 4.51
N GLU A 70 19.07 8.60 5.17
CA GLU A 70 20.20 7.84 5.71
C GLU A 70 20.15 6.38 5.28
N ALA A 71 18.95 5.78 5.32
CA ALA A 71 18.76 4.39 4.94
C ALA A 71 18.12 4.28 3.55
N GLY A 72 18.55 3.25 2.80
CA GLY A 72 18.01 3.04 1.46
C GLY A 72 17.08 1.85 1.39
N GLU A 73 17.58 0.68 1.80
CA GLU A 73 16.78 -0.55 1.80
C GLU A 73 16.28 -0.88 3.20
N ALA A 74 14.99 -1.22 3.29
CA ALA A 74 14.36 -1.56 4.56
C ALA A 74 14.25 -3.07 4.75
N SER A 75 13.87 -3.78 3.68
CA SER A 75 13.74 -5.23 3.73
C SER A 75 14.53 -5.89 2.61
N ALA A 76 15.15 -7.03 2.91
CA ALA A 76 15.95 -7.78 1.94
C ALA A 76 15.48 -9.24 1.84
N SER A 77 15.20 -9.86 3.00
CA SER A 77 14.75 -11.24 3.06
C SER A 77 13.34 -11.33 3.65
N TYR A 78 12.59 -12.35 3.23
CA TYR A 78 11.22 -12.58 3.71
C TYR A 78 11.20 -13.62 4.83
N PRO A 79 10.13 -13.64 5.71
CA PRO A 79 10.03 -14.61 6.82
C PRO A 79 9.67 -16.03 6.35
N THR A 80 8.85 -16.12 5.31
CA THR A 80 8.42 -17.40 4.74
C THR A 80 9.26 -17.78 3.53
N ALA A 81 9.52 -19.09 3.40
CA ALA A 81 10.31 -19.60 2.28
C ALA A 81 9.56 -20.71 1.52
N GLY A 82 8.91 -21.61 2.28
CA GLY A 82 8.16 -22.70 1.66
C GLY A 82 7.05 -23.20 2.57
N ALA A 83 5.90 -22.52 2.52
CA ALA A 83 4.74 -22.89 3.34
C ALA A 83 3.50 -23.07 2.46
N GLN A 84 2.73 -24.12 2.76
CA GLN A 84 1.50 -24.43 2.02
C GLN A 84 0.31 -24.62 2.96
N GLU A 85 0.54 -25.34 4.06
CA GLU A 85 -0.51 -25.61 5.06
C GLU A 85 -0.02 -25.28 6.46
N THR A 86 -0.89 -24.63 7.25
CA THR A 86 -0.56 -24.25 8.63
C THR A 86 -1.75 -24.50 9.57
N GLU A 87 -2.95 -24.13 9.12
CA GLU A 87 -4.18 -24.31 9.90
C GLU A 87 -5.26 -25.00 9.08
N ALA A 88 -6.07 -25.82 9.74
CA ALA A 88 -7.16 -26.54 9.08
C ALA A 88 -8.50 -25.86 9.30
N LEU A 89 -9.20 -25.58 8.20
CA LEU A 89 -10.50 -24.91 8.25
C LEU A 89 -11.53 -25.65 7.38
N VAL A 90 -11.10 -26.06 6.18
CA VAL A 90 -11.98 -26.78 5.24
C VAL A 90 -11.21 -27.93 4.54
N PRO A 91 -11.48 -29.23 4.92
CA PRO A 91 -10.80 -30.39 4.31
C PRO A 91 -11.13 -30.56 2.82
N ARG A 92 -12.37 -30.21 2.44
CA ARG A 92 -12.82 -30.32 1.06
C ARG A 92 -13.43 -29.00 0.58
N GLY A 93 -13.04 -28.57 -0.62
CA GLY A 93 -13.55 -27.33 -1.19
C GLY A 93 -14.64 -27.57 -2.22
N SER A 94 -15.56 -26.61 -2.33
CA SER A 94 -16.67 -26.69 -3.28
C SER A 94 -16.53 -25.64 -4.37
N GLY A 95 -16.97 -26.00 -5.58
CA GLY A 95 -16.90 -25.10 -6.72
C GLY A 95 -16.75 -25.83 -8.04
N PHE A 96 -15.64 -25.54 -8.74
CA PHE A 96 -15.35 -26.17 -10.04
C PHE A 96 -14.36 -27.32 -9.88
N GLY A 97 -13.33 -27.10 -9.06
CA GLY A 97 -12.31 -28.13 -8.83
C GLY A 97 -11.07 -27.57 -8.14
N LYS A 98 -10.03 -27.30 -8.93
CA LYS A 98 -8.78 -26.77 -8.41
C LYS A 98 -8.68 -25.26 -8.66
N ASN A 99 -8.11 -24.55 -7.69
CA ASN A 99 -7.96 -23.09 -7.77
C ASN A 99 -6.48 -22.71 -7.73
N GLU A 100 -6.03 -22.02 -8.78
CA GLU A 100 -4.64 -21.56 -8.90
C GLU A 100 -4.58 -20.09 -9.30
N ALA A 101 -5.51 -19.68 -10.16
CA ALA A 101 -5.59 -18.29 -10.65
C ALA A 101 -6.20 -17.36 -9.59
N LEU A 102 -7.08 -17.92 -8.75
CA LEU A 102 -7.73 -17.16 -7.68
C LEU A 102 -6.87 -17.08 -6.41
N LYS A 103 -6.00 -18.09 -6.22
CA LYS A 103 -5.11 -18.14 -5.05
C LYS A 103 -3.95 -17.15 -5.18
N GLU A 104 -3.40 -17.03 -6.40
CA GLU A 104 -2.29 -16.10 -6.68
C GLU A 104 -2.71 -14.64 -6.49
N LYS A 105 -3.94 -14.31 -6.90
CA LYS A 105 -4.49 -12.95 -6.78
C LYS A 105 -4.96 -12.67 -5.35
N ALA A 106 -5.43 -13.71 -4.66
CA ALA A 106 -5.90 -13.59 -3.27
C ALA A 106 -4.74 -13.36 -2.31
N ASP A 107 -3.62 -14.08 -2.53
CA ASP A 107 -2.42 -13.96 -1.72
C ASP A 107 -1.65 -12.67 -2.00
N SER A 108 -1.61 -12.27 -3.29
CA SER A 108 -0.91 -11.04 -3.70
C SER A 108 -1.64 -9.79 -3.19
N LEU A 109 -2.98 -9.81 -3.30
CA LEU A 109 -3.82 -8.69 -2.85
C LEU A 109 -3.86 -8.61 -1.31
N ALA A 110 -3.80 -9.78 -0.66
CA ALA A 110 -3.81 -9.86 0.82
C ALA A 110 -2.50 -9.32 1.39
N LYS A 111 -1.39 -9.57 0.66
CA LYS A 111 -0.06 -9.10 1.05
C LYS A 111 0.07 -7.59 0.81
N GLU A 112 -0.65 -7.09 -0.21
CA GLU A 112 -0.64 -5.65 -0.54
C GLU A 112 -1.41 -4.84 0.51
N ILE A 113 -2.52 -5.41 1.02
CA ILE A 113 -3.34 -4.76 2.05
C ILE A 113 -2.62 -4.82 3.41
N GLN A 114 -1.87 -5.91 3.64
CA GLN A 114 -1.10 -6.10 4.88
C GLN A 114 0.09 -5.14 4.95
N TYR A 115 0.71 -4.88 3.78
CA TYR A 115 1.85 -3.96 3.68
C TYR A 115 1.39 -2.51 3.84
N LEU A 116 0.19 -2.22 3.30
CA LEU A 116 -0.41 -0.88 3.39
C LEU A 116 -0.78 -0.54 4.84
N LYS A 117 -1.30 -1.54 5.57
CA LYS A 117 -1.70 -1.38 6.97
C LYS A 117 -0.47 -1.21 7.88
N ASP A 118 0.61 -1.94 7.55
CA ASP A 118 1.87 -1.87 8.29
C ASP A 118 2.56 -0.52 8.10
N LEU A 119 2.39 0.07 6.90
CA LEU A 119 2.99 1.37 6.57
C LEU A 119 2.28 2.52 7.29
N ILE A 120 0.94 2.43 7.37
CA ILE A 120 0.12 3.45 8.06
C ILE A 120 0.31 3.33 9.59
N GLU A 121 0.50 2.09 10.07
CA GLU A 121 0.71 1.83 11.50
C GLU A 121 2.11 2.28 11.96
N GLU A 122 3.09 2.21 11.04
CA GLU A 122 4.47 2.63 11.34
C GLU A 122 4.60 4.15 11.36
N VAL A 123 3.86 4.83 10.47
CA VAL A 123 3.87 6.28 10.39
C VAL A 123 3.10 6.90 11.59
N ARG A 124 2.02 6.22 12.01
CA ARG A 124 1.21 6.66 13.15
C ARG A 124 1.95 6.45 14.48
N LYS A 125 2.69 5.35 14.57
CA LYS A 125 3.49 5.01 15.77
C LYS A 125 4.73 5.90 15.90
N ALA A 126 5.28 6.33 14.74
CA ALA A 126 6.46 7.19 14.70
C ALA A 126 6.13 8.64 15.08
N ARG A 127 4.96 9.12 14.63
CA ARG A 127 4.51 10.48 14.94
C ARG A 127 3.60 10.47 16.17
N GLY A 128 3.91 11.37 17.13
CA GLY A 128 3.13 11.47 18.35
C GLY A 128 2.98 12.89 18.84
N LYS A 129 1.95 13.13 19.66
CA LYS A 129 1.67 14.45 20.21
C LYS A 129 1.49 14.37 21.72
N LYS A 130 2.20 15.26 22.44
CA LYS A 130 2.14 15.31 23.90
C LYS A 130 1.48 16.60 24.39
N ARG A 131 1.83 17.73 23.75
CA ARG A 131 1.27 19.04 24.11
C ARG A 131 0.14 19.42 23.16
N VAL A 132 -0.99 19.84 23.74
CA VAL A 132 -2.17 20.23 22.97
C VAL A 132 -2.34 21.77 22.96
N PRO A 133 -2.06 22.47 21.81
CA PRO A 133 -2.20 23.94 21.72
C PRO A 133 -3.66 24.42 21.86
N GLY A 1 -1.21 40.11 6.43
CA GLY A 1 -0.31 38.93 6.31
C GLY A 1 0.13 38.38 7.66
N PRO A 2 -0.73 37.56 8.34
CA PRO A 2 -0.40 36.97 9.67
C PRO A 2 0.60 35.81 9.57
N TRP A 3 0.50 35.03 8.50
CA TRP A 3 1.38 33.88 8.27
C TRP A 3 2.07 33.99 6.92
N LYS A 4 3.41 33.92 6.93
CA LYS A 4 4.22 34.01 5.71
C LYS A 4 5.28 32.91 5.67
N GLU A 5 5.90 32.63 6.83
CA GLU A 5 6.93 31.62 6.94
C GLU A 5 6.36 30.30 7.46
N ASP A 6 7.00 29.19 7.09
CA ASP A 6 6.57 27.86 7.50
C ASP A 6 7.35 27.39 8.74
N SER A 7 6.61 27.13 9.82
CA SER A 7 7.20 26.66 11.08
C SER A 7 6.50 25.38 11.57
N HIS A 8 5.16 25.39 11.53
CA HIS A 8 4.36 24.24 11.94
C HIS A 8 3.32 23.91 10.87
N ILE A 9 3.69 22.99 9.98
CA ILE A 9 2.81 22.57 8.88
C ILE A 9 2.96 21.06 8.58
N VAL A 10 3.74 20.36 9.41
CA VAL A 10 3.98 18.92 9.24
C VAL A 10 2.93 18.08 9.99
N SER A 11 2.48 18.58 11.15
CA SER A 11 1.48 17.90 11.97
C SER A 11 0.05 18.30 11.60
N ALA A 12 -0.07 19.39 10.82
CA ALA A 12 -1.38 19.90 10.39
C ALA A 12 -1.77 19.40 8.99
N GLU A 13 -0.76 19.14 8.15
CA GLU A 13 -0.98 18.66 6.78
C GLU A 13 -1.18 17.13 6.72
N VAL A 14 -0.68 16.43 7.75
CA VAL A 14 -0.79 14.96 7.83
C VAL A 14 -2.22 14.48 8.13
N GLY A 15 -2.93 15.24 8.97
CA GLY A 15 -4.32 14.91 9.34
C GLY A 15 -5.28 14.84 8.15
N GLU A 16 -5.11 15.77 7.20
CA GLU A 16 -5.95 15.82 5.99
C GLU A 16 -5.56 14.74 4.98
N LYS A 17 -4.25 14.47 4.90
CA LYS A 17 -3.70 13.45 3.99
C LYS A 17 -4.00 12.03 4.51
N CYS A 18 -4.00 11.89 5.84
CA CYS A 18 -4.28 10.60 6.49
C CYS A 18 -5.78 10.29 6.43
N GLU A 19 -6.61 11.35 6.55
CA GLU A 19 -8.07 11.22 6.49
C GLU A 19 -8.53 10.87 5.06
N ALA A 20 -7.85 11.45 4.07
CA ALA A 20 -8.15 11.22 2.64
C ALA A 20 -7.73 9.81 2.21
N ILE A 21 -6.57 9.36 2.72
CA ILE A 21 -6.05 8.02 2.41
C ILE A 21 -6.88 6.93 3.13
N GLY A 22 -7.48 7.32 4.27
CA GLY A 22 -8.33 6.41 5.04
C GLY A 22 -9.67 6.15 4.37
N VAL A 23 -10.30 7.23 3.86
CA VAL A 23 -11.59 7.12 3.15
C VAL A 23 -11.43 6.43 1.79
N LYS A 24 -10.25 6.65 1.17
CA LYS A 24 -9.91 6.04 -0.13
C LYS A 24 -9.60 4.55 0.03
N LEU A 25 -8.98 4.20 1.17
CA LEU A 25 -8.62 2.81 1.49
C LEU A 25 -9.88 1.97 1.79
N LEU A 26 -10.86 2.59 2.46
CA LEU A 26 -12.12 1.93 2.81
C LEU A 26 -13.02 1.77 1.59
N HIS A 27 -13.00 2.78 0.70
CA HIS A 27 -13.81 2.77 -0.54
C HIS A 27 -13.20 1.80 -1.56
N LEU A 28 -11.86 1.73 -1.59
CA LEU A 28 -11.13 0.84 -2.50
C LEU A 28 -11.21 -0.61 -2.04
N GLU A 29 -11.31 -0.80 -0.71
CA GLU A 29 -11.43 -2.14 -0.10
C GLU A 29 -12.82 -2.72 -0.33
N ASP A 30 -13.84 -1.86 -0.25
CA ASP A 30 -15.24 -2.25 -0.47
C ASP A 30 -15.49 -2.58 -1.95
N GLN A 31 -14.87 -1.78 -2.84
CA GLN A 31 -14.99 -1.97 -4.30
C GLN A 31 -14.18 -3.19 -4.78
N LEU A 32 -13.10 -3.50 -4.05
CA LEU A 32 -12.22 -4.64 -4.38
C LEU A 32 -12.88 -5.96 -3.99
N LEU A 33 -13.58 -5.96 -2.84
CA LEU A 33 -14.28 -7.14 -2.34
C LEU A 33 -15.51 -7.45 -3.19
N GLY A 34 -16.21 -6.38 -3.61
CA GLY A 34 -17.40 -6.52 -4.45
C GLY A 34 -17.06 -6.93 -5.88
N ALA A 35 -15.89 -6.46 -6.36
CA ALA A 35 -15.41 -6.79 -7.70
C ALA A 35 -14.74 -8.16 -7.75
N MET A 36 -14.26 -8.63 -6.59
CA MET A 36 -13.59 -9.93 -6.46
C MET A 36 -14.61 -11.07 -6.40
N TYR A 37 -15.74 -10.85 -5.71
CA TYR A 37 -16.81 -11.84 -5.58
C TYR A 37 -17.72 -11.87 -6.82
N SER A 38 -17.95 -10.69 -7.41
CA SER A 38 -18.79 -10.55 -8.61
C SER A 38 -18.00 -10.78 -9.89
N HIS A 39 -16.69 -10.40 -9.86
CA HIS A 39 -15.76 -10.54 -11.01
C HIS A 39 -16.23 -9.75 -12.23
N ASP A 40 -15.49 -8.66 -12.53
CA ASP A 40 -15.79 -7.79 -13.67
C ASP A 40 -14.49 -7.31 -14.33
N GLU A 41 -14.62 -6.76 -15.55
CA GLU A 41 -13.46 -6.25 -16.29
C GLU A 41 -13.24 -4.76 -16.04
N ALA A 42 -14.34 -4.00 -15.98
CA ALA A 42 -14.29 -2.55 -15.74
C ALA A 42 -13.79 -2.18 -14.35
N LEU A 43 -14.23 -2.95 -13.34
CA LEU A 43 -13.85 -2.73 -11.94
C LEU A 43 -12.38 -3.11 -11.67
N PHE A 44 -11.87 -4.09 -12.42
CA PHE A 44 -10.48 -4.55 -12.28
C PHE A 44 -9.48 -3.51 -12.80
N GLN A 45 -9.87 -2.82 -13.89
CA GLN A 45 -9.03 -1.77 -14.49
C GLN A 45 -9.04 -0.51 -13.62
N SER A 46 -10.23 -0.19 -13.07
CA SER A 46 -10.42 0.96 -12.18
C SER A 46 -9.71 0.75 -10.83
N LEU A 47 -9.76 -0.51 -10.34
CA LEU A 47 -9.12 -0.88 -9.07
C LEU A 47 -7.60 -0.89 -9.17
N GLN A 48 -7.08 -1.26 -10.36
CA GLN A 48 -5.63 -1.32 -10.60
C GLN A 48 -5.03 0.08 -10.73
N GLY A 49 -5.77 0.98 -11.40
CA GLY A 49 -5.31 2.37 -11.57
C GLY A 49 -5.37 3.17 -10.27
N GLU A 50 -6.42 2.91 -9.46
CA GLU A 50 -6.61 3.57 -8.18
C GLU A 50 -5.62 3.05 -7.13
N LEU A 51 -5.31 1.75 -7.22
CA LEU A 51 -4.35 1.10 -6.31
C LEU A 51 -2.91 1.56 -6.58
N GLN A 52 -2.61 1.80 -7.87
CA GLN A 52 -1.28 2.28 -8.29
C GLN A 52 -1.08 3.75 -7.93
N THR A 53 -2.17 4.53 -8.01
CA THR A 53 -2.15 5.96 -7.67
C THR A 53 -2.05 6.18 -6.15
N VAL A 54 -2.67 5.27 -5.38
CA VAL A 54 -2.64 5.33 -3.91
C VAL A 54 -1.27 4.88 -3.37
N LYS A 55 -0.65 3.91 -4.06
CA LYS A 55 0.68 3.39 -3.69
C LYS A 55 1.77 4.40 -4.03
N GLU A 56 1.56 5.16 -5.13
CA GLU A 56 2.52 6.18 -5.56
C GLU A 56 2.47 7.40 -4.63
N THR A 57 1.24 7.73 -4.18
CA THR A 57 1.02 8.86 -3.25
C THR A 57 1.55 8.54 -1.85
N LEU A 58 1.41 7.26 -1.46
CA LEU A 58 1.87 6.77 -0.16
C LEU A 58 3.40 6.71 -0.11
N GLN A 59 4.01 6.35 -1.25
CA GLN A 59 5.47 6.27 -1.38
C GLN A 59 6.10 7.66 -1.34
N ALA A 60 5.41 8.64 -1.96
CA ALA A 60 5.86 10.04 -1.98
C ALA A 60 5.77 10.68 -0.59
N MET A 61 4.75 10.27 0.18
CA MET A 61 4.53 10.77 1.54
C MET A 61 5.61 10.25 2.51
N ILE A 62 5.97 8.97 2.37
CA ILE A 62 7.00 8.34 3.23
C ILE A 62 8.42 8.78 2.83
N LEU A 63 8.61 9.15 1.55
CA LEU A 63 9.91 9.61 1.05
C LEU A 63 10.16 11.07 1.42
N GLN A 64 9.08 11.86 1.53
CA GLN A 64 9.16 13.27 1.89
C GLN A 64 9.22 13.45 3.42
N LEU A 65 8.59 12.51 4.15
CA LEU A 65 8.58 12.55 5.61
C LEU A 65 9.57 11.52 6.18
N GLN A 66 10.86 11.78 5.95
CA GLN A 66 11.93 10.90 6.42
C GLN A 66 12.51 11.40 7.75
N PRO A 67 12.18 10.75 8.91
CA PRO A 67 12.70 11.16 10.24
C PRO A 67 14.19 10.84 10.40
N THR A 68 14.84 11.57 11.30
CA THR A 68 16.27 11.38 11.57
C THR A 68 16.49 10.65 12.91
N LYS A 69 17.08 9.46 12.83
CA LYS A 69 17.37 8.65 14.01
C LYS A 69 18.79 8.08 13.94
N GLU A 70 19.40 7.91 15.12
CA GLU A 70 20.77 7.37 15.22
C GLU A 70 20.74 5.90 15.60
N ALA A 71 21.65 5.12 15.00
CA ALA A 71 21.75 3.68 15.25
C ALA A 71 22.90 3.38 16.21
N GLY A 72 22.73 2.32 17.00
CA GLY A 72 23.75 1.91 17.96
C GLY A 72 24.32 0.54 17.66
N GLU A 73 25.41 0.51 16.91
CA GLU A 73 26.08 -0.73 16.54
C GLU A 73 27.44 -0.84 17.22
N ALA A 74 27.81 -2.07 17.58
CA ALA A 74 29.09 -2.34 18.24
C ALA A 74 30.00 -3.23 17.38
N SER A 75 29.41 -4.25 16.75
CA SER A 75 30.16 -5.17 15.90
C SER A 75 29.97 -4.82 14.43
N ALA A 76 31.04 -5.01 13.64
CA ALA A 76 31.01 -4.72 12.21
C ALA A 76 30.80 -5.98 11.38
N SER A 77 31.49 -7.07 11.77
CA SER A 77 31.39 -8.36 11.07
C SER A 77 30.45 -9.31 11.81
N TYR A 78 29.53 -9.91 11.06
CA TYR A 78 28.55 -10.86 11.63
C TYR A 78 28.55 -12.19 10.84
N PRO A 79 28.07 -13.32 11.45
CA PRO A 79 28.03 -14.64 10.76
C PRO A 79 26.91 -14.71 9.71
N THR A 80 27.16 -15.48 8.65
CA THR A 80 26.19 -15.66 7.57
C THR A 80 26.14 -17.11 7.12
N ALA A 81 24.92 -17.60 6.86
CA ALA A 81 24.69 -18.98 6.42
C ALA A 81 23.88 -19.02 5.14
N GLY A 82 24.19 -20.00 4.28
CA GLY A 82 23.50 -20.16 3.02
C GLY A 82 24.00 -21.34 2.21
N ALA A 83 24.09 -21.16 0.90
CA ALA A 83 24.56 -22.20 -0.02
C ALA A 83 26.01 -21.98 -0.40
N GLN A 84 26.80 -23.06 -0.38
CA GLN A 84 28.23 -23.00 -0.73
C GLN A 84 28.59 -24.05 -1.78
N GLU A 85 28.05 -25.27 -1.60
CA GLU A 85 28.31 -26.38 -2.52
C GLU A 85 27.00 -26.92 -3.11
N THR A 86 25.99 -27.06 -2.25
CA THR A 86 24.67 -27.57 -2.68
C THR A 86 23.70 -26.42 -2.90
N GLU A 87 22.92 -26.52 -3.98
CA GLU A 87 21.93 -25.50 -4.34
C GLU A 87 20.52 -25.98 -4.01
N ALA A 88 19.68 -25.03 -3.57
CA ALA A 88 18.29 -25.33 -3.20
C ALA A 88 17.33 -24.92 -4.31
N LEU A 89 16.29 -25.72 -4.52
CA LEU A 89 15.28 -25.45 -5.54
C LEU A 89 13.96 -25.02 -4.92
N VAL A 90 13.24 -24.15 -5.62
CA VAL A 90 11.95 -23.63 -5.15
C VAL A 90 10.83 -23.86 -6.19
N PRO A 91 9.92 -24.87 -5.96
CA PRO A 91 8.80 -25.17 -6.90
C PRO A 91 7.79 -24.02 -7.00
N ARG A 92 7.15 -23.90 -8.16
CA ARG A 92 6.15 -22.86 -8.42
C ARG A 92 4.79 -23.47 -8.74
N GLY A 93 4.79 -24.52 -9.57
CA GLY A 93 3.55 -25.18 -9.96
C GLY A 93 3.22 -24.99 -11.42
N SER A 94 2.74 -26.06 -12.06
CA SER A 94 2.38 -26.03 -13.48
C SER A 94 0.96 -26.54 -13.69
N GLY A 95 0.27 -25.97 -14.69
CA GLY A 95 -1.10 -26.37 -15.00
C GLY A 95 -2.12 -25.34 -14.60
N PHE A 96 -3.31 -25.42 -15.20
CA PHE A 96 -4.40 -24.48 -14.92
C PHE A 96 -5.40 -25.10 -13.94
N GLY A 97 -5.98 -24.24 -13.09
CA GLY A 97 -6.95 -24.70 -12.11
C GLY A 97 -8.08 -23.70 -11.88
N LYS A 98 -8.82 -23.89 -10.78
CA LYS A 98 -9.94 -23.01 -10.43
C LYS A 98 -9.77 -22.47 -9.01
N ASN A 99 -9.29 -23.32 -8.10
CA ASN A 99 -9.09 -22.94 -6.70
C ASN A 99 -7.67 -22.43 -6.44
N GLU A 100 -6.78 -22.60 -7.43
CA GLU A 100 -5.38 -22.16 -7.33
C GLU A 100 -5.20 -20.72 -7.82
N ALA A 101 -6.09 -20.28 -8.72
CA ALA A 101 -6.05 -18.92 -9.28
C ALA A 101 -6.60 -17.88 -8.30
N LEU A 102 -7.54 -18.30 -7.44
CA LEU A 102 -8.17 -17.41 -6.45
C LEU A 102 -7.32 -17.30 -5.18
N LYS A 103 -6.52 -18.34 -4.89
CA LYS A 103 -5.66 -18.36 -3.70
C LYS A 103 -4.46 -17.42 -3.83
N GLU A 104 -3.89 -17.34 -5.05
CA GLU A 104 -2.75 -16.46 -5.34
C GLU A 104 -3.11 -14.99 -5.18
N LYS A 105 -4.30 -14.62 -5.66
CA LYS A 105 -4.81 -13.24 -5.58
C LYS A 105 -5.25 -12.88 -4.16
N ALA A 106 -5.80 -13.88 -3.45
CA ALA A 106 -6.27 -13.70 -2.06
C ALA A 106 -5.10 -13.55 -1.09
N ASP A 107 -4.02 -14.31 -1.35
CA ASP A 107 -2.81 -14.28 -0.51
C ASP A 107 -1.98 -13.03 -0.78
N SER A 108 -2.00 -12.55 -2.04
CA SER A 108 -1.26 -11.35 -2.44
C SER A 108 -1.92 -10.07 -1.90
N LEU A 109 -3.26 -10.06 -1.92
CA LEU A 109 -4.06 -8.92 -1.43
C LEU A 109 -4.08 -8.88 0.11
N ALA A 110 -4.03 -10.07 0.73
CA ALA A 110 -4.03 -10.20 2.19
C ALA A 110 -2.68 -9.79 2.79
N LYS A 111 -1.59 -10.12 2.07
CA LYS A 111 -0.23 -9.78 2.49
C LYS A 111 0.06 -8.29 2.27
N GLU A 112 -0.52 -7.73 1.20
CA GLU A 112 -0.35 -6.31 0.87
C GLU A 112 -1.18 -5.41 1.81
N ILE A 113 -2.34 -5.93 2.26
CA ILE A 113 -3.21 -5.18 3.18
C ILE A 113 -2.66 -5.23 4.62
N GLN A 114 -2.01 -6.35 4.98
CA GLN A 114 -1.41 -6.53 6.31
C GLN A 114 -0.13 -5.70 6.44
N TYR A 115 0.64 -5.62 5.33
CA TYR A 115 1.88 -4.84 5.29
C TYR A 115 1.55 -3.33 5.28
N LEU A 116 0.46 -2.98 4.59
CA LEU A 116 -0.02 -1.60 4.49
C LEU A 116 -0.49 -1.09 5.86
N LYS A 117 -1.17 -1.96 6.61
CA LYS A 117 -1.68 -1.64 7.96
C LYS A 117 -0.51 -1.41 8.93
N ASP A 118 0.49 -2.30 8.87
CA ASP A 118 1.69 -2.19 9.72
C ASP A 118 2.55 -0.98 9.31
N LEU A 119 2.41 -0.56 8.04
CA LEU A 119 3.13 0.60 7.50
C LEU A 119 2.57 1.91 8.05
N ILE A 120 1.23 1.97 8.18
CA ILE A 120 0.53 3.16 8.71
C ILE A 120 0.79 3.29 10.22
N GLU A 121 0.81 2.14 10.91
CA GLU A 121 1.06 2.09 12.36
C GLU A 121 2.53 2.38 12.69
N GLU A 122 3.42 2.06 11.74
CA GLU A 122 4.86 2.29 11.91
C GLU A 122 5.21 3.77 11.72
N VAL A 123 4.55 4.43 10.75
CA VAL A 123 4.77 5.86 10.48
C VAL A 123 4.13 6.73 11.57
N ARG A 124 2.99 6.25 12.11
CA ARG A 124 2.27 6.93 13.19
C ARG A 124 3.05 6.85 14.51
N LYS A 125 3.66 5.68 14.76
CA LYS A 125 4.46 5.46 15.97
C LYS A 125 5.81 6.18 15.91
N ALA A 126 6.35 6.34 14.68
CA ALA A 126 7.63 7.01 14.45
C ALA A 126 7.52 8.53 14.60
N ARG A 127 6.39 9.10 14.13
CA ARG A 127 6.14 10.53 14.21
C ARG A 127 5.39 10.90 15.49
N GLY A 128 5.94 11.84 16.25
CA GLY A 128 5.34 12.27 17.50
C GLY A 128 5.96 13.54 18.07
N LYS A 129 7.30 13.68 17.87
CA LYS A 129 8.10 14.84 18.34
C LYS A 129 8.31 14.83 19.86
N LYS A 130 7.23 14.53 20.61
CA LYS A 130 7.28 14.50 22.08
C LYS A 130 7.59 13.08 22.58
N ARG A 131 6.96 12.07 21.93
CA ARG A 131 7.12 10.62 22.28
C ARG A 131 6.46 10.27 23.62
N VAL A 132 6.78 11.01 24.67
CA VAL A 132 6.23 10.78 26.01
C VAL A 132 5.21 11.90 26.38
N PRO A 133 4.01 11.55 26.96
CA PRO A 133 3.00 12.56 27.35
C PRO A 133 3.44 13.42 28.54
N GLY A 1 1.17 29.12 -8.21
CA GLY A 1 1.99 30.34 -8.46
C GLY A 1 2.96 30.63 -7.32
N PRO A 2 2.48 30.93 -6.07
CA PRO A 2 3.35 31.22 -4.92
C PRO A 2 4.03 29.98 -4.34
N TRP A 3 3.29 28.84 -4.35
CA TRP A 3 3.77 27.54 -3.83
C TRP A 3 4.08 27.59 -2.33
N LYS A 4 3.46 26.68 -1.57
CA LYS A 4 3.66 26.61 -0.12
C LYS A 4 4.64 25.49 0.24
N GLU A 5 5.54 25.78 1.17
CA GLU A 5 6.55 24.82 1.62
C GLU A 5 6.22 24.33 3.02
N ASP A 6 6.56 23.05 3.28
CA ASP A 6 6.31 22.44 4.58
C ASP A 6 7.62 22.09 5.30
N SER A 7 7.80 22.65 6.49
CA SER A 7 9.01 22.43 7.29
C SER A 7 8.64 22.14 8.76
N HIS A 8 7.68 22.91 9.29
CA HIS A 8 7.24 22.75 10.68
C HIS A 8 5.74 22.40 10.75
N ILE A 9 5.00 22.74 9.69
CA ILE A 9 3.55 22.47 9.62
C ILE A 9 3.26 21.09 9.02
N VAL A 10 4.13 20.11 9.34
CA VAL A 10 3.98 18.73 8.84
C VAL A 10 3.07 17.88 9.74
N SER A 11 2.47 18.51 10.76
CA SER A 11 1.59 17.83 11.71
C SER A 11 0.11 18.10 11.39
N ALA A 12 -0.15 19.14 10.58
CA ALA A 12 -1.52 19.51 10.21
C ALA A 12 -1.95 18.91 8.87
N GLU A 13 -0.97 18.72 7.96
CA GLU A 13 -1.24 18.14 6.63
C GLU A 13 -1.29 16.61 6.65
N VAL A 14 -0.66 16.00 7.67
CA VAL A 14 -0.62 14.54 7.81
C VAL A 14 -1.98 13.94 8.22
N GLY A 15 -2.69 14.66 9.11
CA GLY A 15 -3.99 14.21 9.60
C GLY A 15 -5.07 14.18 8.51
N GLU A 16 -5.08 15.21 7.66
CA GLU A 16 -6.06 15.32 6.55
C GLU A 16 -5.76 14.31 5.44
N LYS A 17 -4.46 14.13 5.15
CA LYS A 17 -4.00 13.19 4.11
C LYS A 17 -4.21 11.74 4.56
N CYS A 18 -4.06 11.49 5.87
CA CYS A 18 -4.25 10.15 6.45
C CYS A 18 -5.73 9.78 6.47
N GLU A 19 -6.59 10.79 6.71
CA GLU A 19 -8.05 10.61 6.73
C GLU A 19 -8.58 10.34 5.31
N ALA A 20 -7.91 10.93 4.31
CA ALA A 20 -8.27 10.75 2.89
C ALA A 20 -7.92 9.35 2.40
N ILE A 21 -6.75 8.85 2.84
CA ILE A 21 -6.28 7.49 2.48
C ILE A 21 -7.12 6.43 3.21
N GLY A 22 -7.66 6.82 4.38
CA GLY A 22 -8.50 5.92 5.17
C GLY A 22 -9.87 5.71 4.55
N VAL A 23 -10.49 6.80 4.07
CA VAL A 23 -11.81 6.74 3.42
C VAL A 23 -11.73 6.08 2.04
N LYS A 24 -10.59 6.30 1.36
CA LYS A 24 -10.33 5.72 0.03
C LYS A 24 -10.04 4.22 0.14
N LEU A 25 -9.38 3.83 1.24
CA LEU A 25 -9.03 2.42 1.51
C LEU A 25 -10.29 1.60 1.83
N LEU A 26 -11.22 2.20 2.59
CA LEU A 26 -12.48 1.55 2.96
C LEU A 26 -13.41 1.40 1.75
N HIS A 27 -13.45 2.45 0.91
CA HIS A 27 -14.27 2.46 -0.31
C HIS A 27 -13.69 1.49 -1.35
N LEU A 28 -12.36 1.35 -1.35
CA LEU A 28 -11.65 0.45 -2.27
C LEU A 28 -11.82 -1.02 -1.83
N GLU A 29 -12.00 -1.22 -0.51
CA GLU A 29 -12.20 -2.56 0.07
C GLU A 29 -13.60 -3.09 -0.27
N ASP A 30 -14.60 -2.19 -0.22
CA ASP A 30 -16.00 -2.53 -0.55
C ASP A 30 -16.14 -2.79 -2.05
N GLN A 31 -15.42 -2.00 -2.86
CA GLN A 31 -15.43 -2.13 -4.33
C GLN A 31 -14.63 -3.37 -4.77
N LEU A 32 -13.67 -3.78 -3.91
CA LEU A 32 -12.82 -4.95 -4.17
C LEU A 32 -13.61 -6.25 -3.95
N LEU A 33 -14.44 -6.26 -2.91
CA LEU A 33 -15.28 -7.41 -2.57
C LEU A 33 -16.41 -7.57 -3.59
N GLY A 34 -16.97 -6.43 -4.02
CA GLY A 34 -18.05 -6.41 -5.02
C GLY A 34 -17.56 -6.76 -6.41
N ALA A 35 -16.29 -6.42 -6.71
CA ALA A 35 -15.68 -6.69 -8.02
C ALA A 35 -15.19 -8.14 -8.13
N MET A 36 -14.80 -8.73 -6.98
CA MET A 36 -14.30 -10.12 -6.94
C MET A 36 -15.45 -11.14 -6.95
N TYR A 37 -16.57 -10.78 -6.31
CA TYR A 37 -17.74 -11.67 -6.24
C TYR A 37 -18.59 -11.60 -7.51
N SER A 38 -18.72 -10.37 -8.05
CA SER A 38 -19.51 -10.14 -9.28
C SER A 38 -18.67 -10.35 -10.56
N HIS A 39 -17.34 -10.53 -10.38
CA HIS A 39 -16.36 -10.75 -11.47
C HIS A 39 -16.54 -9.76 -12.64
N ASP A 40 -15.65 -8.76 -12.69
CA ASP A 40 -15.67 -7.73 -13.74
C ASP A 40 -14.27 -7.45 -14.26
N GLU A 41 -14.19 -6.85 -15.46
CA GLU A 41 -12.90 -6.53 -16.08
C GLU A 41 -12.53 -5.06 -15.87
N ALA A 42 -13.54 -4.17 -15.97
CA ALA A 42 -13.36 -2.72 -15.81
C ALA A 42 -12.97 -2.33 -14.39
N LEU A 43 -13.50 -3.07 -13.40
CA LEU A 43 -13.23 -2.83 -11.98
C LEU A 43 -11.80 -3.22 -11.57
N PHE A 44 -11.23 -4.21 -12.27
CA PHE A 44 -9.86 -4.69 -12.01
C PHE A 44 -8.82 -3.69 -12.53
N GLN A 45 -9.11 -3.08 -13.69
CA GLN A 45 -8.22 -2.09 -14.31
C GLN A 45 -8.23 -0.78 -13.51
N SER A 46 -9.42 -0.37 -13.06
CA SER A 46 -9.61 0.84 -12.26
C SER A 46 -8.99 0.67 -10.86
N LEU A 47 -9.08 -0.56 -10.33
CA LEU A 47 -8.52 -0.90 -9.00
C LEU A 47 -6.99 -0.92 -9.04
N GLN A 48 -6.42 -1.34 -10.18
CA GLN A 48 -4.96 -1.40 -10.36
C GLN A 48 -4.36 0.00 -10.49
N GLY A 49 -5.07 0.89 -11.22
CA GLY A 49 -4.62 2.27 -11.40
C GLY A 49 -4.74 3.11 -10.13
N GLU A 50 -5.83 2.86 -9.37
CA GLU A 50 -6.09 3.57 -8.11
C GLU A 50 -5.11 3.12 -7.02
N LEU A 51 -4.76 1.82 -7.04
CA LEU A 51 -3.83 1.24 -6.07
C LEU A 51 -2.39 1.71 -6.33
N GLN A 52 -2.07 1.90 -7.63
CA GLN A 52 -0.74 2.38 -8.05
C GLN A 52 -0.56 3.87 -7.74
N THR A 53 -1.67 4.62 -7.80
CA THR A 53 -1.67 6.07 -7.50
C THR A 53 -1.54 6.33 -6.00
N VAL A 54 -2.18 5.47 -5.19
CA VAL A 54 -2.13 5.58 -3.72
C VAL A 54 -0.75 5.15 -3.19
N LYS A 55 -0.14 4.15 -3.86
CA LYS A 55 1.19 3.65 -3.49
C LYS A 55 2.28 4.66 -3.86
N GLU A 56 2.09 5.35 -4.99
CA GLU A 56 3.04 6.38 -5.47
C GLU A 56 2.95 7.65 -4.61
N THR A 57 1.74 7.94 -4.11
CA THR A 57 1.49 9.11 -3.25
C THR A 57 2.06 8.89 -1.85
N LEU A 58 1.98 7.64 -1.37
CA LEU A 58 2.49 7.27 -0.05
C LEU A 58 4.03 7.27 -0.04
N GLN A 59 4.63 6.82 -1.14
CA GLN A 59 6.09 6.79 -1.31
C GLN A 59 6.65 8.21 -1.43
N ALA A 60 5.89 9.07 -2.14
CA ALA A 60 6.26 10.47 -2.33
C ALA A 60 6.14 11.27 -1.02
N MET A 61 5.20 10.84 -0.17
CA MET A 61 4.98 11.48 1.14
C MET A 61 6.12 11.16 2.12
N ILE A 62 6.55 9.89 2.14
CA ILE A 62 7.65 9.44 3.02
C ILE A 62 9.02 9.91 2.49
N LEU A 63 9.09 10.18 1.18
CA LEU A 63 10.31 10.64 0.53
C LEU A 63 10.45 12.18 0.62
N GLN A 64 9.30 12.86 0.75
CA GLN A 64 9.27 14.33 0.86
C GLN A 64 9.37 14.80 2.32
N LEU A 65 8.93 13.94 3.26
CA LEU A 65 8.97 14.25 4.69
C LEU A 65 10.37 14.03 5.28
N GLN A 66 11.10 13.04 4.73
CA GLN A 66 12.45 12.73 5.19
C GLN A 66 13.50 13.40 4.28
N PRO A 67 14.07 14.58 4.69
CA PRO A 67 15.10 15.29 3.89
C PRO A 67 16.46 14.60 3.92
N THR A 68 17.23 14.78 2.82
CA THR A 68 18.59 14.20 2.66
C THR A 68 18.64 12.68 2.91
N LYS A 69 18.79 11.92 1.83
CA LYS A 69 18.85 10.46 1.91
C LYS A 69 20.09 9.93 1.20
N GLU A 70 20.83 9.05 1.89
CA GLU A 70 22.05 8.46 1.35
C GLU A 70 21.79 7.06 0.82
N ALA A 71 22.21 6.82 -0.43
CA ALA A 71 22.04 5.53 -1.09
C ALA A 71 23.36 5.00 -1.63
N GLY A 72 23.65 3.73 -1.32
CA GLY A 72 24.88 3.10 -1.77
C GLY A 72 25.45 2.13 -0.76
N GLU A 73 25.06 0.87 -0.87
CA GLU A 73 25.52 -0.18 0.05
C GLU A 73 26.64 -1.01 -0.59
N ALA A 74 27.59 -1.44 0.24
CA ALA A 74 28.72 -2.25 -0.24
C ALA A 74 28.50 -3.73 0.05
N SER A 75 28.96 -4.57 -0.88
CA SER A 75 28.82 -6.02 -0.75
C SER A 75 30.11 -6.64 -0.22
N ALA A 76 29.97 -7.68 0.61
CA ALA A 76 31.12 -8.38 1.19
C ALA A 76 31.19 -9.83 0.72
N SER A 77 30.03 -10.52 0.70
CA SER A 77 29.90 -11.94 0.28
C SER A 77 30.67 -12.88 1.19
N TYR A 78 30.05 -14.04 1.48
CA TYR A 78 30.65 -15.06 2.35
C TYR A 78 31.33 -16.16 1.52
N PRO A 79 32.31 -16.94 2.09
CA PRO A 79 33.00 -18.02 1.36
C PRO A 79 32.14 -19.28 1.21
N THR A 80 31.45 -19.67 2.30
CA THR A 80 30.59 -20.86 2.29
C THR A 80 29.32 -20.63 3.12
N ALA A 81 29.49 -20.09 4.34
CA ALA A 81 28.36 -19.82 5.22
C ALA A 81 28.26 -18.33 5.56
N GLY A 82 27.03 -17.87 5.75
CA GLY A 82 26.78 -16.47 6.07
C GLY A 82 25.37 -16.22 6.56
N ALA A 83 24.63 -15.40 5.81
CA ALA A 83 23.25 -15.06 6.15
C ALA A 83 22.30 -15.32 4.98
N GLN A 84 22.74 -14.96 3.77
CA GLN A 84 21.94 -15.14 2.55
C GLN A 84 22.49 -16.29 1.71
N GLU A 85 21.58 -17.10 1.16
CA GLU A 85 21.96 -18.25 0.33
C GLU A 85 21.19 -18.23 -0.99
N THR A 86 21.86 -18.71 -2.05
CA THR A 86 21.26 -18.77 -3.39
C THR A 86 21.31 -20.18 -3.96
N GLU A 87 20.28 -20.53 -4.73
CA GLU A 87 20.18 -21.85 -5.35
C GLU A 87 20.52 -21.78 -6.83
N ALA A 88 21.12 -22.86 -7.34
CA ALA A 88 21.51 -22.95 -8.74
C ALA A 88 20.63 -23.93 -9.52
N LEU A 89 20.35 -25.08 -8.91
CA LEU A 89 19.51 -26.11 -9.52
C LEU A 89 18.12 -26.11 -8.92
N VAL A 90 17.10 -26.29 -9.77
CA VAL A 90 15.70 -26.32 -9.33
C VAL A 90 14.91 -27.43 -10.05
N PRO A 91 13.75 -27.92 -9.47
CA PRO A 91 12.94 -28.97 -10.10
C PRO A 91 12.03 -28.45 -11.22
N ARG A 92 11.72 -29.32 -12.18
CA ARG A 92 10.87 -28.97 -13.32
C ARG A 92 9.81 -30.04 -13.55
N GLY A 93 8.56 -29.60 -13.70
CA GLY A 93 7.45 -30.53 -13.94
C GLY A 93 6.36 -29.93 -14.80
N SER A 94 5.11 -30.24 -14.47
CA SER A 94 3.95 -29.74 -15.22
C SER A 94 3.32 -28.55 -14.52
N GLY A 95 2.77 -27.63 -15.31
CA GLY A 95 2.13 -26.44 -14.76
C GLY A 95 0.68 -26.32 -15.18
N PHE A 96 -0.13 -27.30 -14.78
CA PHE A 96 -1.56 -27.32 -15.11
C PHE A 96 -2.40 -27.53 -13.86
N GLY A 97 -3.57 -26.87 -13.83
CA GLY A 97 -4.47 -26.98 -12.69
C GLY A 97 -5.40 -25.80 -12.57
N LYS A 98 -6.57 -26.03 -11.95
CA LYS A 98 -7.57 -24.98 -11.75
C LYS A 98 -7.54 -24.44 -10.33
N ASN A 99 -8.00 -23.18 -10.16
CA ASN A 99 -8.04 -22.47 -8.85
C ASN A 99 -6.63 -22.22 -8.28
N GLU A 100 -5.60 -22.40 -9.11
CA GLU A 100 -4.20 -22.19 -8.70
C GLU A 100 -3.70 -20.80 -9.09
N ALA A 101 -4.30 -20.24 -10.16
CA ALA A 101 -3.93 -18.91 -10.67
C ALA A 101 -4.52 -17.78 -9.80
N LEU A 102 -5.68 -18.07 -9.19
CA LEU A 102 -6.38 -17.10 -8.32
C LEU A 102 -5.76 -17.04 -6.91
N LYS A 103 -5.13 -18.15 -6.48
CA LYS A 103 -4.49 -18.24 -5.17
C LYS A 103 -3.22 -17.38 -5.08
N GLU A 104 -2.45 -17.37 -6.17
CA GLU A 104 -1.18 -16.59 -6.26
C GLU A 104 -1.46 -15.08 -6.17
N LYS A 105 -2.53 -14.63 -6.84
CA LYS A 105 -2.91 -13.22 -6.87
C LYS A 105 -3.61 -12.81 -5.56
N ALA A 106 -4.31 -13.76 -4.93
CA ALA A 106 -5.02 -13.52 -3.67
C ALA A 106 -4.05 -13.38 -2.49
N ASP A 107 -2.99 -14.20 -2.51
CA ASP A 107 -1.95 -14.18 -1.47
C ASP A 107 -1.01 -12.98 -1.63
N SER A 108 -0.69 -12.64 -2.89
CA SER A 108 0.19 -11.51 -3.20
C SER A 108 -0.50 -10.17 -2.89
N LEU A 109 -1.81 -10.11 -3.17
CA LEU A 109 -2.62 -8.90 -2.93
C LEU A 109 -2.88 -8.73 -1.43
N ALA A 110 -3.08 -9.85 -0.73
CA ALA A 110 -3.32 -9.84 0.73
C ALA A 110 -2.05 -9.47 1.50
N LYS A 111 -0.89 -9.83 0.94
CA LYS A 111 0.41 -9.52 1.54
C LYS A 111 0.79 -8.06 1.30
N GLU A 112 0.35 -7.51 0.15
CA GLU A 112 0.62 -6.11 -0.21
C GLU A 112 -0.24 -5.15 0.63
N ILE A 113 -1.48 -5.57 0.93
CA ILE A 113 -2.41 -4.78 1.75
C ILE A 113 -2.03 -4.90 3.24
N GLN A 114 -1.50 -6.07 3.62
CA GLN A 114 -1.05 -6.32 5.00
C GLN A 114 0.19 -5.47 5.32
N TYR A 115 1.07 -5.33 4.31
CA TYR A 115 2.29 -4.51 4.42
C TYR A 115 1.92 -3.02 4.41
N LEU A 116 0.90 -2.69 3.59
CA LEU A 116 0.40 -1.31 3.47
C LEU A 116 -0.25 -0.85 4.77
N LYS A 117 -0.95 -1.78 5.46
CA LYS A 117 -1.62 -1.51 6.74
C LYS A 117 -0.59 -1.27 7.84
N ASP A 118 0.44 -2.12 7.86
CA ASP A 118 1.55 -2.01 8.84
C ASP A 118 2.38 -0.75 8.56
N LEU A 119 2.36 -0.30 7.30
CA LEU A 119 3.08 0.91 6.86
C LEU A 119 2.42 2.17 7.43
N ILE A 120 1.07 2.20 7.37
CA ILE A 120 0.28 3.32 7.89
C ILE A 120 0.36 3.38 9.42
N GLU A 121 0.44 2.19 10.04
CA GLU A 121 0.55 2.07 11.51
C GLU A 121 1.93 2.49 12.01
N GLU A 122 2.96 2.27 11.17
CA GLU A 122 4.35 2.63 11.50
C GLU A 122 4.57 4.15 11.41
N VAL A 123 3.94 4.79 10.42
CA VAL A 123 4.04 6.24 10.24
C VAL A 123 3.22 7.00 11.29
N ARG A 124 2.08 6.39 11.69
CA ARG A 124 1.19 6.96 12.71
C ARG A 124 1.83 6.89 14.10
N LYS A 125 2.54 5.78 14.38
CA LYS A 125 3.22 5.57 15.67
C LYS A 125 4.47 6.42 15.80
N ALA A 126 5.21 6.57 14.69
CA ALA A 126 6.45 7.37 14.65
C ALA A 126 6.17 8.88 14.66
N ARG A 127 5.16 9.30 13.89
CA ARG A 127 4.78 10.71 13.79
C ARG A 127 3.53 11.00 14.61
N GLY A 128 3.60 12.04 15.45
CA GLY A 128 2.47 12.43 16.28
C GLY A 128 2.89 12.75 17.69
N LYS A 129 3.22 14.03 17.93
CA LYS A 129 3.65 14.49 19.25
C LYS A 129 2.50 15.19 19.98
N LYS A 130 2.44 15.02 21.30
CA LYS A 130 1.41 15.62 22.13
C LYS A 130 1.95 16.84 22.89
N ARG A 131 1.10 17.84 23.08
CA ARG A 131 1.47 19.06 23.80
C ARG A 131 0.66 19.21 25.08
N VAL A 132 1.34 19.63 26.15
CA VAL A 132 0.70 19.83 27.46
C VAL A 132 1.17 21.14 28.13
N PRO A 133 0.38 22.25 28.03
CA PRO A 133 0.74 23.55 28.65
C PRO A 133 0.64 23.52 30.18
N GLY A 1 -2.59 31.04 -1.82
CA GLY A 1 -1.32 30.80 -1.09
C GLY A 1 -0.10 30.83 -2.01
N PRO A 2 0.40 32.05 -2.42
CA PRO A 2 1.57 32.16 -3.32
C PRO A 2 2.89 31.89 -2.60
N TRP A 3 3.78 31.13 -3.30
CA TRP A 3 5.12 30.75 -2.77
C TRP A 3 5.03 29.88 -1.52
N LYS A 4 5.68 28.72 -1.57
CA LYS A 4 5.69 27.78 -0.44
C LYS A 4 7.09 27.65 0.14
N GLU A 5 7.17 27.58 1.48
CA GLU A 5 8.45 27.45 2.18
C GLU A 5 8.41 26.32 3.21
N ASP A 6 7.23 26.15 3.86
CA ASP A 6 7.00 25.11 4.89
C ASP A 6 7.93 25.28 6.09
N SER A 7 7.36 25.66 7.23
CA SER A 7 8.11 25.87 8.47
C SER A 7 7.35 25.32 9.68
N HIS A 8 6.04 25.60 9.73
CA HIS A 8 5.18 25.13 10.83
C HIS A 8 4.01 24.29 10.31
N ILE A 9 3.74 24.38 9.00
CA ILE A 9 2.64 23.64 8.37
C ILE A 9 3.11 22.27 7.87
N VAL A 10 3.05 21.28 8.77
CA VAL A 10 3.46 19.89 8.47
C VAL A 10 2.61 18.88 9.23
N SER A 11 2.20 19.24 10.46
CA SER A 11 1.38 18.39 11.31
C SER A 11 -0.12 18.51 10.98
N ALA A 12 -0.47 19.58 10.25
CA ALA A 12 -1.86 19.84 9.86
C ALA A 12 -2.16 19.34 8.45
N GLU A 13 -1.10 19.10 7.66
CA GLU A 13 -1.24 18.62 6.27
C GLU A 13 -1.24 17.09 6.20
N VAL A 14 -0.62 16.44 7.19
CA VAL A 14 -0.54 14.97 7.26
C VAL A 14 -1.85 14.34 7.75
N GLY A 15 -2.51 15.00 8.72
CA GLY A 15 -3.77 14.53 9.27
C GLY A 15 -4.91 14.46 8.26
N GLU A 16 -4.91 15.42 7.32
CA GLU A 16 -5.94 15.48 6.26
C GLU A 16 -5.69 14.42 5.18
N LYS A 17 -4.41 14.15 4.92
CA LYS A 17 -3.99 13.15 3.93
C LYS A 17 -4.20 11.73 4.46
N CYS A 18 -4.02 11.57 5.78
CA CYS A 18 -4.20 10.29 6.46
C CYS A 18 -5.70 9.94 6.56
N GLU A 19 -6.52 10.96 6.82
CA GLU A 19 -7.98 10.80 6.93
C GLU A 19 -8.63 10.51 5.57
N ALA A 20 -8.08 11.15 4.52
CA ALA A 20 -8.58 10.96 3.14
C ALA A 20 -8.22 9.59 2.59
N ILE A 21 -6.99 9.12 2.90
CA ILE A 21 -6.52 7.81 2.47
C ILE A 21 -7.23 6.69 3.26
N GLY A 22 -7.65 7.03 4.50
CA GLY A 22 -8.36 6.09 5.35
C GLY A 22 -9.77 5.81 4.84
N VAL A 23 -10.48 6.88 4.44
CA VAL A 23 -11.84 6.76 3.88
C VAL A 23 -11.80 6.14 2.48
N LYS A 24 -10.68 6.38 1.77
CA LYS A 24 -10.47 5.83 0.42
C LYS A 24 -10.14 4.33 0.49
N LEU A 25 -9.43 3.94 1.58
CA LEU A 25 -9.05 2.54 1.81
C LEU A 25 -10.28 1.69 2.18
N LEU A 26 -11.19 2.27 2.98
CA LEU A 26 -12.42 1.58 3.39
C LEU A 26 -13.41 1.45 2.23
N HIS A 27 -13.48 2.51 1.40
CA HIS A 27 -14.37 2.54 0.23
C HIS A 27 -13.85 1.60 -0.88
N LEU A 28 -12.50 1.51 -0.96
CA LEU A 28 -11.84 0.64 -1.95
C LEU A 28 -11.93 -0.84 -1.53
N GLU A 29 -11.98 -1.07 -0.20
CA GLU A 29 -12.09 -2.43 0.36
C GLU A 29 -13.49 -3.00 0.10
N ASP A 30 -14.52 -2.16 0.29
CA ASP A 30 -15.92 -2.55 0.06
C ASP A 30 -16.17 -2.76 -1.45
N GLN A 31 -15.55 -1.90 -2.27
CA GLN A 31 -15.66 -1.98 -3.73
C GLN A 31 -14.82 -3.15 -4.27
N LEU A 32 -13.82 -3.59 -3.48
CA LEU A 32 -12.93 -4.69 -3.84
C LEU A 32 -13.66 -6.04 -3.69
N LEU A 33 -14.41 -6.18 -2.58
CA LEU A 33 -15.19 -7.38 -2.30
C LEU A 33 -16.40 -7.48 -3.24
N GLY A 34 -16.99 -6.31 -3.55
CA GLY A 34 -18.13 -6.23 -4.44
C GLY A 34 -17.76 -6.49 -5.90
N ALA A 35 -16.52 -6.10 -6.27
CA ALA A 35 -16.01 -6.29 -7.63
C ALA A 35 -15.49 -7.72 -7.84
N MET A 36 -15.04 -8.35 -6.75
CA MET A 36 -14.52 -9.73 -6.77
C MET A 36 -15.66 -10.76 -6.78
N TYR A 37 -16.79 -10.41 -6.15
CA TYR A 37 -17.96 -11.29 -6.08
C TYR A 37 -18.76 -11.27 -7.39
N SER A 38 -18.88 -10.09 -7.99
CA SER A 38 -19.62 -9.90 -9.25
C SER A 38 -18.72 -10.16 -10.48
N HIS A 39 -17.39 -10.26 -10.24
CA HIS A 39 -16.36 -10.49 -11.29
C HIS A 39 -16.53 -9.59 -12.51
N ASP A 40 -15.68 -8.55 -12.59
CA ASP A 40 -15.71 -7.59 -13.69
C ASP A 40 -14.30 -7.30 -14.21
N GLU A 41 -14.22 -6.79 -15.45
CA GLU A 41 -12.93 -6.48 -16.08
C GLU A 41 -12.58 -4.99 -15.93
N ALA A 42 -13.60 -4.13 -16.02
CA ALA A 42 -13.44 -2.67 -15.91
C ALA A 42 -13.01 -2.25 -14.49
N LEU A 43 -13.57 -2.92 -13.48
CA LEU A 43 -13.26 -2.64 -12.06
C LEU A 43 -11.84 -3.08 -11.69
N PHE A 44 -11.33 -4.11 -12.38
CA PHE A 44 -9.97 -4.63 -12.13
C PHE A 44 -8.90 -3.66 -12.65
N GLN A 45 -9.18 -3.03 -13.80
CA GLN A 45 -8.27 -2.06 -14.42
C GLN A 45 -8.23 -0.76 -13.61
N SER A 46 -9.42 -0.32 -13.14
CA SER A 46 -9.56 0.88 -12.32
C SER A 46 -8.93 0.68 -10.94
N LEU A 47 -9.03 -0.55 -10.43
CA LEU A 47 -8.48 -0.92 -9.12
C LEU A 47 -6.94 -0.97 -9.16
N GLN A 48 -6.40 -1.39 -10.33
CA GLN A 48 -4.94 -1.47 -10.54
C GLN A 48 -4.32 -0.07 -10.64
N GLY A 49 -5.03 0.85 -11.32
CA GLY A 49 -4.56 2.22 -11.47
C GLY A 49 -4.63 3.01 -10.17
N GLU A 50 -5.66 2.73 -9.37
CA GLU A 50 -5.87 3.38 -8.06
C GLU A 50 -4.85 2.87 -7.04
N LEU A 51 -4.50 1.57 -7.13
CA LEU A 51 -3.53 0.95 -6.24
C LEU A 51 -2.11 1.48 -6.53
N GLN A 52 -1.84 1.73 -7.82
CA GLN A 52 -0.54 2.26 -8.26
C GLN A 52 -0.37 3.73 -7.85
N THR A 53 -1.48 4.48 -7.87
CA THR A 53 -1.50 5.90 -7.47
C THR A 53 -1.34 6.06 -5.96
N VAL A 54 -1.87 5.09 -5.19
CA VAL A 54 -1.76 5.08 -3.72
C VAL A 54 -0.33 4.71 -3.28
N LYS A 55 0.31 3.82 -4.06
CA LYS A 55 1.69 3.40 -3.79
C LYS A 55 2.69 4.52 -4.09
N GLU A 56 2.40 5.28 -5.16
CA GLU A 56 3.24 6.42 -5.58
C GLU A 56 3.10 7.60 -4.62
N THR A 57 1.88 7.79 -4.08
CA THR A 57 1.59 8.86 -3.12
C THR A 57 2.19 8.55 -1.74
N LEU A 58 2.25 7.25 -1.42
CA LEU A 58 2.83 6.77 -0.15
C LEU A 58 4.35 6.93 -0.15
N GLN A 59 4.98 6.63 -1.29
CA GLN A 59 6.43 6.74 -1.45
C GLN A 59 6.87 8.22 -1.45
N ALA A 60 6.04 9.07 -2.07
CA ALA A 60 6.29 10.51 -2.15
C ALA A 60 6.11 11.18 -0.78
N MET A 61 5.19 10.63 0.02
CA MET A 61 4.91 11.13 1.37
C MET A 61 6.05 10.82 2.34
N ILE A 62 6.58 9.59 2.26
CA ILE A 62 7.70 9.16 3.13
C ILE A 62 9.04 9.76 2.67
N LEU A 63 9.12 10.11 1.37
CA LEU A 63 10.31 10.71 0.78
C LEU A 63 10.33 12.22 1.00
N GLN A 64 9.14 12.82 1.19
CA GLN A 64 9.01 14.26 1.43
C GLN A 64 9.19 14.60 2.91
N LEU A 65 8.72 13.72 3.80
CA LEU A 65 8.83 13.92 5.23
C LEU A 65 9.37 12.65 5.92
N GLN A 66 10.69 12.51 5.87
CA GLN A 66 11.39 11.37 6.48
C GLN A 66 12.29 11.83 7.64
N PRO A 67 12.33 11.10 8.80
CA PRO A 67 13.18 11.49 9.95
C PRO A 67 14.68 11.48 9.62
N THR A 68 15.42 12.34 10.32
CA THR A 68 16.87 12.47 10.11
C THR A 68 17.65 11.71 11.18
N LYS A 69 17.20 11.85 12.46
CA LYS A 69 17.84 11.20 13.63
C LYS A 69 19.26 11.72 13.87
N GLU A 70 19.56 12.06 15.13
CA GLU A 70 20.88 12.57 15.52
C GLU A 70 21.77 11.45 16.08
N ALA A 71 21.16 10.55 16.87
CA ALA A 71 21.88 9.43 17.48
C ALA A 71 21.75 8.17 16.64
N GLY A 72 22.87 7.44 16.49
CA GLY A 72 22.87 6.20 15.72
C GLY A 72 23.67 5.10 16.39
N GLU A 73 23.32 3.85 16.07
CA GLU A 73 24.00 2.68 16.64
C GLU A 73 24.59 1.79 15.54
N ALA A 74 23.84 1.65 14.44
CA ALA A 74 24.29 0.83 13.31
C ALA A 74 24.98 1.68 12.24
N SER A 75 25.90 1.05 11.50
CA SER A 75 26.65 1.74 10.44
C SER A 75 25.99 1.53 9.07
N ALA A 76 25.50 0.31 8.82
CA ALA A 76 24.85 -0.01 7.55
C ALA A 76 23.32 0.09 7.68
N SER A 77 22.71 0.79 6.72
CA SER A 77 21.26 0.97 6.71
C SER A 77 20.66 0.55 5.36
N TYR A 78 21.35 0.91 4.26
CA TYR A 78 20.91 0.56 2.91
C TYR A 78 21.62 -0.70 2.40
N PRO A 79 20.91 -1.87 2.28
CA PRO A 79 21.52 -3.13 1.78
C PRO A 79 21.93 -3.05 0.31
N THR A 80 23.03 -3.73 -0.03
CA THR A 80 23.55 -3.75 -1.41
C THR A 80 23.22 -5.07 -2.09
N ALA A 81 22.58 -4.97 -3.26
CA ALA A 81 22.20 -6.15 -4.04
C ALA A 81 22.74 -6.06 -5.46
N GLY A 82 23.08 -7.23 -6.03
CA GLY A 82 23.60 -7.29 -7.38
C GLY A 82 22.56 -7.69 -8.40
N ALA A 83 22.70 -7.19 -9.62
CA ALA A 83 21.77 -7.49 -10.70
C ALA A 83 22.50 -8.01 -11.94
N GLN A 84 22.00 -9.12 -12.48
CA GLN A 84 22.59 -9.75 -13.67
C GLN A 84 21.54 -9.98 -14.76
N GLU A 85 20.35 -10.46 -14.34
CA GLU A 85 19.26 -10.74 -15.27
C GLU A 85 18.24 -9.61 -15.27
N THR A 86 17.70 -9.30 -16.45
CA THR A 86 16.70 -8.23 -16.60
C THR A 86 15.28 -8.79 -16.69
N GLU A 87 15.11 -9.84 -17.50
CA GLU A 87 13.81 -10.49 -17.68
C GLU A 87 13.80 -11.88 -17.05
N ALA A 88 12.75 -12.16 -16.28
CA ALA A 88 12.58 -13.45 -15.61
C ALA A 88 11.25 -14.11 -15.96
N LEU A 89 10.17 -13.31 -15.95
CA LEU A 89 8.84 -13.80 -16.26
C LEU A 89 8.40 -13.33 -17.65
N VAL A 90 7.64 -14.19 -18.34
CA VAL A 90 7.14 -13.89 -19.69
C VAL A 90 5.61 -14.11 -19.79
N PRO A 91 4.91 -13.49 -20.79
CA PRO A 91 3.45 -13.65 -20.96
C PRO A 91 3.07 -15.01 -21.58
N ARG A 92 2.09 -15.69 -20.94
CA ARG A 92 1.59 -17.01 -21.38
C ARG A 92 2.68 -18.09 -21.35
N GLY A 93 2.39 -19.19 -20.64
CA GLY A 93 3.33 -20.29 -20.52
C GLY A 93 3.80 -20.51 -19.09
N SER A 94 2.84 -20.63 -18.17
CA SER A 94 3.15 -20.85 -16.75
C SER A 94 2.34 -22.01 -16.19
N GLY A 95 1.05 -22.09 -16.57
CA GLY A 95 0.19 -23.16 -16.10
C GLY A 95 -1.28 -22.76 -16.09
N PHE A 96 -1.64 -21.81 -15.19
CA PHE A 96 -3.01 -21.30 -15.04
C PHE A 96 -3.99 -22.38 -14.59
N GLY A 97 -4.71 -22.11 -13.49
CA GLY A 97 -5.67 -23.06 -12.96
C GLY A 97 -7.01 -22.42 -12.63
N LYS A 98 -7.72 -23.01 -11.68
CA LYS A 98 -9.04 -22.51 -11.26
C LYS A 98 -9.12 -22.36 -9.74
N ASN A 99 -8.51 -23.32 -9.02
CA ASN A 99 -8.49 -23.31 -7.55
C ASN A 99 -7.26 -22.60 -7.00
N GLU A 100 -6.16 -22.63 -7.76
CA GLU A 100 -4.90 -22.00 -7.37
C GLU A 100 -4.81 -20.54 -7.86
N ALA A 101 -5.62 -20.21 -8.87
CA ALA A 101 -5.66 -18.85 -9.44
C ALA A 101 -6.42 -17.86 -8.56
N LEU A 102 -7.43 -18.37 -7.83
CA LEU A 102 -8.26 -17.55 -6.93
C LEU A 102 -7.62 -17.42 -5.54
N LYS A 103 -6.87 -18.44 -5.13
CA LYS A 103 -6.19 -18.46 -3.82
C LYS A 103 -5.00 -17.51 -3.79
N GLU A 104 -4.20 -17.54 -4.87
CA GLU A 104 -3.01 -16.66 -5.00
C GLU A 104 -3.41 -15.18 -5.07
N LYS A 105 -4.53 -14.90 -5.75
CA LYS A 105 -5.05 -13.53 -5.91
C LYS A 105 -5.68 -13.02 -4.61
N ALA A 106 -6.31 -13.94 -3.86
CA ALA A 106 -6.96 -13.59 -2.58
C ALA A 106 -5.94 -13.25 -1.50
N ASP A 107 -4.82 -13.99 -1.50
CA ASP A 107 -3.73 -13.78 -0.53
C ASP A 107 -2.91 -12.52 -0.88
N SER A 108 -2.76 -12.25 -2.19
CA SER A 108 -2.01 -11.07 -2.67
C SER A 108 -2.78 -9.79 -2.38
N LEU A 109 -4.11 -9.83 -2.57
CA LEU A 109 -4.99 -8.68 -2.33
C LEU A 109 -5.13 -8.40 -0.83
N ALA A 110 -5.19 -9.47 -0.03
CA ALA A 110 -5.30 -9.38 1.43
C ALA A 110 -4.00 -8.83 2.05
N LYS A 111 -2.86 -9.18 1.42
CA LYS A 111 -1.54 -8.71 1.87
C LYS A 111 -1.31 -7.25 1.49
N GLU A 112 -1.94 -6.83 0.37
CA GLU A 112 -1.84 -5.44 -0.12
C GLU A 112 -2.67 -4.48 0.75
N ILE A 113 -3.83 -4.95 1.21
CA ILE A 113 -4.73 -4.15 2.07
C ILE A 113 -4.15 -4.07 3.49
N GLN A 114 -3.54 -5.18 3.95
CA GLN A 114 -2.92 -5.24 5.29
C GLN A 114 -1.63 -4.42 5.33
N TYR A 115 -0.93 -4.37 4.19
CA TYR A 115 0.32 -3.60 4.06
C TYR A 115 0.03 -2.09 4.03
N LEU A 116 -1.08 -1.73 3.36
CA LEU A 116 -1.51 -0.33 3.27
C LEU A 116 -1.96 0.20 4.64
N LYS A 117 -2.64 -0.66 5.41
CA LYS A 117 -3.12 -0.32 6.76
C LYS A 117 -1.95 -0.10 7.72
N ASP A 118 -0.93 -0.97 7.62
CA ASP A 118 0.28 -0.88 8.45
C ASP A 118 1.13 0.35 8.10
N LEU A 119 1.05 0.77 6.83
CA LEU A 119 1.79 1.95 6.34
C LEU A 119 1.15 3.26 6.83
N ILE A 120 -0.18 3.28 6.92
CA ILE A 120 -0.92 4.46 7.39
C ILE A 120 -0.76 4.62 8.92
N GLU A 121 -0.75 3.49 9.63
CA GLU A 121 -0.58 3.48 11.10
C GLU A 121 0.85 3.81 11.50
N GLU A 122 1.81 3.38 10.68
CA GLU A 122 3.25 3.61 10.92
C GLU A 122 3.63 5.07 10.60
N VAL A 123 2.98 5.65 9.58
CA VAL A 123 3.23 7.04 9.18
C VAL A 123 2.53 8.02 10.16
N ARG A 124 1.37 7.60 10.67
CA ARG A 124 0.59 8.39 11.63
C ARG A 124 1.29 8.44 13.00
N LYS A 125 1.88 7.29 13.39
CA LYS A 125 2.60 7.17 14.67
C LYS A 125 3.94 7.90 14.64
N ALA A 126 4.67 7.78 13.52
CA ALA A 126 5.98 8.42 13.34
C ALA A 126 5.85 9.92 13.08
N ARG A 127 5.14 10.28 11.98
CA ARG A 127 4.91 11.68 11.55
C ARG A 127 6.20 12.39 11.09
N GLY A 128 7.20 12.45 11.98
CA GLY A 128 8.47 13.09 11.66
C GLY A 128 8.89 14.10 12.70
N LYS A 129 9.74 13.65 13.64
CA LYS A 129 10.24 14.50 14.72
C LYS A 129 11.62 15.05 14.39
N LYS A 130 11.82 16.35 14.68
CA LYS A 130 13.08 17.02 14.42
C LYS A 130 13.56 17.80 15.66
N ARG A 131 12.63 18.46 16.33
CA ARG A 131 12.94 19.24 17.54
C ARG A 131 12.67 18.45 18.81
N VAL A 132 11.55 17.72 18.83
CA VAL A 132 11.15 16.91 19.98
C VAL A 132 11.58 15.42 19.78
N PRO A 133 12.16 14.73 20.81
CA PRO A 133 12.58 13.32 20.69
C PRO A 133 11.40 12.35 20.61
N GLY A 1 -6.93 32.98 3.84
CA GLY A 1 -5.46 33.24 3.82
C GLY A 1 -5.02 34.14 4.97
N PRO A 2 -4.87 33.60 6.22
CA PRO A 2 -4.44 34.37 7.39
C PRO A 2 -2.94 34.68 7.40
N TRP A 3 -2.14 33.73 6.90
CA TRP A 3 -0.68 33.89 6.84
C TRP A 3 -0.18 33.70 5.41
N LYS A 4 0.93 34.38 5.10
CA LYS A 4 1.55 34.31 3.76
C LYS A 4 2.66 33.26 3.70
N GLU A 5 3.36 33.08 4.83
CA GLU A 5 4.46 32.11 4.92
C GLU A 5 3.96 30.74 5.36
N ASP A 6 4.65 29.70 4.89
CA ASP A 6 4.29 28.31 5.22
C ASP A 6 5.15 27.76 6.36
N SER A 7 4.52 27.56 7.52
CA SER A 7 5.21 27.05 8.71
C SER A 7 4.29 26.11 9.51
N HIS A 8 4.90 25.08 10.14
CA HIS A 8 4.18 24.07 10.95
C HIS A 8 3.04 23.38 10.18
N ILE A 9 3.20 23.27 8.86
CA ILE A 9 2.21 22.64 7.99
C ILE A 9 2.48 21.13 7.77
N VAL A 10 3.37 20.58 8.60
CA VAL A 10 3.73 19.14 8.52
C VAL A 10 2.83 18.26 9.39
N SER A 11 2.33 18.83 10.49
CA SER A 11 1.45 18.12 11.42
C SER A 11 -0.03 18.33 11.09
N ALA A 12 -0.31 19.33 10.25
CA ALA A 12 -1.69 19.66 9.84
C ALA A 12 -2.08 18.99 8.52
N GLU A 13 -1.07 18.68 7.69
CA GLU A 13 -1.29 18.04 6.37
C GLU A 13 -1.37 16.52 6.48
N VAL A 14 -0.78 15.96 7.55
CA VAL A 14 -0.77 14.50 7.79
C VAL A 14 -2.15 13.95 8.17
N GLY A 15 -2.89 14.72 9.00
CA GLY A 15 -4.22 14.32 9.45
C GLY A 15 -5.24 14.23 8.32
N GLU A 16 -5.22 15.22 7.41
CA GLU A 16 -6.14 15.28 6.28
C GLU A 16 -5.78 14.24 5.21
N LYS A 17 -4.48 14.03 5.00
CA LYS A 17 -3.98 13.06 4.02
C LYS A 17 -4.21 11.63 4.50
N CYS A 18 -4.11 11.42 5.82
CA CYS A 18 -4.34 10.10 6.44
C CYS A 18 -5.82 9.74 6.40
N GLU A 19 -6.68 10.76 6.59
CA GLU A 19 -8.14 10.59 6.55
C GLU A 19 -8.61 10.30 5.12
N ALA A 20 -7.89 10.85 4.13
CA ALA A 20 -8.21 10.65 2.70
C ALA A 20 -7.84 9.23 2.26
N ILE A 21 -6.70 8.72 2.75
CA ILE A 21 -6.23 7.35 2.44
C ILE A 21 -7.12 6.32 3.17
N GLY A 22 -7.69 6.74 4.31
CA GLY A 22 -8.57 5.87 5.09
C GLY A 22 -9.92 5.65 4.42
N VAL A 23 -10.50 6.75 3.89
CA VAL A 23 -11.80 6.68 3.19
C VAL A 23 -11.65 5.99 1.82
N LYS A 24 -10.48 6.18 1.18
CA LYS A 24 -10.19 5.56 -0.12
C LYS A 24 -9.92 4.06 0.03
N LEU A 25 -9.32 3.68 1.18
CA LEU A 25 -9.01 2.28 1.49
C LEU A 25 -10.29 1.48 1.78
N LEU A 26 -11.24 2.11 2.51
CA LEU A 26 -12.52 1.47 2.84
C LEU A 26 -13.41 1.29 1.61
N HIS A 27 -13.46 2.34 0.76
CA HIS A 27 -14.24 2.32 -0.48
C HIS A 27 -13.64 1.33 -1.50
N LEU A 28 -12.30 1.19 -1.45
CA LEU A 28 -11.57 0.27 -2.33
C LEU A 28 -11.82 -1.19 -1.92
N GLU A 29 -11.98 -1.41 -0.61
CA GLU A 29 -12.25 -2.74 -0.05
C GLU A 29 -13.67 -3.20 -0.41
N ASP A 30 -14.60 -2.24 -0.44
CA ASP A 30 -16.01 -2.51 -0.78
C ASP A 30 -16.15 -2.89 -2.26
N GLN A 31 -15.47 -2.15 -3.15
CA GLN A 31 -15.50 -2.41 -4.59
C GLN A 31 -14.65 -3.64 -4.95
N LEU A 32 -13.70 -3.99 -4.08
CA LEU A 32 -12.82 -5.16 -4.27
C LEU A 32 -13.60 -6.46 -4.05
N LEU A 33 -14.40 -6.50 -2.97
CA LEU A 33 -15.23 -7.66 -2.65
C LEU A 33 -16.39 -7.80 -3.63
N GLY A 34 -16.93 -6.64 -4.07
CA GLY A 34 -18.02 -6.61 -5.03
C GLY A 34 -17.57 -6.99 -6.44
N ALA A 35 -16.30 -6.69 -6.77
CA ALA A 35 -15.73 -7.00 -8.10
C ALA A 35 -15.27 -8.46 -8.17
N MET A 36 -14.88 -9.04 -7.03
CA MET A 36 -14.41 -10.43 -6.96
C MET A 36 -15.59 -11.42 -6.92
N TYR A 37 -16.69 -11.02 -6.27
CA TYR A 37 -17.89 -11.86 -6.15
C TYR A 37 -18.76 -11.79 -7.41
N SER A 38 -18.93 -10.57 -7.93
CA SER A 38 -19.75 -10.33 -9.13
C SER A 38 -18.93 -10.49 -10.42
N HIS A 39 -17.59 -10.44 -10.31
CA HIS A 39 -16.65 -10.57 -11.44
C HIS A 39 -16.84 -9.44 -12.46
N ASP A 40 -15.85 -8.53 -12.51
CA ASP A 40 -15.89 -7.38 -13.43
C ASP A 40 -14.51 -7.12 -14.03
N GLU A 41 -14.49 -6.45 -15.19
CA GLU A 41 -13.24 -6.11 -15.88
C GLU A 41 -12.87 -4.63 -15.69
N ALA A 42 -13.89 -3.76 -15.76
CA ALA A 42 -13.71 -2.31 -15.61
C ALA A 42 -13.26 -1.92 -14.18
N LEU A 43 -13.80 -2.62 -13.19
CA LEU A 43 -13.48 -2.38 -11.77
C LEU A 43 -12.05 -2.81 -11.42
N PHE A 44 -11.54 -3.81 -12.15
CA PHE A 44 -10.17 -4.32 -11.93
C PHE A 44 -9.13 -3.35 -12.47
N GLN A 45 -9.43 -2.70 -13.60
CA GLN A 45 -8.55 -1.72 -14.24
C GLN A 45 -8.48 -0.43 -13.41
N SER A 46 -9.66 -0.01 -12.91
CA SER A 46 -9.78 1.19 -12.07
C SER A 46 -9.11 0.97 -10.70
N LEU A 47 -9.21 -0.27 -10.20
CA LEU A 47 -8.62 -0.66 -8.91
C LEU A 47 -7.10 -0.70 -8.98
N GLN A 48 -6.57 -1.11 -10.14
CA GLN A 48 -5.12 -1.20 -10.38
C GLN A 48 -4.48 0.19 -10.52
N GLY A 49 -5.19 1.10 -11.20
CA GLY A 49 -4.70 2.47 -11.40
C GLY A 49 -4.75 3.30 -10.12
N GLU A 50 -5.81 3.07 -9.32
CA GLU A 50 -6.00 3.78 -8.04
C GLU A 50 -5.04 3.27 -6.98
N LEU A 51 -4.74 1.96 -7.01
CA LEU A 51 -3.82 1.32 -6.06
C LEU A 51 -2.36 1.72 -6.35
N GLN A 52 -2.04 1.88 -7.64
CA GLN A 52 -0.68 2.27 -8.06
C GLN A 52 -0.43 3.76 -7.78
N THR A 53 -1.49 4.58 -7.93
CA THR A 53 -1.42 6.01 -7.68
C THR A 53 -1.34 6.33 -6.18
N VAL A 54 -2.01 5.48 -5.37
CA VAL A 54 -2.01 5.65 -3.91
C VAL A 54 -0.66 5.19 -3.31
N LYS A 55 -0.06 4.16 -3.92
CA LYS A 55 1.24 3.63 -3.48
C LYS A 55 2.37 4.60 -3.84
N GLU A 56 2.24 5.26 -5.01
CA GLU A 56 3.24 6.24 -5.47
C GLU A 56 3.16 7.53 -4.65
N THR A 57 1.94 7.90 -4.23
CA THR A 57 1.70 9.11 -3.43
C THR A 57 2.20 8.91 -1.99
N LEU A 58 2.04 7.67 -1.47
CA LEU A 58 2.48 7.33 -0.11
C LEU A 58 4.00 7.25 -0.04
N GLN A 59 4.63 6.75 -1.12
CA GLN A 59 6.09 6.65 -1.21
C GLN A 59 6.74 8.03 -1.31
N ALA A 60 6.07 8.92 -2.05
CA ALA A 60 6.54 10.31 -2.23
C ALA A 60 6.41 11.10 -0.93
N MET A 61 5.37 10.78 -0.14
CA MET A 61 5.11 11.43 1.15
C MET A 61 6.18 11.07 2.18
N ILE A 62 6.53 9.77 2.25
CA ILE A 62 7.57 9.28 3.18
C ILE A 62 8.98 9.63 2.71
N LEU A 63 9.12 9.90 1.40
CA LEU A 63 10.40 10.26 0.78
C LEU A 63 10.74 11.74 1.04
N GLN A 64 9.72 12.59 1.08
CA GLN A 64 9.90 14.04 1.31
C GLN A 64 9.96 14.37 2.82
N LEU A 65 9.22 13.60 3.63
CA LEU A 65 9.19 13.80 5.09
C LEU A 65 10.40 13.16 5.79
N GLN A 66 10.79 11.97 5.33
CA GLN A 66 11.92 11.24 5.90
C GLN A 66 13.17 11.38 5.00
N PRO A 67 14.41 11.23 5.56
CA PRO A 67 15.65 11.34 4.77
C PRO A 67 15.94 10.09 3.95
N THR A 68 16.21 10.28 2.66
CA THR A 68 16.51 9.18 1.74
C THR A 68 17.61 9.56 0.75
N LYS A 69 17.41 10.69 0.05
CA LYS A 69 18.36 11.23 -0.96
C LYS A 69 18.60 10.24 -2.11
N GLU A 70 18.29 10.69 -3.33
CA GLU A 70 18.47 9.87 -4.53
C GLU A 70 19.39 10.55 -5.53
N ALA A 71 20.34 9.78 -6.08
CA ALA A 71 21.29 10.29 -7.06
C ALA A 71 20.89 9.93 -8.48
N GLY A 72 20.44 8.69 -8.68
CA GLY A 72 20.01 8.23 -9.99
C GLY A 72 19.00 7.10 -9.91
N GLU A 73 19.02 6.23 -10.92
CA GLU A 73 18.10 5.09 -10.99
C GLU A 73 18.85 3.76 -10.87
N ALA A 74 18.24 2.79 -10.20
CA ALA A 74 18.84 1.48 -10.01
C ALA A 74 18.27 0.45 -10.99
N SER A 75 16.94 0.49 -11.17
CA SER A 75 16.24 -0.43 -12.08
C SER A 75 15.79 0.29 -13.34
N ALA A 76 15.88 -0.40 -14.48
CA ALA A 76 15.48 0.16 -15.78
C ALA A 76 14.17 -0.46 -16.26
N SER A 77 14.04 -1.79 -16.12
CA SER A 77 12.85 -2.52 -16.53
C SER A 77 12.01 -2.94 -15.33
N TYR A 78 10.68 -2.94 -15.52
CA TYR A 78 9.74 -3.32 -14.45
C TYR A 78 8.77 -4.40 -14.94
N PRO A 79 8.13 -5.20 -14.02
CA PRO A 79 7.18 -6.26 -14.41
C PRO A 79 5.83 -5.70 -14.86
N THR A 80 5.31 -6.23 -15.97
CA THR A 80 4.03 -5.80 -16.53
C THR A 80 3.22 -6.99 -17.06
N ALA A 81 3.89 -7.86 -17.82
CA ALA A 81 3.24 -9.05 -18.39
C ALA A 81 3.65 -10.30 -17.63
N GLY A 82 2.72 -11.27 -17.57
CA GLY A 82 2.96 -12.52 -16.87
C GLY A 82 2.19 -13.68 -17.47
N ALA A 83 2.91 -14.71 -17.89
CA ALA A 83 2.30 -15.90 -18.48
C ALA A 83 2.21 -17.04 -17.48
N GLN A 84 1.14 -17.84 -17.61
CA GLN A 84 0.92 -18.98 -16.72
C GLN A 84 0.66 -20.26 -17.51
N GLU A 85 1.09 -21.40 -16.94
CA GLU A 85 0.94 -22.75 -17.55
C GLU A 85 1.71 -22.87 -18.87
N THR A 86 2.56 -23.89 -18.94
CA THR A 86 3.38 -24.14 -20.14
C THR A 86 2.77 -25.23 -21.02
N GLU A 87 2.33 -26.32 -20.39
CA GLU A 87 1.72 -27.45 -21.11
C GLU A 87 0.20 -27.37 -21.04
N ALA A 88 -0.46 -27.68 -22.16
CA ALA A 88 -1.92 -27.65 -22.26
C ALA A 88 -2.49 -29.06 -22.37
N LEU A 89 -3.67 -29.26 -21.79
CA LEU A 89 -4.34 -30.57 -21.81
C LEU A 89 -5.55 -30.54 -22.74
N VAL A 90 -6.33 -29.46 -22.68
CA VAL A 90 -7.53 -29.30 -23.51
C VAL A 90 -7.56 -27.92 -24.20
N PRO A 91 -7.24 -27.82 -25.53
CA PRO A 91 -7.26 -26.55 -26.27
C PRO A 91 -8.66 -25.94 -26.41
N ARG A 92 -9.67 -26.81 -26.54
CA ARG A 92 -11.06 -26.37 -26.67
C ARG A 92 -11.91 -26.91 -25.52
N GLY A 93 -12.87 -26.08 -25.08
CA GLY A 93 -13.75 -26.47 -23.99
C GLY A 93 -13.45 -25.71 -22.70
N SER A 94 -14.48 -25.10 -22.13
CA SER A 94 -14.34 -24.33 -20.89
C SER A 94 -15.38 -24.78 -19.86
N GLY A 95 -14.91 -25.05 -18.63
CA GLY A 95 -15.78 -25.48 -17.55
C GLY A 95 -15.12 -26.49 -16.64
N PHE A 96 -14.16 -26.02 -15.83
CA PHE A 96 -13.44 -26.88 -14.91
C PHE A 96 -13.45 -26.30 -13.49
N GLY A 97 -13.38 -27.17 -12.49
CA GLY A 97 -13.39 -26.74 -11.10
C GLY A 97 -12.00 -26.66 -10.51
N LYS A 98 -11.12 -25.89 -11.17
CA LYS A 98 -9.74 -25.71 -10.72
C LYS A 98 -9.44 -24.23 -10.48
N ASN A 99 -8.79 -23.94 -9.36
CA ASN A 99 -8.43 -22.56 -9.00
C ASN A 99 -6.92 -22.42 -8.80
N GLU A 100 -6.29 -21.65 -9.70
CA GLU A 100 -4.85 -21.41 -9.65
C GLU A 100 -4.52 -19.96 -10.02
N ALA A 101 -5.27 -19.41 -10.98
CA ALA A 101 -5.10 -18.03 -11.44
C ALA A 101 -5.71 -17.03 -10.45
N LEU A 102 -6.75 -17.47 -9.75
CA LEU A 102 -7.45 -16.63 -8.75
C LEU A 102 -6.74 -16.66 -7.39
N LYS A 103 -6.00 -17.76 -7.11
CA LYS A 103 -5.27 -17.92 -5.84
C LYS A 103 -4.05 -16.99 -5.78
N GLU A 104 -3.30 -16.91 -6.89
CA GLU A 104 -2.11 -16.05 -6.98
C GLU A 104 -2.46 -14.56 -6.87
N LYS A 105 -3.59 -14.18 -7.50
CA LYS A 105 -4.07 -12.80 -7.49
C LYS A 105 -4.69 -12.42 -6.14
N ALA A 106 -5.28 -13.42 -5.45
CA ALA A 106 -5.90 -13.21 -4.15
C ALA A 106 -4.86 -12.98 -3.05
N ASP A 107 -3.73 -13.71 -3.15
CA ASP A 107 -2.62 -13.60 -2.19
C ASP A 107 -1.81 -12.32 -2.43
N SER A 108 -1.65 -11.95 -3.70
CA SER A 108 -0.91 -10.74 -4.09
C SER A 108 -1.67 -9.47 -3.68
N LEU A 109 -2.99 -9.48 -3.91
CA LEU A 109 -3.86 -8.35 -3.56
C LEU A 109 -4.05 -8.23 -2.06
N ALA A 110 -4.06 -9.39 -1.36
CA ALA A 110 -4.20 -9.44 0.10
C ALA A 110 -2.94 -8.90 0.78
N LYS A 111 -1.78 -9.17 0.15
CA LYS A 111 -0.49 -8.70 0.66
C LYS A 111 -0.32 -7.20 0.39
N GLU A 112 -0.94 -6.71 -0.70
CA GLU A 112 -0.90 -5.30 -1.07
C GLU A 112 -1.73 -4.44 -0.11
N ILE A 113 -2.89 -4.97 0.32
CA ILE A 113 -3.78 -4.27 1.26
C ILE A 113 -3.20 -4.32 2.69
N GLN A 114 -2.52 -5.44 3.01
CA GLN A 114 -1.88 -5.63 4.32
C GLN A 114 -0.61 -4.78 4.44
N TYR A 115 0.08 -4.58 3.30
CA TYR A 115 1.30 -3.77 3.23
C TYR A 115 0.96 -2.28 3.33
N LEU A 116 -0.18 -1.89 2.73
CA LEU A 116 -0.65 -0.50 2.75
C LEU A 116 -1.09 -0.11 4.17
N LYS A 117 -1.80 -1.02 4.85
CA LYS A 117 -2.28 -0.80 6.22
C LYS A 117 -1.11 -0.74 7.21
N ASP A 118 -0.09 -1.58 6.98
CA ASP A 118 1.11 -1.63 7.81
C ASP A 118 1.95 -0.35 7.65
N LEU A 119 1.94 0.21 6.43
CA LEU A 119 2.69 1.44 6.11
C LEU A 119 2.05 2.67 6.78
N ILE A 120 0.70 2.70 6.82
CA ILE A 120 -0.04 3.80 7.46
C ILE A 120 0.13 3.74 8.98
N GLU A 121 0.18 2.52 9.53
CA GLU A 121 0.36 2.30 10.97
C GLU A 121 1.79 2.62 11.42
N GLU A 122 2.76 2.44 10.50
CA GLU A 122 4.17 2.72 10.78
C GLU A 122 4.46 4.22 10.78
N VAL A 123 3.82 4.95 9.86
CA VAL A 123 3.99 6.41 9.76
C VAL A 123 3.26 7.13 10.89
N ARG A 124 2.11 6.55 11.30
CA ARG A 124 1.29 7.08 12.41
C ARG A 124 1.99 6.88 13.76
N LYS A 125 2.63 5.71 13.92
CA LYS A 125 3.35 5.36 15.15
C LYS A 125 4.68 6.11 15.26
N ALA A 126 5.29 6.41 14.10
CA ALA A 126 6.58 7.11 14.05
C ALA A 126 6.43 8.61 14.35
N ARG A 127 5.37 9.23 13.80
CA ARG A 127 5.10 10.65 14.00
C ARG A 127 3.80 10.85 14.79
N GLY A 128 3.89 11.65 15.86
CA GLY A 128 2.73 11.92 16.69
C GLY A 128 2.99 11.58 18.15
N LYS A 129 2.37 12.38 19.04
CA LYS A 129 2.53 12.18 20.49
C LYS A 129 1.31 11.45 21.06
N LYS A 130 1.57 10.41 21.85
CA LYS A 130 0.52 9.61 22.48
C LYS A 130 0.72 9.53 23.99
N ARG A 131 -0.34 9.82 24.75
CA ARG A 131 -0.29 9.79 26.21
C ARG A 131 -1.02 8.55 26.74
N VAL A 132 -0.35 7.82 27.63
CA VAL A 132 -0.91 6.61 28.24
C VAL A 132 -1.06 6.76 29.77
N PRO A 133 -1.95 5.95 30.44
CA PRO A 133 -2.14 6.04 31.91
C PRO A 133 -0.99 5.43 32.69
N GLY A 1 8.03 30.88 2.78
CA GLY A 1 7.58 31.55 1.52
C GLY A 1 7.41 33.06 1.69
N PRO A 2 6.63 33.75 0.80
CA PRO A 2 6.41 35.21 0.88
C PRO A 2 5.43 35.60 1.98
N TRP A 3 5.86 36.52 2.87
CA TRP A 3 5.06 37.04 4.01
C TRP A 3 4.89 35.99 5.13
N LYS A 4 4.50 34.77 4.74
CA LYS A 4 4.29 33.68 5.69
C LYS A 4 5.36 32.61 5.52
N GLU A 5 5.98 32.23 6.65
CA GLU A 5 7.04 31.21 6.66
C GLU A 5 6.48 29.86 7.11
N ASP A 6 7.09 28.78 6.61
CA ASP A 6 6.67 27.42 6.94
C ASP A 6 7.54 26.84 8.07
N SER A 7 6.90 26.57 9.20
CA SER A 7 7.59 26.00 10.37
C SER A 7 6.83 24.79 10.90
N HIS A 8 5.50 24.92 11.03
CA HIS A 8 4.64 23.84 11.50
C HIS A 8 3.47 23.63 10.54
N ILE A 9 3.64 22.68 9.63
CA ILE A 9 2.63 22.36 8.61
C ILE A 9 2.58 20.86 8.30
N VAL A 10 3.47 20.09 8.95
CA VAL A 10 3.54 18.62 8.74
C VAL A 10 2.59 17.86 9.68
N SER A 11 1.94 18.58 10.60
CA SER A 11 1.00 17.98 11.54
C SER A 11 -0.45 18.09 11.06
N ALA A 12 -0.74 19.16 10.30
CA ALA A 12 -2.08 19.40 9.76
C ALA A 12 -2.28 18.78 8.37
N GLU A 13 -1.16 18.42 7.72
CA GLU A 13 -1.18 17.82 6.38
C GLU A 13 -1.25 16.29 6.45
N VAL A 14 -0.81 15.72 7.57
CA VAL A 14 -0.80 14.27 7.78
C VAL A 14 -2.20 13.72 8.10
N GLY A 15 -2.95 14.46 8.92
CA GLY A 15 -4.30 14.06 9.32
C GLY A 15 -5.30 14.03 8.16
N GLU A 16 -5.20 15.02 7.27
CA GLU A 16 -6.09 15.11 6.09
C GLU A 16 -5.75 14.05 5.04
N LYS A 17 -4.44 13.78 4.88
CA LYS A 17 -3.97 12.78 3.92
C LYS A 17 -4.30 11.36 4.39
N CYS A 18 -4.24 11.14 5.72
CA CYS A 18 -4.56 9.84 6.32
C CYS A 18 -6.06 9.56 6.26
N GLU A 19 -6.86 10.63 6.42
CA GLU A 19 -8.33 10.54 6.37
C GLU A 19 -8.83 10.27 4.94
N ALA A 20 -8.10 10.81 3.94
CA ALA A 20 -8.45 10.64 2.53
C ALA A 20 -8.14 9.23 2.03
N ILE A 21 -6.96 8.71 2.41
CA ILE A 21 -6.54 7.36 2.04
C ILE A 21 -7.37 6.32 2.84
N GLY A 22 -7.83 6.73 4.03
CA GLY A 22 -8.65 5.87 4.89
C GLY A 22 -10.04 5.64 4.31
N VAL A 23 -10.68 6.73 3.82
CA VAL A 23 -12.02 6.65 3.22
C VAL A 23 -11.98 5.93 1.86
N LYS A 24 -10.87 6.15 1.13
CA LYS A 24 -10.64 5.53 -0.18
C LYS A 24 -10.36 4.03 -0.03
N LEU A 25 -9.69 3.68 1.08
CA LEU A 25 -9.35 2.28 1.40
C LEU A 25 -10.61 1.46 1.75
N LEU A 26 -11.53 2.09 2.51
CA LEU A 26 -12.80 1.46 2.91
C LEU A 26 -13.72 1.26 1.70
N HIS A 27 -13.74 2.26 0.80
CA HIS A 27 -14.56 2.21 -0.42
C HIS A 27 -14.00 1.19 -1.41
N LEU A 28 -12.67 1.02 -1.42
CA LEU A 28 -11.99 0.06 -2.29
C LEU A 28 -12.19 -1.38 -1.80
N GLU A 29 -12.31 -1.55 -0.48
CA GLU A 29 -12.52 -2.86 0.15
C GLU A 29 -13.93 -3.39 -0.16
N ASP A 30 -14.93 -2.50 -0.01
CA ASP A 30 -16.33 -2.84 -0.29
C ASP A 30 -16.54 -3.10 -1.79
N GLN A 31 -15.84 -2.30 -2.62
CA GLN A 31 -15.90 -2.44 -4.09
C GLN A 31 -15.10 -3.66 -4.56
N LEU A 32 -14.14 -4.11 -3.72
CA LEU A 32 -13.31 -5.29 -4.03
C LEU A 32 -14.13 -6.58 -3.89
N LEU A 33 -14.89 -6.69 -2.79
CA LEU A 33 -15.75 -7.84 -2.54
C LEU A 33 -16.93 -7.86 -3.52
N GLY A 34 -17.45 -6.66 -3.83
CA GLY A 34 -18.56 -6.51 -4.77
C GLY A 34 -18.15 -6.81 -6.21
N ALA A 35 -16.87 -6.56 -6.53
CA ALA A 35 -16.33 -6.80 -7.87
C ALA A 35 -15.97 -8.27 -8.08
N MET A 36 -15.56 -8.94 -6.99
CA MET A 36 -15.18 -10.36 -7.02
C MET A 36 -16.41 -11.29 -7.07
N TYR A 37 -17.52 -10.85 -6.45
CA TYR A 37 -18.77 -11.63 -6.42
C TYR A 37 -19.55 -11.52 -7.73
N SER A 38 -19.59 -10.31 -8.29
CA SER A 38 -20.30 -10.05 -9.56
C SER A 38 -19.42 -10.31 -10.78
N HIS A 39 -18.08 -10.32 -10.57
CA HIS A 39 -17.07 -10.55 -11.64
C HIS A 39 -17.12 -9.45 -12.70
N ASP A 40 -16.06 -8.63 -12.73
CA ASP A 40 -15.95 -7.52 -13.68
C ASP A 40 -14.51 -7.43 -14.24
N GLU A 41 -14.34 -6.59 -15.28
CA GLU A 41 -13.03 -6.40 -15.91
C GLU A 41 -12.53 -4.97 -15.74
N ALA A 42 -13.45 -4.00 -15.87
CA ALA A 42 -13.13 -2.56 -15.73
C ALA A 42 -12.72 -2.17 -14.31
N LEU A 43 -13.27 -2.89 -13.31
CA LEU A 43 -12.98 -2.63 -11.89
C LEU A 43 -11.54 -3.02 -11.52
N PHE A 44 -10.97 -4.00 -12.23
CA PHE A 44 -9.59 -4.46 -11.99
C PHE A 44 -8.57 -3.43 -12.51
N GLN A 45 -8.90 -2.78 -13.64
CA GLN A 45 -8.03 -1.77 -14.25
C GLN A 45 -8.02 -0.48 -13.41
N SER A 46 -9.22 -0.10 -12.91
CA SER A 46 -9.38 1.08 -12.06
C SER A 46 -8.72 0.87 -10.69
N LEU A 47 -8.79 -0.38 -10.22
CA LEU A 47 -8.20 -0.78 -8.93
C LEU A 47 -6.67 -0.77 -8.99
N GLN A 48 -6.13 -1.15 -10.16
CA GLN A 48 -4.67 -1.18 -10.39
C GLN A 48 -4.09 0.24 -10.48
N GLY A 49 -4.84 1.15 -11.14
CA GLY A 49 -4.42 2.53 -11.29
C GLY A 49 -4.49 3.31 -9.98
N GLU A 50 -5.51 3.00 -9.17
CA GLU A 50 -5.72 3.63 -7.86
C GLU A 50 -4.67 3.15 -6.84
N LEU A 51 -4.31 1.86 -6.95
CA LEU A 51 -3.31 1.24 -6.07
C LEU A 51 -1.90 1.75 -6.38
N GLN A 52 -1.64 2.01 -7.67
CA GLN A 52 -0.35 2.53 -8.13
C GLN A 52 -0.19 4.02 -7.78
N THR A 53 -1.31 4.75 -7.78
CA THR A 53 -1.33 6.18 -7.44
C THR A 53 -1.14 6.40 -5.94
N VAL A 54 -1.71 5.51 -5.12
CA VAL A 54 -1.58 5.60 -3.66
C VAL A 54 -0.18 5.16 -3.20
N LYS A 55 0.40 4.19 -3.92
CA LYS A 55 1.76 3.69 -3.64
C LYS A 55 2.81 4.76 -3.98
N GLU A 56 2.55 5.49 -5.08
CA GLU A 56 3.46 6.58 -5.53
C GLU A 56 3.36 7.80 -4.60
N THR A 57 2.15 8.04 -4.07
CA THR A 57 1.90 9.16 -3.15
C THR A 57 2.50 8.88 -1.76
N LEU A 58 2.49 7.60 -1.37
CA LEU A 58 3.05 7.16 -0.08
C LEU A 58 4.58 7.21 -0.10
N GLN A 59 5.17 6.85 -1.26
CA GLN A 59 6.63 6.87 -1.44
C GLN A 59 7.14 8.32 -1.47
N ALA A 60 6.36 9.20 -2.11
CA ALA A 60 6.68 10.62 -2.20
C ALA A 60 6.54 11.31 -0.84
N MET A 61 5.61 10.79 -0.02
CA MET A 61 5.37 11.32 1.33
C MET A 61 6.52 10.99 2.28
N ILE A 62 7.02 9.76 2.21
CA ILE A 62 8.15 9.30 3.05
C ILE A 62 9.49 9.87 2.57
N LEU A 63 9.56 10.19 1.27
CA LEU A 63 10.78 10.76 0.66
C LEU A 63 10.86 12.28 0.84
N GLN A 64 9.67 12.92 1.01
CA GLN A 64 9.60 14.37 1.20
C GLN A 64 9.62 14.76 2.68
N LEU A 65 9.16 13.85 3.56
CA LEU A 65 9.13 14.10 5.00
C LEU A 65 10.45 13.69 5.68
N GLN A 66 11.12 12.67 5.14
CA GLN A 66 12.38 12.17 5.69
C GLN A 66 13.58 12.85 5.00
N PRO A 67 14.79 12.90 5.64
CA PRO A 67 15.99 13.53 5.05
C PRO A 67 16.60 12.70 3.93
N THR A 68 17.06 13.39 2.88
CA THR A 68 17.68 12.74 1.72
C THR A 68 18.91 13.49 1.26
N LYS A 69 20.02 12.75 1.08
CA LYS A 69 21.29 13.34 0.65
C LYS A 69 21.51 13.12 -0.85
N GLU A 70 21.87 14.21 -1.55
CA GLU A 70 22.12 14.20 -3.01
C GLU A 70 20.88 13.81 -3.82
N ALA A 71 20.46 14.71 -4.71
CA ALA A 71 19.28 14.48 -5.56
C ALA A 71 19.60 14.72 -7.02
N GLY A 72 19.24 13.75 -7.87
CA GLY A 72 19.50 13.84 -9.30
C GLY A 72 18.94 12.66 -10.07
N GLU A 73 19.81 12.03 -10.87
CA GLU A 73 19.41 10.88 -11.68
C GLU A 73 19.89 9.57 -11.03
N ALA A 74 19.04 8.55 -11.11
CA ALA A 74 19.35 7.23 -10.54
C ALA A 74 19.84 6.26 -11.61
N SER A 75 20.66 5.30 -11.21
CA SER A 75 21.21 4.30 -12.12
C SER A 75 20.83 2.88 -11.71
N ALA A 76 20.79 2.63 -10.39
CA ALA A 76 20.44 1.32 -9.85
C ALA A 76 18.94 1.18 -9.60
N SER A 77 18.33 2.22 -9.03
CA SER A 77 16.90 2.23 -8.74
C SER A 77 16.13 3.04 -9.77
N TYR A 78 14.92 2.58 -10.10
CA TYR A 78 14.07 3.25 -11.09
C TYR A 78 12.63 3.40 -10.56
N PRO A 79 11.82 4.38 -11.08
CA PRO A 79 10.43 4.59 -10.63
C PRO A 79 9.46 3.55 -11.19
N THR A 80 9.68 3.13 -12.43
CA THR A 80 8.83 2.13 -13.09
C THR A 80 9.66 1.00 -13.69
N ALA A 81 9.09 -0.20 -13.70
CA ALA A 81 9.76 -1.38 -14.24
C ALA A 81 9.22 -1.75 -15.63
N GLY A 82 10.10 -2.27 -16.48
CA GLY A 82 9.71 -2.66 -17.82
C GLY A 82 9.97 -4.13 -18.10
N ALA A 83 8.91 -4.85 -18.49
CA ALA A 83 9.00 -6.28 -18.79
C ALA A 83 8.44 -6.58 -20.17
N GLN A 84 9.15 -7.43 -20.91
CA GLN A 84 8.74 -7.82 -22.27
C GLN A 84 8.19 -9.25 -22.27
N GLU A 85 7.15 -9.47 -23.08
CA GLU A 85 6.50 -10.78 -23.20
C GLU A 85 6.89 -11.45 -24.52
N THR A 86 6.98 -12.78 -24.48
CA THR A 86 7.33 -13.58 -25.66
C THR A 86 6.41 -14.78 -25.81
N GLU A 87 5.82 -14.93 -27.02
CA GLU A 87 4.89 -16.03 -27.37
C GLU A 87 3.61 -16.00 -26.51
N ALA A 88 2.47 -15.98 -27.19
CA ALA A 88 1.16 -15.93 -26.53
C ALA A 88 0.44 -17.28 -26.66
N LEU A 89 -0.29 -17.65 -25.61
CA LEU A 89 -1.04 -18.90 -25.59
C LEU A 89 -2.54 -18.64 -25.53
N VAL A 90 -3.31 -19.44 -26.28
CA VAL A 90 -4.78 -19.30 -26.33
C VAL A 90 -5.46 -20.29 -25.36
N PRO A 91 -6.75 -20.05 -24.95
CA PRO A 91 -7.47 -20.94 -24.02
C PRO A 91 -7.97 -22.21 -24.72
N ARG A 92 -8.22 -23.25 -23.91
CA ARG A 92 -8.69 -24.54 -24.42
C ARG A 92 -10.14 -24.79 -24.01
N GLY A 93 -10.89 -25.48 -24.89
CA GLY A 93 -12.29 -25.77 -24.62
C GLY A 93 -12.49 -27.18 -24.11
N SER A 94 -12.38 -27.35 -22.79
CA SER A 94 -12.55 -28.65 -22.14
C SER A 94 -13.57 -28.58 -21.00
N GLY A 95 -13.49 -27.51 -20.21
CA GLY A 95 -14.41 -27.33 -19.08
C GLY A 95 -13.94 -26.26 -18.12
N PHE A 96 -14.91 -25.58 -17.49
CA PHE A 96 -14.62 -24.51 -16.53
C PHE A 96 -14.73 -25.02 -15.10
N GLY A 97 -13.83 -24.53 -14.24
CA GLY A 97 -13.84 -24.94 -12.83
C GLY A 97 -12.44 -25.10 -12.28
N LYS A 98 -11.70 -23.99 -12.19
CA LYS A 98 -10.33 -24.00 -11.67
C LYS A 98 -10.29 -23.52 -10.23
N ASN A 99 -9.35 -24.07 -9.46
CA ASN A 99 -9.18 -23.70 -8.05
C ASN A 99 -7.81 -23.05 -7.79
N GLU A 100 -6.89 -23.20 -8.75
CA GLU A 100 -5.54 -22.63 -8.63
C GLU A 100 -5.47 -21.21 -9.20
N ALA A 101 -6.43 -20.86 -10.08
CA ALA A 101 -6.49 -19.53 -10.70
C ALA A 101 -7.02 -18.47 -9.75
N LEU A 102 -7.92 -18.88 -8.84
CA LEU A 102 -8.53 -17.97 -7.86
C LEU A 102 -7.66 -17.82 -6.60
N LYS A 103 -6.85 -18.85 -6.30
CA LYS A 103 -5.97 -18.85 -5.13
C LYS A 103 -4.76 -17.92 -5.32
N GLU A 104 -4.22 -17.90 -6.55
CA GLU A 104 -3.06 -17.06 -6.90
C GLU A 104 -3.40 -15.57 -6.79
N LYS A 105 -4.62 -15.20 -7.25
CA LYS A 105 -5.09 -13.81 -7.22
C LYS A 105 -5.56 -13.41 -5.81
N ALA A 106 -6.08 -14.39 -5.05
CA ALA A 106 -6.56 -14.15 -3.68
C ALA A 106 -5.40 -13.92 -2.72
N ASP A 107 -4.32 -14.72 -2.89
CA ASP A 107 -3.12 -14.63 -2.05
C ASP A 107 -2.26 -13.42 -2.43
N SER A 108 -2.21 -13.09 -3.74
CA SER A 108 -1.43 -11.95 -4.24
C SER A 108 -2.07 -10.62 -3.81
N LEU A 109 -3.40 -10.55 -3.90
CA LEU A 109 -4.16 -9.35 -3.51
C LEU A 109 -4.19 -9.18 -1.99
N ALA A 110 -4.24 -10.30 -1.26
CA ALA A 110 -4.25 -10.29 0.21
C ALA A 110 -2.90 -9.84 0.76
N LYS A 111 -1.82 -10.21 0.07
CA LYS A 111 -0.46 -9.84 0.45
C LYS A 111 -0.18 -8.37 0.12
N GLU A 112 -0.82 -7.88 -0.96
CA GLU A 112 -0.68 -6.47 -1.38
C GLU A 112 -1.43 -5.52 -0.45
N ILE A 113 -2.56 -6.00 0.12
CA ILE A 113 -3.37 -5.21 1.06
C ILE A 113 -2.72 -5.22 2.45
N GLN A 114 -2.06 -6.34 2.79
CA GLN A 114 -1.36 -6.50 4.09
C GLN A 114 -0.11 -5.62 4.12
N TYR A 115 0.56 -5.51 2.96
CA TYR A 115 1.76 -4.68 2.81
C TYR A 115 1.37 -3.20 2.76
N LEU A 116 0.21 -2.93 2.12
CA LEU A 116 -0.34 -1.58 2.00
C LEU A 116 -0.82 -1.05 3.35
N LYS A 117 -1.48 -1.93 4.11
CA LYS A 117 -2.00 -1.60 5.45
C LYS A 117 -0.85 -1.41 6.45
N ASP A 118 0.22 -2.21 6.27
CA ASP A 118 1.42 -2.14 7.12
C ASP A 118 2.17 -0.82 6.88
N LEU A 119 2.15 -0.35 5.61
CA LEU A 119 2.81 0.90 5.23
C LEU A 119 2.09 2.12 5.82
N ILE A 120 0.74 2.07 5.83
CA ILE A 120 -0.08 3.17 6.39
C ILE A 120 0.09 3.23 7.92
N GLU A 121 0.25 2.05 8.54
CA GLU A 121 0.45 1.94 9.99
C GLU A 121 1.85 2.40 10.41
N GLU A 122 2.83 2.23 9.50
CA GLU A 122 4.21 2.63 9.75
C GLU A 122 4.40 4.14 9.62
N VAL A 123 3.64 4.76 8.71
CA VAL A 123 3.69 6.23 8.50
C VAL A 123 2.92 6.94 9.62
N ARG A 124 1.84 6.31 10.09
CA ARG A 124 1.01 6.86 11.16
C ARG A 124 1.73 6.80 12.51
N LYS A 125 2.48 5.70 12.73
CA LYS A 125 3.25 5.49 13.97
C LYS A 125 4.51 6.37 14.01
N ALA A 126 5.16 6.52 12.85
CA ALA A 126 6.38 7.33 12.72
C ALA A 126 6.08 8.84 12.74
N ARG A 127 5.04 9.24 11.97
CA ARG A 127 4.59 10.66 11.84
C ARG A 127 5.58 11.53 11.06
N GLY A 128 6.85 11.50 11.47
CA GLY A 128 7.90 12.28 10.81
C GLY A 128 9.05 12.60 11.73
N LYS A 129 8.76 13.29 12.84
CA LYS A 129 9.77 13.68 13.82
C LYS A 129 9.36 13.26 15.23
N LYS A 130 8.08 13.47 15.57
CA LYS A 130 7.54 13.12 16.88
C LYS A 130 6.73 11.83 16.82
N ARG A 131 6.95 10.95 17.81
CA ARG A 131 6.25 9.67 17.88
C ARG A 131 5.22 9.67 19.02
N VAL A 132 5.63 10.17 20.18
CA VAL A 132 4.76 10.22 21.36
C VAL A 132 4.95 11.51 22.21
N PRO A 133 6.18 12.14 22.30
CA PRO A 133 6.38 13.36 23.10
C PRO A 133 5.83 14.61 22.41
N GLY A 1 -1.15 33.96 -0.56
CA GLY A 1 -0.04 33.97 -1.55
C GLY A 1 0.73 32.65 -1.59
N PRO A 2 1.98 32.63 -2.12
CA PRO A 2 2.80 31.40 -2.20
C PRO A 2 3.40 30.99 -0.85
N TRP A 3 3.78 29.72 -0.74
CA TRP A 3 4.37 29.17 0.49
C TRP A 3 5.89 29.13 0.39
N LYS A 4 6.56 29.33 1.53
CA LYS A 4 8.02 29.32 1.61
C LYS A 4 8.51 28.38 2.71
N GLU A 5 7.71 28.25 3.78
CA GLU A 5 8.06 27.38 4.92
C GLU A 5 7.53 25.97 4.72
N ASP A 6 8.31 24.99 5.18
CA ASP A 6 7.94 23.57 5.07
C ASP A 6 8.02 22.85 6.41
N SER A 7 8.55 23.55 7.43
CA SER A 7 8.70 22.98 8.78
C SER A 7 7.44 23.20 9.63
N HIS A 8 6.58 24.13 9.19
CA HIS A 8 5.33 24.44 9.89
C HIS A 8 4.16 23.63 9.35
N ILE A 9 4.15 23.39 8.04
CA ILE A 9 3.09 22.62 7.38
C ILE A 9 3.49 21.14 7.24
N VAL A 10 3.24 20.38 8.30
CA VAL A 10 3.55 18.94 8.35
C VAL A 10 2.53 18.17 9.19
N SER A 11 2.06 18.82 10.27
CA SER A 11 1.07 18.23 11.18
C SER A 11 -0.36 18.46 10.69
N ALA A 12 -0.55 19.43 9.79
CA ALA A 12 -1.87 19.75 9.24
C ALA A 12 -2.13 19.06 7.91
N GLU A 13 -1.04 18.58 7.26
CA GLU A 13 -1.14 17.88 5.97
C GLU A 13 -1.27 16.37 6.14
N VAL A 14 -0.83 15.85 7.30
CA VAL A 14 -0.89 14.41 7.60
C VAL A 14 -2.30 13.93 7.95
N GLY A 15 -3.04 14.76 8.70
CA GLY A 15 -4.41 14.42 9.11
C GLY A 15 -5.39 14.33 7.95
N GLU A 16 -5.26 15.26 6.98
CA GLU A 16 -6.15 15.30 5.80
C GLU A 16 -5.77 14.21 4.79
N LYS A 17 -4.47 13.92 4.67
CA LYS A 17 -3.95 12.90 3.76
C LYS A 17 -4.26 11.49 4.29
N CYS A 18 -4.21 11.33 5.62
CA CYS A 18 -4.50 10.05 6.27
C CYS A 18 -5.99 9.75 6.25
N GLU A 19 -6.81 10.81 6.39
CA GLU A 19 -8.27 10.71 6.37
C GLU A 19 -8.78 10.37 4.96
N ALA A 20 -8.10 10.93 3.93
CA ALA A 20 -8.45 10.70 2.53
C ALA A 20 -8.08 9.29 2.07
N ILE A 21 -6.91 8.81 2.53
CA ILE A 21 -6.43 7.46 2.20
C ILE A 21 -7.25 6.41 2.97
N GLY A 22 -7.79 6.82 4.14
CA GLY A 22 -8.62 5.92 4.95
C GLY A 22 -9.99 5.67 4.34
N VAL A 23 -10.64 6.75 3.85
CA VAL A 23 -11.97 6.65 3.22
C VAL A 23 -11.88 5.97 1.85
N LYS A 24 -10.77 6.24 1.13
CA LYS A 24 -10.52 5.65 -0.19
C LYS A 24 -10.18 4.16 -0.07
N LEU A 25 -9.51 3.78 1.03
CA LEU A 25 -9.13 2.39 1.30
C LEU A 25 -10.38 1.54 1.61
N LEU A 26 -11.31 2.12 2.39
CA LEU A 26 -12.56 1.43 2.75
C LEU A 26 -13.46 1.24 1.53
N HIS A 27 -13.51 2.25 0.66
CA HIS A 27 -14.31 2.21 -0.58
C HIS A 27 -13.71 1.22 -1.60
N LEU A 28 -12.37 1.10 -1.59
CA LEU A 28 -11.66 0.18 -2.49
C LEU A 28 -11.81 -1.27 -2.03
N GLU A 29 -11.96 -1.45 -0.70
CA GLU A 29 -12.14 -2.79 -0.11
C GLU A 29 -13.52 -3.36 -0.42
N ASP A 30 -14.54 -2.49 -0.32
CA ASP A 30 -15.93 -2.87 -0.62
C ASP A 30 -16.12 -3.11 -2.13
N GLN A 31 -15.44 -2.30 -2.95
CA GLN A 31 -15.49 -2.40 -4.41
C GLN A 31 -14.69 -3.62 -4.91
N LEU A 32 -13.68 -4.02 -4.12
CA LEU A 32 -12.83 -5.17 -4.44
C LEU A 32 -13.58 -6.48 -4.22
N LEU A 33 -14.32 -6.56 -3.11
CA LEU A 33 -15.13 -7.74 -2.77
C LEU A 33 -16.32 -7.88 -3.72
N GLY A 34 -16.91 -6.72 -4.07
CA GLY A 34 -18.05 -6.69 -4.99
C GLY A 34 -17.64 -7.00 -6.43
N ALA A 35 -16.40 -6.66 -6.79
CA ALA A 35 -15.86 -6.91 -8.13
C ALA A 35 -15.37 -8.36 -8.28
N MET A 36 -14.98 -8.98 -7.15
CA MET A 36 -14.50 -10.36 -7.14
C MET A 36 -15.64 -11.38 -7.18
N TYR A 37 -16.74 -11.05 -6.49
CA TYR A 37 -17.93 -11.93 -6.44
C TYR A 37 -18.81 -11.77 -7.69
N SER A 38 -18.95 -10.54 -8.16
CA SER A 38 -19.76 -10.22 -9.35
C SER A 38 -18.95 -10.37 -10.64
N HIS A 39 -17.61 -10.27 -10.52
CA HIS A 39 -16.67 -10.37 -11.67
C HIS A 39 -16.90 -9.27 -12.71
N ASP A 40 -15.96 -8.32 -12.77
CA ASP A 40 -16.03 -7.20 -13.71
C ASP A 40 -14.63 -6.84 -14.24
N GLU A 41 -14.61 -6.18 -15.41
CA GLU A 41 -13.35 -5.78 -16.05
C GLU A 41 -13.01 -4.32 -15.75
N ALA A 42 -14.04 -3.46 -15.76
CA ALA A 42 -13.88 -2.02 -15.50
C ALA A 42 -13.44 -1.72 -14.06
N LEU A 43 -14.01 -2.47 -13.11
CA LEU A 43 -13.70 -2.32 -11.69
C LEU A 43 -12.27 -2.78 -11.35
N PHE A 44 -11.76 -3.75 -12.12
CA PHE A 44 -10.41 -4.29 -11.92
C PHE A 44 -9.34 -3.25 -12.34
N GLN A 45 -9.64 -2.51 -13.42
CA GLN A 45 -8.74 -1.46 -13.93
C GLN A 45 -8.75 -0.25 -12.99
N SER A 46 -9.93 0.04 -12.43
CA SER A 46 -10.11 1.15 -11.48
C SER A 46 -9.40 0.87 -10.15
N LEU A 47 -9.44 -0.41 -9.72
CA LEU A 47 -8.80 -0.85 -8.47
C LEU A 47 -7.26 -0.85 -8.58
N GLN A 48 -6.77 -1.21 -9.77
CA GLN A 48 -5.31 -1.26 -10.04
C GLN A 48 -4.72 0.16 -10.13
N GLY A 49 -5.46 1.07 -10.76
CA GLY A 49 -5.02 2.46 -10.91
C GLY A 49 -5.06 3.25 -9.61
N GLU A 50 -6.10 3.00 -8.80
CA GLU A 50 -6.29 3.67 -7.50
C GLU A 50 -5.28 3.14 -6.47
N LEU A 51 -4.97 1.85 -6.55
CA LEU A 51 -4.00 1.20 -5.64
C LEU A 51 -2.57 1.63 -5.97
N GLN A 52 -2.29 1.83 -7.26
CA GLN A 52 -0.98 2.28 -7.73
C GLN A 52 -0.74 3.75 -7.43
N THR A 53 -1.84 4.54 -7.43
CA THR A 53 -1.78 5.98 -7.14
C THR A 53 -1.57 6.25 -5.63
N VAL A 54 -2.20 5.40 -4.80
CA VAL A 54 -2.07 5.52 -3.33
C VAL A 54 -0.70 5.03 -2.85
N LYS A 55 -0.17 4.00 -3.55
CA LYS A 55 1.15 3.43 -3.24
C LYS A 55 2.27 4.40 -3.65
N GLU A 56 2.06 5.10 -4.78
CA GLU A 56 3.03 6.09 -5.29
C GLU A 56 3.02 7.36 -4.43
N THR A 57 1.84 7.70 -3.90
CA THR A 57 1.65 8.88 -3.03
C THR A 57 2.25 8.64 -1.64
N LEU A 58 2.16 7.38 -1.18
CA LEU A 58 2.69 6.97 0.13
C LEU A 58 4.23 6.93 0.10
N GLN A 59 4.78 6.46 -1.04
CA GLN A 59 6.23 6.39 -1.23
C GLN A 59 6.83 7.79 -1.36
N ALA A 60 6.10 8.68 -2.03
CA ALA A 60 6.50 10.08 -2.21
C ALA A 60 6.44 10.85 -0.89
N MET A 61 5.49 10.46 -0.03
CA MET A 61 5.30 11.08 1.29
C MET A 61 6.45 10.73 2.24
N ILE A 62 6.87 9.45 2.23
CA ILE A 62 7.98 8.97 3.07
C ILE A 62 9.35 9.43 2.53
N LEU A 63 9.40 9.69 1.21
CA LEU A 63 10.63 10.14 0.54
C LEU A 63 10.78 11.67 0.65
N GLN A 64 9.65 12.37 0.85
CA GLN A 64 9.63 13.83 0.98
C GLN A 64 9.86 14.26 2.44
N LEU A 65 9.36 13.45 3.38
CA LEU A 65 9.51 13.73 4.81
C LEU A 65 10.83 13.18 5.37
N GLN A 66 11.21 11.99 4.88
CA GLN A 66 12.46 11.34 5.30
C GLN A 66 13.47 11.29 4.13
N PRO A 67 14.55 12.14 4.15
CA PRO A 67 15.56 12.17 3.07
C PRO A 67 16.36 10.86 2.95
N THR A 68 16.63 10.21 4.08
CA THR A 68 17.39 8.95 4.10
C THR A 68 16.80 7.97 5.11
N LYS A 69 16.83 6.68 4.75
CA LYS A 69 16.31 5.61 5.59
C LYS A 69 17.33 4.48 5.74
N GLU A 70 17.35 3.84 6.90
CA GLU A 70 18.26 2.73 7.18
C GLU A 70 17.51 1.52 7.72
N ALA A 71 17.79 0.36 7.12
CA ALA A 71 17.15 -0.89 7.53
C ALA A 71 18.18 -1.97 7.88
N GLY A 72 19.23 -2.07 7.05
CA GLY A 72 20.28 -3.05 7.27
C GLY A 72 20.72 -3.74 5.99
N GLU A 73 21.36 -4.91 6.15
CA GLU A 73 21.84 -5.69 5.01
C GLU A 73 21.01 -6.96 4.82
N ALA A 74 20.69 -7.64 5.95
CA ALA A 74 19.89 -8.89 5.95
C ALA A 74 20.60 -10.03 5.22
N SER A 75 20.78 -11.16 5.92
CA SER A 75 21.43 -12.34 5.35
C SER A 75 20.58 -13.58 5.52
N ALA A 76 20.70 -14.52 4.59
CA ALA A 76 19.94 -15.78 4.62
C ALA A 76 20.79 -16.91 5.17
N SER A 77 20.17 -17.79 5.96
CA SER A 77 20.86 -18.94 6.56
C SER A 77 20.55 -20.22 5.80
N TYR A 78 21.53 -21.13 5.75
CA TYR A 78 21.37 -22.42 5.07
C TYR A 78 21.01 -23.54 6.06
N PRO A 79 19.82 -24.21 5.91
CA PRO A 79 19.40 -25.31 6.81
C PRO A 79 20.33 -26.52 6.72
N THR A 80 20.57 -27.15 7.88
CA THR A 80 21.44 -28.33 7.97
C THR A 80 20.84 -29.40 8.90
N ALA A 81 20.31 -28.95 10.05
CA ALA A 81 19.71 -29.86 11.03
C ALA A 81 18.25 -29.48 11.30
N GLY A 82 17.43 -30.49 11.58
CA GLY A 82 16.02 -30.26 11.85
C GLY A 82 15.17 -31.50 11.64
N ALA A 83 14.83 -31.77 10.38
CA ALA A 83 14.02 -32.94 10.02
C ALA A 83 14.89 -34.09 9.52
N GLN A 84 15.89 -33.76 8.67
CA GLN A 84 16.84 -34.73 8.08
C GLN A 84 16.19 -35.63 7.03
N GLU A 85 15.05 -36.24 7.38
CA GLU A 85 14.31 -37.13 6.48
C GLU A 85 13.12 -36.40 5.86
N THR A 86 12.89 -36.65 4.57
CA THR A 86 11.79 -36.03 3.83
C THR A 86 11.09 -37.05 2.93
N GLU A 87 9.76 -37.16 3.07
CA GLU A 87 8.96 -38.09 2.28
C GLU A 87 8.13 -37.35 1.24
N ALA A 88 7.95 -37.97 0.08
CA ALA A 88 7.18 -37.38 -1.01
C ALA A 88 6.04 -38.31 -1.44
N LEU A 89 4.90 -37.70 -1.77
CA LEU A 89 3.71 -38.45 -2.20
C LEU A 89 3.56 -38.41 -3.71
N VAL A 90 3.13 -39.53 -4.29
CA VAL A 90 2.93 -39.67 -5.73
C VAL A 90 1.45 -39.50 -6.12
N PRO A 91 1.05 -38.33 -6.72
CA PRO A 91 -0.35 -38.08 -7.14
C PRO A 91 -0.83 -39.04 -8.23
N ARG A 92 -2.11 -39.40 -8.16
CA ARG A 92 -2.72 -40.32 -9.13
C ARG A 92 -3.50 -39.56 -10.21
N GLY A 93 -4.27 -38.55 -9.77
CA GLY A 93 -5.06 -37.75 -10.70
C GLY A 93 -5.65 -36.52 -10.04
N SER A 94 -5.46 -35.36 -10.68
CA SER A 94 -5.96 -34.09 -10.17
C SER A 94 -7.17 -33.62 -10.98
N GLY A 95 -8.19 -33.12 -10.27
CA GLY A 95 -9.39 -32.64 -10.93
C GLY A 95 -10.63 -32.82 -10.06
N PHE A 96 -10.58 -32.27 -8.84
CA PHE A 96 -11.70 -32.37 -7.90
C PHE A 96 -12.43 -31.03 -7.78
N GLY A 97 -11.67 -29.94 -7.71
CA GLY A 97 -12.25 -28.61 -7.59
C GLY A 97 -11.42 -27.68 -6.73
N LYS A 98 -10.17 -27.49 -7.10
CA LYS A 98 -9.25 -26.62 -6.36
C LYS A 98 -8.96 -25.34 -7.14
N ASN A 99 -8.78 -24.24 -6.40
CA ASN A 99 -8.50 -22.93 -7.00
C ASN A 99 -7.06 -22.51 -6.71
N GLU A 100 -6.34 -22.15 -7.78
CA GLU A 100 -4.95 -21.72 -7.67
C GLU A 100 -4.77 -20.30 -8.24
N ALA A 101 -5.60 -19.95 -9.22
CA ALA A 101 -5.56 -18.63 -9.87
C ALA A 101 -6.19 -17.54 -8.99
N LEU A 102 -7.16 -17.93 -8.16
CA LEU A 102 -7.87 -17.01 -7.27
C LEU A 102 -7.09 -16.79 -5.96
N LYS A 103 -6.29 -17.79 -5.56
CA LYS A 103 -5.49 -17.73 -4.33
C LYS A 103 -4.29 -16.81 -4.48
N GLU A 104 -3.65 -16.84 -5.67
CA GLU A 104 -2.47 -16.01 -5.97
C GLU A 104 -2.82 -14.51 -5.97
N LYS A 105 -3.99 -14.18 -6.53
CA LYS A 105 -4.47 -12.79 -6.60
C LYS A 105 -5.02 -12.31 -5.25
N ALA A 106 -5.67 -13.23 -4.52
CA ALA A 106 -6.23 -12.93 -3.19
C ALA A 106 -5.14 -12.73 -2.14
N ASP A 107 -4.09 -13.57 -2.23
CA ASP A 107 -2.94 -13.51 -1.31
C ASP A 107 -2.02 -12.33 -1.63
N SER A 108 -1.91 -11.98 -2.92
CA SER A 108 -1.07 -10.86 -3.36
C SER A 108 -1.68 -9.51 -2.95
N LEU A 109 -3.00 -9.39 -3.10
CA LEU A 109 -3.74 -8.17 -2.75
C LEU A 109 -3.84 -8.01 -1.23
N ALA A 110 -3.99 -9.16 -0.53
CA ALA A 110 -4.09 -9.17 0.94
C ALA A 110 -2.76 -8.80 1.59
N LYS A 111 -1.65 -9.22 0.95
CA LYS A 111 -0.30 -8.93 1.43
C LYS A 111 0.08 -7.48 1.15
N GLU A 112 -0.46 -6.93 0.04
CA GLU A 112 -0.21 -5.53 -0.36
C GLU A 112 -0.96 -4.55 0.55
N ILE A 113 -2.16 -4.96 1.01
CA ILE A 113 -2.98 -4.12 1.91
C ILE A 113 -2.44 -4.21 3.34
N GLN A 114 -1.90 -5.38 3.71
CA GLN A 114 -1.31 -5.60 5.04
C GLN A 114 -0.01 -4.81 5.19
N TYR A 115 0.74 -4.72 4.08
CA TYR A 115 2.01 -3.97 4.03
C TYR A 115 1.73 -2.47 3.99
N LEU A 116 0.64 -2.10 3.29
CA LEU A 116 0.20 -0.71 3.16
C LEU A 116 -0.33 -0.18 4.51
N LYS A 117 -0.99 -1.07 5.26
CA LYS A 117 -1.54 -0.73 6.59
C LYS A 117 -0.42 -0.58 7.62
N ASP A 118 0.60 -1.44 7.52
CA ASP A 118 1.76 -1.39 8.41
C ASP A 118 2.61 -0.15 8.16
N LEU A 119 2.64 0.30 6.89
CA LEU A 119 3.40 1.49 6.49
C LEU A 119 2.76 2.77 7.02
N ILE A 120 1.42 2.86 6.91
CA ILE A 120 0.68 4.03 7.41
C ILE A 120 0.69 4.10 8.94
N GLU A 121 0.68 2.91 9.58
CA GLU A 121 0.71 2.80 11.05
C GLU A 121 2.09 3.14 11.62
N GLU A 122 3.14 2.85 10.84
CA GLU A 122 4.53 3.14 11.24
C GLU A 122 4.85 4.63 11.15
N VAL A 123 4.31 5.30 10.11
CA VAL A 123 4.52 6.75 9.92
C VAL A 123 3.68 7.56 10.93
N ARG A 124 2.48 7.04 11.26
CA ARG A 124 1.58 7.69 12.23
C ARG A 124 2.14 7.58 13.65
N LYS A 125 2.74 6.42 13.97
CA LYS A 125 3.32 6.16 15.30
C LYS A 125 4.64 6.91 15.52
N ALA A 126 5.43 7.03 14.43
CA ALA A 126 6.72 7.72 14.46
C ALA A 126 6.56 9.24 14.49
N ARG A 127 5.60 9.75 13.72
CA ARG A 127 5.33 11.19 13.65
C ARG A 127 4.16 11.57 14.54
N GLY A 128 4.38 12.60 15.38
CA GLY A 128 3.34 13.06 16.29
C GLY A 128 3.71 12.84 17.75
N LYS A 129 4.88 13.37 18.15
CA LYS A 129 5.36 13.23 19.53
C LYS A 129 5.36 14.58 20.22
N LYS A 130 4.84 14.60 21.46
CA LYS A 130 4.77 15.83 22.27
C LYS A 130 5.61 15.68 23.53
N ARG A 131 6.45 16.69 23.79
CA ARG A 131 7.32 16.71 24.97
C ARG A 131 6.80 17.72 26.00
N VAL A 132 6.68 17.27 27.25
CA VAL A 132 6.21 18.12 28.34
C VAL A 132 7.34 18.43 29.35
N PRO A 133 7.24 19.53 30.17
CA PRO A 133 8.27 19.88 31.16
C PRO A 133 8.28 18.95 32.37
N GLY A 1 8.03 38.15 6.13
CA GLY A 1 9.19 38.87 5.52
C GLY A 1 9.41 38.48 4.06
N PRO A 2 10.62 38.70 3.49
CA PRO A 2 10.93 38.37 2.08
C PRO A 2 11.14 36.86 1.86
N TRP A 3 11.73 36.20 2.86
CA TRP A 3 12.00 34.76 2.77
C TRP A 3 10.94 33.98 3.55
N LYS A 4 10.42 32.91 2.93
CA LYS A 4 9.40 32.06 3.56
C LYS A 4 10.02 30.79 4.12
N GLU A 5 9.45 30.30 5.23
CA GLU A 5 9.93 29.09 5.89
C GLU A 5 8.80 28.08 6.07
N ASP A 6 9.15 26.79 5.99
CA ASP A 6 8.18 25.71 6.15
C ASP A 6 8.59 24.77 7.27
N SER A 7 7.78 24.73 8.34
CA SER A 7 8.03 23.87 9.50
C SER A 7 6.72 23.36 10.12
N HIS A 8 5.68 24.19 10.07
CA HIS A 8 4.36 23.84 10.65
C HIS A 8 3.43 23.19 9.61
N ILE A 9 3.93 23.00 8.38
CA ILE A 9 3.12 22.40 7.30
C ILE A 9 3.28 20.86 7.26
N VAL A 10 4.07 20.31 8.18
CA VAL A 10 4.31 18.85 8.25
C VAL A 10 3.29 18.15 9.17
N SER A 11 2.82 18.87 10.19
CA SER A 11 1.85 18.33 11.15
C SER A 11 0.40 18.66 10.75
N ALA A 12 0.23 19.60 9.82
CA ALA A 12 -1.09 20.02 9.35
C ALA A 12 -1.49 19.32 8.04
N GLU A 13 -0.48 18.89 7.26
CA GLU A 13 -0.71 18.22 5.98
C GLU A 13 -0.86 16.71 6.15
N VAL A 14 -0.34 16.17 7.26
CA VAL A 14 -0.40 14.71 7.55
C VAL A 14 -1.81 14.26 7.96
N GLY A 15 -2.50 15.10 8.74
CA GLY A 15 -3.86 14.79 9.21
C GLY A 15 -4.88 14.70 8.08
N GLU A 16 -4.78 15.62 7.10
CA GLU A 16 -5.70 15.64 5.95
C GLU A 16 -5.39 14.52 4.96
N LYS A 17 -4.09 14.21 4.82
CA LYS A 17 -3.62 13.14 3.92
C LYS A 17 -3.93 11.76 4.51
N CYS A 18 -3.87 11.66 5.84
CA CYS A 18 -4.16 10.41 6.57
C CYS A 18 -5.67 10.10 6.54
N GLU A 19 -6.48 11.17 6.67
CA GLU A 19 -7.94 11.05 6.66
C GLU A 19 -8.47 10.70 5.26
N ALA A 20 -7.82 11.27 4.22
CA ALA A 20 -8.20 11.01 2.82
C ALA A 20 -7.79 9.62 2.37
N ILE A 21 -6.62 9.17 2.85
CA ILE A 21 -6.10 7.83 2.53
C ILE A 21 -6.90 6.74 3.29
N GLY A 22 -7.45 7.13 4.44
CA GLY A 22 -8.26 6.22 5.26
C GLY A 22 -9.63 5.96 4.64
N VAL A 23 -10.30 7.03 4.18
CA VAL A 23 -11.62 6.91 3.55
C VAL A 23 -11.52 6.26 2.16
N LYS A 24 -10.39 6.51 1.49
CA LYS A 24 -10.11 5.95 0.16
C LYS A 24 -9.78 4.45 0.27
N LEU A 25 -9.13 4.08 1.38
CA LEU A 25 -8.74 2.68 1.65
C LEU A 25 -9.98 1.83 1.96
N LEU A 26 -10.93 2.40 2.73
CA LEU A 26 -12.18 1.72 3.10
C LEU A 26 -13.09 1.54 1.89
N HIS A 27 -13.15 2.57 1.03
CA HIS A 27 -13.95 2.55 -0.19
C HIS A 27 -13.35 1.57 -1.22
N LEU A 28 -12.02 1.45 -1.20
CA LEU A 28 -11.29 0.55 -2.10
C LEU A 28 -11.44 -0.92 -1.66
N GLU A 29 -11.61 -1.13 -0.34
CA GLU A 29 -11.79 -2.47 0.24
C GLU A 29 -13.17 -3.02 -0.09
N ASP A 30 -14.19 -2.15 0.01
CA ASP A 30 -15.58 -2.51 -0.29
C ASP A 30 -15.78 -2.74 -1.80
N GLN A 31 -15.08 -1.92 -2.61
CA GLN A 31 -15.14 -2.03 -4.08
C GLN A 31 -14.35 -3.25 -4.57
N LEU A 32 -13.33 -3.65 -3.79
CA LEU A 32 -12.49 -4.81 -4.11
C LEU A 32 -13.24 -6.12 -3.85
N LEU A 33 -14.02 -6.14 -2.76
CA LEU A 33 -14.82 -7.32 -2.38
C LEU A 33 -15.99 -7.51 -3.36
N GLY A 34 -16.61 -6.39 -3.76
CA GLY A 34 -17.72 -6.41 -4.71
C GLY A 34 -17.29 -6.73 -6.13
N ALA A 35 -16.06 -6.32 -6.49
CA ALA A 35 -15.51 -6.57 -7.83
C ALA A 35 -14.93 -7.99 -7.96
N MET A 36 -14.51 -8.58 -6.82
CA MET A 36 -13.92 -9.92 -6.80
C MET A 36 -15.00 -11.01 -6.77
N TYR A 37 -16.10 -10.75 -6.06
CA TYR A 37 -17.21 -11.71 -5.94
C TYR A 37 -18.14 -11.67 -7.17
N SER A 38 -18.33 -10.46 -7.73
CA SER A 38 -19.18 -10.26 -8.91
C SER A 38 -18.42 -10.49 -10.22
N HIS A 39 -17.08 -10.27 -10.18
CA HIS A 39 -16.18 -10.43 -11.35
C HIS A 39 -16.57 -9.49 -12.51
N ASP A 40 -15.71 -8.49 -12.75
CA ASP A 40 -15.92 -7.50 -13.81
C ASP A 40 -14.59 -7.11 -14.46
N GLU A 41 -14.67 -6.51 -15.66
CA GLU A 41 -13.48 -6.09 -16.41
C GLU A 41 -13.16 -4.60 -16.18
N ALA A 42 -14.21 -3.77 -16.16
CA ALA A 42 -14.09 -2.31 -15.95
C ALA A 42 -13.59 -1.96 -14.55
N LEU A 43 -14.07 -2.71 -13.55
CA LEU A 43 -13.70 -2.49 -12.14
C LEU A 43 -12.26 -2.91 -11.84
N PHE A 44 -11.74 -3.89 -12.60
CA PHE A 44 -10.36 -4.38 -12.42
C PHE A 44 -9.34 -3.38 -12.97
N GLN A 45 -9.69 -2.71 -14.08
CA GLN A 45 -8.83 -1.70 -14.70
C GLN A 45 -8.80 -0.41 -13.85
N SER A 46 -9.98 -0.04 -13.33
CA SER A 46 -10.12 1.14 -12.46
C SER A 46 -9.44 0.92 -11.11
N LEU A 47 -9.50 -0.34 -10.62
CA LEU A 47 -8.88 -0.73 -9.35
C LEU A 47 -7.36 -0.75 -9.45
N GLN A 48 -6.85 -1.13 -10.64
CA GLN A 48 -5.40 -1.20 -10.91
C GLN A 48 -4.79 0.21 -10.95
N GLY A 49 -5.49 1.13 -11.64
CA GLY A 49 -5.02 2.52 -11.75
C GLY A 49 -5.13 3.27 -10.43
N GLU A 50 -6.22 3.00 -9.69
CA GLU A 50 -6.48 3.63 -8.39
C GLU A 50 -5.50 3.12 -7.32
N LEU A 51 -5.16 1.83 -7.41
CA LEU A 51 -4.21 1.19 -6.47
C LEU A 51 -2.79 1.69 -6.70
N GLN A 52 -2.45 1.96 -7.98
CA GLN A 52 -1.13 2.46 -8.36
C GLN A 52 -0.95 3.93 -7.95
N THR A 53 -2.07 4.69 -7.99
CA THR A 53 -2.06 6.12 -7.61
C THR A 53 -1.97 6.29 -6.09
N VAL A 54 -2.61 5.38 -5.35
CA VAL A 54 -2.61 5.39 -3.86
C VAL A 54 -1.23 4.94 -3.33
N LYS A 55 -0.62 3.99 -4.06
CA LYS A 55 0.71 3.45 -3.69
C LYS A 55 1.81 4.48 -3.97
N GLU A 56 1.66 5.22 -5.07
CA GLU A 56 2.62 6.26 -5.47
C GLU A 56 2.51 7.49 -4.56
N THR A 57 1.29 7.78 -4.10
CA THR A 57 1.03 8.92 -3.20
C THR A 57 1.50 8.63 -1.78
N LEU A 58 1.39 7.35 -1.37
CA LEU A 58 1.82 6.91 -0.05
C LEU A 58 3.35 6.87 0.04
N GLN A 59 4.00 6.46 -1.06
CA GLN A 59 5.47 6.39 -1.15
C GLN A 59 6.08 7.79 -1.16
N ALA A 60 5.45 8.70 -1.91
CA ALA A 60 5.89 10.10 -2.02
C ALA A 60 5.65 10.86 -0.72
N MET A 61 4.61 10.45 0.02
CA MET A 61 4.24 11.06 1.30
C MET A 61 5.22 10.65 2.41
N ILE A 62 5.62 9.36 2.41
CA ILE A 62 6.56 8.82 3.41
C ILE A 62 8.01 9.28 3.12
N LEU A 63 8.29 9.54 1.84
CA LEU A 63 9.62 10.00 1.40
C LEU A 63 9.77 11.51 1.64
N GLN A 64 8.64 12.24 1.56
CA GLN A 64 8.62 13.69 1.78
C GLN A 64 8.36 14.04 3.25
N LEU A 65 7.90 13.03 4.03
CA LEU A 65 7.61 13.21 5.46
C LEU A 65 8.90 13.30 6.29
N GLN A 66 9.92 12.53 5.89
CA GLN A 66 11.21 12.51 6.58
C GLN A 66 12.22 13.44 5.89
N PRO A 67 13.29 13.92 6.60
CA PRO A 67 14.31 14.82 6.02
C PRO A 67 15.28 14.09 5.07
N THR A 68 15.66 14.77 3.99
CA THR A 68 16.57 14.21 3.00
C THR A 68 17.57 15.26 2.51
N LYS A 69 18.86 14.93 2.59
CA LYS A 69 19.92 15.84 2.15
C LYS A 69 20.43 15.46 0.77
N GLU A 70 20.47 16.44 -0.13
CA GLU A 70 20.94 16.23 -1.51
C GLU A 70 21.96 17.29 -1.90
N ALA A 71 23.09 16.84 -2.44
CA ALA A 71 24.16 17.73 -2.87
C ALA A 71 24.55 17.48 -4.32
N GLY A 72 24.63 18.56 -5.11
CA GLY A 72 25.00 18.45 -6.52
C GLY A 72 23.79 18.55 -7.43
N GLU A 73 23.70 17.62 -8.39
CA GLU A 73 22.59 17.59 -9.34
C GLU A 73 21.62 16.46 -9.01
N ALA A 74 20.34 16.71 -9.24
CA ALA A 74 19.28 15.73 -8.97
C ALA A 74 18.84 15.03 -10.26
N SER A 75 18.48 13.75 -10.13
CA SER A 75 18.04 12.95 -11.26
C SER A 75 16.62 12.43 -11.06
N ALA A 76 16.31 11.97 -9.82
CA ALA A 76 14.98 11.44 -9.45
C ALA A 76 14.60 10.19 -10.25
N SER A 77 14.26 9.11 -9.54
CA SER A 77 13.88 7.85 -10.16
C SER A 77 12.51 7.39 -9.66
N TYR A 78 11.75 6.76 -10.56
CA TYR A 78 10.41 6.26 -10.24
C TYR A 78 10.44 4.76 -9.92
N PRO A 79 9.43 4.20 -9.17
CA PRO A 79 9.38 2.76 -8.83
C PRO A 79 8.99 1.88 -10.02
N THR A 80 9.45 0.62 -9.98
CA THR A 80 9.15 -0.34 -11.05
C THR A 80 8.82 -1.71 -10.47
N ALA A 81 7.85 -2.39 -11.10
CA ALA A 81 7.43 -3.71 -10.66
C ALA A 81 7.57 -4.74 -11.78
N GLY A 82 7.88 -5.98 -11.40
CA GLY A 82 8.05 -7.06 -12.37
C GLY A 82 9.43 -7.67 -12.33
N ALA A 83 9.77 -8.29 -11.19
CA ALA A 83 11.06 -8.93 -10.99
C ALA A 83 10.91 -10.40 -10.57
N GLN A 84 9.96 -10.65 -9.67
CA GLN A 84 9.70 -12.01 -9.17
C GLN A 84 8.25 -12.43 -9.43
N GLU A 85 7.31 -11.50 -9.22
CA GLU A 85 5.88 -11.77 -9.43
C GLU A 85 5.43 -11.25 -10.79
N THR A 86 4.53 -12.01 -11.42
CA THR A 86 3.99 -11.65 -12.74
C THR A 86 2.51 -11.32 -12.65
N GLU A 87 2.06 -10.41 -13.53
CA GLU A 87 0.66 -9.99 -13.57
C GLU A 87 0.11 -10.07 -14.99
N ALA A 88 0.93 -9.71 -15.97
CA ALA A 88 0.53 -9.73 -17.39
C ALA A 88 0.92 -11.05 -18.06
N LEU A 89 2.09 -11.59 -17.70
CA LEU A 89 2.60 -12.85 -18.25
C LEU A 89 2.23 -14.03 -17.35
N VAL A 90 1.69 -15.08 -17.97
CA VAL A 90 1.29 -16.29 -17.24
C VAL A 90 1.69 -17.56 -18.00
N PRO A 91 1.81 -18.76 -17.32
CA PRO A 91 2.20 -20.02 -17.99
C PRO A 91 1.06 -20.59 -18.85
N ARG A 92 1.45 -21.43 -19.82
CA ARG A 92 0.49 -22.07 -20.72
C ARG A 92 0.70 -23.57 -20.76
N GLY A 93 -0.41 -24.32 -20.92
CA GLY A 93 -0.36 -25.77 -20.97
C GLY A 93 -1.73 -26.40 -20.95
N SER A 94 -1.80 -27.64 -20.43
CA SER A 94 -3.06 -28.37 -20.35
C SER A 94 -3.60 -28.36 -18.92
N GLY A 95 -4.93 -28.33 -18.80
CA GLY A 95 -5.58 -28.31 -17.49
C GLY A 95 -6.91 -27.59 -17.52
N PHE A 96 -7.88 -28.14 -16.77
CA PHE A 96 -9.23 -27.57 -16.70
C PHE A 96 -9.53 -27.09 -15.28
N GLY A 97 -9.99 -25.83 -15.17
CA GLY A 97 -10.32 -25.26 -13.87
C GLY A 97 -9.21 -24.37 -13.34
N LYS A 98 -9.60 -23.31 -12.62
CA LYS A 98 -8.65 -22.37 -12.04
C LYS A 98 -8.93 -22.16 -10.56
N ASN A 99 -7.89 -22.35 -9.74
CA ASN A 99 -8.00 -22.17 -8.28
C ASN A 99 -6.86 -21.32 -7.73
N GLU A 100 -5.74 -21.28 -8.47
CA GLU A 100 -4.55 -20.51 -8.06
C GLU A 100 -4.56 -19.08 -8.64
N ALA A 101 -5.36 -18.86 -9.69
CA ALA A 101 -5.45 -17.54 -10.35
C ALA A 101 -6.12 -16.49 -9.47
N LEU A 102 -7.16 -16.90 -8.73
CA LEU A 102 -7.90 -15.99 -7.83
C LEU A 102 -7.26 -15.90 -6.44
N LYS A 103 -6.56 -16.98 -6.03
CA LYS A 103 -5.89 -17.05 -4.72
C LYS A 103 -4.62 -16.20 -4.70
N GLU A 104 -3.84 -16.25 -5.78
CA GLU A 104 -2.59 -15.48 -5.90
C GLU A 104 -2.86 -13.97 -5.90
N LYS A 105 -3.96 -13.55 -6.54
CA LYS A 105 -4.35 -12.14 -6.62
C LYS A 105 -4.96 -11.64 -5.31
N ALA A 106 -5.72 -12.52 -4.64
CA ALA A 106 -6.36 -12.20 -3.36
C ALA A 106 -5.33 -12.11 -2.22
N ASP A 107 -4.32 -13.00 -2.28
CA ASP A 107 -3.25 -13.04 -1.28
C ASP A 107 -2.24 -11.90 -1.49
N SER A 108 -2.01 -11.52 -2.75
CA SER A 108 -1.08 -10.44 -3.10
C SER A 108 -1.66 -9.07 -2.71
N LEU A 109 -2.98 -8.91 -2.91
CA LEU A 109 -3.68 -7.66 -2.57
C LEU A 109 -3.84 -7.50 -1.05
N ALA A 110 -4.09 -8.63 -0.37
CA ALA A 110 -4.26 -8.65 1.09
C ALA A 110 -2.93 -8.38 1.80
N LYS A 111 -1.83 -8.86 1.20
CA LYS A 111 -0.48 -8.67 1.73
C LYS A 111 0.00 -7.23 1.51
N GLU A 112 -0.43 -6.63 0.37
CA GLU A 112 -0.07 -5.25 0.03
C GLU A 112 -0.82 -4.24 0.90
N ILE A 113 -2.05 -4.59 1.31
CA ILE A 113 -2.87 -3.73 2.18
C ILE A 113 -2.39 -3.86 3.63
N GLN A 114 -1.92 -5.06 4.00
CA GLN A 114 -1.40 -5.32 5.36
C GLN A 114 -0.10 -4.54 5.59
N TYR A 115 0.76 -4.50 4.55
CA TYR A 115 2.03 -3.77 4.59
C TYR A 115 1.76 -2.26 4.53
N LEU A 116 0.73 -1.90 3.75
CA LEU A 116 0.30 -0.50 3.58
C LEU A 116 -0.26 0.07 4.90
N LYS A 117 -0.97 -0.77 5.66
CA LYS A 117 -1.55 -0.39 6.95
C LYS A 117 -0.47 -0.24 8.01
N ASP A 118 0.52 -1.14 7.98
CA ASP A 118 1.65 -1.10 8.92
C ASP A 118 2.56 0.11 8.66
N LEU A 119 2.63 0.54 7.38
CA LEU A 119 3.45 1.69 6.98
C LEU A 119 2.83 3.00 7.46
N ILE A 120 1.50 3.13 7.29
CA ILE A 120 0.78 4.33 7.73
C ILE A 120 0.72 4.43 9.26
N GLU A 121 0.65 3.26 9.92
CA GLU A 121 0.60 3.17 11.38
C GLU A 121 1.98 3.49 12.01
N GLU A 122 3.05 3.16 11.28
CA GLU A 122 4.42 3.44 11.74
C GLU A 122 4.77 4.92 11.65
N VAL A 123 4.31 5.58 10.58
CA VAL A 123 4.56 7.02 10.38
C VAL A 123 3.68 7.86 11.33
N ARG A 124 2.47 7.35 11.61
CA ARG A 124 1.52 8.02 12.52
C ARG A 124 2.01 7.95 13.98
N LYS A 125 2.60 6.80 14.34
CA LYS A 125 3.13 6.57 15.69
C LYS A 125 4.44 7.34 15.92
N ALA A 126 5.25 7.47 14.85
CA ALA A 126 6.53 8.16 14.90
C ALA A 126 6.36 9.69 14.93
N ARG A 127 5.43 10.20 14.11
CA ARG A 127 5.16 11.64 14.05
C ARG A 127 3.90 11.99 14.82
N GLY A 128 4.01 13.00 15.69
CA GLY A 128 2.87 13.43 16.50
C GLY A 128 2.75 14.94 16.54
N LYS A 129 2.40 15.47 17.72
CA LYS A 129 2.24 16.91 17.91
C LYS A 129 3.45 17.51 18.63
N LYS A 130 3.93 16.82 19.67
CA LYS A 130 5.08 17.27 20.45
C LYS A 130 6.34 16.49 20.06
N ARG A 131 7.47 17.20 20.04
CA ARG A 131 8.76 16.59 19.69
C ARG A 131 9.58 16.31 20.95
N VAL A 132 10.26 15.16 20.95
CA VAL A 132 11.10 14.75 22.08
C VAL A 132 12.60 15.02 21.80
N PRO A 133 13.16 16.18 22.29
CA PRO A 133 14.57 16.53 22.09
C PRO A 133 15.53 15.65 22.92
N GLY A 1 0.35 34.52 -6.95
CA GLY A 1 -0.07 34.97 -5.59
C GLY A 1 1.11 35.09 -4.62
N PRO A 2 0.88 35.08 -3.27
CA PRO A 2 1.95 35.20 -2.27
C PRO A 2 2.75 33.89 -2.10
N TRP A 3 3.99 34.03 -1.62
CA TRP A 3 4.87 32.88 -1.42
C TRP A 3 4.89 32.47 0.05
N LYS A 4 4.86 31.16 0.29
CA LYS A 4 4.87 30.62 1.65
C LYS A 4 5.95 29.55 1.82
N GLU A 5 6.55 29.50 3.01
CA GLU A 5 7.61 28.54 3.31
C GLU A 5 7.13 27.51 4.35
N ASP A 6 7.75 26.33 4.35
CA ASP A 6 7.40 25.26 5.28
C ASP A 6 8.28 25.31 6.53
N SER A 7 7.66 25.65 7.67
CA SER A 7 8.37 25.74 8.96
C SER A 7 7.50 25.18 10.08
N HIS A 8 6.21 25.54 10.09
CA HIS A 8 5.26 25.08 11.10
C HIS A 8 4.08 24.31 10.48
N ILE A 9 3.88 24.50 9.17
CA ILE A 9 2.78 23.84 8.44
C ILE A 9 3.24 22.48 7.88
N VAL A 10 3.19 21.47 8.75
CA VAL A 10 3.58 20.09 8.39
C VAL A 10 2.72 19.06 9.12
N SER A 11 2.35 19.38 10.37
CA SER A 11 1.52 18.50 11.21
C SER A 11 0.03 18.64 10.89
N ALA A 12 -0.34 19.72 10.18
CA ALA A 12 -1.73 19.97 9.80
C ALA A 12 -2.03 19.49 8.38
N GLU A 13 -0.99 19.23 7.59
CA GLU A 13 -1.12 18.75 6.21
C GLU A 13 -1.16 17.22 6.13
N VAL A 14 -0.61 16.56 7.16
CA VAL A 14 -0.57 15.08 7.23
C VAL A 14 -1.93 14.48 7.63
N GLY A 15 -2.64 15.16 8.54
CA GLY A 15 -3.95 14.71 9.01
C GLY A 15 -4.98 14.57 7.90
N GLU A 16 -4.92 15.47 6.90
CA GLU A 16 -5.83 15.45 5.75
C GLU A 16 -5.46 14.35 4.75
N LYS A 17 -4.15 14.07 4.66
CA LYS A 17 -3.62 13.02 3.76
C LYS A 17 -3.89 11.63 4.33
N CYS A 18 -3.84 11.53 5.68
CA CYS A 18 -4.10 10.27 6.38
C CYS A 18 -5.59 9.93 6.36
N GLU A 19 -6.44 10.95 6.52
CA GLU A 19 -7.90 10.80 6.49
C GLU A 19 -8.40 10.47 5.08
N ALA A 20 -7.74 11.05 4.07
CA ALA A 20 -8.09 10.84 2.66
C ALA A 20 -7.69 9.44 2.18
N ILE A 21 -6.51 8.97 2.65
CA ILE A 21 -6.01 7.64 2.30
C ILE A 21 -6.81 6.54 3.04
N GLY A 22 -7.35 6.92 4.22
CA GLY A 22 -8.17 6.00 5.02
C GLY A 22 -9.54 5.74 4.40
N VAL A 23 -10.19 6.82 3.92
CA VAL A 23 -11.51 6.71 3.27
C VAL A 23 -11.40 6.03 1.90
N LYS A 24 -10.28 6.32 1.20
CA LYS A 24 -10.00 5.74 -0.12
C LYS A 24 -9.67 4.24 0.00
N LEU A 25 -9.02 3.87 1.12
CA LEU A 25 -8.65 2.49 1.41
C LEU A 25 -9.89 1.62 1.70
N LEU A 26 -10.85 2.21 2.45
CA LEU A 26 -12.11 1.53 2.79
C LEU A 26 -12.99 1.33 1.55
N HIS A 27 -13.01 2.33 0.65
CA HIS A 27 -13.79 2.27 -0.58
C HIS A 27 -13.17 1.29 -1.59
N LEU A 28 -11.83 1.17 -1.56
CA LEU A 28 -11.10 0.25 -2.44
C LEU A 28 -11.24 -1.21 -1.97
N GLU A 29 -11.39 -1.39 -0.65
CA GLU A 29 -11.56 -2.72 -0.04
C GLU A 29 -12.96 -3.28 -0.34
N ASP A 30 -13.98 -2.39 -0.26
CA ASP A 30 -15.36 -2.76 -0.54
C ASP A 30 -15.55 -3.05 -2.04
N GLN A 31 -14.88 -2.25 -2.88
CA GLN A 31 -14.92 -2.41 -4.34
C GLN A 31 -14.11 -3.62 -4.80
N LEU A 32 -13.11 -4.01 -4.00
CA LEU A 32 -12.24 -5.15 -4.29
C LEU A 32 -12.99 -6.47 -4.07
N LEU A 33 -13.73 -6.55 -2.95
CA LEU A 33 -14.52 -7.73 -2.61
C LEU A 33 -15.74 -7.84 -3.54
N GLY A 34 -16.31 -6.68 -3.90
CA GLY A 34 -17.46 -6.62 -4.80
C GLY A 34 -17.11 -6.96 -6.23
N ALA A 35 -15.86 -6.65 -6.63
CA ALA A 35 -15.36 -6.92 -7.98
C ALA A 35 -14.92 -8.38 -8.14
N MET A 36 -14.42 -8.98 -7.04
CA MET A 36 -13.96 -10.38 -7.04
C MET A 36 -15.14 -11.37 -6.94
N TYR A 37 -16.20 -10.96 -6.24
CA TYR A 37 -17.39 -11.79 -6.06
C TYR A 37 -18.32 -11.71 -7.28
N SER A 38 -18.46 -10.50 -7.84
CA SER A 38 -19.31 -10.26 -9.01
C SER A 38 -18.56 -10.52 -10.32
N HIS A 39 -17.21 -10.37 -10.29
CA HIS A 39 -16.32 -10.57 -11.46
C HIS A 39 -16.62 -9.58 -12.58
N ASP A 40 -15.72 -8.62 -12.77
CA ASP A 40 -15.85 -7.58 -13.80
C ASP A 40 -14.48 -7.24 -14.40
N GLU A 41 -14.49 -6.55 -15.56
CA GLU A 41 -13.25 -6.16 -16.24
C GLU A 41 -12.95 -4.68 -16.02
N ALA A 42 -13.98 -3.84 -16.09
CA ALA A 42 -13.85 -2.37 -15.91
C ALA A 42 -13.44 -1.99 -14.47
N LEU A 43 -13.99 -2.72 -13.50
CA LEU A 43 -13.72 -2.46 -12.07
C LEU A 43 -12.29 -2.85 -11.67
N PHE A 44 -11.72 -3.84 -12.38
CA PHE A 44 -10.35 -4.30 -12.10
C PHE A 44 -9.31 -3.32 -12.64
N GLN A 45 -9.62 -2.68 -13.78
CA GLN A 45 -8.72 -1.70 -14.42
C GLN A 45 -8.70 -0.40 -13.60
N SER A 46 -9.88 0.03 -13.15
CA SER A 46 -10.03 1.24 -12.33
C SER A 46 -9.42 1.05 -10.94
N LEU A 47 -9.54 -0.19 -10.41
CA LEU A 47 -8.99 -0.56 -9.10
C LEU A 47 -7.46 -0.62 -9.12
N GLN A 48 -6.90 -1.04 -10.27
CA GLN A 48 -5.45 -1.15 -10.45
C GLN A 48 -4.79 0.22 -10.59
N GLY A 49 -5.47 1.14 -11.31
CA GLY A 49 -4.97 2.50 -11.51
C GLY A 49 -5.04 3.34 -10.24
N GLU A 50 -6.13 3.14 -9.48
CA GLU A 50 -6.37 3.86 -8.22
C GLU A 50 -5.42 3.36 -7.12
N LEU A 51 -5.14 2.04 -7.14
CA LEU A 51 -4.25 1.41 -6.16
C LEU A 51 -2.79 1.81 -6.41
N GLN A 52 -2.44 1.98 -7.69
CA GLN A 52 -1.08 2.38 -8.09
C GLN A 52 -0.82 3.86 -7.80
N THR A 53 -1.89 4.68 -7.91
CA THR A 53 -1.82 6.12 -7.64
C THR A 53 -1.70 6.41 -6.14
N VAL A 54 -2.40 5.61 -5.33
CA VAL A 54 -2.37 5.75 -3.87
C VAL A 54 -1.05 5.23 -3.29
N LYS A 55 -0.51 4.17 -3.93
CA LYS A 55 0.76 3.56 -3.53
C LYS A 55 1.94 4.50 -3.85
N GLU A 56 1.83 5.23 -4.97
CA GLU A 56 2.85 6.19 -5.40
C GLU A 56 2.83 7.44 -4.52
N THR A 57 1.61 7.86 -4.13
CA THR A 57 1.41 9.02 -3.25
C THR A 57 1.88 8.73 -1.82
N LEU A 58 1.69 7.47 -1.40
CA LEU A 58 2.09 7.02 -0.06
C LEU A 58 3.62 6.94 0.04
N GLN A 59 4.27 6.44 -1.03
CA GLN A 59 5.73 6.32 -1.09
C GLN A 59 6.37 7.71 -1.11
N ALA A 60 5.71 8.66 -1.79
CA ALA A 60 6.17 10.04 -1.88
C ALA A 60 6.03 10.75 -0.53
N MET A 61 5.02 10.35 0.25
CA MET A 61 4.76 10.91 1.59
C MET A 61 5.86 10.50 2.58
N ILE A 62 6.25 9.22 2.55
CA ILE A 62 7.31 8.70 3.45
C ILE A 62 8.70 9.15 2.96
N LEU A 63 8.81 9.44 1.66
CA LEU A 63 10.06 9.89 1.04
C LEU A 63 10.24 11.41 1.21
N GLN A 64 9.12 12.12 1.45
CA GLN A 64 9.14 13.57 1.64
C GLN A 64 9.39 13.93 3.11
N LEU A 65 8.83 13.13 4.02
CA LEU A 65 8.98 13.35 5.47
C LEU A 65 9.49 12.08 6.15
N GLN A 66 10.81 11.86 6.03
CA GLN A 66 11.46 10.69 6.62
C GLN A 66 12.46 11.13 7.71
N PRO A 67 12.53 10.44 8.88
CA PRO A 67 13.46 10.81 9.98
C PRO A 67 14.93 10.71 9.57
N THR A 68 15.75 11.62 10.10
CA THR A 68 17.19 11.66 9.79
C THR A 68 18.04 11.34 11.03
N LYS A 69 17.49 11.61 12.22
CA LYS A 69 18.18 11.35 13.49
C LYS A 69 17.90 9.94 14.01
N GLU A 70 16.65 9.49 13.86
CA GLU A 70 16.23 8.16 14.30
C GLU A 70 16.26 7.16 13.15
N ALA A 71 16.93 6.03 13.37
CA ALA A 71 17.04 4.98 12.36
C ALA A 71 16.59 3.63 12.91
N GLY A 72 16.01 2.81 12.04
CA GLY A 72 15.53 1.50 12.43
C GLY A 72 15.19 0.61 11.25
N GLU A 73 15.81 -0.56 11.19
CA GLU A 73 15.57 -1.52 10.11
C GLU A 73 14.59 -2.61 10.53
N ALA A 74 14.76 -3.12 11.75
CA ALA A 74 13.90 -4.17 12.30
C ALA A 74 13.08 -3.65 13.48
N SER A 75 11.80 -4.03 13.52
CA SER A 75 10.90 -3.62 14.59
C SER A 75 10.21 -4.83 15.22
N ALA A 76 9.76 -5.77 14.38
CA ALA A 76 9.08 -6.98 14.84
C ALA A 76 9.82 -8.23 14.40
N SER A 77 10.04 -9.14 15.35
CA SER A 77 10.75 -10.40 15.07
C SER A 77 9.93 -11.59 15.55
N TYR A 78 9.78 -12.60 14.67
CA TYR A 78 9.02 -13.81 14.98
C TYR A 78 9.87 -15.07 14.67
N PRO A 79 10.26 -15.87 15.71
CA PRO A 79 11.06 -17.10 15.52
C PRO A 79 10.30 -18.18 14.73
N THR A 80 11.03 -18.90 13.87
CA THR A 80 10.44 -19.96 13.05
C THR A 80 11.35 -21.19 13.02
N ALA A 81 10.73 -22.37 13.11
CA ALA A 81 11.46 -23.63 13.09
C ALA A 81 10.93 -24.58 12.01
N GLY A 82 9.59 -24.63 11.87
CA GLY A 82 8.96 -25.50 10.88
C GLY A 82 7.45 -25.38 10.89
N ALA A 83 6.88 -25.17 9.70
CA ALA A 83 5.43 -25.03 9.56
C ALA A 83 4.89 -26.02 8.52
N GLN A 84 3.84 -26.74 8.91
CA GLN A 84 3.20 -27.74 8.03
C GLN A 84 1.70 -27.53 7.97
N GLU A 85 1.08 -27.26 9.13
CA GLU A 85 -0.36 -27.05 9.23
C GLU A 85 -0.69 -25.55 9.25
N THR A 86 0.11 -24.78 9.99
CA THR A 86 -0.08 -23.33 10.12
C THR A 86 0.81 -22.56 9.12
N GLU A 87 0.42 -21.30 8.83
CA GLU A 87 1.13 -20.39 7.90
C GLU A 87 0.98 -20.82 6.43
N ALA A 88 1.20 -22.11 6.15
CA ALA A 88 1.09 -22.65 4.80
C ALA A 88 -0.27 -23.31 4.57
N LEU A 89 -0.75 -24.07 5.57
CA LEU A 89 -2.05 -24.79 5.53
C LEU A 89 -2.09 -25.83 4.42
N VAL A 90 -2.41 -27.08 4.80
CA VAL A 90 -2.50 -28.19 3.86
C VAL A 90 -3.97 -28.56 3.55
N PRO A 91 -4.27 -29.26 2.40
CA PRO A 91 -5.65 -29.64 2.04
C PRO A 91 -6.18 -30.80 2.90
N ARG A 92 -7.49 -30.80 3.13
CA ARG A 92 -8.14 -31.85 3.93
C ARG A 92 -8.82 -32.88 3.03
N GLY A 93 -8.80 -34.14 3.47
CA GLY A 93 -9.41 -35.22 2.71
C GLY A 93 -8.39 -36.11 2.04
N SER A 94 -8.26 -35.97 0.71
CA SER A 94 -7.31 -36.77 -0.07
C SER A 94 -6.19 -35.88 -0.63
N GLY A 95 -6.56 -34.69 -1.12
CA GLY A 95 -5.57 -33.77 -1.67
C GLY A 95 -5.98 -33.25 -3.04
N PHE A 96 -6.74 -32.14 -3.04
CA PHE A 96 -7.19 -31.52 -4.28
C PHE A 96 -6.72 -30.08 -4.38
N GLY A 97 -6.43 -29.65 -5.61
CA GLY A 97 -5.96 -28.29 -5.84
C GLY A 97 -6.67 -27.62 -7.01
N LYS A 98 -7.77 -26.93 -6.70
CA LYS A 98 -8.56 -26.23 -7.72
C LYS A 98 -8.24 -24.74 -7.74
N ASN A 99 -8.08 -24.14 -6.56
CA ASN A 99 -7.77 -22.72 -6.43
C ASN A 99 -6.27 -22.48 -6.24
N GLU A 100 -5.65 -21.85 -7.24
CA GLU A 100 -4.21 -21.55 -7.20
C GLU A 100 -3.93 -20.16 -7.76
N ALA A 101 -4.68 -19.76 -8.79
CA ALA A 101 -4.54 -18.45 -9.43
C ALA A 101 -5.18 -17.34 -8.59
N LEU A 102 -6.22 -17.70 -7.83
CA LEU A 102 -6.93 -16.76 -6.96
C LEU A 102 -6.24 -16.60 -5.60
N LYS A 103 -5.50 -17.64 -5.17
CA LYS A 103 -4.78 -17.63 -3.89
C LYS A 103 -3.56 -16.70 -3.93
N GLU A 104 -2.85 -16.71 -5.07
CA GLU A 104 -1.66 -15.86 -5.27
C GLU A 104 -2.01 -14.36 -5.25
N LYS A 105 -3.15 -14.01 -5.86
CA LYS A 105 -3.63 -12.63 -5.93
C LYS A 105 -4.24 -12.17 -4.61
N ALA A 106 -4.88 -13.12 -3.89
CA ALA A 106 -5.51 -12.83 -2.60
C ALA A 106 -4.47 -12.60 -1.50
N ASP A 107 -3.39 -13.41 -1.52
CA ASP A 107 -2.29 -13.30 -0.56
C ASP A 107 -1.38 -12.12 -0.86
N SER A 108 -1.21 -11.80 -2.15
CA SER A 108 -0.38 -10.67 -2.60
C SER A 108 -1.04 -9.33 -2.26
N LEU A 109 -2.36 -9.25 -2.47
CA LEU A 109 -3.13 -8.04 -2.18
C LEU A 109 -3.33 -7.84 -0.69
N ALA A 110 -3.48 -8.95 0.06
CA ALA A 110 -3.65 -8.92 1.51
C ALA A 110 -2.37 -8.48 2.22
N LYS A 111 -1.22 -8.90 1.66
CA LYS A 111 0.10 -8.55 2.21
C LYS A 111 0.45 -7.09 1.87
N GLU A 112 -0.03 -6.62 0.70
CA GLU A 112 0.19 -5.23 0.27
C GLU A 112 -0.65 -4.24 1.06
N ILE A 113 -1.84 -4.67 1.50
CA ILE A 113 -2.75 -3.83 2.30
C ILE A 113 -2.28 -3.81 3.77
N GLN A 114 -1.72 -4.93 4.24
CA GLN A 114 -1.20 -5.05 5.61
C GLN A 114 0.06 -4.19 5.77
N TYR A 115 0.87 -4.14 4.70
CA TYR A 115 2.09 -3.34 4.65
C TYR A 115 1.74 -1.85 4.49
N LEU A 116 0.67 -1.60 3.71
CA LEU A 116 0.16 -0.25 3.45
C LEU A 116 -0.44 0.37 4.72
N LYS A 117 -1.15 -0.48 5.50
CA LYS A 117 -1.78 -0.07 6.76
C LYS A 117 -0.72 0.18 7.85
N ASP A 118 0.33 -0.66 7.83
CA ASP A 118 1.44 -0.54 8.79
C ASP A 118 2.28 0.72 8.49
N LEU A 119 2.35 1.11 7.20
CA LEU A 119 3.10 2.29 6.77
C LEU A 119 2.40 3.57 7.21
N ILE A 120 1.07 3.62 7.05
CA ILE A 120 0.27 4.80 7.45
C ILE A 120 0.21 4.94 8.98
N GLU A 121 0.14 3.78 9.67
CA GLU A 121 0.10 3.73 11.14
C GLU A 121 1.48 4.07 11.74
N GLU A 122 2.55 3.81 10.96
CA GLU A 122 3.92 4.08 11.40
C GLU A 122 4.24 5.58 11.31
N VAL A 123 3.75 6.23 10.24
CA VAL A 123 3.96 7.69 10.04
C VAL A 123 3.09 8.50 11.01
N ARG A 124 1.89 7.97 11.33
CA ARG A 124 0.96 8.60 12.27
C ARG A 124 1.50 8.54 13.71
N LYS A 125 2.09 7.38 14.05
CA LYS A 125 2.67 7.15 15.38
C LYS A 125 4.00 7.89 15.55
N ALA A 126 4.76 8.01 14.44
CA ALA A 126 6.06 8.68 14.43
C ALA A 126 5.92 10.22 14.48
N ARG A 127 4.95 10.74 13.71
CA ARG A 127 4.71 12.19 13.65
C ARG A 127 3.25 12.49 13.99
N GLY A 128 3.03 13.56 14.77
CA GLY A 128 1.69 13.96 15.17
C GLY A 128 1.69 14.81 16.43
N LYS A 129 1.61 16.12 16.24
CA LYS A 129 1.60 17.08 17.36
C LYS A 129 0.20 17.61 17.60
N LYS A 130 -0.16 17.78 18.87
CA LYS A 130 -1.48 18.29 19.26
C LYS A 130 -1.34 19.44 20.27
N ARG A 131 -2.32 20.35 20.24
CA ARG A 131 -2.32 21.51 21.14
C ARG A 131 -3.21 21.25 22.36
N VAL A 132 -4.39 20.64 22.13
CA VAL A 132 -5.34 20.34 23.21
C VAL A 132 -5.92 18.91 23.06
N PRO A 133 -6.46 18.28 24.15
CA PRO A 133 -7.04 16.93 24.07
C PRO A 133 -8.40 16.91 23.39
#